data_2KS6
#
_entry.id   2KS6
#
_entity_poly.entity_id   1
_entity_poly.type   'polypeptide(L)'
_entity_poly.pdbx_seq_one_letter_code
;GIIEEKALFVTCGATVPFPKLVSCVLSDEFCQELIQYGFVRLIIQFGRNYSSEFEHLVQERGGQRESQKIPIDQFGCGDT
ARQYVLMNGKLKVIGFDFSTKMQSIIRDYSDLVISHAGTGSILDSLRLNKPLIVCVNDSLMDNHQQQIADKFVELGYVWS
CAPTETGLIAGLRASQTEKLKPFPVSHNPSFERLLVETIYS
;
_entity_poly.pdbx_strand_id   A
#
# COMPACT_ATOMS: atom_id res chain seq x y z
N GLY A 1 6.53 0.76 -18.88
CA GLY A 1 5.66 -0.43 -18.86
C GLY A 1 6.26 -1.57 -19.65
N ILE A 2 7.01 -1.22 -20.70
CA ILE A 2 7.66 -2.23 -21.54
C ILE A 2 8.91 -2.77 -20.86
N ILE A 3 9.77 -1.87 -20.39
CA ILE A 3 11.03 -2.26 -19.78
C ILE A 3 10.83 -2.78 -18.37
N GLU A 4 10.08 -2.02 -17.57
CA GLU A 4 9.85 -2.38 -16.18
C GLU A 4 8.38 -2.66 -15.92
N GLU A 5 8.11 -3.61 -15.03
CA GLU A 5 6.74 -3.95 -14.67
C GLU A 5 6.23 -3.07 -13.55
N LYS A 6 4.97 -2.65 -13.64
CA LYS A 6 4.36 -1.82 -12.62
C LYS A 6 3.83 -2.66 -11.46
N ALA A 7 3.79 -2.05 -10.28
CA ALA A 7 3.38 -2.76 -9.07
C ALA A 7 2.82 -1.80 -8.03
N LEU A 8 1.82 -2.25 -7.29
CA LEU A 8 1.24 -1.47 -6.20
C LEU A 8 1.57 -2.08 -4.85
N PHE A 9 2.21 -1.31 -3.99
CA PHE A 9 2.68 -1.82 -2.70
C PHE A 9 1.77 -1.38 -1.56
N VAL A 10 1.36 -2.34 -0.74
CA VAL A 10 0.51 -2.05 0.41
C VAL A 10 1.24 -2.37 1.71
N THR A 11 1.25 -1.41 2.63
CA THR A 11 1.79 -1.63 3.96
C THR A 11 0.89 -1.02 5.03
N CYS A 12 0.86 -1.66 6.20
CA CYS A 12 -0.02 -1.23 7.28
C CYS A 12 0.77 -0.90 8.54
N GLY A 13 0.23 -0.01 9.35
CA GLY A 13 0.82 0.31 10.64
C GLY A 13 0.24 -0.55 11.75
N ALA A 14 0.50 -0.17 12.99
CA ALA A 14 -0.01 -0.90 14.14
C ALA A 14 -1.26 -0.23 14.70
N THR A 15 -1.74 0.80 14.01
CA THR A 15 -2.87 1.59 14.48
C THR A 15 -4.11 0.71 14.63
N VAL A 16 -4.38 -0.11 13.62
CA VAL A 16 -5.52 -1.01 13.65
C VAL A 16 -5.13 -2.42 13.24
N PRO A 17 -5.97 -3.39 13.57
CA PRO A 17 -5.71 -4.79 13.24
C PRO A 17 -5.46 -4.95 11.74
N PHE A 18 -4.47 -5.76 11.39
CA PHE A 18 -4.12 -5.99 10.00
C PHE A 18 -5.23 -6.72 9.26
N PRO A 19 -5.79 -7.74 9.90
CA PRO A 19 -6.84 -8.54 9.31
C PRO A 19 -7.97 -7.66 8.77
N LYS A 20 -8.24 -6.57 9.47
CA LYS A 20 -9.29 -5.64 9.07
C LYS A 20 -8.87 -4.82 7.85
N LEU A 21 -7.56 -4.69 7.67
CA LEU A 21 -7.02 -3.92 6.55
C LEU A 21 -6.88 -4.77 5.30
N VAL A 22 -7.06 -6.08 5.47
CA VAL A 22 -6.99 -7.01 4.34
C VAL A 22 -8.21 -6.88 3.44
N SER A 23 -9.38 -6.72 4.05
CA SER A 23 -10.62 -6.58 3.31
C SER A 23 -10.71 -5.24 2.60
N CYS A 24 -9.89 -4.28 3.07
CA CYS A 24 -9.88 -2.95 2.49
C CYS A 24 -9.07 -2.92 1.19
N VAL A 25 -8.27 -3.95 0.99
CA VAL A 25 -7.42 -4.04 -0.20
C VAL A 25 -7.73 -5.29 -1.02
N LEU A 26 -8.75 -6.03 -0.58
CA LEU A 26 -9.26 -7.15 -1.36
C LEU A 26 -10.77 -7.02 -1.57
N SER A 27 -11.25 -5.79 -1.66
CA SER A 27 -12.66 -5.52 -1.89
C SER A 27 -13.00 -5.68 -3.37
N ASP A 28 -14.30 -5.77 -3.67
CA ASP A 28 -14.76 -5.95 -5.04
C ASP A 28 -14.30 -4.80 -5.94
N GLU A 29 -14.47 -3.58 -5.44
CA GLU A 29 -14.12 -2.40 -6.21
C GLU A 29 -12.60 -2.21 -6.26
N PHE A 30 -11.95 -2.46 -5.14
CA PHE A 30 -10.50 -2.26 -5.03
C PHE A 30 -9.77 -3.03 -6.10
N CYS A 31 -10.14 -4.30 -6.28
CA CYS A 31 -9.49 -5.17 -7.26
C CYS A 31 -9.93 -4.82 -8.67
N GLN A 32 -11.21 -4.59 -8.84
CA GLN A 32 -11.79 -4.38 -10.17
C GLN A 32 -11.26 -3.11 -10.81
N GLU A 33 -11.01 -2.10 -9.98
CA GLU A 33 -10.61 -0.79 -10.47
C GLU A 33 -9.14 -0.76 -10.84
N LEU A 34 -8.31 -1.41 -10.02
CA LEU A 34 -6.87 -1.34 -10.15
C LEU A 34 -6.41 -1.98 -11.46
N ILE A 35 -7.08 -3.06 -11.85
CA ILE A 35 -6.76 -3.76 -13.09
C ILE A 35 -7.11 -2.91 -14.30
N GLN A 36 -7.86 -1.84 -14.07
CA GLN A 36 -8.17 -0.88 -15.13
C GLN A 36 -7.28 0.36 -15.03
N TYR A 37 -6.59 0.49 -13.90
CA TYR A 37 -5.69 1.62 -13.69
C TYR A 37 -4.27 1.28 -14.17
N GLY A 38 -3.93 0.01 -14.14
CA GLY A 38 -2.60 -0.45 -14.52
C GLY A 38 -1.85 -1.03 -13.32
N PHE A 39 -2.60 -1.47 -12.32
CA PHE A 39 -2.01 -2.10 -11.14
C PHE A 39 -2.49 -3.54 -10.99
N VAL A 40 -1.96 -4.43 -11.83
CA VAL A 40 -2.33 -5.83 -11.80
C VAL A 40 -1.37 -6.63 -10.92
N ARG A 41 -0.31 -5.98 -10.47
CA ARG A 41 0.65 -6.60 -9.55
C ARG A 41 0.53 -6.00 -8.15
N LEU A 42 -0.27 -6.63 -7.30
CA LEU A 42 -0.54 -6.10 -5.97
C LEU A 42 0.23 -6.88 -4.91
N ILE A 43 1.15 -6.20 -4.23
CA ILE A 43 1.96 -6.82 -3.19
C ILE A 43 1.65 -6.26 -1.81
N ILE A 44 1.19 -7.12 -0.92
CA ILE A 44 0.76 -6.68 0.41
C ILE A 44 1.66 -7.26 1.50
N GLN A 45 2.21 -6.39 2.33
CA GLN A 45 3.27 -6.77 3.26
C GLN A 45 2.73 -6.92 4.67
N PHE A 46 3.27 -7.88 5.41
CA PHE A 46 2.96 -8.03 6.83
C PHE A 46 4.11 -8.67 7.58
N GLY A 47 4.13 -8.49 8.90
CA GLY A 47 5.20 -9.01 9.73
C GLY A 47 4.76 -10.26 10.47
N ARG A 48 3.46 -10.37 10.74
CA ARG A 48 2.89 -11.56 11.36
C ARG A 48 2.00 -12.31 10.38
N ASN A 49 1.98 -13.64 10.52
CA ASN A 49 1.27 -14.49 9.57
C ASN A 49 -0.22 -14.15 9.53
N TYR A 50 -0.65 -13.55 8.43
CA TYR A 50 -2.06 -13.32 8.18
C TYR A 50 -2.50 -13.93 6.85
N SER A 51 -1.81 -14.97 6.43
CA SER A 51 -2.01 -15.54 5.10
C SER A 51 -3.39 -16.16 4.97
N SER A 52 -3.99 -16.51 6.11
CA SER A 52 -5.31 -17.11 6.12
C SER A 52 -6.39 -16.08 5.79
N GLU A 53 -6.08 -14.80 6.05
CA GLU A 53 -7.00 -13.73 5.76
C GLU A 53 -7.04 -13.42 4.26
N PHE A 54 -5.93 -13.71 3.58
CA PHE A 54 -5.86 -13.55 2.13
C PHE A 54 -6.51 -14.71 1.42
N GLU A 55 -6.22 -15.92 1.86
CA GLU A 55 -6.80 -17.12 1.28
C GLU A 55 -8.31 -17.15 1.48
N HIS A 56 -8.75 -16.66 2.64
CA HIS A 56 -10.17 -16.65 2.97
C HIS A 56 -10.98 -15.90 1.92
N LEU A 57 -10.59 -14.66 1.66
CA LEU A 57 -11.35 -13.80 0.76
C LEU A 57 -11.29 -14.29 -0.68
N VAL A 58 -10.22 -15.01 -1.00
CA VAL A 58 -10.12 -15.70 -2.29
C VAL A 58 -11.15 -16.83 -2.38
N GLN A 59 -11.32 -17.58 -1.30
CA GLN A 59 -12.32 -18.63 -1.24
C GLN A 59 -13.72 -18.04 -1.18
N GLU A 60 -13.83 -16.79 -0.77
CA GLU A 60 -15.10 -16.09 -0.74
C GLU A 60 -15.46 -15.55 -2.11
N ARG A 61 -14.58 -15.74 -3.07
CA ARG A 61 -14.84 -15.36 -4.45
C ARG A 61 -14.62 -16.54 -5.40
N GLY A 62 -14.18 -17.67 -4.84
CA GLY A 62 -14.04 -18.90 -5.61
C GLY A 62 -12.82 -18.84 -6.53
N GLY A 63 -11.83 -18.04 -6.14
CA GLY A 63 -10.62 -17.86 -6.95
C GLY A 63 -9.60 -18.95 -6.64
N GLN A 64 -8.40 -18.80 -7.20
CA GLN A 64 -7.32 -19.74 -6.97
C GLN A 64 -6.16 -19.10 -6.22
N ARG A 65 -5.20 -19.91 -5.81
CA ARG A 65 -4.00 -19.40 -5.15
C ARG A 65 -2.93 -20.49 -5.04
N GLU A 66 -1.67 -20.07 -5.06
CA GLU A 66 -0.56 -21.00 -5.07
C GLU A 66 0.68 -20.40 -4.40
N SER A 67 1.27 -21.16 -3.49
CA SER A 67 2.54 -20.78 -2.88
C SER A 67 3.69 -20.95 -3.86
N GLN A 68 4.39 -19.86 -4.13
CA GLN A 68 5.35 -19.82 -5.24
C GLN A 68 6.69 -19.26 -4.77
N LYS A 69 7.76 -19.64 -5.48
CA LYS A 69 9.09 -19.11 -5.20
C LYS A 69 9.27 -17.73 -5.82
N ILE A 70 8.59 -16.75 -5.25
CA ILE A 70 8.61 -15.39 -5.78
C ILE A 70 10.03 -14.81 -5.73
N PRO A 71 10.52 -14.39 -6.89
CA PRO A 71 11.88 -13.86 -6.99
C PRO A 71 12.07 -12.66 -6.06
N ILE A 72 13.13 -12.69 -5.27
CA ILE A 72 13.54 -11.53 -4.48
C ILE A 72 14.10 -10.43 -5.36
N ASP A 73 14.82 -10.82 -6.40
CA ASP A 73 15.40 -9.86 -7.33
C ASP A 73 14.31 -9.05 -8.04
N GLN A 74 13.19 -9.70 -8.34
CA GLN A 74 12.08 -9.05 -9.02
C GLN A 74 11.23 -8.24 -8.04
N PHE A 75 10.59 -8.94 -7.11
CA PHE A 75 9.64 -8.30 -6.20
C PHE A 75 10.30 -7.97 -4.86
N GLY A 76 11.08 -8.92 -4.34
CA GLY A 76 11.70 -8.77 -3.04
C GLY A 76 11.13 -9.76 -2.04
N CYS A 77 9.99 -10.35 -2.38
CA CYS A 77 9.37 -11.38 -1.55
C CYS A 77 10.16 -12.68 -1.60
N GLY A 78 9.97 -13.53 -0.60
CA GLY A 78 10.76 -14.74 -0.46
C GLY A 78 10.07 -15.92 -1.13
N ASP A 79 10.54 -17.13 -0.85
CA ASP A 79 10.07 -18.33 -1.51
C ASP A 79 8.80 -18.87 -0.84
N THR A 80 8.45 -18.28 0.29
CA THR A 80 7.25 -18.68 1.01
C THR A 80 6.08 -17.77 0.68
N ALA A 81 6.31 -16.81 -0.21
CA ALA A 81 5.26 -15.91 -0.66
C ALA A 81 4.20 -16.67 -1.45
N ARG A 82 2.94 -16.25 -1.30
CA ARG A 82 1.83 -16.90 -1.99
C ARG A 82 1.19 -15.97 -3.01
N GLN A 83 0.98 -16.49 -4.22
CA GLN A 83 0.26 -15.76 -5.25
C GLN A 83 -1.24 -16.06 -5.20
N TYR A 84 -2.05 -15.01 -5.18
CA TYR A 84 -3.50 -15.17 -5.18
C TYR A 84 -4.12 -14.69 -6.49
N VAL A 85 -5.12 -15.43 -6.96
CA VAL A 85 -5.71 -15.17 -8.27
C VAL A 85 -7.07 -14.50 -8.13
N LEU A 86 -7.16 -13.24 -8.52
CA LEU A 86 -8.41 -12.51 -8.45
C LEU A 86 -8.79 -11.91 -9.80
N MET A 87 -10.07 -11.61 -9.98
CA MET A 87 -10.55 -11.00 -11.22
C MET A 87 -10.28 -11.90 -12.41
N ASN A 88 -10.32 -13.21 -12.19
CA ASN A 88 -10.13 -14.18 -13.26
C ASN A 88 -8.72 -14.10 -13.82
N GLY A 89 -7.75 -13.81 -12.95
CA GLY A 89 -6.35 -13.81 -13.33
C GLY A 89 -5.88 -12.41 -13.72
N LYS A 90 -6.81 -11.47 -13.74
CA LYS A 90 -6.49 -10.09 -14.10
C LYS A 90 -5.75 -9.39 -12.97
N LEU A 91 -5.98 -9.84 -11.75
CA LEU A 91 -5.26 -9.31 -10.59
C LEU A 91 -4.42 -10.40 -9.92
N LYS A 92 -3.12 -10.17 -9.86
CA LYS A 92 -2.21 -11.08 -9.16
C LYS A 92 -1.71 -10.48 -7.86
N VAL A 93 -2.05 -11.13 -6.74
CA VAL A 93 -1.73 -10.60 -5.42
C VAL A 93 -0.67 -11.44 -4.73
N ILE A 94 0.42 -10.79 -4.32
CA ILE A 94 1.49 -11.48 -3.61
C ILE A 94 1.47 -11.14 -2.11
N GLY A 95 1.34 -12.17 -1.28
CA GLY A 95 1.39 -11.99 0.16
C GLY A 95 2.61 -12.69 0.75
N PHE A 96 3.31 -12.00 1.65
CA PHE A 96 4.58 -12.50 2.18
C PHE A 96 4.88 -11.88 3.53
N ASP A 97 5.43 -12.67 4.44
CA ASP A 97 5.89 -12.17 5.73
C ASP A 97 7.29 -11.60 5.62
N PHE A 98 7.38 -10.27 5.64
CA PHE A 98 8.65 -9.58 5.41
C PHE A 98 9.48 -9.51 6.68
N SER A 99 10.79 -9.60 6.55
CA SER A 99 11.68 -9.72 7.69
C SER A 99 12.59 -8.50 7.81
N THR A 100 13.46 -8.32 6.82
CA THR A 100 14.54 -7.34 6.91
C THR A 100 14.39 -6.26 5.86
N LYS A 101 15.23 -6.33 4.83
CA LYS A 101 15.30 -5.27 3.82
C LYS A 101 14.45 -5.62 2.60
N MET A 102 13.81 -6.79 2.65
CA MET A 102 12.97 -7.24 1.56
C MET A 102 11.79 -6.30 1.33
N GLN A 103 11.34 -5.66 2.41
CA GLN A 103 10.24 -4.72 2.33
C GLN A 103 10.67 -3.41 1.68
N SER A 104 11.97 -3.14 1.70
CA SER A 104 12.53 -1.98 1.04
C SER A 104 12.79 -2.25 -0.43
N ILE A 105 13.10 -3.50 -0.76
CA ILE A 105 13.27 -3.91 -2.15
C ILE A 105 11.97 -3.76 -2.93
N ILE A 106 10.88 -4.27 -2.37
CA ILE A 106 9.58 -4.20 -3.02
C ILE A 106 9.09 -2.76 -3.11
N ARG A 107 9.49 -1.95 -2.15
CA ARG A 107 9.17 -0.52 -2.17
C ARG A 107 9.81 0.17 -3.37
N ASP A 108 11.10 -0.07 -3.56
CA ASP A 108 11.81 0.49 -4.70
C ASP A 108 11.28 -0.07 -6.01
N TYR A 109 10.89 -1.35 -5.99
CA TYR A 109 10.33 -2.00 -7.17
C TYR A 109 8.97 -1.42 -7.52
N SER A 110 8.16 -1.15 -6.50
CA SER A 110 6.80 -0.69 -6.69
C SER A 110 6.77 0.73 -7.23
N ASP A 111 5.60 1.15 -7.71
CA ASP A 111 5.42 2.51 -8.21
C ASP A 111 4.72 3.39 -7.20
N LEU A 112 3.80 2.81 -6.43
CA LEU A 112 2.94 3.57 -5.54
C LEU A 112 2.80 2.87 -4.18
N VAL A 113 3.02 3.62 -3.12
CA VAL A 113 2.98 3.07 -1.77
C VAL A 113 1.69 3.44 -1.05
N ILE A 114 1.02 2.45 -0.49
CA ILE A 114 -0.15 2.69 0.34
C ILE A 114 0.16 2.48 1.82
N SER A 115 -0.09 3.50 2.63
CA SER A 115 0.08 3.39 4.06
C SER A 115 -1.27 3.37 4.78
N HIS A 116 -1.59 2.24 5.41
CA HIS A 116 -2.76 2.14 6.26
C HIS A 116 -2.47 2.64 7.66
N ALA A 117 -2.69 3.94 7.88
CA ALA A 117 -2.40 4.56 9.17
C ALA A 117 -1.02 4.17 9.67
N GLY A 118 -0.03 4.21 8.78
CA GLY A 118 1.33 3.84 9.13
C GLY A 118 2.11 5.03 9.67
N THR A 119 3.34 4.79 10.11
CA THR A 119 4.20 5.85 10.61
C THR A 119 5.53 5.86 9.88
N GLY A 120 6.36 4.85 10.13
CA GLY A 120 7.64 4.72 9.46
C GLY A 120 7.46 4.46 7.97
N SER A 121 6.34 3.86 7.62
CA SER A 121 6.03 3.57 6.22
C SER A 121 5.83 4.86 5.43
N ILE A 122 5.35 5.89 6.10
CA ILE A 122 5.23 7.22 5.51
C ILE A 122 6.61 7.83 5.28
N LEU A 123 7.48 7.72 6.28
CA LEU A 123 8.85 8.17 6.15
C LEU A 123 9.58 7.42 5.04
N ASP A 124 9.25 6.14 4.89
CA ASP A 124 9.93 5.28 3.93
C ASP A 124 9.66 5.72 2.50
N SER A 125 8.38 5.91 2.18
CA SER A 125 7.99 6.35 0.85
C SER A 125 8.55 7.73 0.53
N LEU A 126 8.53 8.62 1.52
CA LEU A 126 9.04 9.97 1.35
C LEU A 126 10.56 9.99 1.30
N ARG A 127 11.17 8.93 1.82
CA ARG A 127 12.62 8.79 1.77
C ARG A 127 13.06 8.15 0.46
N LEU A 128 12.26 7.23 -0.05
CA LEU A 128 12.60 6.48 -1.25
C LEU A 128 12.12 7.19 -2.50
N ASN A 129 11.55 8.37 -2.33
CA ASN A 129 11.10 9.19 -3.45
C ASN A 129 9.96 8.51 -4.19
N LYS A 130 9.08 7.85 -3.44
CA LYS A 130 7.90 7.22 -4.03
C LYS A 130 6.63 7.97 -3.63
N PRO A 131 5.67 8.01 -4.55
CA PRO A 131 4.37 8.60 -4.27
C PRO A 131 3.62 7.82 -3.19
N LEU A 132 2.89 8.54 -2.35
CA LEU A 132 2.34 7.96 -1.13
C LEU A 132 0.86 8.28 -0.98
N ILE A 133 0.05 7.23 -0.84
CA ILE A 133 -1.34 7.41 -0.41
C ILE A 133 -1.53 6.94 1.02
N VAL A 134 -1.98 7.84 1.89
CA VAL A 134 -2.14 7.55 3.31
C VAL A 134 -3.62 7.45 3.68
N CYS A 135 -4.03 6.27 4.15
CA CYS A 135 -5.38 6.08 4.67
C CYS A 135 -5.42 6.29 6.18
N VAL A 136 -6.25 7.24 6.60
CA VAL A 136 -6.35 7.59 8.02
C VAL A 136 -7.28 6.66 8.77
N ASN A 137 -7.32 6.80 10.09
CA ASN A 137 -8.19 5.98 10.92
C ASN A 137 -9.47 6.72 11.27
N ASP A 138 -10.45 5.97 11.78
CA ASP A 138 -11.74 6.55 12.15
C ASP A 138 -11.70 7.10 13.57
N SER A 139 -10.56 6.97 14.23
CA SER A 139 -10.33 7.61 15.51
C SER A 139 -9.85 9.06 15.34
N LEU A 140 -9.41 9.38 14.12
CA LEU A 140 -8.99 10.73 13.80
C LEU A 140 -10.18 11.66 13.62
N MET A 141 -10.11 12.83 14.25
CA MET A 141 -11.17 13.82 14.14
C MET A 141 -11.45 14.18 12.69
N ASP A 142 -12.73 14.24 12.32
CA ASP A 142 -13.12 14.52 10.95
C ASP A 142 -12.48 15.81 10.44
N ASN A 143 -12.37 16.80 11.32
CA ASN A 143 -11.71 18.05 10.98
C ASN A 143 -10.23 17.84 10.71
N HIS A 144 -9.61 16.93 11.46
CA HIS A 144 -8.20 16.63 11.29
C HIS A 144 -7.96 15.82 10.02
N GLN A 145 -8.95 15.02 9.64
CA GLN A 145 -8.89 14.26 8.40
C GLN A 145 -8.78 15.19 7.20
N GLN A 146 -9.68 16.17 7.12
CA GLN A 146 -9.69 17.13 6.03
C GLN A 146 -8.49 18.06 6.10
N GLN A 147 -8.10 18.41 7.33
CA GLN A 147 -6.94 19.28 7.54
C GLN A 147 -5.67 18.68 6.97
N ILE A 148 -5.47 17.38 7.23
CA ILE A 148 -4.34 16.67 6.66
C ILE A 148 -4.44 16.56 5.15
N ALA A 149 -5.64 16.23 4.67
CA ALA A 149 -5.88 16.09 3.24
C ALA A 149 -5.57 17.38 2.50
N ASP A 150 -5.98 18.50 3.09
CA ASP A 150 -5.81 19.81 2.44
C ASP A 150 -4.35 20.10 2.17
N LYS A 151 -3.49 19.71 3.10
CA LYS A 151 -2.06 20.06 3.02
C LYS A 151 -1.30 19.07 2.16
N PHE A 152 -1.73 17.80 2.19
CA PHE A 152 -1.14 16.77 1.35
C PHE A 152 -1.53 16.97 -0.11
N VAL A 153 -2.76 17.42 -0.33
CA VAL A 153 -3.20 17.78 -1.68
C VAL A 153 -2.49 19.03 -2.18
N GLU A 154 -2.30 20.00 -1.29
CA GLU A 154 -1.46 21.16 -1.58
C GLU A 154 -0.05 20.73 -1.97
N LEU A 155 0.48 19.73 -1.28
CA LEU A 155 1.79 19.18 -1.60
C LEU A 155 1.81 18.62 -3.02
N GLY A 156 0.93 17.67 -3.29
CA GLY A 156 0.80 17.11 -4.64
C GLY A 156 1.60 15.83 -4.78
N TYR A 157 2.19 15.38 -3.69
CA TYR A 157 3.00 14.16 -3.69
C TYR A 157 2.48 13.14 -2.69
N VAL A 158 1.55 13.57 -1.85
CA VAL A 158 0.85 12.66 -0.95
C VAL A 158 -0.66 12.84 -1.03
N TRP A 159 -1.38 11.73 -0.99
CA TRP A 159 -2.84 11.77 -1.06
C TRP A 159 -3.47 11.10 0.16
N SER A 160 -4.38 11.82 0.81
CA SER A 160 -5.05 11.30 2.00
C SER A 160 -6.39 10.65 1.63
N CYS A 161 -6.67 9.52 2.27
CA CYS A 161 -7.92 8.80 2.03
C CYS A 161 -8.68 8.57 3.33
N ALA A 162 -10.00 8.48 3.24
CA ALA A 162 -10.84 8.29 4.41
C ALA A 162 -10.75 6.86 4.93
N PRO A 163 -11.15 6.66 6.18
CA PRO A 163 -11.06 5.35 6.81
C PRO A 163 -12.22 4.45 6.38
N THR A 164 -12.26 4.13 5.09
CA THR A 164 -13.24 3.19 4.57
C THR A 164 -12.62 2.27 3.53
N GLU A 165 -13.39 1.29 3.08
CA GLU A 165 -12.93 0.35 2.06
C GLU A 165 -13.10 0.92 0.67
N THR A 166 -13.37 2.21 0.59
CA THR A 166 -13.68 2.87 -0.69
C THR A 166 -12.89 4.15 -0.84
N GLY A 167 -12.51 4.75 0.28
CA GLY A 167 -11.72 5.99 0.26
C GLY A 167 -10.35 5.75 -0.33
N LEU A 168 -9.80 4.57 -0.10
CA LEU A 168 -8.47 4.22 -0.60
C LEU A 168 -8.47 4.11 -2.13
N ILE A 169 -9.39 3.31 -2.65
CA ILE A 169 -9.49 3.08 -4.09
C ILE A 169 -9.93 4.36 -4.81
N ALA A 170 -10.61 5.23 -4.09
CA ALA A 170 -10.93 6.57 -4.58
C ALA A 170 -9.65 7.39 -4.78
N GLY A 171 -8.74 7.28 -3.83
CA GLY A 171 -7.44 7.94 -3.93
C GLY A 171 -6.57 7.27 -4.99
N LEU A 172 -6.76 5.97 -5.17
CA LEU A 172 -6.03 5.23 -6.20
C LEU A 172 -6.56 5.56 -7.59
N ARG A 173 -7.81 5.99 -7.65
CA ARG A 173 -8.34 6.64 -8.84
C ARG A 173 -7.76 8.05 -8.99
N ALA A 174 -7.60 8.73 -7.87
CA ALA A 174 -7.12 10.12 -7.88
C ALA A 174 -5.62 10.18 -8.10
N SER A 175 -4.95 9.04 -7.96
CA SER A 175 -3.52 8.95 -8.19
C SER A 175 -3.17 9.26 -9.63
N GLN A 176 -4.14 9.08 -10.52
CA GLN A 176 -3.96 9.40 -11.93
C GLN A 176 -4.83 10.56 -12.36
N THR A 177 -6.08 10.56 -11.91
CA THR A 177 -7.01 11.63 -12.23
C THR A 177 -6.56 12.96 -11.64
N GLU A 178 -6.18 12.94 -10.37
CA GLU A 178 -5.69 14.13 -9.69
C GLU A 178 -4.17 14.15 -9.62
N LYS A 179 -3.61 15.32 -9.31
CA LYS A 179 -2.16 15.47 -9.24
C LYS A 179 -1.58 14.66 -8.09
N LEU A 180 -0.90 13.57 -8.42
CA LEU A 180 -0.10 12.83 -7.44
C LEU A 180 1.20 12.33 -8.05
N LYS A 181 2.31 12.91 -7.63
CA LYS A 181 3.61 12.59 -8.22
C LYS A 181 4.57 12.07 -7.15
N PRO A 182 5.62 11.38 -7.59
CA PRO A 182 6.66 10.90 -6.69
C PRO A 182 7.26 12.04 -5.88
N PHE A 183 7.44 11.81 -4.58
CA PHE A 183 8.02 12.82 -3.70
C PHE A 183 9.46 13.12 -4.08
N PRO A 184 9.72 14.36 -4.47
CA PRO A 184 11.00 14.72 -5.07
C PRO A 184 12.07 14.97 -4.02
N VAL A 185 11.64 15.46 -2.85
CA VAL A 185 12.57 15.90 -1.82
C VAL A 185 13.18 14.72 -1.09
N SER A 186 14.50 14.64 -1.10
CA SER A 186 15.21 13.49 -0.55
C SER A 186 15.85 13.82 0.80
N HIS A 187 15.50 14.99 1.33
CA HIS A 187 16.01 15.42 2.63
C HIS A 187 15.24 14.75 3.76
N ASN A 188 15.94 13.98 4.58
CA ASN A 188 15.31 13.09 5.54
C ASN A 188 14.50 13.89 6.56
N PRO A 189 15.11 14.91 7.14
CA PRO A 189 14.49 15.66 8.22
C PRO A 189 13.46 16.65 7.69
N SER A 190 13.49 16.88 6.39
CA SER A 190 12.58 17.84 5.77
C SER A 190 11.14 17.39 5.89
N PHE A 191 10.84 16.22 5.32
CA PHE A 191 9.48 15.70 5.31
C PHE A 191 9.12 15.08 6.65
N GLU A 192 10.13 14.76 7.45
CA GLU A 192 9.91 14.28 8.81
C GLU A 192 9.10 15.27 9.63
N ARG A 193 9.54 16.52 9.63
CA ARG A 193 8.86 17.57 10.38
C ARG A 193 7.73 18.18 9.56
N LEU A 194 7.96 18.35 8.27
CA LEU A 194 7.00 19.00 7.39
C LEU A 194 5.71 18.22 7.31
N LEU A 195 5.81 16.97 6.88
CA LEU A 195 4.64 16.19 6.49
C LEU A 195 4.18 15.26 7.61
N VAL A 196 5.13 14.56 8.21
CA VAL A 196 4.82 13.53 9.19
C VAL A 196 4.45 14.13 10.53
N GLU A 197 5.34 14.98 11.06
CA GLU A 197 5.12 15.60 12.36
C GLU A 197 4.00 16.61 12.31
N THR A 198 4.21 17.69 11.57
CA THR A 198 3.30 18.84 11.59
C THR A 198 1.90 18.44 11.15
N ILE A 199 1.80 17.80 10.00
CA ILE A 199 0.52 17.58 9.35
C ILE A 199 -0.11 16.27 9.80
N TYR A 200 0.55 15.16 9.49
CA TYR A 200 -0.03 13.84 9.71
C TYR A 200 -0.29 13.59 11.19
N SER A 201 0.76 13.74 11.99
CA SER A 201 0.66 13.53 13.44
C SER A 201 -0.07 14.68 14.12
N GLY A 1 0.05 -4.14 -19.19
CA GLY A 1 0.21 -5.10 -18.12
C GLY A 1 1.07 -6.28 -18.56
N ILE A 2 0.89 -6.71 -19.80
CA ILE A 2 1.64 -7.84 -20.33
C ILE A 2 3.12 -7.48 -20.50
N ILE A 3 3.39 -6.34 -21.10
CA ILE A 3 4.75 -5.87 -21.30
C ILE A 3 5.39 -5.47 -19.98
N GLU A 4 4.65 -4.72 -19.17
CA GLU A 4 5.13 -4.28 -17.87
C GLU A 4 4.01 -4.24 -16.85
N GLU A 5 4.17 -5.02 -15.77
CA GLU A 5 3.20 -5.02 -14.69
C GLU A 5 3.47 -3.89 -13.69
N LYS A 6 2.46 -3.09 -13.42
CA LYS A 6 2.55 -2.06 -12.38
C LYS A 6 2.09 -2.61 -11.04
N ALA A 7 2.86 -2.30 -9.99
CA ALA A 7 2.69 -2.94 -8.69
C ALA A 7 2.46 -1.91 -7.59
N LEU A 8 1.47 -2.18 -6.74
CA LEU A 8 1.32 -1.44 -5.49
C LEU A 8 2.16 -2.06 -4.38
N PHE A 9 2.69 -1.20 -3.51
CA PHE A 9 3.42 -1.65 -2.34
C PHE A 9 2.69 -1.28 -1.05
N VAL A 10 1.91 -2.21 -0.52
CA VAL A 10 1.13 -1.96 0.67
C VAL A 10 1.84 -2.49 1.92
N THR A 11 2.11 -1.59 2.86
CA THR A 11 2.59 -1.99 4.18
C THR A 11 1.53 -1.77 5.25
N CYS A 12 1.17 -2.85 5.94
CA CYS A 12 0.15 -2.79 6.98
C CYS A 12 0.78 -2.81 8.37
N GLY A 13 0.40 -1.83 9.19
CA GLY A 13 0.88 -1.76 10.56
C GLY A 13 0.24 -2.83 11.44
N ALA A 14 0.85 -3.10 12.58
CA ALA A 14 0.36 -4.12 13.49
C ALA A 14 -0.54 -3.53 14.56
N THR A 15 -0.69 -2.22 14.54
CA THR A 15 -1.54 -1.53 15.51
C THR A 15 -2.97 -2.05 15.45
N VAL A 16 -3.46 -2.29 14.24
CA VAL A 16 -4.80 -2.84 14.05
C VAL A 16 -4.75 -4.16 13.28
N PRO A 17 -5.84 -4.91 13.34
CA PRO A 17 -5.92 -6.19 12.66
C PRO A 17 -5.56 -6.06 11.18
N PHE A 18 -4.81 -7.02 10.67
CA PHE A 18 -4.38 -7.01 9.27
C PHE A 18 -5.55 -7.32 8.34
N PRO A 19 -6.40 -8.25 8.75
CA PRO A 19 -7.59 -8.59 7.99
C PRO A 19 -8.40 -7.35 7.64
N LYS A 20 -8.39 -6.38 8.54
CA LYS A 20 -9.06 -5.10 8.30
C LYS A 20 -8.35 -4.29 7.24
N LEU A 21 -7.02 -4.44 7.19
CA LEU A 21 -6.19 -3.59 6.33
C LEU A 21 -6.06 -4.18 4.94
N VAL A 22 -6.60 -5.37 4.75
CA VAL A 22 -6.60 -6.02 3.44
C VAL A 22 -8.02 -6.18 2.90
N SER A 23 -9.00 -5.77 3.70
CA SER A 23 -10.39 -5.78 3.27
C SER A 23 -10.67 -4.68 2.25
N CYS A 24 -9.77 -3.71 2.19
CA CYS A 24 -9.94 -2.57 1.30
C CYS A 24 -9.39 -2.88 -0.10
N VAL A 25 -8.55 -3.90 -0.18
CA VAL A 25 -7.87 -4.23 -1.42
C VAL A 25 -8.45 -5.50 -2.04
N LEU A 26 -9.41 -6.10 -1.35
CA LEU A 26 -10.05 -7.32 -1.83
C LEU A 26 -11.50 -7.08 -2.21
N SER A 27 -11.86 -5.81 -2.37
CA SER A 27 -13.19 -5.44 -2.86
C SER A 27 -13.28 -5.60 -4.37
N ASP A 28 -14.49 -5.80 -4.87
CA ASP A 28 -14.72 -5.95 -6.29
C ASP A 28 -14.41 -4.65 -7.04
N GLU A 29 -14.72 -3.52 -6.41
CA GLU A 29 -14.49 -2.22 -7.02
C GLU A 29 -13.00 -1.90 -7.08
N PHE A 30 -12.28 -2.25 -6.02
CA PHE A 30 -10.83 -2.04 -5.98
C PHE A 30 -10.13 -2.85 -7.05
N CYS A 31 -10.43 -4.15 -7.10
CA CYS A 31 -9.74 -5.05 -8.01
C CYS A 31 -10.03 -4.69 -9.47
N GLN A 32 -11.23 -4.19 -9.72
CA GLN A 32 -11.61 -3.74 -11.05
C GLN A 32 -10.89 -2.46 -11.43
N GLU A 33 -11.10 -1.41 -10.63
CA GLU A 33 -10.60 -0.08 -10.97
C GLU A 33 -9.08 -0.07 -10.99
N LEU A 34 -8.47 -0.87 -10.14
CA LEU A 34 -7.02 -0.94 -10.05
C LEU A 34 -6.40 -1.31 -11.39
N ILE A 35 -6.94 -2.34 -12.01
CA ILE A 35 -6.49 -2.78 -13.33
C ILE A 35 -6.76 -1.71 -14.39
N GLN A 36 -7.85 -0.97 -14.20
CA GLN A 36 -8.18 0.15 -15.07
C GLN A 36 -7.18 1.29 -14.88
N TYR A 37 -6.48 1.28 -13.75
CA TYR A 37 -5.43 2.26 -13.49
C TYR A 37 -4.09 1.81 -14.03
N GLY A 38 -4.04 0.57 -14.50
CA GLY A 38 -2.83 0.02 -15.09
C GLY A 38 -2.08 -0.87 -14.11
N PHE A 39 -2.65 -1.04 -12.92
CA PHE A 39 -2.02 -1.81 -11.86
C PHE A 39 -2.57 -3.23 -11.83
N VAL A 40 -1.68 -4.22 -11.85
CA VAL A 40 -2.08 -5.61 -11.95
C VAL A 40 -1.36 -6.47 -10.91
N ARG A 41 -0.46 -5.84 -10.15
CA ARG A 41 0.26 -6.53 -9.08
C ARG A 41 0.08 -5.82 -7.75
N LEU A 42 -0.08 -6.61 -6.69
CA LEU A 42 -0.27 -6.05 -5.36
C LEU A 42 0.61 -6.76 -4.34
N ILE A 43 1.56 -6.02 -3.75
CA ILE A 43 2.46 -6.57 -2.75
C ILE A 43 2.08 -6.09 -1.36
N ILE A 44 1.73 -7.04 -0.49
CA ILE A 44 1.28 -6.72 0.86
C ILE A 44 2.21 -7.31 1.91
N GLN A 45 2.87 -6.44 2.68
CA GLN A 45 3.68 -6.88 3.79
C GLN A 45 2.82 -7.22 5.00
N PHE A 46 3.06 -8.40 5.58
CA PHE A 46 2.34 -8.83 6.77
C PHE A 46 3.27 -8.94 7.97
N GLY A 47 2.70 -8.89 9.17
CA GLY A 47 3.49 -8.92 10.39
C GLY A 47 3.97 -10.33 10.70
N ARG A 48 3.03 -11.24 10.92
CA ARG A 48 3.36 -12.60 11.30
C ARG A 48 2.19 -13.54 11.02
N ASN A 49 2.47 -14.63 10.31
CA ASN A 49 1.51 -15.70 10.13
C ASN A 49 0.25 -15.21 9.43
N TYR A 50 0.42 -14.64 8.24
CA TYR A 50 -0.71 -14.24 7.41
C TYR A 50 -0.57 -14.78 5.99
N SER A 51 0.66 -14.81 5.49
CA SER A 51 0.93 -15.30 4.15
C SER A 51 1.09 -16.82 4.14
N SER A 52 0.85 -17.44 5.28
CA SER A 52 0.75 -18.90 5.36
C SER A 52 -0.32 -19.42 4.40
N GLU A 53 -1.51 -18.86 4.49
CA GLU A 53 -2.58 -19.19 3.55
C GLU A 53 -3.72 -18.20 3.65
N PHE A 54 -4.47 -18.04 2.56
CA PHE A 54 -5.66 -17.20 2.55
C PHE A 54 -6.89 -17.99 2.12
N GLU A 55 -6.84 -19.30 2.32
CA GLU A 55 -7.90 -20.19 1.86
C GLU A 55 -9.28 -19.58 2.12
N HIS A 56 -9.46 -19.06 3.32
CA HIS A 56 -10.73 -18.43 3.69
C HIS A 56 -11.09 -17.31 2.72
N LEU A 57 -10.18 -16.36 2.55
CA LEU A 57 -10.43 -15.21 1.70
C LEU A 57 -10.63 -15.63 0.25
N VAL A 58 -9.94 -16.69 -0.16
CA VAL A 58 -10.00 -17.17 -1.54
C VAL A 58 -11.37 -17.72 -1.88
N GLN A 59 -11.99 -18.40 -0.91
CA GLN A 59 -13.31 -18.97 -1.11
C GLN A 59 -14.39 -17.90 -1.06
N GLU A 60 -14.05 -16.75 -0.50
CA GLU A 60 -14.98 -15.63 -0.41
C GLU A 60 -15.07 -14.87 -1.73
N ARG A 61 -14.24 -15.26 -2.69
CA ARG A 61 -14.28 -14.67 -4.02
C ARG A 61 -14.42 -15.75 -5.09
N GLY A 62 -13.92 -16.94 -4.79
CA GLY A 62 -13.88 -18.02 -5.78
C GLY A 62 -12.63 -17.93 -6.65
N GLY A 63 -11.52 -17.55 -6.03
CA GLY A 63 -10.29 -17.31 -6.77
C GLY A 63 -9.39 -18.54 -6.75
N GLN A 64 -8.10 -18.33 -6.93
CA GLN A 64 -7.14 -19.43 -6.95
C GLN A 64 -5.96 -19.15 -6.02
N ARG A 65 -5.49 -20.19 -5.35
CA ARG A 65 -4.46 -20.03 -4.32
C ARG A 65 -3.21 -20.84 -4.67
N GLU A 66 -2.07 -20.15 -4.77
CA GLU A 66 -0.83 -20.78 -5.18
C GLU A 66 0.33 -20.33 -4.31
N SER A 67 1.46 -21.02 -4.43
CA SER A 67 2.63 -20.73 -3.61
C SER A 67 3.62 -19.84 -4.37
N GLN A 68 4.16 -18.85 -3.68
CA GLN A 68 5.29 -18.08 -4.19
C GLN A 68 6.49 -18.18 -3.27
N LYS A 69 7.47 -18.99 -3.67
CA LYS A 69 8.70 -19.14 -2.91
C LYS A 69 9.83 -18.30 -3.51
N ILE A 70 9.83 -17.01 -3.20
CA ILE A 70 10.77 -16.08 -3.80
C ILE A 70 11.94 -15.80 -2.86
N PRO A 71 13.15 -15.99 -3.36
CA PRO A 71 14.36 -15.73 -2.59
C PRO A 71 14.32 -14.34 -1.96
N ILE A 72 14.55 -14.29 -0.65
CA ILE A 72 14.53 -13.01 0.07
C ILE A 72 15.83 -12.25 -0.16
N ASP A 73 16.95 -12.95 -0.08
CA ASP A 73 18.27 -12.31 -0.10
C ASP A 73 18.63 -11.86 -1.50
N GLN A 74 17.85 -12.29 -2.49
CA GLN A 74 18.11 -11.95 -3.88
C GLN A 74 17.13 -10.89 -4.38
N PHE A 75 15.85 -11.12 -4.15
CA PHE A 75 14.81 -10.26 -4.70
C PHE A 75 14.24 -9.33 -3.64
N GLY A 76 14.48 -9.66 -2.38
CA GLY A 76 13.98 -8.87 -1.26
C GLY A 76 12.52 -9.17 -0.98
N CYS A 77 12.05 -10.32 -1.48
CA CYS A 77 10.65 -10.72 -1.30
C CYS A 77 10.56 -12.03 -0.52
N GLY A 78 9.46 -12.21 0.18
CA GLY A 78 9.29 -13.35 1.08
C GLY A 78 9.33 -14.67 0.32
N ASP A 79 9.95 -15.68 0.92
CA ASP A 79 10.00 -17.01 0.32
C ASP A 79 8.85 -17.88 0.82
N THR A 80 7.94 -17.28 1.58
CA THR A 80 6.74 -17.97 2.04
C THR A 80 5.49 -17.21 1.64
N ALA A 81 5.47 -16.68 0.41
CA ALA A 81 4.42 -15.78 -0.03
C ALA A 81 3.22 -16.54 -0.57
N ARG A 82 2.03 -16.02 -0.34
CA ARG A 82 0.80 -16.68 -0.76
C ARG A 82 0.13 -15.94 -1.91
N GLN A 83 0.06 -16.59 -3.06
CA GLN A 83 -0.49 -15.97 -4.26
C GLN A 83 -2.02 -16.07 -4.27
N TYR A 84 -2.67 -14.92 -4.28
CA TYR A 84 -4.13 -14.87 -4.34
C TYR A 84 -4.60 -14.33 -5.68
N VAL A 85 -4.98 -15.23 -6.58
CA VAL A 85 -5.36 -14.85 -7.94
C VAL A 85 -6.75 -14.25 -7.97
N LEU A 86 -6.86 -13.04 -8.51
CA LEU A 86 -8.14 -12.35 -8.63
C LEU A 86 -8.39 -11.92 -10.06
N MET A 87 -9.65 -11.63 -10.38
CA MET A 87 -10.01 -11.09 -11.68
C MET A 87 -9.74 -12.08 -12.80
N ASN A 88 -9.85 -13.36 -12.48
CA ASN A 88 -9.68 -14.42 -13.47
C ASN A 88 -8.26 -14.45 -14.03
N GLY A 89 -7.29 -14.15 -13.17
CA GLY A 89 -5.89 -14.21 -13.56
C GLY A 89 -5.42 -12.89 -14.14
N LYS A 90 -6.03 -11.80 -13.71
CA LYS A 90 -5.67 -10.47 -14.19
C LYS A 90 -5.10 -9.62 -13.06
N LEU A 91 -5.40 -10.00 -11.83
CA LEU A 91 -4.87 -9.31 -10.66
C LEU A 91 -4.07 -10.25 -9.76
N LYS A 92 -2.80 -9.93 -9.57
CA LYS A 92 -1.91 -10.77 -8.77
C LYS A 92 -1.72 -10.19 -7.37
N VAL A 93 -2.56 -10.61 -6.43
CA VAL A 93 -2.42 -10.20 -5.04
C VAL A 93 -1.65 -11.23 -4.23
N ILE A 94 -0.41 -10.91 -3.91
CA ILE A 94 0.48 -11.84 -3.23
C ILE A 94 0.84 -11.35 -1.84
N GLY A 95 0.55 -12.16 -0.83
CA GLY A 95 0.84 -11.81 0.55
C GLY A 95 2.28 -12.18 0.93
N PHE A 96 2.98 -11.26 1.57
CA PHE A 96 4.36 -11.47 1.95
C PHE A 96 4.55 -11.31 3.45
N ASP A 97 4.63 -12.43 4.16
CA ASP A 97 5.05 -12.42 5.55
C ASP A 97 6.53 -12.77 5.69
N PHE A 98 7.37 -11.74 5.69
CA PHE A 98 8.82 -11.93 5.81
C PHE A 98 9.49 -10.73 6.45
N SER A 99 10.80 -10.80 6.61
CA SER A 99 11.55 -9.75 7.29
C SER A 99 11.41 -8.42 6.58
N THR A 100 12.11 -7.40 7.07
CA THR A 100 11.96 -6.05 6.56
C THR A 100 12.97 -5.77 5.46
N LYS A 101 13.25 -6.77 4.65
CA LYS A 101 14.01 -6.59 3.41
C LYS A 101 13.11 -6.07 2.30
N MET A 102 11.88 -5.72 2.64
CA MET A 102 10.96 -5.10 1.69
C MET A 102 11.45 -3.72 1.28
N GLN A 103 12.47 -3.23 1.98
CA GLN A 103 13.11 -1.96 1.61
C GLN A 103 13.68 -2.03 0.20
N SER A 104 13.96 -3.25 -0.26
CA SER A 104 14.35 -3.46 -1.65
C SER A 104 13.16 -3.39 -2.59
N ILE A 105 12.01 -3.89 -2.12
CA ILE A 105 10.80 -3.92 -2.94
C ILE A 105 10.28 -2.51 -3.21
N ILE A 106 10.29 -1.67 -2.18
CA ILE A 106 9.69 -0.35 -2.26
C ILE A 106 10.43 0.53 -3.27
N ARG A 107 11.65 0.13 -3.61
CA ARG A 107 12.43 0.82 -4.62
C ARG A 107 12.34 0.13 -5.97
N ASP A 108 12.38 -1.20 -5.95
CA ASP A 108 12.56 -1.97 -7.17
C ASP A 108 11.22 -2.25 -7.85
N TYR A 109 10.29 -2.83 -7.10
CA TYR A 109 9.04 -3.32 -7.67
C TYR A 109 7.93 -2.30 -7.54
N SER A 110 7.93 -1.56 -6.43
CA SER A 110 6.88 -0.59 -6.15
C SER A 110 6.82 0.48 -7.23
N ASP A 111 5.62 0.71 -7.75
CA ASP A 111 5.37 1.85 -8.63
C ASP A 111 4.58 2.93 -7.91
N LEU A 112 3.73 2.50 -6.97
CA LEU A 112 3.10 3.44 -6.04
C LEU A 112 3.06 2.85 -4.63
N VAL A 113 3.45 3.66 -3.65
CA VAL A 113 3.58 3.19 -2.28
C VAL A 113 2.30 3.43 -1.50
N ILE A 114 1.91 2.46 -0.68
CA ILE A 114 0.70 2.56 0.13
C ILE A 114 0.98 2.17 1.58
N SER A 115 0.49 2.98 2.51
CA SER A 115 0.71 2.75 3.94
C SER A 115 -0.61 2.61 4.68
N HIS A 116 -0.87 1.42 5.20
CA HIS A 116 -2.08 1.17 5.97
C HIS A 116 -1.78 1.19 7.47
N ALA A 117 -2.54 1.99 8.21
CA ALA A 117 -2.37 2.10 9.65
C ALA A 117 -0.96 2.57 9.99
N GLY A 118 -0.55 3.69 9.40
CA GLY A 118 0.73 4.30 9.72
C GLY A 118 1.06 5.43 8.74
N THR A 119 1.93 6.34 9.17
CA THR A 119 2.28 7.49 8.35
C THR A 119 3.79 7.63 8.21
N GLY A 120 4.53 6.69 8.80
CA GLY A 120 5.99 6.72 8.77
C GLY A 120 6.51 6.45 7.38
N SER A 121 5.65 5.88 6.52
CA SER A 121 6.03 5.57 5.15
C SER A 121 6.33 6.83 4.36
N ILE A 122 5.76 7.95 4.81
CA ILE A 122 5.97 9.24 4.16
C ILE A 122 7.46 9.52 3.98
N LEU A 123 8.26 9.15 4.98
CA LEU A 123 9.69 9.41 4.95
C LEU A 123 10.37 8.64 3.83
N ASP A 124 9.85 7.46 3.52
CA ASP A 124 10.53 6.52 2.65
C ASP A 124 10.03 6.62 1.21
N SER A 125 8.75 6.90 1.06
CA SER A 125 8.14 7.03 -0.25
C SER A 125 8.62 8.28 -0.97
N LEU A 126 8.73 9.37 -0.23
CA LEU A 126 8.99 10.68 -0.83
C LEU A 126 10.48 10.85 -1.12
N ARG A 127 11.31 10.16 -0.36
CA ARG A 127 12.75 10.14 -0.61
C ARG A 127 13.08 9.27 -1.81
N LEU A 128 12.10 8.50 -2.27
CA LEU A 128 12.23 7.79 -3.54
C LEU A 128 11.59 8.58 -4.68
N ASN A 129 10.99 9.72 -4.34
CA ASN A 129 10.25 10.50 -5.32
C ASN A 129 9.02 9.73 -5.82
N LYS A 130 8.42 8.95 -4.94
CA LYS A 130 7.27 8.12 -5.31
C LYS A 130 6.02 8.55 -4.55
N PRO A 131 4.86 8.41 -5.18
CA PRO A 131 3.59 8.78 -4.56
C PRO A 131 3.25 7.86 -3.40
N LEU A 132 2.58 8.40 -2.40
CA LEU A 132 2.16 7.62 -1.25
C LEU A 132 0.67 7.80 -0.96
N ILE A 133 -0.05 6.69 -0.84
CA ILE A 133 -1.41 6.71 -0.35
C ILE A 133 -1.52 6.15 1.05
N VAL A 134 -2.05 6.96 1.97
CA VAL A 134 -2.15 6.56 3.37
C VAL A 134 -3.59 6.28 3.77
N CYS A 135 -3.83 5.12 4.35
CA CYS A 135 -5.18 4.73 4.76
C CYS A 135 -5.35 4.84 6.28
N VAL A 136 -6.33 5.62 6.70
CA VAL A 136 -6.61 5.80 8.12
C VAL A 136 -7.12 4.51 8.75
N ASN A 137 -6.53 4.14 9.87
CA ASN A 137 -6.95 2.95 10.60
C ASN A 137 -8.02 3.29 11.63
N ASP A 138 -8.40 2.29 12.43
CA ASP A 138 -9.43 2.49 13.44
C ASP A 138 -8.92 3.34 14.59
N SER A 139 -7.63 3.19 14.91
CA SER A 139 -7.05 3.83 16.09
C SER A 139 -6.85 5.32 15.87
N LEU A 140 -6.78 5.72 14.61
CA LEU A 140 -6.51 7.12 14.26
C LEU A 140 -7.82 7.89 14.08
N MET A 141 -7.97 8.97 14.83
CA MET A 141 -9.15 9.81 14.73
C MET A 141 -8.95 10.94 13.73
N ASP A 142 -8.48 10.58 12.54
CA ASP A 142 -8.28 11.57 11.47
C ASP A 142 -7.34 12.68 11.92
N ASN A 143 -6.40 12.34 12.79
CA ASN A 143 -5.43 13.31 13.30
C ASN A 143 -4.36 13.61 12.27
N HIS A 144 -3.90 12.57 11.58
CA HIS A 144 -2.93 12.73 10.51
C HIS A 144 -3.62 12.84 9.15
N GLN A 145 -4.90 12.49 9.10
CA GLN A 145 -5.68 12.60 7.89
C GLN A 145 -5.84 14.05 7.46
N GLN A 146 -6.22 14.91 8.40
CA GLN A 146 -6.37 16.34 8.13
C GLN A 146 -5.02 16.98 7.85
N GLN A 147 -4.00 16.56 8.59
CA GLN A 147 -2.65 17.05 8.37
C GLN A 147 -2.21 16.82 6.93
N ILE A 148 -2.34 15.57 6.48
CA ILE A 148 -2.00 15.22 5.10
C ILE A 148 -2.83 16.03 4.11
N ALA A 149 -4.13 16.14 4.39
CA ALA A 149 -5.05 16.87 3.52
C ALA A 149 -4.65 18.34 3.43
N ASP A 150 -4.16 18.88 4.53
CA ASP A 150 -3.82 20.30 4.61
C ASP A 150 -2.60 20.62 3.75
N LYS A 151 -1.61 19.73 3.77
CA LYS A 151 -0.31 20.01 3.19
C LYS A 151 -0.03 19.10 2.00
N PHE A 152 -0.01 17.80 2.25
CA PHE A 152 0.59 16.84 1.33
C PHE A 152 -0.31 16.61 0.12
N VAL A 153 -1.61 16.73 0.33
CA VAL A 153 -2.57 16.64 -0.76
C VAL A 153 -2.49 17.87 -1.68
N GLU A 154 -2.32 19.04 -1.06
CA GLU A 154 -2.14 20.28 -1.80
C GLU A 154 -0.80 20.30 -2.52
N LEU A 155 0.19 19.65 -1.92
CA LEU A 155 1.50 19.50 -2.55
C LEU A 155 1.49 18.38 -3.58
N GLY A 156 0.63 17.39 -3.37
CA GLY A 156 0.43 16.32 -4.35
C GLY A 156 1.52 15.27 -4.24
N TYR A 157 1.81 14.84 -3.01
CA TYR A 157 2.78 13.80 -2.78
C TYR A 157 2.18 12.66 -1.95
N VAL A 158 1.45 13.02 -0.90
CA VAL A 158 0.80 12.04 -0.03
C VAL A 158 -0.68 12.32 0.08
N TRP A 159 -1.49 11.28 -0.15
CA TRP A 159 -2.95 11.43 -0.11
C TRP A 159 -3.55 10.51 0.95
N SER A 160 -4.41 11.08 1.80
CA SER A 160 -5.05 10.32 2.86
C SER A 160 -6.34 9.66 2.37
N CYS A 161 -6.68 8.53 2.97
CA CYS A 161 -7.94 7.86 2.65
C CYS A 161 -8.71 7.52 3.91
N ALA A 162 -10.05 7.53 3.80
CA ALA A 162 -10.91 7.18 4.92
C ALA A 162 -10.75 5.71 5.31
N PRO A 163 -11.11 5.39 6.55
CA PRO A 163 -11.02 4.02 7.03
C PRO A 163 -12.12 3.15 6.45
N THR A 164 -12.08 2.94 5.14
CA THR A 164 -13.05 2.09 4.46
C THR A 164 -12.53 1.63 3.11
N GLU A 165 -13.35 0.86 2.39
CA GLU A 165 -12.92 0.22 1.16
C GLU A 165 -12.81 1.24 0.03
N THR A 166 -13.78 2.15 -0.03
CA THR A 166 -13.86 3.10 -1.14
C THR A 166 -12.91 4.26 -0.94
N GLY A 167 -12.41 4.41 0.28
CA GLY A 167 -11.44 5.47 0.58
C GLY A 167 -10.12 5.22 -0.13
N LEU A 168 -9.62 3.99 -0.03
CA LEU A 168 -8.40 3.61 -0.72
C LEU A 168 -8.57 3.69 -2.24
N ILE A 169 -9.73 3.25 -2.71
CA ILE A 169 -10.05 3.31 -4.13
C ILE A 169 -10.04 4.75 -4.64
N ALA A 170 -10.63 5.65 -3.87
CA ALA A 170 -10.61 7.07 -4.19
C ALA A 170 -9.19 7.63 -4.12
N GLY A 171 -8.40 7.08 -3.20
CA GLY A 171 -7.01 7.50 -3.04
C GLY A 171 -6.21 7.22 -4.30
N LEU A 172 -6.50 6.11 -4.96
CA LEU A 172 -5.84 5.75 -6.20
C LEU A 172 -6.11 6.79 -7.28
N ARG A 173 -7.30 7.37 -7.26
CA ARG A 173 -7.64 8.47 -8.15
C ARG A 173 -7.03 9.78 -7.68
N ALA A 174 -6.92 9.93 -6.36
CA ALA A 174 -6.37 11.14 -5.77
C ALA A 174 -4.91 11.31 -6.13
N SER A 175 -4.21 10.19 -6.31
CA SER A 175 -2.80 10.23 -6.67
C SER A 175 -2.59 10.84 -8.04
N GLN A 176 -3.66 10.86 -8.84
CA GLN A 176 -3.57 11.36 -10.21
C GLN A 176 -4.12 12.77 -10.32
N THR A 177 -4.46 13.36 -9.17
CA THR A 177 -5.02 14.70 -9.13
C THR A 177 -3.97 15.75 -9.49
N GLU A 178 -2.79 15.62 -8.91
CA GLU A 178 -1.71 16.57 -9.14
C GLU A 178 -0.46 15.87 -9.65
N LYS A 179 0.33 16.58 -10.45
CA LYS A 179 1.55 16.03 -11.02
C LYS A 179 2.66 15.97 -9.98
N LEU A 180 3.01 14.76 -9.57
CA LEU A 180 4.07 14.57 -8.57
C LEU A 180 5.45 14.69 -9.21
N LYS A 181 6.08 15.85 -9.01
CA LYS A 181 7.42 16.09 -9.54
C LYS A 181 8.50 15.74 -8.52
N PRO A 182 9.65 15.31 -9.00
CA PRO A 182 10.74 14.91 -8.13
C PRO A 182 11.14 16.04 -7.19
N PHE A 183 11.61 15.68 -6.00
CA PHE A 183 12.07 16.66 -5.03
C PHE A 183 13.43 17.23 -5.42
N PRO A 184 13.66 18.48 -5.04
CA PRO A 184 14.91 19.17 -5.39
C PRO A 184 16.07 18.64 -4.56
N VAL A 185 15.75 17.98 -3.45
CA VAL A 185 16.78 17.48 -2.54
C VAL A 185 17.19 16.06 -2.89
N SER A 186 18.45 15.89 -3.27
CA SER A 186 18.97 14.59 -3.68
C SER A 186 19.47 13.80 -2.48
N HIS A 187 19.67 14.49 -1.36
CA HIS A 187 20.18 13.86 -0.15
C HIS A 187 19.03 13.36 0.73
N ASN A 188 19.00 12.06 0.98
CA ASN A 188 17.93 11.44 1.76
C ASN A 188 18.02 11.86 3.22
N PRO A 189 19.21 11.80 3.78
CA PRO A 189 19.44 12.15 5.18
C PRO A 189 18.96 13.57 5.47
N SER A 190 19.22 14.47 4.53
CA SER A 190 18.84 15.87 4.70
C SER A 190 17.36 16.08 4.38
N PHE A 191 16.88 15.39 3.35
CA PHE A 191 15.49 15.51 2.94
C PHE A 191 14.55 15.09 4.05
N GLU A 192 14.88 13.99 4.72
CA GLU A 192 14.07 13.48 5.83
C GLU A 192 13.96 14.50 6.94
N ARG A 193 15.05 15.20 7.22
CA ARG A 193 15.08 16.23 8.25
C ARG A 193 14.26 17.45 7.82
N LEU A 194 14.22 17.69 6.51
CA LEU A 194 13.41 18.78 5.96
C LEU A 194 11.95 18.35 5.81
N LEU A 195 11.73 17.04 5.70
CA LEU A 195 10.39 16.51 5.44
C LEU A 195 9.55 16.47 6.71
N VAL A 196 10.19 16.09 7.82
CA VAL A 196 9.50 16.01 9.09
C VAL A 196 8.99 17.37 9.54
N GLU A 197 9.57 18.42 8.97
CA GLU A 197 9.11 19.78 9.23
C GLU A 197 7.71 20.00 8.66
N THR A 198 7.38 19.27 7.60
CA THR A 198 6.08 19.39 6.96
C THR A 198 5.14 18.28 7.43
N ILE A 199 5.72 17.17 7.87
CA ILE A 199 4.95 16.08 8.44
C ILE A 199 4.35 16.49 9.79
N TYR A 200 5.16 17.13 10.63
CA TYR A 200 4.73 17.53 11.96
C TYR A 200 4.50 19.03 12.03
N SER A 201 4.25 19.64 10.89
CA SER A 201 3.96 21.08 10.83
C SER A 201 2.79 21.43 11.74
N GLY A 1 -2.09 -2.59 -18.17
CA GLY A 1 -1.04 -3.58 -17.93
C GLY A 1 -0.09 -3.65 -19.13
N ILE A 2 -0.64 -3.50 -20.33
CA ILE A 2 0.15 -3.56 -21.55
C ILE A 2 1.07 -2.35 -21.67
N ILE A 3 0.52 -1.16 -21.43
CA ILE A 3 1.28 0.07 -21.50
C ILE A 3 2.27 0.17 -20.34
N GLU A 4 1.79 -0.13 -19.14
CA GLU A 4 2.63 -0.09 -17.94
C GLU A 4 2.14 -1.08 -16.90
N GLU A 5 3.08 -1.84 -16.33
CA GLU A 5 2.76 -2.81 -15.29
C GLU A 5 2.97 -2.21 -13.90
N LYS A 6 1.93 -1.56 -13.39
CA LYS A 6 2.02 -0.88 -12.09
C LYS A 6 1.80 -1.86 -10.95
N ALA A 7 2.33 -1.52 -9.77
CA ALA A 7 2.33 -2.43 -8.63
C ALA A 7 2.13 -1.68 -7.33
N LEU A 8 1.20 -2.17 -6.50
CA LEU A 8 0.95 -1.57 -5.20
C LEU A 8 1.74 -2.28 -4.11
N PHE A 9 2.13 -1.53 -3.09
CA PHE A 9 2.68 -2.11 -1.86
C PHE A 9 1.87 -1.68 -0.64
N VAL A 10 1.27 -2.65 0.04
CA VAL A 10 0.30 -2.36 1.07
C VAL A 10 0.84 -2.69 2.45
N THR A 11 0.80 -1.71 3.35
CA THR A 11 1.12 -1.94 4.75
C THR A 11 -0.01 -1.48 5.66
N CYS A 12 -0.61 -2.42 6.39
CA CYS A 12 -1.77 -2.13 7.22
C CYS A 12 -1.36 -1.54 8.56
N GLY A 13 -2.34 -1.03 9.30
CA GLY A 13 -2.07 -0.38 10.57
C GLY A 13 -2.81 -1.06 11.71
N ALA A 14 -2.98 -0.35 12.82
CA ALA A 14 -3.61 -0.91 14.01
C ALA A 14 -5.11 -0.70 13.99
N THR A 15 -5.53 0.54 13.72
CA THR A 15 -6.94 0.88 13.64
C THR A 15 -7.60 0.25 12.42
N VAL A 16 -6.89 0.26 11.30
CA VAL A 16 -7.32 -0.46 10.11
C VAL A 16 -6.29 -1.47 9.66
N PRO A 17 -6.32 -2.65 10.28
CA PRO A 17 -5.34 -3.69 9.99
C PRO A 17 -5.71 -4.46 8.73
N PHE A 18 -5.66 -5.79 8.82
CA PHE A 18 -5.65 -6.63 7.63
C PHE A 18 -7.06 -7.12 7.30
N PRO A 19 -7.78 -7.59 8.31
CA PRO A 19 -9.16 -8.00 8.16
C PRO A 19 -9.97 -6.93 7.44
N LYS A 20 -9.56 -5.68 7.60
CA LYS A 20 -10.24 -4.56 6.95
C LYS A 20 -9.57 -4.20 5.63
N LEU A 21 -8.29 -3.84 5.70
CA LEU A 21 -7.62 -3.20 4.58
C LEU A 21 -7.39 -4.19 3.44
N VAL A 22 -7.07 -5.43 3.80
CA VAL A 22 -6.81 -6.46 2.80
C VAL A 22 -8.08 -6.89 2.09
N SER A 23 -9.18 -6.98 2.85
CA SER A 23 -10.47 -7.35 2.29
C SER A 23 -11.01 -6.26 1.37
N CYS A 24 -10.54 -5.04 1.57
CA CYS A 24 -10.93 -3.91 0.74
C CYS A 24 -10.04 -3.80 -0.49
N VAL A 25 -8.75 -4.05 -0.30
CA VAL A 25 -7.78 -3.98 -1.40
C VAL A 25 -7.91 -5.19 -2.32
N LEU A 26 -8.52 -6.26 -1.80
CA LEU A 26 -8.80 -7.44 -2.61
C LEU A 26 -10.28 -7.57 -2.89
N SER A 27 -11.00 -6.46 -2.77
CA SER A 27 -12.44 -6.43 -3.06
C SER A 27 -12.68 -6.45 -4.57
N ASP A 28 -13.89 -6.85 -4.96
CA ASP A 28 -14.28 -6.87 -6.37
C ASP A 28 -14.30 -5.47 -6.96
N GLU A 29 -14.83 -4.52 -6.19
CA GLU A 29 -14.96 -3.14 -6.65
C GLU A 29 -13.59 -2.49 -6.81
N PHE A 30 -12.72 -2.68 -5.82
CA PHE A 30 -11.38 -2.11 -5.84
C PHE A 30 -10.58 -2.65 -7.02
N CYS A 31 -10.55 -3.97 -7.16
CA CYS A 31 -9.75 -4.61 -8.20
C CYS A 31 -10.31 -4.32 -9.58
N GLN A 32 -11.62 -4.12 -9.66
CA GLN A 32 -12.28 -3.81 -10.92
C GLN A 32 -11.64 -2.58 -11.57
N GLU A 33 -11.40 -1.54 -10.78
CA GLU A 33 -10.80 -0.32 -11.27
C GLU A 33 -9.27 -0.39 -11.22
N LEU A 34 -8.76 -1.18 -10.29
CA LEU A 34 -7.31 -1.38 -10.16
C LEU A 34 -6.68 -1.72 -11.50
N ILE A 35 -7.28 -2.68 -12.21
CA ILE A 35 -6.78 -3.09 -13.51
C ILE A 35 -6.99 -2.00 -14.56
N GLN A 36 -7.91 -1.08 -14.27
CA GLN A 36 -8.18 0.04 -15.17
C GLN A 36 -7.30 1.24 -14.83
N TYR A 37 -6.53 1.12 -13.76
CA TYR A 37 -5.52 2.12 -13.42
C TYR A 37 -4.14 1.65 -13.85
N GLY A 38 -4.05 0.42 -14.36
CA GLY A 38 -2.83 -0.08 -14.95
C GLY A 38 -2.04 -0.93 -13.95
N PHE A 39 -2.69 -1.27 -12.84
CA PHE A 39 -2.04 -2.04 -11.79
C PHE A 39 -2.28 -3.53 -11.95
N VAL A 40 -1.20 -4.30 -11.99
CA VAL A 40 -1.29 -5.73 -12.25
C VAL A 40 -0.62 -6.54 -11.14
N ARG A 41 0.12 -5.85 -10.28
CA ARG A 41 0.77 -6.49 -9.14
C ARG A 41 0.34 -5.85 -7.83
N LEU A 42 0.18 -6.68 -6.80
CA LEU A 42 -0.20 -6.19 -5.48
C LEU A 42 0.53 -6.95 -4.38
N ILE A 43 1.37 -6.24 -3.65
CA ILE A 43 2.19 -6.84 -2.60
C ILE A 43 1.64 -6.53 -1.22
N ILE A 44 1.38 -7.58 -0.44
CA ILE A 44 0.78 -7.43 0.88
C ILE A 44 1.78 -7.77 1.98
N GLN A 45 2.12 -6.78 2.80
CA GLN A 45 3.05 -6.97 3.90
C GLN A 45 2.33 -7.36 5.18
N PHE A 46 2.36 -8.64 5.51
CA PHE A 46 1.74 -9.14 6.74
C PHE A 46 2.68 -8.98 7.93
N GLY A 47 2.10 -8.77 9.10
CA GLY A 47 2.88 -8.50 10.30
C GLY A 47 3.34 -9.79 10.97
N ARG A 48 3.79 -9.68 12.22
CA ARG A 48 4.32 -10.83 12.94
C ARG A 48 3.20 -11.71 13.48
N ASN A 49 2.01 -11.13 13.61
CA ASN A 49 0.85 -11.86 14.10
C ASN A 49 -0.07 -12.26 12.96
N TYR A 50 0.38 -12.04 11.73
CA TYR A 50 -0.42 -12.32 10.55
C TYR A 50 0.36 -13.18 9.54
N SER A 51 -0.34 -14.12 8.91
CA SER A 51 0.28 -15.00 7.93
C SER A 51 -0.21 -14.67 6.52
N SER A 52 0.52 -15.16 5.52
CA SER A 52 0.17 -14.93 4.13
C SER A 52 -0.85 -15.96 3.65
N GLU A 53 -2.02 -15.96 4.27
CA GLU A 53 -3.08 -16.90 3.92
C GLU A 53 -4.27 -16.19 3.29
N PHE A 54 -4.58 -16.53 2.05
CA PHE A 54 -5.73 -15.97 1.36
C PHE A 54 -6.83 -17.01 1.17
N GLU A 55 -6.72 -18.11 1.91
CA GLU A 55 -7.67 -19.21 1.77
C GLU A 55 -9.09 -18.77 2.08
N HIS A 56 -9.22 -17.78 2.96
CA HIS A 56 -10.52 -17.19 3.28
C HIS A 56 -11.15 -16.57 2.05
N LEU A 57 -10.34 -15.89 1.24
CA LEU A 57 -10.83 -15.11 0.12
C LEU A 57 -10.95 -15.98 -1.14
N VAL A 58 -10.44 -17.20 -1.06
CA VAL A 58 -10.64 -18.18 -2.11
C VAL A 58 -12.12 -18.48 -2.32
N GLN A 59 -12.91 -18.36 -1.25
CA GLN A 59 -14.34 -18.58 -1.32
C GLN A 59 -15.10 -17.27 -1.23
N GLU A 60 -14.53 -16.30 -0.52
CA GLU A 60 -15.20 -15.04 -0.26
C GLU A 60 -14.91 -14.03 -1.36
N ARG A 61 -13.96 -14.37 -2.24
CA ARG A 61 -13.69 -13.56 -3.43
C ARG A 61 -13.72 -14.41 -4.69
N GLY A 62 -13.11 -15.59 -4.61
CA GLY A 62 -13.19 -16.56 -5.69
C GLY A 62 -11.84 -16.70 -6.40
N GLY A 63 -10.78 -16.28 -5.72
CA GLY A 63 -9.43 -16.33 -6.29
C GLY A 63 -8.78 -17.67 -6.00
N GLN A 64 -7.59 -17.88 -6.57
CA GLN A 64 -6.81 -19.09 -6.31
C GLN A 64 -5.57 -18.77 -5.49
N ARG A 65 -5.02 -19.80 -4.85
CA ARG A 65 -3.90 -19.62 -3.94
C ARG A 65 -2.82 -20.67 -4.17
N GLU A 66 -1.60 -20.21 -4.40
CA GLU A 66 -0.46 -21.11 -4.56
C GLU A 66 0.82 -20.49 -4.01
N SER A 67 1.62 -21.30 -3.35
CA SER A 67 2.80 -20.81 -2.63
C SER A 67 3.91 -20.43 -3.59
N GLN A 68 4.83 -19.59 -3.13
CA GLN A 68 5.99 -19.19 -3.92
C GLN A 68 7.24 -19.12 -3.08
N LYS A 69 8.26 -19.90 -3.45
CA LYS A 69 9.55 -19.84 -2.79
C LYS A 69 10.59 -19.17 -3.68
N ILE A 70 10.85 -17.90 -3.43
CA ILE A 70 11.56 -17.06 -4.39
C ILE A 70 12.90 -16.60 -3.83
N PRO A 71 13.94 -16.70 -4.65
CA PRO A 71 15.29 -16.37 -4.21
C PRO A 71 15.47 -14.87 -4.06
N ILE A 72 16.58 -14.47 -3.43
CA ILE A 72 16.88 -13.06 -3.24
C ILE A 72 17.95 -12.59 -4.23
N ASP A 73 18.52 -13.54 -4.96
CA ASP A 73 19.61 -13.23 -5.89
C ASP A 73 19.08 -13.01 -7.30
N GLN A 74 17.96 -13.67 -7.62
CA GLN A 74 17.37 -13.59 -8.95
C GLN A 74 16.19 -12.62 -8.97
N PHE A 75 15.50 -12.52 -7.84
CA PHE A 75 14.31 -11.69 -7.74
C PHE A 75 14.43 -10.67 -6.62
N GLY A 76 14.62 -11.16 -5.40
CA GLY A 76 14.74 -10.30 -4.23
C GLY A 76 13.55 -10.49 -3.28
N CYS A 77 13.17 -11.74 -3.08
CA CYS A 77 12.01 -12.05 -2.25
C CYS A 77 12.31 -13.22 -1.32
N GLY A 78 11.32 -13.60 -0.51
CA GLY A 78 11.52 -14.59 0.54
C GLY A 78 10.79 -15.89 0.22
N ASP A 79 10.55 -16.70 1.23
CA ASP A 79 9.89 -17.98 1.05
C ASP A 79 8.53 -18.00 1.74
N THR A 80 8.12 -16.85 2.27
CA THR A 80 6.78 -16.70 2.81
C THR A 80 5.83 -16.11 1.77
N ALA A 81 6.36 -15.81 0.59
CA ALA A 81 5.55 -15.31 -0.51
C ALA A 81 4.44 -16.29 -0.88
N ARG A 82 3.22 -15.79 -0.96
CA ARG A 82 2.09 -16.61 -1.37
C ARG A 82 1.30 -15.94 -2.49
N GLN A 83 1.20 -16.63 -3.63
CA GLN A 83 0.54 -16.06 -4.80
C GLN A 83 -0.97 -16.22 -4.71
N TYR A 84 -1.68 -15.10 -4.88
CA TYR A 84 -3.15 -15.12 -4.88
C TYR A 84 -3.70 -14.48 -6.14
N VAL A 85 -4.60 -15.19 -6.81
CA VAL A 85 -5.00 -14.84 -8.17
C VAL A 85 -6.31 -14.06 -8.17
N LEU A 86 -6.28 -12.87 -8.76
CA LEU A 86 -7.50 -12.11 -9.01
C LEU A 86 -7.56 -11.63 -10.45
N MET A 87 -8.75 -11.23 -10.89
CA MET A 87 -8.94 -10.68 -12.22
C MET A 87 -8.55 -11.69 -13.30
N ASN A 88 -8.72 -12.97 -13.00
CA ASN A 88 -8.44 -14.03 -13.95
C ASN A 88 -6.97 -14.08 -14.31
N GLY A 89 -6.12 -13.78 -13.33
CA GLY A 89 -4.67 -13.88 -13.51
C GLY A 89 -4.07 -12.53 -13.90
N LYS A 90 -4.93 -11.54 -14.09
CA LYS A 90 -4.50 -10.20 -14.46
C LYS A 90 -3.98 -9.42 -13.26
N LEU A 91 -4.40 -9.85 -12.07
CA LEU A 91 -3.89 -9.27 -10.83
C LEU A 91 -3.15 -10.31 -10.01
N LYS A 92 -1.82 -10.16 -9.92
CA LYS A 92 -1.00 -11.06 -9.12
C LYS A 92 -0.79 -10.50 -7.72
N VAL A 93 -1.41 -11.13 -6.73
CA VAL A 93 -1.29 -10.69 -5.34
C VAL A 93 -0.27 -11.53 -4.59
N ILE A 94 0.78 -10.88 -4.10
CA ILE A 94 1.84 -11.57 -3.37
C ILE A 94 1.85 -11.18 -1.90
N GLY A 95 1.40 -12.08 -1.05
CA GLY A 95 1.44 -11.87 0.39
C GLY A 95 2.70 -12.48 1.00
N PHE A 96 3.26 -11.79 1.99
CA PHE A 96 4.46 -12.27 2.67
C PHE A 96 4.46 -11.83 4.13
N ASP A 97 5.28 -12.50 4.94
CA ASP A 97 5.39 -12.18 6.35
C ASP A 97 6.62 -11.34 6.65
N PHE A 98 6.41 -10.05 6.91
CA PHE A 98 7.51 -9.11 7.09
C PHE A 98 8.85 -9.82 7.08
N SER A 99 9.52 -9.78 5.93
CA SER A 99 10.85 -10.37 5.80
C SER A 99 11.88 -9.32 5.40
N THR A 100 13.12 -9.51 5.85
CA THR A 100 14.24 -8.69 5.39
C THR A 100 14.79 -9.21 4.07
N LYS A 101 14.48 -10.45 3.74
CA LYS A 101 14.84 -11.01 2.45
C LYS A 101 14.01 -10.41 1.33
N MET A 102 12.73 -10.20 1.60
CA MET A 102 11.84 -9.57 0.65
C MET A 102 11.82 -8.05 0.82
N GLN A 103 12.79 -7.38 0.22
CA GLN A 103 12.84 -5.93 0.24
C GLN A 103 13.15 -5.37 -1.15
N SER A 104 13.98 -6.09 -1.90
CA SER A 104 14.37 -5.66 -3.23
C SER A 104 13.21 -5.76 -4.22
N ILE A 105 12.55 -6.91 -4.22
CA ILE A 105 11.46 -7.16 -5.16
C ILE A 105 10.32 -6.16 -4.96
N ILE A 106 10.20 -5.65 -3.74
CA ILE A 106 9.21 -4.62 -3.44
C ILE A 106 9.60 -3.28 -4.07
N ARG A 107 10.84 -2.87 -3.85
CA ARG A 107 11.37 -1.65 -4.47
C ARG A 107 11.43 -1.79 -5.99
N ASP A 108 11.63 -3.02 -6.45
CA ASP A 108 11.83 -3.28 -7.88
C ASP A 108 10.51 -3.20 -8.64
N TYR A 109 9.44 -3.67 -8.00
CA TYR A 109 8.14 -3.80 -8.66
C TYR A 109 7.22 -2.64 -8.31
N SER A 110 7.09 -2.37 -7.02
CA SER A 110 6.11 -1.41 -6.53
C SER A 110 6.42 -0.01 -7.02
N ASP A 111 5.39 0.68 -7.50
CA ASP A 111 5.55 2.06 -7.97
C ASP A 111 4.49 2.97 -7.34
N LEU A 112 3.64 2.40 -6.50
CA LEU A 112 2.76 3.19 -5.64
C LEU A 112 2.53 2.49 -4.31
N VAL A 113 2.81 3.20 -3.22
CA VAL A 113 2.75 2.60 -1.89
C VAL A 113 1.51 3.05 -1.13
N ILE A 114 0.81 2.10 -0.54
CA ILE A 114 -0.35 2.40 0.28
C ILE A 114 -0.18 1.89 1.71
N SER A 115 -0.41 2.79 2.67
CA SER A 115 -0.24 2.44 4.08
C SER A 115 -1.29 3.14 4.94
N HIS A 116 -1.58 2.55 6.10
CA HIS A 116 -2.39 3.21 7.11
C HIS A 116 -1.55 4.15 7.98
N ALA A 117 -2.17 5.23 8.43
CA ALA A 117 -1.46 6.24 9.21
C ALA A 117 -1.12 5.71 10.60
N GLY A 118 0.02 5.00 10.69
CA GLY A 118 0.53 4.54 11.97
C GLY A 118 2.01 4.82 12.12
N THR A 119 2.54 4.57 13.31
CA THR A 119 3.94 4.86 13.60
C THR A 119 4.88 4.04 12.71
N GLY A 120 4.74 2.73 12.77
CA GLY A 120 5.58 1.83 12.00
C GLY A 120 5.03 1.62 10.60
N SER A 121 3.72 1.81 10.45
CA SER A 121 3.06 1.61 9.18
C SER A 121 3.54 2.61 8.14
N ILE A 122 3.55 3.89 8.52
CA ILE A 122 4.07 4.95 7.65
C ILE A 122 5.56 4.78 7.42
N LEU A 123 6.30 4.51 8.49
CA LEU A 123 7.75 4.41 8.42
C LEU A 123 8.18 3.28 7.49
N ASP A 124 7.44 2.18 7.53
CA ASP A 124 7.72 1.05 6.66
C ASP A 124 7.36 1.37 5.21
N SER A 125 6.31 2.16 5.02
CA SER A 125 5.89 2.59 3.70
C SER A 125 6.78 3.69 3.15
N LEU A 126 7.60 4.27 4.03
CA LEU A 126 8.60 5.25 3.63
C LEU A 126 9.95 4.57 3.36
N ARG A 127 9.93 3.25 3.32
CA ARG A 127 11.10 2.49 2.89
C ARG A 127 11.27 2.56 1.38
N LEU A 128 10.22 3.01 0.69
CA LEU A 128 10.31 3.28 -0.74
C LEU A 128 10.27 4.77 -1.03
N ASN A 129 10.84 5.16 -2.17
CA ASN A 129 10.82 6.56 -2.59
C ASN A 129 9.64 6.85 -3.49
N LYS A 130 8.74 5.88 -3.62
CA LYS A 130 7.57 6.02 -4.48
C LYS A 130 6.47 6.81 -3.78
N PRO A 131 5.64 7.49 -4.57
CA PRO A 131 4.53 8.25 -4.03
C PRO A 131 3.69 7.42 -3.07
N LEU A 132 3.12 8.07 -2.07
CA LEU A 132 2.54 7.38 -0.93
C LEU A 132 1.09 7.76 -0.71
N ILE A 133 0.21 6.77 -0.66
CA ILE A 133 -1.15 6.97 -0.20
C ILE A 133 -1.27 6.61 1.28
N VAL A 134 -1.77 7.56 2.08
CA VAL A 134 -1.93 7.36 3.50
C VAL A 134 -3.40 7.40 3.90
N CYS A 135 -3.89 6.31 4.48
CA CYS A 135 -5.22 6.29 5.07
C CYS A 135 -5.19 6.76 6.52
N VAL A 136 -5.76 7.93 6.77
CA VAL A 136 -5.59 8.61 8.04
C VAL A 136 -6.17 7.79 9.19
N ASN A 137 -5.72 8.09 10.40
CA ASN A 137 -6.12 7.32 11.58
C ASN A 137 -7.30 7.98 12.29
N ASP A 138 -7.84 7.29 13.28
CA ASP A 138 -8.90 7.85 14.11
C ASP A 138 -8.37 8.22 15.50
N SER A 139 -7.31 7.55 15.92
CA SER A 139 -6.70 7.81 17.21
C SER A 139 -5.89 9.10 17.18
N LEU A 140 -5.61 9.59 15.98
CA LEU A 140 -4.95 10.88 15.81
C LEU A 140 -5.84 12.02 16.28
N MET A 141 -5.22 13.05 16.86
CA MET A 141 -5.95 14.24 17.28
C MET A 141 -6.47 15.02 16.08
N ASP A 142 -7.48 15.86 16.32
CA ASP A 142 -8.01 16.74 15.28
C ASP A 142 -6.90 17.55 14.63
N ASN A 143 -5.94 18.00 15.43
CA ASN A 143 -4.80 18.73 14.92
C ASN A 143 -3.89 17.82 14.10
N HIS A 144 -3.71 16.59 14.57
CA HIS A 144 -2.89 15.61 13.87
C HIS A 144 -3.43 15.35 12.47
N GLN A 145 -4.74 15.14 12.37
CA GLN A 145 -5.37 14.82 11.10
C GLN A 145 -5.31 16.01 10.14
N GLN A 146 -5.66 17.19 10.65
CA GLN A 146 -5.71 18.39 9.82
C GLN A 146 -4.32 18.77 9.32
N GLN A 147 -3.35 18.77 10.22
CA GLN A 147 -2.03 19.31 9.91
C GLN A 147 -1.27 18.39 8.98
N ILE A 148 -1.38 17.08 9.21
CA ILE A 148 -0.63 16.09 8.43
C ILE A 148 -1.26 15.88 7.06
N ALA A 149 -2.58 16.04 6.99
CA ALA A 149 -3.30 15.98 5.72
C ALA A 149 -2.95 17.17 4.84
N ASP A 150 -2.79 18.34 5.47
CA ASP A 150 -2.36 19.54 4.76
C ASP A 150 -0.90 19.42 4.31
N LYS A 151 -0.11 18.70 5.10
CA LYS A 151 1.30 18.51 4.79
C LYS A 151 1.49 17.46 3.70
N PHE A 152 0.58 16.49 3.66
CA PHE A 152 0.58 15.48 2.62
C PHE A 152 0.55 16.11 1.23
N VAL A 153 -0.31 17.12 1.07
CA VAL A 153 -0.48 17.77 -0.22
C VAL A 153 0.51 18.91 -0.40
N GLU A 154 0.74 19.66 0.67
CA GLU A 154 1.72 20.75 0.65
C GLU A 154 3.07 20.24 0.19
N LEU A 155 3.52 19.13 0.75
CA LEU A 155 4.74 18.46 0.30
C LEU A 155 4.58 17.95 -1.12
N GLY A 156 3.39 17.47 -1.45
CA GLY A 156 3.08 17.03 -2.81
C GLY A 156 3.63 15.64 -3.08
N TYR A 157 3.60 14.78 -2.07
CA TYR A 157 4.08 13.41 -2.21
C TYR A 157 3.02 12.41 -1.79
N VAL A 158 2.09 12.84 -0.93
CA VAL A 158 1.21 11.93 -0.24
C VAL A 158 -0.25 12.25 -0.50
N TRP A 159 -1.07 11.22 -0.67
CA TRP A 159 -2.52 11.39 -0.74
C TRP A 159 -3.17 11.10 0.60
N SER A 160 -4.23 11.84 0.90
CA SER A 160 -4.96 11.66 2.15
C SER A 160 -6.28 10.95 1.92
N CYS A 161 -6.41 9.75 2.47
CA CYS A 161 -7.63 8.96 2.34
C CYS A 161 -8.28 8.71 3.69
N ALA A 162 -9.58 8.40 3.66
CA ALA A 162 -10.32 8.14 4.89
C ALA A 162 -10.18 6.69 5.33
N PRO A 163 -10.37 6.44 6.62
CA PRO A 163 -10.24 5.10 7.17
C PRO A 163 -11.48 4.26 6.87
N THR A 164 -11.67 3.94 5.59
CA THR A 164 -12.76 3.06 5.18
C THR A 164 -12.51 2.48 3.80
N GLU A 165 -13.43 1.64 3.34
CA GLU A 165 -13.25 0.92 2.08
C GLU A 165 -13.20 1.88 0.90
N THR A 166 -14.09 2.86 0.89
CA THR A 166 -14.18 3.80 -0.21
C THR A 166 -13.03 4.79 -0.18
N GLY A 167 -12.40 4.93 0.99
CA GLY A 167 -11.21 5.76 1.12
C GLY A 167 -10.00 5.13 0.44
N LEU A 168 -9.85 3.82 0.62
CA LEU A 168 -8.84 3.07 -0.09
C LEU A 168 -9.06 3.13 -1.59
N ILE A 169 -10.29 2.92 -2.01
CA ILE A 169 -10.66 3.03 -3.42
C ILE A 169 -10.40 4.45 -3.94
N ALA A 170 -10.72 5.44 -3.11
CA ALA A 170 -10.55 6.83 -3.49
C ALA A 170 -9.08 7.22 -3.54
N GLY A 171 -8.24 6.39 -2.94
CA GLY A 171 -6.79 6.61 -2.98
C GLY A 171 -6.27 6.55 -4.41
N LEU A 172 -6.66 5.51 -5.14
CA LEU A 172 -6.30 5.38 -6.55
C LEU A 172 -7.00 6.42 -7.40
N ARG A 173 -8.22 6.76 -7.02
CA ARG A 173 -8.96 7.83 -7.68
C ARG A 173 -8.28 9.17 -7.47
N ALA A 174 -7.68 9.35 -6.30
CA ALA A 174 -6.99 10.59 -5.98
C ALA A 174 -5.71 10.74 -6.78
N SER A 175 -4.97 9.64 -6.92
CA SER A 175 -3.76 9.64 -7.73
C SER A 175 -4.09 9.79 -9.21
N GLN A 176 -5.26 9.31 -9.61
CA GLN A 176 -5.74 9.48 -10.98
C GLN A 176 -6.12 10.93 -11.25
N THR A 177 -6.76 11.56 -10.27
CA THR A 177 -7.17 12.95 -10.40
C THR A 177 -5.96 13.88 -10.36
N GLU A 178 -5.06 13.63 -9.43
CA GLU A 178 -3.87 14.47 -9.26
C GLU A 178 -2.65 13.64 -8.90
N LYS A 179 -1.72 13.53 -9.83
CA LYS A 179 -0.49 12.78 -9.61
C LYS A 179 0.52 13.59 -8.80
N LEU A 180 1.22 12.92 -7.89
CA LEU A 180 2.19 13.59 -7.03
C LEU A 180 3.59 13.07 -7.26
N LYS A 181 4.57 13.72 -6.65
CA LYS A 181 5.98 13.45 -6.93
C LYS A 181 6.52 12.36 -6.02
N PRO A 182 7.60 11.71 -6.44
CA PRO A 182 8.32 10.77 -5.59
C PRO A 182 9.06 11.48 -4.48
N PHE A 183 9.50 10.73 -3.48
CA PHE A 183 10.17 11.29 -2.32
C PHE A 183 11.64 11.60 -2.61
N PRO A 184 12.03 12.85 -2.37
CA PRO A 184 13.42 13.25 -2.53
C PRO A 184 14.27 12.76 -1.37
N VAL A 185 13.62 12.36 -0.29
CA VAL A 185 14.32 11.96 0.92
C VAL A 185 15.06 10.65 0.72
N SER A 186 16.36 10.64 1.05
CA SER A 186 17.19 9.47 0.84
C SER A 186 17.67 8.89 2.16
N HIS A 187 17.18 9.45 3.27
CA HIS A 187 17.58 9.02 4.60
C HIS A 187 16.39 8.52 5.39
N ASN A 188 16.59 7.45 6.16
CA ASN A 188 15.52 6.85 6.94
C ASN A 188 15.12 7.76 8.10
N PRO A 189 16.12 8.28 8.81
CA PRO A 189 15.88 9.22 9.90
C PRO A 189 15.05 10.41 9.42
N SER A 190 15.32 10.86 8.20
CA SER A 190 14.61 12.00 7.62
C SER A 190 13.17 11.62 7.26
N PHE A 191 13.01 10.41 6.75
CA PHE A 191 11.68 9.88 6.47
C PHE A 191 10.81 9.88 7.72
N GLU A 192 11.39 9.41 8.83
CA GLU A 192 10.67 9.39 10.10
C GLU A 192 10.33 10.79 10.57
N ARG A 193 11.30 11.69 10.52
CA ARG A 193 11.12 13.06 10.99
C ARG A 193 10.20 13.84 10.07
N LEU A 194 10.04 13.36 8.84
CA LEU A 194 9.19 14.02 7.86
C LEU A 194 7.72 13.89 8.24
N LEU A 195 7.24 12.66 8.30
CA LEU A 195 5.82 12.38 8.47
C LEU A 195 5.53 11.77 9.84
N VAL A 196 6.39 10.86 10.26
CA VAL A 196 6.10 10.00 11.41
C VAL A 196 6.17 10.78 12.71
N GLU A 197 7.15 11.66 12.82
CA GLU A 197 7.33 12.47 14.01
C GLU A 197 6.31 13.61 14.06
N THR A 198 5.87 14.05 12.88
CA THR A 198 5.02 15.23 12.78
C THR A 198 3.54 14.87 12.90
N ILE A 199 3.21 13.64 12.52
CA ILE A 199 1.83 13.16 12.62
C ILE A 199 1.44 12.95 14.07
N TYR A 200 2.43 12.83 14.95
CA TYR A 200 2.19 12.76 16.38
C TYR A 200 2.68 14.01 17.08
N SER A 201 2.55 15.16 16.41
CA SER A 201 3.02 16.43 16.96
C SER A 201 2.51 16.63 18.38
N GLY A 1 -5.06 -1.60 -19.69
CA GLY A 1 -5.06 -1.66 -18.24
C GLY A 1 -4.46 -2.96 -17.73
N ILE A 2 -4.67 -4.04 -18.49
CA ILE A 2 -4.16 -5.35 -18.11
C ILE A 2 -2.75 -5.57 -18.67
N ILE A 3 -2.56 -5.17 -19.92
CA ILE A 3 -1.27 -5.35 -20.58
C ILE A 3 -0.17 -4.58 -19.87
N GLU A 4 -0.42 -3.30 -19.60
CA GLU A 4 0.50 -2.49 -18.82
C GLU A 4 0.52 -2.92 -17.36
N GLU A 5 1.71 -3.11 -16.82
CA GLU A 5 1.87 -3.68 -15.49
C GLU A 5 2.38 -2.65 -14.49
N LYS A 6 1.46 -1.99 -13.81
CA LYS A 6 1.81 -1.14 -12.67
C LYS A 6 1.67 -1.91 -11.36
N ALA A 7 2.41 -1.48 -10.35
CA ALA A 7 2.48 -2.22 -9.09
C ALA A 7 2.19 -1.31 -7.90
N LEU A 8 1.41 -1.81 -6.95
CA LEU A 8 1.22 -1.14 -5.67
C LEU A 8 2.02 -1.80 -4.58
N PHE A 9 2.49 -1.00 -3.62
CA PHE A 9 3.14 -1.52 -2.42
C PHE A 9 2.39 -1.12 -1.16
N VAL A 10 1.49 -1.99 -0.71
CA VAL A 10 0.69 -1.71 0.47
C VAL A 10 1.34 -2.32 1.72
N THR A 11 1.76 -1.46 2.64
CA THR A 11 2.34 -1.91 3.90
C THR A 11 1.38 -1.69 5.06
N CYS A 12 1.12 -2.76 5.81
CA CYS A 12 0.27 -2.68 6.99
C CYS A 12 1.09 -2.78 8.27
N GLY A 13 0.48 -2.37 9.38
CA GLY A 13 1.17 -2.39 10.67
C GLY A 13 1.07 -3.76 11.33
N ALA A 14 1.51 -3.83 12.58
CA ALA A 14 1.46 -5.08 13.34
C ALA A 14 0.39 -5.03 14.42
N THR A 15 -0.55 -4.09 14.27
CA THR A 15 -1.56 -3.86 15.30
C THR A 15 -2.96 -3.96 14.71
N VAL A 16 -3.32 -2.99 13.88
CA VAL A 16 -4.67 -2.91 13.31
C VAL A 16 -5.01 -4.17 12.54
N PRO A 17 -6.17 -4.75 12.84
CA PRO A 17 -6.63 -5.95 12.14
C PRO A 17 -6.58 -5.76 10.63
N PHE A 18 -5.99 -6.73 9.95
CA PHE A 18 -5.92 -6.71 8.49
C PHE A 18 -7.30 -6.95 7.87
N PRO A 19 -8.08 -7.81 8.51
CA PRO A 19 -9.46 -8.04 8.10
C PRO A 19 -10.24 -6.74 8.00
N LYS A 20 -9.71 -5.69 8.62
CA LYS A 20 -10.28 -4.35 8.50
C LYS A 20 -9.61 -3.55 7.39
N LEU A 21 -8.31 -3.82 7.18
CA LEU A 21 -7.51 -3.02 6.28
C LEU A 21 -7.43 -3.65 4.89
N VAL A 22 -6.86 -4.84 4.82
CA VAL A 22 -6.52 -5.45 3.53
C VAL A 22 -7.75 -6.06 2.86
N SER A 23 -8.81 -6.25 3.65
CA SER A 23 -10.08 -6.72 3.11
C SER A 23 -10.63 -5.73 2.08
N CYS A 24 -10.29 -4.46 2.24
CA CYS A 24 -10.68 -3.44 1.28
C CYS A 24 -9.65 -3.31 0.17
N VAL A 25 -8.39 -3.59 0.50
CA VAL A 25 -7.33 -3.68 -0.51
C VAL A 25 -7.57 -4.85 -1.45
N LEU A 26 -8.29 -5.87 -0.96
CA LEU A 26 -8.67 -7.00 -1.79
C LEU A 26 -10.14 -6.95 -2.16
N SER A 27 -10.68 -5.74 -2.21
CA SER A 27 -12.09 -5.55 -2.57
C SER A 27 -12.36 -5.96 -4.00
N ASP A 28 -13.56 -6.47 -4.25
CA ASP A 28 -13.98 -6.82 -5.60
C ASP A 28 -14.15 -5.58 -6.47
N GLU A 29 -14.35 -4.44 -5.83
CA GLU A 29 -14.50 -3.17 -6.54
C GLU A 29 -13.17 -2.45 -6.66
N PHE A 30 -12.33 -2.57 -5.63
CA PHE A 30 -10.97 -2.06 -5.68
C PHE A 30 -10.19 -2.67 -6.84
N CYS A 31 -10.23 -3.99 -6.93
CA CYS A 31 -9.46 -4.71 -7.94
C CYS A 31 -9.93 -4.37 -9.34
N GLN A 32 -11.22 -4.12 -9.48
CA GLN A 32 -11.80 -3.71 -10.76
C GLN A 32 -11.22 -2.38 -11.22
N GLU A 33 -11.39 -1.35 -10.39
CA GLU A 33 -10.84 -0.03 -10.69
C GLU A 33 -9.32 -0.07 -10.77
N LEU A 34 -8.72 -0.93 -9.96
CA LEU A 34 -7.26 -1.07 -9.94
C LEU A 34 -6.74 -1.44 -11.32
N ILE A 35 -7.36 -2.44 -11.95
CA ILE A 35 -7.01 -2.83 -13.30
C ILE A 35 -7.22 -1.70 -14.29
N GLN A 36 -8.28 -0.93 -14.09
CA GLN A 36 -8.59 0.21 -14.94
C GLN A 36 -7.54 1.31 -14.78
N TYR A 37 -6.82 1.27 -13.68
CA TYR A 37 -5.76 2.25 -13.41
C TYR A 37 -4.44 1.80 -14.02
N GLY A 38 -4.39 0.55 -14.47
CA GLY A 38 -3.19 0.00 -15.09
C GLY A 38 -2.40 -0.85 -14.10
N PHE A 39 -2.98 -1.05 -12.92
CA PHE A 39 -2.30 -1.78 -11.85
C PHE A 39 -2.74 -3.23 -11.80
N VAL A 40 -1.78 -4.14 -11.90
CA VAL A 40 -2.08 -5.57 -11.90
C VAL A 40 -1.15 -6.32 -10.94
N ARG A 41 -0.16 -5.61 -10.41
CA ARG A 41 0.75 -6.19 -9.43
C ARG A 41 0.52 -5.61 -8.04
N LEU A 42 -0.22 -6.35 -7.22
CA LEU A 42 -0.58 -5.88 -5.88
C LEU A 42 0.31 -6.51 -4.81
N ILE A 43 1.22 -5.72 -4.26
CA ILE A 43 2.07 -6.17 -3.17
C ILE A 43 1.50 -5.75 -1.82
N ILE A 44 1.45 -6.70 -0.89
CA ILE A 44 1.04 -6.40 0.47
C ILE A 44 2.04 -6.93 1.48
N GLN A 45 2.53 -6.04 2.35
CA GLN A 45 3.48 -6.43 3.38
C GLN A 45 2.77 -6.76 4.69
N PHE A 46 2.96 -7.99 5.18
CA PHE A 46 2.33 -8.43 6.41
C PHE A 46 3.01 -7.83 7.63
N GLY A 47 2.32 -7.85 8.76
CA GLY A 47 2.86 -7.31 10.00
C GLY A 47 3.55 -8.40 10.83
N ARG A 48 4.11 -8.00 11.97
CA ARG A 48 4.84 -8.93 12.82
C ARG A 48 3.90 -9.96 13.46
N ASN A 49 2.68 -9.52 13.75
CA ASN A 49 1.74 -10.34 14.51
C ASN A 49 0.73 -11.00 13.60
N TYR A 50 1.03 -11.03 12.30
CA TYR A 50 0.12 -11.60 11.32
C TYR A 50 0.83 -12.61 10.43
N SER A 51 0.14 -13.70 10.11
CA SER A 51 0.69 -14.74 9.26
C SER A 51 0.62 -14.35 7.79
N SER A 52 1.55 -14.89 7.00
CA SER A 52 1.69 -14.49 5.60
C SER A 52 0.73 -15.25 4.71
N GLU A 53 -0.57 -15.01 4.87
CA GLU A 53 -1.58 -15.69 4.09
C GLU A 53 -2.82 -14.81 3.91
N PHE A 54 -3.46 -14.93 2.75
CA PHE A 54 -4.77 -14.32 2.53
C PHE A 54 -5.83 -15.38 2.28
N GLU A 55 -5.61 -16.57 2.81
CA GLU A 55 -6.46 -17.72 2.50
C GLU A 55 -7.93 -17.39 2.70
N HIS A 56 -8.23 -16.75 3.83
CA HIS A 56 -9.61 -16.45 4.18
C HIS A 56 -10.24 -15.49 3.18
N LEU A 57 -9.60 -14.35 2.97
CA LEU A 57 -10.18 -13.26 2.19
C LEU A 57 -10.26 -13.63 0.72
N VAL A 58 -9.22 -14.30 0.22
CA VAL A 58 -9.14 -14.66 -1.18
C VAL A 58 -10.18 -15.71 -1.55
N GLN A 59 -10.32 -16.73 -0.69
CA GLN A 59 -11.35 -17.74 -0.87
C GLN A 59 -12.74 -17.14 -0.72
N GLU A 60 -12.86 -16.14 0.16
CA GLU A 60 -14.10 -15.41 0.31
C GLU A 60 -14.44 -14.62 -0.94
N ARG A 61 -13.42 -14.01 -1.55
CA ARG A 61 -13.61 -13.22 -2.75
C ARG A 61 -13.81 -14.11 -3.98
N GLY A 62 -13.36 -15.36 -3.87
CA GLY A 62 -13.58 -16.34 -4.93
C GLY A 62 -12.38 -16.40 -5.88
N GLY A 63 -11.20 -16.14 -5.35
CA GLY A 63 -9.97 -16.18 -6.14
C GLY A 63 -9.29 -17.54 -6.01
N GLN A 64 -8.03 -17.60 -6.44
CA GLN A 64 -7.26 -18.84 -6.37
C GLN A 64 -5.92 -18.62 -5.65
N ARG A 65 -5.73 -19.33 -4.56
CA ARG A 65 -4.49 -19.23 -3.79
C ARG A 65 -3.34 -19.94 -4.49
N GLU A 66 -2.14 -19.37 -4.36
CA GLU A 66 -0.94 -20.00 -4.90
C GLU A 66 0.23 -19.88 -3.92
N SER A 67 0.26 -20.78 -2.94
CA SER A 67 1.35 -20.82 -1.98
C SER A 67 2.68 -21.15 -2.65
N GLN A 68 3.54 -20.14 -2.79
CA GLN A 68 4.78 -20.29 -3.54
C GLN A 68 5.99 -20.02 -2.65
N LYS A 69 7.17 -20.12 -3.24
CA LYS A 69 8.41 -19.88 -2.50
C LYS A 69 9.23 -18.77 -3.16
N ILE A 70 8.99 -17.54 -2.72
CA ILE A 70 9.72 -16.39 -3.24
C ILE A 70 11.21 -16.49 -2.92
N PRO A 71 12.04 -16.31 -3.94
CA PRO A 71 13.48 -16.48 -3.79
C PRO A 71 14.11 -15.28 -3.10
N ILE A 72 15.16 -15.52 -2.31
CA ILE A 72 15.89 -14.46 -1.65
C ILE A 72 16.99 -13.91 -2.54
N ASP A 73 17.66 -14.80 -3.27
CA ASP A 73 18.77 -14.41 -4.13
C ASP A 73 18.25 -13.67 -5.37
N GLN A 74 17.13 -14.14 -5.91
CA GLN A 74 16.63 -13.64 -7.18
C GLN A 74 15.71 -12.44 -6.97
N PHE A 75 14.75 -12.60 -6.06
CA PHE A 75 13.77 -11.55 -5.81
C PHE A 75 14.22 -10.61 -4.70
N GLY A 76 14.52 -11.19 -3.54
CA GLY A 76 15.08 -10.43 -2.42
C GLY A 76 14.17 -10.49 -1.20
N CYS A 77 13.41 -11.57 -1.09
CA CYS A 77 12.57 -11.79 0.08
C CYS A 77 12.47 -13.28 0.41
N GLY A 78 11.98 -13.58 1.61
CA GLY A 78 11.94 -14.95 2.10
C GLY A 78 10.88 -15.76 1.37
N ASP A 79 10.86 -17.08 1.61
CA ASP A 79 10.01 -17.98 0.87
C ASP A 79 8.69 -18.23 1.60
N THR A 80 8.43 -17.42 2.62
CA THR A 80 7.17 -17.48 3.33
C THR A 80 6.10 -16.65 2.63
N ALA A 81 6.54 -15.80 1.70
CA ALA A 81 5.61 -15.01 0.88
C ALA A 81 4.77 -15.90 -0.02
N ARG A 82 3.53 -15.50 -0.26
CA ARG A 82 2.59 -16.31 -1.02
C ARG A 82 1.98 -15.51 -2.16
N GLN A 83 1.64 -16.21 -3.25
CA GLN A 83 1.00 -15.57 -4.40
C GLN A 83 -0.48 -15.91 -4.45
N TYR A 84 -1.27 -14.99 -5.00
CA TYR A 84 -2.70 -15.18 -5.12
C TYR A 84 -3.24 -14.61 -6.42
N VAL A 85 -4.26 -15.26 -6.99
CA VAL A 85 -4.81 -14.86 -8.27
C VAL A 85 -6.23 -14.33 -8.12
N LEU A 86 -6.43 -13.07 -8.48
CA LEU A 86 -7.76 -12.47 -8.47
C LEU A 86 -8.17 -12.00 -9.86
N MET A 87 -9.46 -11.74 -10.05
CA MET A 87 -9.95 -11.17 -11.29
C MET A 87 -9.69 -12.09 -12.47
N ASN A 88 -9.67 -13.39 -12.21
CA ASN A 88 -9.53 -14.39 -13.27
C ASN A 88 -8.18 -14.27 -13.95
N GLY A 89 -7.15 -13.92 -13.19
CA GLY A 89 -5.78 -13.90 -13.70
C GLY A 89 -5.38 -12.48 -14.10
N LYS A 90 -6.31 -11.54 -13.99
CA LYS A 90 -6.06 -10.16 -14.37
C LYS A 90 -5.32 -9.41 -13.28
N LEU A 91 -5.47 -9.87 -12.04
CA LEU A 91 -4.80 -9.26 -10.91
C LEU A 91 -3.94 -10.27 -10.16
N LYS A 92 -2.65 -9.97 -10.02
CA LYS A 92 -1.74 -10.82 -9.27
C LYS A 92 -1.42 -10.22 -7.90
N VAL A 93 -1.83 -10.92 -6.85
CA VAL A 93 -1.64 -10.43 -5.49
C VAL A 93 -0.62 -11.28 -4.75
N ILE A 94 0.45 -10.63 -4.28
CA ILE A 94 1.52 -11.32 -3.56
C ILE A 94 1.76 -10.69 -2.19
N GLY A 95 1.76 -11.52 -1.15
CA GLY A 95 1.94 -11.03 0.21
C GLY A 95 3.28 -11.48 0.79
N PHE A 96 3.99 -10.55 1.41
CA PHE A 96 5.36 -10.81 1.85
C PHE A 96 5.46 -10.72 3.38
N ASP A 97 6.50 -11.33 3.93
CA ASP A 97 6.67 -11.41 5.37
C ASP A 97 7.11 -10.07 5.94
N PHE A 98 7.10 -9.96 7.27
CA PHE A 98 7.46 -8.72 7.94
C PHE A 98 8.97 -8.59 8.09
N SER A 99 9.53 -7.55 7.47
CA SER A 99 10.96 -7.28 7.59
C SER A 99 11.31 -5.94 6.96
N THR A 100 12.18 -5.18 7.63
CA THR A 100 12.70 -3.93 7.08
C THR A 100 13.83 -4.19 6.10
N LYS A 101 14.36 -5.41 6.13
CA LYS A 101 15.38 -5.82 5.17
C LYS A 101 14.76 -6.31 3.87
N MET A 102 13.58 -6.90 3.98
CA MET A 102 12.87 -7.41 2.81
C MET A 102 12.25 -6.27 2.01
N GLN A 103 11.62 -5.33 2.71
CA GLN A 103 10.85 -4.27 2.06
C GLN A 103 11.77 -3.29 1.34
N SER A 104 13.04 -3.29 1.72
CA SER A 104 14.03 -2.44 1.09
C SER A 104 14.27 -2.87 -0.36
N ILE A 105 13.93 -4.12 -0.66
CA ILE A 105 14.02 -4.62 -2.03
C ILE A 105 12.64 -4.71 -2.68
N ILE A 106 11.65 -5.12 -1.89
CA ILE A 106 10.28 -5.19 -2.36
C ILE A 106 9.82 -3.84 -2.90
N ARG A 107 10.28 -2.76 -2.28
CA ARG A 107 9.89 -1.41 -2.69
C ARG A 107 10.34 -1.11 -4.10
N ASP A 108 11.32 -1.88 -4.58
CA ASP A 108 11.86 -1.68 -5.92
C ASP A 108 10.93 -2.25 -6.99
N TYR A 109 9.92 -2.98 -6.54
CA TYR A 109 8.96 -3.58 -7.45
C TYR A 109 7.60 -2.90 -7.35
N SER A 110 7.61 -1.58 -7.23
CA SER A 110 6.38 -0.81 -7.01
C SER A 110 6.42 0.52 -7.75
N ASP A 111 5.24 1.05 -8.06
CA ASP A 111 5.14 2.35 -8.71
C ASP A 111 4.48 3.37 -7.79
N LEU A 112 3.56 2.90 -6.95
CA LEU A 112 2.91 3.76 -5.97
C LEU A 112 2.83 3.10 -4.60
N VAL A 113 3.19 3.84 -3.57
CA VAL A 113 3.36 3.27 -2.24
C VAL A 113 2.19 3.63 -1.33
N ILE A 114 1.66 2.63 -0.63
CA ILE A 114 0.51 2.83 0.24
C ILE A 114 0.80 2.38 1.67
N SER A 115 0.40 3.20 2.63
CA SER A 115 0.65 2.91 4.04
C SER A 115 -0.65 2.90 4.84
N HIS A 116 -0.74 1.96 5.79
CA HIS A 116 -1.79 2.00 6.79
C HIS A 116 -1.25 2.41 8.15
N ALA A 117 -1.13 3.72 8.36
CA ALA A 117 -0.58 4.25 9.61
C ALA A 117 0.80 3.67 9.88
N GLY A 118 1.70 3.79 8.91
CA GLY A 118 3.08 3.39 9.09
C GLY A 118 4.04 4.41 8.51
N THR A 119 5.23 4.49 9.09
CA THR A 119 6.17 5.57 8.76
C THR A 119 7.32 5.03 7.91
N GLY A 120 7.63 3.75 8.06
CA GLY A 120 8.65 3.10 7.25
C GLY A 120 8.25 3.07 5.78
N SER A 121 6.98 2.82 5.53
CA SER A 121 6.45 2.84 4.17
C SER A 121 6.52 4.24 3.56
N ILE A 122 6.24 5.24 4.37
CA ILE A 122 6.34 6.63 3.94
C ILE A 122 7.77 6.97 3.53
N LEU A 123 8.73 6.55 4.34
CA LEU A 123 10.14 6.76 4.04
C LEU A 123 10.51 6.11 2.71
N ASP A 124 10.03 4.89 2.50
CA ASP A 124 10.27 4.18 1.25
C ASP A 124 9.72 4.96 0.05
N SER A 125 8.50 5.47 0.20
CA SER A 125 7.85 6.24 -0.86
C SER A 125 8.67 7.48 -1.22
N LEU A 126 9.19 8.16 -0.20
CA LEU A 126 9.93 9.39 -0.40
C LEU A 126 11.32 9.12 -0.98
N ARG A 127 11.88 7.97 -0.62
CA ARG A 127 13.16 7.55 -1.16
C ARG A 127 13.03 7.11 -2.61
N LEU A 128 11.85 6.57 -2.96
CA LEU A 128 11.56 6.20 -4.33
C LEU A 128 11.07 7.40 -5.14
N ASN A 129 10.65 8.45 -4.44
CA ASN A 129 10.06 9.62 -5.08
C ASN A 129 8.74 9.27 -5.76
N LYS A 130 7.99 8.37 -5.14
CA LYS A 130 6.72 7.92 -5.69
C LYS A 130 5.54 8.40 -4.86
N PRO A 131 4.36 8.42 -5.46
CA PRO A 131 3.16 8.93 -4.80
C PRO A 131 2.90 8.19 -3.50
N LEU A 132 2.38 8.91 -2.51
CA LEU A 132 2.16 8.34 -1.19
C LEU A 132 0.69 8.43 -0.80
N ILE A 133 0.07 7.27 -0.55
CA ILE A 133 -1.31 7.21 -0.12
C ILE A 133 -1.43 6.53 1.24
N VAL A 134 -2.11 7.21 2.17
CA VAL A 134 -2.35 6.64 3.50
C VAL A 134 -3.83 6.40 3.74
N CYS A 135 -4.18 5.17 4.10
CA CYS A 135 -5.58 4.81 4.35
C CYS A 135 -5.77 4.35 5.79
N VAL A 136 -6.71 4.99 6.50
CA VAL A 136 -6.86 4.79 7.92
C VAL A 136 -7.76 3.59 8.23
N ASN A 137 -7.84 3.22 9.50
CA ASN A 137 -8.56 2.02 9.90
C ASN A 137 -10.00 2.34 10.26
N ASP A 138 -10.75 1.31 10.65
CA ASP A 138 -12.19 1.42 10.76
C ASP A 138 -12.60 2.17 12.03
N SER A 139 -11.64 2.32 12.95
CA SER A 139 -11.92 2.94 14.24
C SER A 139 -12.22 4.42 14.08
N LEU A 140 -11.84 4.99 12.94
CA LEU A 140 -12.11 6.39 12.64
C LEU A 140 -13.31 6.53 11.72
N MET A 141 -14.03 7.64 11.86
CA MET A 141 -15.25 7.87 11.09
C MET A 141 -14.96 8.68 9.84
N ASP A 142 -15.91 9.53 9.47
CA ASP A 142 -15.79 10.33 8.25
C ASP A 142 -15.27 11.73 8.57
N ASN A 143 -15.74 12.30 9.67
CA ASN A 143 -15.23 13.57 10.16
C ASN A 143 -13.78 13.45 10.61
N HIS A 144 -13.42 12.28 11.11
CA HIS A 144 -12.03 11.98 11.47
C HIS A 144 -11.14 12.00 10.23
N GLN A 145 -11.59 11.33 9.19
CA GLN A 145 -10.81 11.25 7.94
C GLN A 145 -10.74 12.61 7.25
N GLN A 146 -11.79 13.40 7.41
CA GLN A 146 -11.83 14.74 6.85
C GLN A 146 -10.76 15.63 7.48
N GLN A 147 -10.69 15.61 8.80
CA GLN A 147 -9.70 16.39 9.53
C GLN A 147 -8.28 15.91 9.22
N ILE A 148 -8.13 14.61 9.03
CA ILE A 148 -6.85 14.04 8.62
C ILE A 148 -6.46 14.51 7.22
N ALA A 149 -7.41 14.45 6.29
CA ALA A 149 -7.17 14.87 4.92
C ALA A 149 -6.84 16.37 4.85
N ASP A 150 -7.50 17.15 5.71
CA ASP A 150 -7.27 18.59 5.75
C ASP A 150 -5.81 18.91 6.00
N LYS A 151 -5.13 18.05 6.76
CA LYS A 151 -3.75 18.28 7.15
C LYS A 151 -2.78 17.59 6.20
N PHE A 152 -3.22 16.46 5.64
CA PHE A 152 -2.44 15.76 4.64
C PHE A 152 -2.34 16.57 3.34
N VAL A 153 -3.35 17.40 3.10
CA VAL A 153 -3.29 18.37 2.00
C VAL A 153 -2.30 19.48 2.31
N GLU A 154 -2.26 19.92 3.56
CA GLU A 154 -1.28 20.90 4.00
C GLU A 154 0.14 20.36 3.88
N LEU A 155 0.29 19.05 4.12
CA LEU A 155 1.56 18.38 3.91
C LEU A 155 1.93 18.37 2.42
N GLY A 156 0.99 17.95 1.59
CA GLY A 156 1.11 18.14 0.14
C GLY A 156 2.00 17.07 -0.47
N TYR A 157 2.19 15.97 0.26
CA TYR A 157 2.97 14.84 -0.25
C TYR A 157 2.32 13.52 0.14
N VAL A 158 1.11 13.59 0.67
CA VAL A 158 0.42 12.40 1.16
C VAL A 158 -1.09 12.53 0.99
N TRP A 159 -1.72 11.47 0.49
CA TRP A 159 -3.17 11.45 0.34
C TRP A 159 -3.83 10.72 1.50
N SER A 160 -5.06 11.12 1.83
CA SER A 160 -5.83 10.46 2.88
C SER A 160 -7.02 9.72 2.29
N CYS A 161 -7.13 8.44 2.62
CA CYS A 161 -8.26 7.62 2.19
C CYS A 161 -9.10 7.17 3.37
N ALA A 162 -10.42 7.09 3.16
CA ALA A 162 -11.34 6.63 4.19
C ALA A 162 -11.25 5.11 4.36
N PRO A 163 -11.67 4.62 5.52
CA PRO A 163 -11.63 3.20 5.83
C PRO A 163 -12.78 2.46 5.17
N THR A 164 -12.81 2.50 3.83
CA THR A 164 -13.83 1.79 3.08
C THR A 164 -13.21 1.03 1.91
N GLU A 165 -14.06 0.41 1.08
CA GLU A 165 -13.62 -0.22 -0.14
C GLU A 165 -13.59 0.78 -1.30
N THR A 166 -13.81 2.05 -0.99
CA THR A 166 -13.84 3.09 -2.00
C THR A 166 -12.86 4.21 -1.66
N GLY A 167 -12.47 4.29 -0.39
CA GLY A 167 -11.57 5.35 0.07
C GLY A 167 -10.22 5.26 -0.62
N LEU A 168 -9.65 4.06 -0.67
CA LEU A 168 -8.36 3.84 -1.29
C LEU A 168 -8.43 4.05 -2.80
N ILE A 169 -9.58 3.73 -3.37
CA ILE A 169 -9.83 4.00 -4.80
C ILE A 169 -9.75 5.49 -5.09
N ALA A 170 -10.37 6.29 -4.23
CA ALA A 170 -10.35 7.74 -4.37
C ALA A 170 -8.92 8.28 -4.28
N GLY A 171 -8.13 7.68 -3.40
CA GLY A 171 -6.74 8.07 -3.22
C GLY A 171 -5.93 7.81 -4.49
N LEU A 172 -6.19 6.66 -5.12
CA LEU A 172 -5.51 6.30 -6.36
C LEU A 172 -5.85 7.27 -7.48
N ARG A 173 -7.09 7.74 -7.48
CA ARG A 173 -7.51 8.79 -8.42
C ARG A 173 -6.86 10.11 -8.09
N ALA A 174 -6.72 10.40 -6.80
CA ALA A 174 -6.15 11.67 -6.35
C ALA A 174 -4.69 11.78 -6.76
N SER A 175 -3.98 10.65 -6.73
CA SER A 175 -2.56 10.63 -7.09
C SER A 175 -2.38 10.97 -8.57
N GLN A 176 -3.44 10.81 -9.35
CA GLN A 176 -3.38 11.07 -10.78
C GLN A 176 -3.98 12.43 -11.11
N THR A 177 -4.90 12.88 -10.27
CA THR A 177 -5.55 14.17 -10.46
C THR A 177 -4.59 15.33 -10.18
N GLU A 178 -3.87 15.22 -9.07
CA GLU A 178 -2.95 16.28 -8.65
C GLU A 178 -1.55 15.72 -8.39
N LYS A 179 -0.56 16.60 -8.41
CA LYS A 179 0.82 16.19 -8.17
C LYS A 179 1.20 16.39 -6.71
N LEU A 180 2.26 15.69 -6.28
CA LEU A 180 2.74 15.80 -4.91
C LEU A 180 4.11 16.44 -4.85
N LYS A 181 4.42 17.04 -3.71
CA LYS A 181 5.72 17.69 -3.52
C LYS A 181 6.69 16.77 -2.77
N PRO A 182 7.98 17.01 -2.97
CA PRO A 182 9.01 16.21 -2.31
C PRO A 182 9.06 16.52 -0.81
N PHE A 183 9.60 15.59 -0.04
CA PHE A 183 9.73 15.77 1.40
C PHE A 183 11.08 15.26 1.90
N PRO A 184 12.07 16.14 1.90
CA PRO A 184 13.44 15.75 2.20
C PRO A 184 13.56 15.16 3.59
N VAL A 185 12.73 15.66 4.51
CA VAL A 185 12.78 15.23 5.91
C VAL A 185 12.49 13.74 6.03
N SER A 186 13.45 13.00 6.57
CA SER A 186 13.41 11.55 6.55
C SER A 186 13.59 10.97 7.94
N HIS A 187 13.15 11.71 8.94
CA HIS A 187 13.30 11.29 10.34
C HIS A 187 12.09 10.48 10.80
N ASN A 188 12.30 9.61 11.76
CA ASN A 188 11.24 8.73 12.26
C ASN A 188 10.14 9.54 12.92
N PRO A 189 10.52 10.40 13.86
CA PRO A 189 9.55 11.17 14.63
C PRO A 189 8.92 12.27 13.78
N SER A 190 9.59 12.63 12.70
CA SER A 190 9.08 13.64 11.78
C SER A 190 7.90 13.10 10.99
N PHE A 191 7.78 11.77 10.92
CA PHE A 191 6.62 11.13 10.32
C PHE A 191 5.53 10.89 11.36
N GLU A 192 5.93 10.39 12.53
CA GLU A 192 4.99 10.13 13.60
C GLU A 192 4.18 11.37 13.95
N ARG A 193 4.85 12.52 14.00
CA ARG A 193 4.22 13.76 14.43
C ARG A 193 3.31 14.32 13.35
N LEU A 194 3.50 13.85 12.12
CA LEU A 194 2.69 14.30 11.00
C LEU A 194 1.66 13.24 10.62
N LEU A 195 1.89 12.01 11.06
CA LEU A 195 1.05 10.88 10.68
C LEU A 195 0.21 10.40 11.84
N VAL A 196 0.88 9.97 12.91
CA VAL A 196 0.21 9.34 14.04
C VAL A 196 -0.57 10.36 14.86
N GLU A 197 0.05 11.51 15.10
CA GLU A 197 -0.59 12.58 15.84
C GLU A 197 -1.78 13.15 15.08
N THR A 198 -1.71 13.10 13.75
CA THR A 198 -2.79 13.57 12.90
C THR A 198 -3.93 12.56 12.86
N ILE A 199 -3.58 11.29 12.60
CA ILE A 199 -4.58 10.25 12.43
C ILE A 199 -5.26 9.90 13.75
N TYR A 200 -4.47 9.82 14.81
CA TYR A 200 -4.98 9.44 16.12
C TYR A 200 -4.85 10.59 17.12
N SER A 201 -5.21 11.78 16.67
CA SER A 201 -5.18 12.96 17.54
C SER A 201 -5.95 12.71 18.83
N GLY A 1 -4.73 -2.35 -20.82
CA GLY A 1 -5.27 -3.59 -20.26
C GLY A 1 -4.46 -4.06 -19.07
N ILE A 2 -4.07 -5.33 -19.10
CA ILE A 2 -3.29 -5.92 -18.01
C ILE A 2 -1.90 -6.32 -18.49
N ILE A 3 -1.50 -5.80 -19.65
CA ILE A 3 -0.17 -6.06 -20.18
C ILE A 3 0.91 -5.43 -19.31
N GLU A 4 0.79 -4.12 -19.07
CA GLU A 4 1.61 -3.43 -18.09
C GLU A 4 1.16 -3.74 -16.67
N GLU A 5 2.06 -4.30 -15.87
CA GLU A 5 1.71 -4.76 -14.53
C GLU A 5 2.31 -3.85 -13.47
N LYS A 6 1.64 -2.74 -13.20
CA LYS A 6 2.04 -1.84 -12.11
C LYS A 6 1.80 -2.49 -10.75
N ALA A 7 2.64 -2.14 -9.78
CA ALA A 7 2.70 -2.86 -8.51
C ALA A 7 2.24 -1.97 -7.37
N LEU A 8 1.33 -2.47 -6.55
CA LEU A 8 1.00 -1.85 -5.26
C LEU A 8 1.89 -2.40 -4.16
N PHE A 9 2.24 -1.55 -3.20
CA PHE A 9 2.93 -1.98 -2.00
C PHE A 9 2.12 -1.65 -0.75
N VAL A 10 1.28 -2.58 -0.33
CA VAL A 10 0.35 -2.35 0.78
C VAL A 10 0.92 -2.88 2.09
N THR A 11 0.90 -2.04 3.11
CA THR A 11 1.28 -2.47 4.46
C THR A 11 0.11 -2.33 5.42
N CYS A 12 0.18 -3.03 6.55
CA CYS A 12 -0.92 -3.06 7.51
C CYS A 12 -0.42 -2.73 8.90
N GLY A 13 -1.32 -2.22 9.74
CA GLY A 13 -0.98 -1.84 11.11
C GLY A 13 -2.00 -2.38 12.10
N ALA A 14 -2.06 -1.76 13.27
CA ALA A 14 -2.90 -2.26 14.37
C ALA A 14 -4.24 -1.56 14.37
N THR A 15 -4.25 -0.28 14.05
CA THR A 15 -5.45 0.55 14.18
C THR A 15 -6.60 -0.01 13.33
N VAL A 16 -6.33 -0.18 12.04
CA VAL A 16 -7.33 -0.74 11.13
C VAL A 16 -7.19 -2.26 11.03
N PRO A 17 -8.30 -2.97 11.22
CA PRO A 17 -8.29 -4.42 11.17
C PRO A 17 -7.64 -4.94 9.89
N PHE A 18 -6.82 -5.97 10.02
CA PHE A 18 -6.10 -6.53 8.88
C PHE A 18 -7.08 -7.08 7.84
N PRO A 19 -8.09 -7.80 8.31
CA PRO A 19 -9.10 -8.37 7.43
C PRO A 19 -9.72 -7.30 6.55
N LYS A 20 -9.96 -6.12 7.13
CA LYS A 20 -10.55 -5.02 6.39
C LYS A 20 -9.57 -4.42 5.40
N LEU A 21 -8.31 -4.30 5.81
CA LEU A 21 -7.27 -3.75 4.96
C LEU A 21 -7.11 -4.56 3.69
N VAL A 22 -7.14 -5.89 3.83
CA VAL A 22 -6.99 -6.78 2.69
C VAL A 22 -8.28 -6.84 1.87
N SER A 23 -9.41 -6.82 2.56
CA SER A 23 -10.71 -6.87 1.88
C SER A 23 -10.89 -5.69 0.94
N CYS A 24 -10.42 -4.52 1.37
CA CYS A 24 -10.61 -3.29 0.60
C CYS A 24 -9.78 -3.32 -0.68
N VAL A 25 -8.52 -3.74 -0.55
CA VAL A 25 -7.61 -3.78 -1.69
C VAL A 25 -7.95 -4.93 -2.63
N LEU A 26 -8.69 -5.90 -2.13
CA LEU A 26 -9.16 -7.01 -2.94
C LEU A 26 -10.64 -6.88 -3.27
N SER A 27 -11.17 -5.68 -3.07
CA SER A 27 -12.59 -5.43 -3.31
C SER A 27 -12.90 -5.35 -4.81
N ASP A 28 -14.13 -5.66 -5.17
CA ASP A 28 -14.56 -5.60 -6.56
C ASP A 28 -14.52 -4.19 -7.10
N GLU A 29 -14.84 -3.22 -6.23
CA GLU A 29 -14.93 -1.82 -6.64
C GLU A 29 -13.55 -1.22 -6.85
N PHE A 30 -12.62 -1.54 -5.93
CA PHE A 30 -11.27 -1.02 -6.00
C PHE A 30 -10.51 -1.62 -7.19
N CYS A 31 -10.60 -2.94 -7.34
CA CYS A 31 -9.89 -3.65 -8.39
C CYS A 31 -10.42 -3.26 -9.77
N GLN A 32 -11.71 -2.93 -9.82
CA GLN A 32 -12.35 -2.58 -11.09
C GLN A 32 -11.59 -1.48 -11.80
N GLU A 33 -11.28 -0.41 -11.08
CA GLU A 33 -10.55 0.71 -11.65
C GLU A 33 -9.04 0.50 -11.58
N LEU A 34 -8.62 -0.28 -10.59
CA LEU A 34 -7.20 -0.56 -10.39
C LEU A 34 -6.58 -1.14 -11.65
N ILE A 35 -7.26 -2.09 -12.28
CA ILE A 35 -6.76 -2.75 -13.47
C ILE A 35 -6.95 -1.88 -14.71
N GLN A 36 -7.70 -0.80 -14.56
CA GLN A 36 -7.86 0.17 -15.63
C GLN A 36 -6.81 1.27 -15.53
N TYR A 37 -6.23 1.43 -14.36
CA TYR A 37 -5.10 2.33 -14.17
C TYR A 37 -3.80 1.69 -14.67
N GLY A 38 -3.77 0.37 -14.67
CA GLY A 38 -2.63 -0.37 -15.21
C GLY A 38 -1.95 -1.20 -14.13
N PHE A 39 -2.64 -1.38 -13.01
CA PHE A 39 -2.10 -2.15 -11.89
C PHE A 39 -2.54 -3.61 -11.97
N VAL A 40 -1.59 -4.52 -11.86
CA VAL A 40 -1.86 -5.94 -11.96
C VAL A 40 -1.12 -6.74 -10.89
N ARG A 41 -0.20 -6.07 -10.20
CA ARG A 41 0.54 -6.69 -9.11
C ARG A 41 0.21 -6.03 -7.78
N LEU A 42 -0.07 -6.84 -6.77
CA LEU A 42 -0.38 -6.34 -5.44
C LEU A 42 0.47 -7.02 -4.38
N ILE A 43 1.39 -6.26 -3.80
CA ILE A 43 2.29 -6.80 -2.78
C ILE A 43 1.83 -6.40 -1.38
N ILE A 44 1.49 -7.40 -0.57
CA ILE A 44 0.93 -7.16 0.75
C ILE A 44 1.84 -7.68 1.85
N GLN A 45 2.19 -6.81 2.80
CA GLN A 45 2.99 -7.21 3.94
C GLN A 45 2.13 -7.74 5.07
N PHE A 46 2.36 -9.00 5.46
CA PHE A 46 1.65 -9.61 6.57
C PHE A 46 2.41 -10.79 7.12
N GLY A 47 1.98 -11.28 8.28
CA GLY A 47 2.72 -12.30 9.01
C GLY A 47 2.58 -13.67 8.36
N ARG A 48 3.16 -14.69 8.99
CA ARG A 48 3.20 -16.03 8.40
C ARG A 48 1.94 -16.80 8.72
N ASN A 49 1.77 -17.18 9.99
CA ASN A 49 0.63 -17.99 10.41
C ASN A 49 -0.31 -17.19 11.30
N TYR A 50 -0.13 -15.87 11.32
CA TYR A 50 -0.91 -15.01 12.19
C TYR A 50 -1.72 -13.99 11.38
N SER A 51 -1.51 -13.99 10.06
CA SER A 51 -2.16 -13.03 9.19
C SER A 51 -2.68 -13.70 7.93
N SER A 52 -2.66 -15.03 7.92
CA SER A 52 -3.18 -15.80 6.79
C SER A 52 -4.70 -15.76 6.76
N GLU A 53 -5.24 -14.60 6.43
CA GLU A 53 -6.69 -14.43 6.35
C GLU A 53 -7.18 -14.56 4.91
N PHE A 54 -6.27 -14.85 4.00
CA PHE A 54 -6.59 -14.94 2.58
C PHE A 54 -7.34 -16.22 2.26
N GLU A 55 -7.35 -17.15 3.21
CA GLU A 55 -8.18 -18.34 3.11
C GLU A 55 -9.65 -18.00 3.34
N HIS A 56 -9.91 -16.78 3.77
CA HIS A 56 -11.27 -16.31 3.96
C HIS A 56 -11.59 -15.14 3.03
N LEU A 57 -10.55 -14.58 2.43
CA LEU A 57 -10.70 -13.37 1.62
C LEU A 57 -10.45 -13.68 0.15
N VAL A 58 -9.72 -14.76 -0.12
CA VAL A 58 -9.45 -15.19 -1.48
C VAL A 58 -10.10 -16.54 -1.78
N GLN A 59 -9.82 -17.52 -0.92
CA GLN A 59 -10.35 -18.86 -1.12
C GLN A 59 -11.87 -18.88 -1.08
N GLU A 60 -12.44 -18.15 -0.13
CA GLU A 60 -13.89 -18.01 -0.03
C GLU A 60 -14.42 -17.08 -1.11
N ARG A 61 -13.60 -16.13 -1.52
CA ARG A 61 -13.97 -15.23 -2.61
C ARG A 61 -14.15 -15.98 -3.91
N GLY A 62 -13.41 -17.07 -4.08
CA GLY A 62 -13.55 -17.93 -5.24
C GLY A 62 -12.32 -17.84 -6.14
N GLY A 63 -11.23 -17.33 -5.59
CA GLY A 63 -9.98 -17.20 -6.33
C GLY A 63 -9.06 -18.40 -6.09
N GLN A 64 -7.83 -18.28 -6.54
CA GLN A 64 -6.84 -19.33 -6.32
C GLN A 64 -5.71 -18.85 -5.42
N ARG A 65 -4.86 -19.78 -4.99
CA ARG A 65 -3.78 -19.47 -4.07
C ARG A 65 -2.72 -20.56 -4.06
N GLU A 66 -1.46 -20.15 -3.90
CA GLU A 66 -0.35 -21.10 -3.89
C GLU A 66 0.93 -20.43 -3.42
N SER A 67 1.76 -21.17 -2.70
CA SER A 67 3.06 -20.68 -2.26
C SER A 67 4.09 -20.75 -3.39
N GLN A 68 4.87 -19.69 -3.53
CA GLN A 68 5.83 -19.59 -4.63
C GLN A 68 7.23 -19.29 -4.11
N LYS A 69 8.23 -19.72 -4.87
CA LYS A 69 9.62 -19.36 -4.57
C LYS A 69 10.24 -18.60 -5.73
N ILE A 70 10.40 -17.30 -5.55
CA ILE A 70 10.80 -16.42 -6.64
C ILE A 70 12.19 -15.84 -6.42
N PRO A 71 13.02 -15.90 -7.45
CA PRO A 71 14.36 -15.35 -7.39
C PRO A 71 14.33 -13.88 -6.99
N ILE A 72 15.10 -13.54 -5.96
CA ILE A 72 15.23 -12.16 -5.53
C ILE A 72 16.01 -11.33 -6.54
N ASP A 73 17.08 -11.93 -7.08
CA ASP A 73 17.99 -11.19 -7.95
C ASP A 73 17.35 -10.85 -9.28
N GLN A 74 16.30 -11.60 -9.63
CA GLN A 74 15.66 -11.46 -10.93
C GLN A 74 14.40 -10.62 -10.83
N PHE A 75 13.63 -10.83 -9.76
CA PHE A 75 12.32 -10.21 -9.62
C PHE A 75 12.28 -9.30 -8.39
N GLY A 76 12.90 -9.75 -7.31
CA GLY A 76 12.94 -8.97 -6.08
C GLY A 76 12.05 -9.60 -5.00
N CYS A 77 11.33 -10.64 -5.38
CA CYS A 77 10.54 -11.41 -4.42
C CYS A 77 11.37 -12.52 -3.79
N GLY A 78 10.94 -12.97 -2.62
CA GLY A 78 11.70 -13.96 -1.86
C GLY A 78 11.19 -15.37 -2.13
N ASP A 79 11.59 -16.31 -1.28
CA ASP A 79 11.19 -17.70 -1.45
C ASP A 79 10.05 -18.07 -0.51
N THR A 80 9.46 -17.05 0.12
CA THR A 80 8.30 -17.26 0.97
C THR A 80 7.09 -16.50 0.44
N ALA A 81 7.01 -16.38 -0.88
CA ALA A 81 5.96 -15.60 -1.52
C ALA A 81 4.61 -16.32 -1.44
N ARG A 82 3.56 -15.57 -1.12
CA ARG A 82 2.21 -16.11 -1.07
C ARG A 82 1.36 -15.57 -2.22
N GLN A 83 1.17 -16.40 -3.24
CA GLN A 83 0.50 -15.96 -4.46
C GLN A 83 -1.01 -16.17 -4.36
N TYR A 84 -1.77 -15.16 -4.76
CA TYR A 84 -3.22 -15.29 -4.85
C TYR A 84 -3.74 -14.74 -6.17
N VAL A 85 -4.74 -15.42 -6.73
CA VAL A 85 -5.23 -15.08 -8.06
C VAL A 85 -6.69 -14.63 -8.01
N LEU A 86 -6.91 -13.36 -8.34
CA LEU A 86 -8.27 -12.81 -8.37
C LEU A 86 -8.53 -12.08 -9.68
N MET A 87 -9.79 -11.69 -9.89
CA MET A 87 -10.16 -10.94 -11.08
C MET A 87 -9.90 -11.75 -12.34
N ASN A 88 -9.97 -13.07 -12.22
CA ASN A 88 -9.77 -13.96 -13.36
C ASN A 88 -8.34 -13.88 -13.87
N GLY A 89 -7.41 -13.63 -12.96
CA GLY A 89 -5.99 -13.58 -13.30
C GLY A 89 -5.54 -12.15 -13.59
N LYS A 90 -6.48 -11.22 -13.53
CA LYS A 90 -6.18 -9.81 -13.78
C LYS A 90 -5.58 -9.15 -12.53
N LEU A 91 -5.75 -9.79 -11.39
CA LEU A 91 -5.12 -9.33 -10.15
C LEU A 91 -4.16 -10.38 -9.60
N LYS A 92 -2.86 -10.09 -9.68
CA LYS A 92 -1.85 -10.98 -9.17
C LYS A 92 -1.33 -10.52 -7.81
N VAL A 93 -1.79 -11.17 -6.75
CA VAL A 93 -1.45 -10.77 -5.39
C VAL A 93 -0.30 -11.60 -4.83
N ILE A 94 0.73 -10.92 -4.33
CA ILE A 94 1.86 -11.60 -3.72
C ILE A 94 2.10 -11.11 -2.30
N GLY A 95 2.05 -12.04 -1.35
CA GLY A 95 2.25 -11.70 0.06
C GLY A 95 3.66 -12.02 0.52
N PHE A 96 4.18 -11.22 1.44
CA PHE A 96 5.46 -11.49 2.06
C PHE A 96 5.38 -11.33 3.58
N ASP A 97 6.18 -12.12 4.29
CA ASP A 97 6.48 -11.85 5.70
C ASP A 97 7.93 -11.43 5.88
N PHE A 98 8.22 -10.17 5.59
CA PHE A 98 9.60 -9.69 5.49
C PHE A 98 9.95 -8.78 6.65
N SER A 99 11.17 -8.93 7.17
CA SER A 99 11.76 -7.94 8.06
C SER A 99 12.32 -6.76 7.29
N THR A 100 12.68 -5.71 8.02
CA THR A 100 13.13 -4.47 7.39
C THR A 100 14.14 -4.74 6.29
N LYS A 101 15.11 -5.61 6.58
CA LYS A 101 16.16 -5.92 5.62
C LYS A 101 15.60 -6.64 4.40
N MET A 102 14.56 -7.42 4.62
CA MET A 102 13.95 -8.22 3.54
C MET A 102 12.93 -7.39 2.77
N GLN A 103 12.56 -6.24 3.32
CA GLN A 103 11.60 -5.35 2.68
C GLN A 103 12.29 -4.44 1.67
N SER A 104 13.62 -4.37 1.75
CA SER A 104 14.39 -3.49 0.89
C SER A 104 14.35 -3.96 -0.56
N ILE A 105 13.99 -5.22 -0.76
CA ILE A 105 13.97 -5.81 -2.09
C ILE A 105 12.57 -5.73 -2.70
N ILE A 106 11.61 -5.31 -1.89
CA ILE A 106 10.25 -5.09 -2.38
C ILE A 106 9.86 -3.62 -2.27
N ARG A 107 10.79 -2.81 -1.78
CA ARG A 107 10.65 -1.35 -1.86
C ARG A 107 10.76 -0.87 -3.29
N ASP A 108 11.72 -1.43 -4.03
CA ASP A 108 11.91 -1.08 -5.43
C ASP A 108 11.07 -1.97 -6.35
N TYR A 109 10.24 -2.82 -5.74
CA TYR A 109 9.31 -3.65 -6.49
C TYR A 109 7.90 -3.07 -6.44
N SER A 110 7.80 -1.75 -6.53
CA SER A 110 6.53 -1.07 -6.33
C SER A 110 6.41 0.15 -7.22
N ASP A 111 5.18 0.56 -7.52
CA ASP A 111 4.93 1.80 -8.22
C ASP A 111 4.06 2.75 -7.39
N LEU A 112 3.15 2.18 -6.62
CA LEU A 112 2.32 2.95 -5.70
C LEU A 112 2.29 2.32 -4.32
N VAL A 113 2.74 3.06 -3.32
CA VAL A 113 2.84 2.55 -1.96
C VAL A 113 1.62 2.95 -1.14
N ILE A 114 1.03 1.97 -0.46
CA ILE A 114 -0.13 2.21 0.38
C ILE A 114 0.13 1.79 1.82
N SER A 115 0.38 2.78 2.68
CA SER A 115 0.95 2.52 4.00
C SER A 115 -0.08 2.79 5.09
N HIS A 116 -0.16 1.87 6.06
CA HIS A 116 -0.99 2.08 7.23
C HIS A 116 -0.42 3.16 8.13
N ALA A 117 -1.30 3.99 8.69
CA ALA A 117 -0.88 5.06 9.59
C ALA A 117 -0.04 4.51 10.74
N GLY A 118 1.07 5.17 11.02
CA GLY A 118 1.90 4.83 12.17
C GLY A 118 2.87 3.71 11.83
N THR A 119 3.39 3.73 10.61
CA THR A 119 4.40 2.76 10.19
C THR A 119 5.64 3.46 9.65
N GLY A 120 6.70 2.70 9.43
CA GLY A 120 7.92 3.21 8.82
C GLY A 120 7.82 3.20 7.29
N SER A 121 6.91 2.39 6.77
CA SER A 121 6.69 2.30 5.33
C SER A 121 6.15 3.61 4.77
N ILE A 122 5.50 4.39 5.63
CA ILE A 122 5.10 5.75 5.27
C ILE A 122 6.31 6.61 4.92
N LEU A 123 7.39 6.44 5.67
CA LEU A 123 8.59 7.24 5.48
C LEU A 123 9.49 6.63 4.41
N ASP A 124 9.28 5.35 4.13
CA ASP A 124 10.04 4.67 3.09
C ASP A 124 9.68 5.20 1.71
N SER A 125 8.39 5.31 1.43
CA SER A 125 7.91 5.80 0.13
C SER A 125 8.44 7.21 -0.13
N LEU A 126 8.58 8.00 0.92
CA LEU A 126 9.18 9.32 0.82
C LEU A 126 10.63 9.23 0.38
N ARG A 127 11.37 8.29 0.96
CA ARG A 127 12.76 8.07 0.59
C ARG A 127 12.89 7.43 -0.77
N LEU A 128 11.81 6.77 -1.21
CA LEU A 128 11.78 6.16 -2.53
C LEU A 128 11.36 7.17 -3.59
N ASN A 129 10.84 8.31 -3.14
CA ASN A 129 10.27 9.30 -4.05
C ASN A 129 9.10 8.71 -4.85
N LYS A 130 8.33 7.85 -4.20
CA LYS A 130 7.21 7.20 -4.86
C LYS A 130 5.88 7.63 -4.27
N PRO A 131 4.84 7.67 -5.10
CA PRO A 131 3.51 8.07 -4.65
C PRO A 131 3.07 7.27 -3.43
N LEU A 132 2.45 7.94 -2.47
CA LEU A 132 2.12 7.34 -1.19
C LEU A 132 0.67 7.60 -0.81
N ILE A 133 -0.10 6.54 -0.63
CA ILE A 133 -1.41 6.64 0.01
C ILE A 133 -1.33 6.25 1.47
N VAL A 134 -1.69 7.19 2.35
CA VAL A 134 -1.63 6.95 3.78
C VAL A 134 -3.01 6.59 4.35
N CYS A 135 -3.14 5.35 4.81
CA CYS A 135 -4.42 4.89 5.35
C CYS A 135 -4.54 5.23 6.83
N VAL A 136 -5.36 6.23 7.13
CA VAL A 136 -5.50 6.72 8.50
C VAL A 136 -6.76 6.16 9.16
N ASN A 137 -6.90 6.41 10.45
CA ASN A 137 -8.05 5.91 11.21
C ASN A 137 -9.36 6.27 10.52
N ASP A 138 -10.18 5.25 10.28
CA ASP A 138 -11.40 5.43 9.50
C ASP A 138 -12.52 6.03 10.33
N SER A 139 -12.21 6.31 11.60
CA SER A 139 -13.13 7.05 12.45
C SER A 139 -13.05 8.54 12.20
N LEU A 140 -12.03 8.96 11.45
CA LEU A 140 -11.86 10.36 11.10
C LEU A 140 -12.88 10.80 10.06
N MET A 141 -13.38 12.02 10.21
CA MET A 141 -14.37 12.56 9.28
C MET A 141 -13.71 12.97 7.96
N ASP A 142 -14.54 13.25 6.97
CA ASP A 142 -14.05 13.68 5.67
C ASP A 142 -13.16 14.92 5.79
N ASN A 143 -13.57 15.84 6.66
CA ASN A 143 -12.79 17.05 6.91
C ASN A 143 -11.49 16.73 7.63
N HIS A 144 -11.53 15.73 8.51
CA HIS A 144 -10.34 15.29 9.23
C HIS A 144 -9.32 14.69 8.29
N GLN A 145 -9.79 13.85 7.36
CA GLN A 145 -8.91 13.17 6.42
C GLN A 145 -8.34 14.15 5.40
N GLN A 146 -9.16 15.12 5.00
CA GLN A 146 -8.72 16.14 4.06
C GLN A 146 -7.71 17.08 4.70
N GLN A 147 -7.95 17.43 5.97
CA GLN A 147 -7.05 18.31 6.70
C GLN A 147 -5.66 17.70 6.82
N ILE A 148 -5.60 16.40 7.05
CA ILE A 148 -4.33 15.67 7.09
C ILE A 148 -3.69 15.65 5.71
N ALA A 149 -4.48 15.38 4.68
CA ALA A 149 -3.98 15.31 3.32
C ALA A 149 -3.47 16.67 2.85
N ASP A 150 -4.10 17.73 3.34
CA ASP A 150 -3.76 19.08 2.92
C ASP A 150 -2.28 19.38 3.15
N LYS A 151 -1.72 18.79 4.22
CA LYS A 151 -0.31 18.96 4.52
C LYS A 151 0.54 17.94 3.75
N PHE A 152 -0.05 16.78 3.47
CA PHE A 152 0.62 15.77 2.65
C PHE A 152 0.72 16.22 1.21
N VAL A 153 -0.15 17.15 0.81
CA VAL A 153 -0.08 17.75 -0.52
C VAL A 153 1.23 18.53 -0.69
N GLU A 154 1.74 19.07 0.40
CA GLU A 154 3.02 19.77 0.38
C GLU A 154 4.17 18.83 0.05
N LEU A 155 3.95 17.54 0.26
CA LEU A 155 4.96 16.53 -0.05
C LEU A 155 5.05 16.29 -1.54
N GLY A 156 3.94 16.49 -2.25
CA GLY A 156 3.95 16.57 -3.71
C GLY A 156 3.30 15.34 -4.32
N TYR A 157 3.31 14.23 -3.58
CA TYR A 157 2.88 12.95 -4.12
C TYR A 157 2.29 12.06 -3.03
N VAL A 158 1.78 12.69 -1.98
CA VAL A 158 1.26 11.95 -0.83
C VAL A 158 -0.16 12.40 -0.50
N TRP A 159 -1.06 11.42 -0.35
CA TRP A 159 -2.45 11.71 0.01
C TRP A 159 -2.90 10.84 1.17
N SER A 160 -3.67 11.42 2.08
CA SER A 160 -4.20 10.70 3.22
C SER A 160 -5.68 10.39 3.04
N CYS A 161 -6.09 9.21 3.48
CA CYS A 161 -7.50 8.83 3.46
C CYS A 161 -7.75 7.60 4.34
N ALA A 162 -9.02 7.35 4.64
CA ALA A 162 -9.42 6.12 5.30
C ALA A 162 -9.41 4.95 4.34
N PRO A 163 -8.90 3.80 4.80
CA PRO A 163 -8.85 2.60 3.98
C PRO A 163 -10.23 1.95 3.88
N THR A 164 -11.14 2.60 3.17
CA THR A 164 -12.48 2.08 2.98
C THR A 164 -12.80 1.87 1.51
N GLU A 165 -14.05 1.51 1.22
CA GLU A 165 -14.50 1.33 -0.15
C GLU A 165 -14.59 2.67 -0.88
N THR A 166 -14.45 3.75 -0.13
CA THR A 166 -14.55 5.10 -0.69
C THR A 166 -13.22 5.83 -0.58
N GLY A 167 -12.56 5.70 0.56
CA GLY A 167 -11.34 6.45 0.85
C GLY A 167 -10.15 5.87 0.09
N LEU A 168 -10.08 4.54 0.05
CA LEU A 168 -8.96 3.86 -0.60
C LEU A 168 -8.94 4.15 -2.09
N ILE A 169 -10.07 3.97 -2.75
CA ILE A 169 -10.19 4.21 -4.18
C ILE A 169 -10.01 5.69 -4.51
N ALA A 170 -10.40 6.55 -3.55
CA ALA A 170 -10.17 7.98 -3.67
C ALA A 170 -8.68 8.30 -3.65
N GLY A 171 -7.93 7.56 -2.84
CA GLY A 171 -6.48 7.69 -2.80
C GLY A 171 -5.85 7.27 -4.12
N LEU A 172 -6.34 6.15 -4.66
CA LEU A 172 -5.87 5.68 -5.96
C LEU A 172 -6.15 6.70 -7.05
N ARG A 173 -7.33 7.30 -7.02
CA ARG A 173 -7.67 8.39 -7.92
C ARG A 173 -6.76 9.58 -7.70
N ALA A 174 -6.48 9.89 -6.44
CA ALA A 174 -5.70 11.07 -6.10
C ALA A 174 -4.24 10.90 -6.50
N SER A 175 -3.79 9.65 -6.59
CA SER A 175 -2.41 9.36 -6.95
C SER A 175 -2.26 9.21 -8.46
N GLN A 176 -3.28 8.68 -9.10
CA GLN A 176 -3.19 8.33 -10.52
C GLN A 176 -3.88 9.36 -11.39
N THR A 177 -5.13 9.68 -11.07
CA THR A 177 -5.92 10.61 -11.87
C THR A 177 -5.46 12.05 -11.66
N GLU A 178 -5.24 12.41 -10.40
CA GLU A 178 -4.71 13.73 -10.07
C GLU A 178 -3.20 13.78 -10.25
N LYS A 179 -2.72 14.83 -10.90
CA LYS A 179 -1.30 14.95 -11.22
C LYS A 179 -0.46 15.10 -9.97
N LEU A 180 0.59 14.29 -9.87
CA LEU A 180 1.54 14.42 -8.77
C LEU A 180 2.82 15.12 -9.23
N LYS A 181 3.52 15.74 -8.29
CA LYS A 181 4.77 16.42 -8.58
C LYS A 181 5.87 16.01 -7.60
N PRO A 182 7.11 16.00 -8.08
CA PRO A 182 8.24 15.62 -7.26
C PRO A 182 8.57 16.69 -6.23
N PHE A 183 9.18 16.28 -5.11
CA PHE A 183 9.56 17.22 -4.06
C PHE A 183 10.55 18.26 -4.58
N PRO A 184 10.16 19.53 -4.48
CA PRO A 184 10.91 20.61 -5.12
C PRO A 184 12.37 20.59 -4.68
N VAL A 185 12.59 20.30 -3.40
CA VAL A 185 13.92 20.37 -2.82
C VAL A 185 14.83 19.26 -3.35
N SER A 186 15.89 19.65 -4.05
CA SER A 186 16.79 18.70 -4.67
C SER A 186 17.95 18.34 -3.74
N HIS A 187 18.05 19.07 -2.63
CA HIS A 187 19.10 18.82 -1.65
C HIS A 187 18.91 17.48 -0.96
N ASN A 188 20.01 16.75 -0.76
CA ASN A 188 19.94 15.37 -0.30
C ASN A 188 19.44 15.29 1.14
N PRO A 189 20.04 16.09 2.01
CA PRO A 189 19.77 16.01 3.44
C PRO A 189 18.47 16.75 3.79
N SER A 190 18.06 17.63 2.90
CA SER A 190 16.80 18.36 3.07
C SER A 190 15.63 17.61 2.45
N PHE A 191 15.92 16.85 1.40
CA PHE A 191 14.91 16.02 0.75
C PHE A 191 14.25 15.08 1.76
N GLU A 192 15.06 14.25 2.40
CA GLU A 192 14.54 13.28 3.36
C GLU A 192 13.98 13.97 4.59
N ARG A 193 14.72 14.92 5.12
CA ARG A 193 14.34 15.61 6.35
C ARG A 193 12.95 16.23 6.24
N LEU A 194 12.80 17.11 5.25
CA LEU A 194 11.59 17.92 5.14
C LEU A 194 10.37 17.04 4.86
N LEU A 195 10.57 15.97 4.09
CA LEU A 195 9.50 15.03 3.81
C LEU A 195 9.00 14.35 5.07
N VAL A 196 9.94 13.92 5.92
CA VAL A 196 9.60 13.24 7.16
C VAL A 196 8.94 14.19 8.14
N GLU A 197 9.49 15.40 8.25
CA GLU A 197 8.99 16.38 9.20
C GLU A 197 7.59 16.87 8.81
N THR A 198 7.37 17.05 7.51
CA THR A 198 6.09 17.55 7.01
C THR A 198 4.99 16.50 7.17
N ILE A 199 5.30 15.27 6.78
CA ILE A 199 4.33 14.18 6.87
C ILE A 199 4.06 13.80 8.32
N TYR A 200 5.02 14.09 9.19
CA TYR A 200 4.84 13.91 10.62
C TYR A 200 3.84 14.91 11.18
N SER A 201 4.05 16.18 10.86
CA SER A 201 3.16 17.25 11.32
C SER A 201 1.74 17.01 10.83
N GLY A 1 2.15 5.53 -16.79
CA GLY A 1 2.60 4.19 -17.19
C GLY A 1 1.45 3.19 -17.14
N ILE A 2 0.79 3.01 -18.26
CA ILE A 2 -0.32 2.07 -18.35
C ILE A 2 0.00 0.92 -19.31
N ILE A 3 1.26 0.80 -19.66
CA ILE A 3 1.71 -0.27 -20.54
C ILE A 3 2.43 -1.36 -19.77
N GLU A 4 3.46 -0.97 -19.03
CA GLU A 4 4.18 -1.90 -18.15
C GLU A 4 3.31 -2.36 -17.00
N GLU A 5 3.29 -3.66 -16.75
CA GLU A 5 2.54 -4.22 -15.63
C GLU A 5 3.04 -3.68 -14.30
N LYS A 6 2.25 -2.80 -13.68
CA LYS A 6 2.68 -2.07 -12.51
C LYS A 6 2.34 -2.82 -11.23
N ALA A 7 3.02 -2.47 -10.14
CA ALA A 7 2.79 -3.11 -8.86
C ALA A 7 2.47 -2.08 -7.77
N LEU A 8 1.53 -2.43 -6.90
CA LEU A 8 1.14 -1.54 -5.81
C LEU A 8 1.51 -2.12 -4.46
N PHE A 9 2.35 -1.39 -3.73
CA PHE A 9 2.75 -1.81 -2.39
C PHE A 9 1.81 -1.24 -1.33
N VAL A 10 1.19 -2.13 -0.56
CA VAL A 10 0.29 -1.71 0.50
C VAL A 10 0.76 -2.22 1.86
N THR A 11 0.93 -1.31 2.80
CA THR A 11 1.26 -1.67 4.18
C THR A 11 0.01 -1.79 5.04
N CYS A 12 -0.11 -2.92 5.73
CA CYS A 12 -1.14 -3.08 6.76
C CYS A 12 -0.53 -3.21 8.14
N GLY A 13 -0.78 -2.22 8.99
CA GLY A 13 -0.11 -2.14 10.28
C GLY A 13 -0.91 -2.85 11.37
N ALA A 14 -0.42 -2.78 12.60
CA ALA A 14 -1.03 -3.51 13.71
C ALA A 14 -2.17 -2.73 14.33
N THR A 15 -3.10 -2.29 13.50
CA THR A 15 -4.29 -1.58 13.98
C THR A 15 -5.56 -2.19 13.40
N VAL A 16 -5.92 -1.77 12.19
CA VAL A 16 -7.18 -2.18 11.58
C VAL A 16 -7.14 -3.65 11.16
N PRO A 17 -8.14 -4.40 11.58
CA PRO A 17 -8.26 -5.80 11.20
C PRO A 17 -8.10 -5.99 9.69
N PHE A 18 -7.27 -6.95 9.30
CA PHE A 18 -6.98 -7.18 7.90
C PHE A 18 -8.21 -7.72 7.17
N PRO A 19 -8.96 -8.57 7.84
CA PRO A 19 -10.24 -9.06 7.29
C PRO A 19 -11.14 -7.90 6.91
N LYS A 20 -10.90 -6.74 7.50
CA LYS A 20 -11.62 -5.52 7.14
C LYS A 20 -10.81 -4.68 6.17
N LEU A 21 -9.52 -4.54 6.45
CA LEU A 21 -8.66 -3.65 5.68
C LEU A 21 -8.27 -4.30 4.35
N VAL A 22 -7.62 -5.45 4.41
CA VAL A 22 -7.14 -6.12 3.22
C VAL A 22 -8.29 -6.50 2.29
N SER A 23 -9.44 -6.80 2.88
CA SER A 23 -10.62 -7.19 2.11
C SER A 23 -11.08 -6.05 1.19
N CYS A 24 -10.77 -4.82 1.58
CA CYS A 24 -11.06 -3.66 0.75
C CYS A 24 -9.95 -3.42 -0.27
N VAL A 25 -8.76 -3.91 0.04
CA VAL A 25 -7.66 -3.92 -0.93
C VAL A 25 -7.88 -4.99 -1.99
N LEU A 26 -8.57 -6.06 -1.61
CA LEU A 26 -8.82 -7.17 -2.52
C LEU A 26 -10.14 -7.00 -3.26
N SER A 27 -10.86 -5.92 -2.94
CA SER A 27 -12.19 -5.71 -3.46
C SER A 27 -12.18 -5.52 -4.96
N ASP A 28 -13.31 -5.78 -5.61
CA ASP A 28 -13.44 -5.59 -7.05
C ASP A 28 -13.30 -4.12 -7.43
N GLU A 29 -13.88 -3.24 -6.61
CA GLU A 29 -13.90 -1.82 -6.90
C GLU A 29 -12.52 -1.21 -6.75
N PHE A 30 -11.79 -1.65 -5.73
CA PHE A 30 -10.42 -1.21 -5.53
C PHE A 30 -9.54 -1.52 -6.73
N CYS A 31 -9.66 -2.73 -7.24
CA CYS A 31 -8.83 -3.19 -8.35
C CYS A 31 -9.42 -2.78 -9.69
N GLN A 32 -10.70 -2.39 -9.67
CA GLN A 32 -11.34 -1.83 -10.85
C GLN A 32 -10.65 -0.55 -11.30
N GLU A 33 -10.13 0.21 -10.33
CA GLU A 33 -9.35 1.41 -10.62
C GLU A 33 -7.94 1.04 -11.08
N LEU A 34 -7.38 0.01 -10.47
CA LEU A 34 -5.99 -0.37 -10.73
C LEU A 34 -5.81 -0.81 -12.17
N ILE A 35 -6.80 -1.49 -12.71
CA ILE A 35 -6.76 -1.96 -14.09
C ILE A 35 -6.91 -0.80 -15.07
N GLN A 36 -7.26 0.36 -14.54
CA GLN A 36 -7.31 1.58 -15.34
C GLN A 36 -6.03 2.38 -15.20
N TYR A 37 -5.14 1.93 -14.32
CA TYR A 37 -3.83 2.54 -14.16
C TYR A 37 -2.72 1.61 -14.62
N GLY A 38 -3.10 0.37 -14.96
CA GLY A 38 -2.14 -0.59 -15.49
C GLY A 38 -1.48 -1.39 -14.38
N PHE A 39 -2.13 -1.44 -13.22
CA PHE A 39 -1.61 -2.18 -12.08
C PHE A 39 -2.24 -3.56 -11.98
N VAL A 40 -1.40 -4.58 -11.82
CA VAL A 40 -1.87 -5.96 -11.78
C VAL A 40 -1.42 -6.66 -10.51
N ARG A 41 -0.22 -6.30 -10.04
CA ARG A 41 0.40 -6.99 -8.92
C ARG A 41 0.21 -6.21 -7.63
N LEU A 42 -0.27 -6.89 -6.59
CA LEU A 42 -0.39 -6.30 -5.27
C LEU A 42 0.64 -6.88 -4.30
N ILE A 43 1.24 -6.01 -3.49
CA ILE A 43 2.24 -6.44 -2.52
C ILE A 43 1.86 -6.01 -1.11
N ILE A 44 1.42 -6.97 -0.30
CA ILE A 44 0.87 -6.67 1.01
C ILE A 44 1.90 -6.91 2.11
N GLN A 45 2.30 -5.84 2.78
CA GLN A 45 3.10 -5.95 4.01
C GLN A 45 2.20 -6.21 5.21
N PHE A 46 2.57 -7.22 6.00
CA PHE A 46 1.77 -7.62 7.15
C PHE A 46 2.38 -7.11 8.45
N GLY A 47 1.62 -6.30 9.18
CA GLY A 47 2.09 -5.76 10.45
C GLY A 47 1.92 -6.77 11.59
N ARG A 48 2.10 -6.31 12.81
CA ARG A 48 2.08 -7.19 13.98
C ARG A 48 0.65 -7.48 14.42
N ASN A 49 0.48 -8.53 15.21
CA ASN A 49 -0.83 -8.90 15.74
C ASN A 49 -1.67 -9.58 14.67
N TYR A 50 -1.10 -9.74 13.48
CA TYR A 50 -1.78 -10.40 12.38
C TYR A 50 -0.85 -11.34 11.63
N SER A 51 -1.40 -12.44 11.13
CA SER A 51 -0.62 -13.43 10.41
C SER A 51 -0.37 -13.00 8.98
N SER A 52 0.65 -13.59 8.35
CA SER A 52 0.97 -13.28 6.97
C SER A 52 0.15 -14.13 6.00
N GLU A 53 -1.17 -14.06 6.16
CA GLU A 53 -2.08 -14.90 5.36
C GLU A 53 -3.49 -14.32 5.35
N PHE A 54 -4.14 -14.41 4.20
CA PHE A 54 -5.52 -13.97 4.06
C PHE A 54 -6.32 -14.90 3.14
N GLU A 55 -6.03 -16.19 3.23
CA GLU A 55 -6.69 -17.17 2.37
C GLU A 55 -8.20 -17.09 2.50
N HIS A 56 -8.67 -16.80 3.71
CA HIS A 56 -10.11 -16.70 3.97
C HIS A 56 -10.77 -15.72 3.01
N LEU A 57 -10.15 -14.55 2.83
CA LEU A 57 -10.72 -13.50 2.02
C LEU A 57 -10.80 -13.91 0.56
N VAL A 58 -9.79 -14.63 0.10
CA VAL A 58 -9.76 -15.13 -1.28
C VAL A 58 -10.75 -16.26 -1.49
N GLN A 59 -10.90 -17.10 -0.47
CA GLN A 59 -11.89 -18.18 -0.50
C GLN A 59 -13.31 -17.62 -0.54
N GLU A 60 -13.52 -16.52 0.18
CA GLU A 60 -14.81 -15.83 0.16
C GLU A 60 -15.04 -15.13 -1.17
N ARG A 61 -13.96 -14.65 -1.78
CA ARG A 61 -14.04 -14.02 -3.10
C ARG A 61 -14.22 -15.08 -4.19
N GLY A 62 -13.77 -16.29 -3.91
CA GLY A 62 -13.96 -17.41 -4.83
C GLY A 62 -12.79 -17.51 -5.80
N GLY A 63 -11.62 -17.07 -5.37
CA GLY A 63 -10.43 -17.11 -6.20
C GLY A 63 -9.57 -18.33 -5.88
N GLN A 64 -8.33 -18.33 -6.39
CA GLN A 64 -7.40 -19.42 -6.14
C GLN A 64 -6.14 -18.92 -5.42
N ARG A 65 -5.23 -19.84 -5.14
CA ARG A 65 -4.00 -19.51 -4.43
C ARG A 65 -3.01 -20.66 -4.49
N GLU A 66 -1.73 -20.32 -4.64
CA GLU A 66 -0.67 -21.32 -4.67
C GLU A 66 0.62 -20.79 -4.05
N SER A 67 1.17 -21.54 -3.11
CA SER A 67 2.41 -21.15 -2.46
C SER A 67 3.59 -21.26 -3.41
N GLN A 68 4.53 -20.32 -3.29
CA GLN A 68 5.67 -20.25 -4.21
C GLN A 68 6.81 -19.44 -3.60
N LYS A 69 8.03 -19.97 -3.73
CA LYS A 69 9.21 -19.29 -3.24
C LYS A 69 9.55 -18.08 -4.11
N ILE A 70 8.78 -17.01 -3.95
CA ILE A 70 8.96 -15.81 -4.76
C ILE A 70 10.35 -15.20 -4.55
N PRO A 71 11.07 -14.99 -5.64
CA PRO A 71 12.44 -14.49 -5.57
C PRO A 71 12.51 -13.19 -4.77
N ILE A 72 13.42 -13.13 -3.82
CA ILE A 72 13.72 -11.89 -3.11
C ILE A 72 14.53 -10.95 -3.97
N ASP A 73 15.18 -11.49 -5.00
CA ASP A 73 16.04 -10.71 -5.88
C ASP A 73 15.22 -10.02 -6.96
N GLN A 74 14.18 -10.70 -7.44
CA GLN A 74 13.30 -10.13 -8.45
C GLN A 74 12.20 -9.29 -7.81
N PHE A 75 11.40 -9.91 -6.96
CA PHE A 75 10.26 -9.24 -6.35
C PHE A 75 10.65 -8.60 -5.02
N GLY A 76 11.20 -9.41 -4.13
CA GLY A 76 11.57 -8.93 -2.80
C GLY A 76 10.81 -9.69 -1.72
N CYS A 77 10.42 -10.93 -2.03
CA CYS A 77 9.72 -11.77 -1.07
C CYS A 77 10.59 -12.92 -0.60
N GLY A 78 10.13 -13.62 0.43
CA GLY A 78 10.90 -14.72 1.01
C GLY A 78 10.48 -16.06 0.42
N ASP A 79 10.88 -17.15 1.06
CA ASP A 79 10.56 -18.49 0.59
C ASP A 79 9.27 -18.99 1.22
N THR A 80 8.57 -18.10 1.91
CA THR A 80 7.26 -18.43 2.47
C THR A 80 6.15 -17.68 1.76
N ALA A 81 6.48 -17.07 0.64
CA ALA A 81 5.53 -16.24 -0.10
C ALA A 81 4.47 -17.10 -0.78
N ARG A 82 3.31 -16.49 -1.03
CA ARG A 82 2.22 -17.19 -1.70
C ARG A 82 1.54 -16.29 -2.73
N GLN A 83 1.23 -16.85 -3.89
CA GLN A 83 0.55 -16.10 -4.94
C GLN A 83 -0.95 -16.34 -4.90
N TYR A 84 -1.71 -15.28 -4.63
CA TYR A 84 -3.16 -15.36 -4.62
C TYR A 84 -3.75 -14.88 -5.95
N VAL A 85 -4.76 -15.59 -6.44
CA VAL A 85 -5.26 -15.38 -7.79
C VAL A 85 -6.70 -14.90 -7.77
N LEU A 86 -6.91 -13.63 -8.09
CA LEU A 86 -8.24 -13.03 -8.05
C LEU A 86 -8.62 -12.46 -9.41
N MET A 87 -9.90 -12.12 -9.57
CA MET A 87 -10.40 -11.57 -10.82
C MET A 87 -10.08 -12.48 -12.00
N ASN A 88 -10.10 -13.79 -11.76
CA ASN A 88 -9.90 -14.77 -12.81
C ASN A 88 -8.51 -14.66 -13.41
N GLY A 89 -7.54 -14.31 -12.57
CA GLY A 89 -6.15 -14.26 -12.98
C GLY A 89 -5.73 -12.84 -13.38
N LYS A 90 -6.69 -11.93 -13.35
CA LYS A 90 -6.43 -10.54 -13.70
C LYS A 90 -5.80 -9.78 -12.54
N LEU A 91 -5.94 -10.32 -11.34
CA LEU A 91 -5.33 -9.74 -10.16
C LEU A 91 -4.38 -10.73 -9.48
N LYS A 92 -3.12 -10.33 -9.34
CA LYS A 92 -2.11 -11.18 -8.73
C LYS A 92 -1.61 -10.58 -7.42
N VAL A 93 -1.99 -11.19 -6.31
CA VAL A 93 -1.68 -10.65 -5.00
C VAL A 93 -0.67 -11.53 -4.26
N ILE A 94 0.46 -10.94 -3.90
CA ILE A 94 1.54 -11.69 -3.26
C ILE A 94 1.56 -11.42 -1.76
N GLY A 95 1.46 -12.50 -0.98
CA GLY A 95 1.67 -12.41 0.46
C GLY A 95 3.00 -13.02 0.87
N PHE A 96 3.60 -12.47 1.93
CA PHE A 96 4.97 -12.81 2.29
C PHE A 96 5.27 -12.37 3.72
N ASP A 97 6.44 -12.77 4.21
CA ASP A 97 6.91 -12.34 5.52
C ASP A 97 7.85 -11.16 5.42
N PHE A 98 7.28 -9.95 5.38
CA PHE A 98 8.08 -8.74 5.24
C PHE A 98 9.24 -8.72 6.22
N SER A 99 10.44 -8.51 5.71
CA SER A 99 11.65 -8.57 6.54
C SER A 99 12.53 -7.34 6.32
N THR A 100 13.53 -7.18 7.17
CA THR A 100 14.42 -6.03 7.09
C THR A 100 15.01 -5.88 5.70
N LYS A 101 15.46 -6.99 5.12
CA LYS A 101 16.08 -6.97 3.81
C LYS A 101 15.09 -6.53 2.74
N MET A 102 13.82 -6.87 2.94
CA MET A 102 12.79 -6.60 1.95
C MET A 102 12.41 -5.12 1.94
N GLN A 103 12.63 -4.46 3.06
CA GLN A 103 12.30 -3.04 3.18
C GLN A 103 12.96 -2.23 2.07
N SER A 104 14.20 -2.58 1.75
CA SER A 104 14.99 -1.81 0.78
C SER A 104 14.84 -2.39 -0.62
N ILE A 105 14.11 -3.49 -0.73
CA ILE A 105 13.99 -4.22 -1.98
C ILE A 105 12.58 -4.12 -2.56
N ILE A 106 11.63 -4.74 -1.87
CA ILE A 106 10.29 -4.93 -2.43
C ILE A 106 9.53 -3.62 -2.52
N ARG A 107 9.92 -2.66 -1.69
CA ARG A 107 9.33 -1.33 -1.73
C ARG A 107 9.78 -0.56 -2.95
N ASP A 108 11.07 -0.68 -3.29
CA ASP A 108 11.59 -0.10 -4.51
C ASP A 108 11.02 -0.80 -5.74
N TYR A 109 10.82 -2.11 -5.64
CA TYR A 109 10.26 -2.90 -6.73
C TYR A 109 8.91 -2.33 -7.15
N SER A 110 8.09 -1.97 -6.18
CA SER A 110 6.74 -1.49 -6.45
C SER A 110 6.76 -0.10 -7.10
N ASP A 111 5.62 0.32 -7.63
CA ASP A 111 5.52 1.61 -8.30
C ASP A 111 4.77 2.62 -7.45
N LEU A 112 3.74 2.15 -6.75
CA LEU A 112 3.04 2.98 -5.76
C LEU A 112 3.27 2.44 -4.36
N VAL A 113 3.32 3.36 -3.39
CA VAL A 113 3.47 2.98 -1.99
C VAL A 113 2.34 3.56 -1.14
N ILE A 114 1.62 2.67 -0.46
CA ILE A 114 0.58 3.10 0.47
C ILE A 114 0.93 2.72 1.91
N SER A 115 1.09 3.74 2.75
CA SER A 115 1.36 3.51 4.16
C SER A 115 0.07 3.46 4.98
N HIS A 116 0.15 2.83 6.14
CA HIS A 116 -1.03 2.66 7.00
C HIS A 116 -0.74 3.12 8.42
N ALA A 117 -1.51 4.11 8.89
CA ALA A 117 -1.39 4.58 10.27
C ALA A 117 0.05 4.98 10.59
N GLY A 118 0.67 5.72 9.68
CA GLY A 118 2.02 6.21 9.89
C GLY A 118 2.65 6.66 8.58
N THR A 119 3.92 7.06 8.64
CA THR A 119 4.64 7.50 7.45
C THR A 119 5.96 6.73 7.28
N GLY A 120 5.99 5.52 7.84
CA GLY A 120 7.19 4.70 7.78
C GLY A 120 7.52 4.31 6.35
N SER A 121 6.51 3.88 5.61
CA SER A 121 6.67 3.53 4.20
C SER A 121 6.80 4.79 3.33
N ILE A 122 6.40 5.93 3.88
CA ILE A 122 6.40 7.18 3.15
C ILE A 122 7.79 7.78 3.08
N LEU A 123 8.51 7.72 4.21
CA LEU A 123 9.86 8.23 4.27
C LEU A 123 10.79 7.46 3.35
N ASP A 124 10.57 6.16 3.23
CA ASP A 124 11.30 5.34 2.28
C ASP A 124 10.87 5.65 0.85
N SER A 125 9.57 5.66 0.60
CA SER A 125 9.04 5.97 -0.72
C SER A 125 9.53 7.33 -1.20
N LEU A 126 9.68 8.26 -0.27
CA LEU A 126 10.29 9.55 -0.57
C LEU A 126 11.68 9.38 -1.15
N ARG A 127 12.47 8.52 -0.53
CA ARG A 127 13.83 8.24 -1.00
C ARG A 127 13.80 7.37 -2.24
N LEU A 128 12.70 6.67 -2.46
CA LEU A 128 12.53 5.82 -3.63
C LEU A 128 11.95 6.59 -4.80
N ASN A 129 11.54 7.84 -4.54
CA ASN A 129 10.96 8.68 -5.57
C ASN A 129 9.64 8.10 -6.07
N LYS A 130 8.89 7.49 -5.17
CA LYS A 130 7.57 6.95 -5.50
C LYS A 130 6.46 7.73 -4.82
N PRO A 131 5.30 7.77 -5.46
CA PRO A 131 4.18 8.59 -4.97
C PRO A 131 3.80 8.18 -3.55
N LEU A 132 3.35 9.16 -2.78
CA LEU A 132 3.19 8.98 -1.34
C LEU A 132 1.72 8.98 -0.94
N ILE A 133 1.16 7.79 -0.78
CA ILE A 133 -0.21 7.64 -0.33
C ILE A 133 -0.28 7.26 1.14
N VAL A 134 -1.02 8.04 1.92
CA VAL A 134 -1.07 7.86 3.36
C VAL A 134 -2.48 7.54 3.83
N CYS A 135 -2.72 6.29 4.19
CA CYS A 135 -4.02 5.85 4.69
C CYS A 135 -4.03 5.78 6.20
N VAL A 136 -4.81 6.66 6.83
CA VAL A 136 -4.90 6.71 8.29
C VAL A 136 -6.34 6.96 8.74
N ASN A 137 -6.80 6.16 9.67
CA ASN A 137 -8.17 6.30 10.19
C ASN A 137 -8.30 7.55 11.05
N ASP A 138 -9.54 7.92 11.36
CA ASP A 138 -9.81 9.10 12.16
C ASP A 138 -9.36 8.90 13.61
N SER A 139 -9.51 7.68 14.10
CA SER A 139 -9.13 7.35 15.47
C SER A 139 -7.62 7.10 15.58
N LEU A 140 -6.98 6.90 14.43
CA LEU A 140 -5.55 6.62 14.39
C LEU A 140 -4.75 7.88 14.11
N MET A 141 -5.37 8.82 13.40
CA MET A 141 -4.68 10.03 12.97
C MET A 141 -4.48 11.00 14.13
N ASP A 142 -3.23 11.40 14.35
CA ASP A 142 -2.91 12.31 15.45
C ASP A 142 -3.24 13.74 15.09
N ASN A 143 -3.17 14.63 16.09
CA ASN A 143 -3.54 16.02 15.90
C ASN A 143 -2.72 16.67 14.80
N HIS A 144 -1.40 16.51 14.88
CA HIS A 144 -0.50 17.00 13.85
C HIS A 144 -0.81 16.37 12.49
N GLN A 145 -1.07 15.07 12.51
CA GLN A 145 -1.34 14.33 11.27
C GLN A 145 -2.63 14.80 10.63
N GLN A 146 -3.58 15.24 11.45
CA GLN A 146 -4.84 15.79 10.96
C GLN A 146 -4.64 17.16 10.35
N GLN A 147 -3.74 17.94 10.93
CA GLN A 147 -3.43 19.27 10.42
C GLN A 147 -2.76 19.20 9.05
N ILE A 148 -1.89 18.21 8.88
CA ILE A 148 -1.16 18.04 7.62
C ILE A 148 -1.95 17.19 6.63
N ALA A 149 -2.97 16.49 7.14
CA ALA A 149 -3.91 15.79 6.28
C ALA A 149 -4.71 16.77 5.42
N ASP A 150 -5.00 17.94 5.98
CA ASP A 150 -5.63 19.01 5.23
C ASP A 150 -4.69 19.55 4.15
N LYS A 151 -3.39 19.56 4.45
CA LYS A 151 -2.39 19.98 3.48
C LYS A 151 -2.24 18.96 2.37
N PHE A 152 -2.37 17.69 2.71
CA PHE A 152 -2.22 16.61 1.74
C PHE A 152 -3.23 16.72 0.61
N VAL A 153 -4.38 17.31 0.93
CA VAL A 153 -5.46 17.44 -0.04
C VAL A 153 -4.98 18.11 -1.32
N GLU A 154 -4.14 19.13 -1.17
CA GLU A 154 -3.73 19.97 -2.28
C GLU A 154 -2.22 19.92 -2.48
N LEU A 155 -1.53 19.24 -1.57
CA LEU A 155 -0.08 19.17 -1.62
C LEU A 155 0.42 18.65 -2.96
N GLY A 156 -0.09 17.49 -3.36
CA GLY A 156 0.22 16.94 -4.68
C GLY A 156 1.19 15.77 -4.56
N TYR A 157 2.06 15.83 -3.55
CA TYR A 157 2.99 14.74 -3.29
C TYR A 157 2.38 13.68 -2.40
N VAL A 158 1.85 14.11 -1.25
CA VAL A 158 1.25 13.19 -0.30
C VAL A 158 -0.27 13.34 -0.27
N TRP A 159 -0.98 12.21 -0.27
CA TRP A 159 -2.43 12.22 -0.29
C TRP A 159 -2.99 11.53 0.95
N SER A 160 -3.96 12.18 1.60
CA SER A 160 -4.60 11.63 2.78
C SER A 160 -5.75 10.71 2.39
N CYS A 161 -5.73 9.49 2.91
CA CYS A 161 -6.77 8.51 2.63
C CYS A 161 -7.24 7.83 3.91
N ALA A 162 -8.33 7.06 3.79
CA ALA A 162 -8.87 6.33 4.93
C ALA A 162 -8.88 4.83 4.66
N PRO A 163 -8.72 4.05 5.72
CA PRO A 163 -8.71 2.58 5.60
C PRO A 163 -10.11 2.03 5.45
N THR A 164 -10.79 2.41 4.37
CA THR A 164 -12.14 1.93 4.10
C THR A 164 -12.29 1.49 2.66
N GLU A 165 -13.49 1.03 2.30
CA GLU A 165 -13.78 0.61 0.94
C GLU A 165 -13.68 1.79 -0.02
N THR A 166 -13.72 3.00 0.52
CA THR A 166 -13.83 4.21 -0.29
C THR A 166 -12.57 5.06 -0.18
N GLY A 167 -11.93 5.02 0.99
CA GLY A 167 -10.73 5.80 1.24
C GLY A 167 -9.53 5.22 0.50
N LEU A 168 -9.47 3.89 0.45
CA LEU A 168 -8.40 3.20 -0.25
C LEU A 168 -8.47 3.46 -1.75
N ILE A 169 -9.68 3.54 -2.27
CA ILE A 169 -9.90 3.91 -3.67
C ILE A 169 -9.61 5.39 -3.89
N ALA A 170 -10.01 6.22 -2.93
CA ALA A 170 -9.78 7.66 -3.01
C ALA A 170 -8.29 7.96 -3.15
N GLY A 171 -7.46 7.15 -2.51
CA GLY A 171 -6.02 7.31 -2.59
C GLY A 171 -5.52 7.09 -4.02
N LEU A 172 -6.05 6.07 -4.67
CA LEU A 172 -5.70 5.79 -6.06
C LEU A 172 -6.16 6.91 -6.99
N ARG A 173 -7.33 7.47 -6.70
CA ARG A 173 -7.89 8.54 -7.50
C ARG A 173 -7.22 9.88 -7.18
N ALA A 174 -6.74 10.00 -5.94
CA ALA A 174 -6.09 11.23 -5.49
C ALA A 174 -4.79 11.47 -6.26
N SER A 175 -4.09 10.39 -6.59
CA SER A 175 -2.87 10.48 -7.37
C SER A 175 -3.14 11.02 -8.77
N GLN A 176 -4.37 10.82 -9.24
CA GLN A 176 -4.76 11.31 -10.55
C GLN A 176 -5.24 12.75 -10.48
N THR A 177 -6.02 13.07 -9.45
CA THR A 177 -6.57 14.41 -9.29
C THR A 177 -5.47 15.44 -9.03
N GLU A 178 -4.70 15.23 -7.98
CA GLU A 178 -3.56 16.08 -7.68
C GLU A 178 -2.25 15.35 -7.90
N LYS A 179 -1.72 15.44 -9.12
CA LYS A 179 -0.55 14.66 -9.51
C LYS A 179 0.71 15.17 -8.84
N LEU A 180 1.64 14.26 -8.58
CA LEU A 180 2.92 14.63 -7.99
C LEU A 180 3.81 15.36 -8.99
N LYS A 181 3.83 16.68 -8.88
CA LYS A 181 4.53 17.52 -9.86
C LYS A 181 5.71 18.23 -9.22
N PRO A 182 6.72 18.55 -10.02
CA PRO A 182 7.89 19.26 -9.54
C PRO A 182 7.55 20.70 -9.17
N PHE A 183 8.21 21.20 -8.14
CA PHE A 183 7.96 22.57 -7.67
C PHE A 183 9.09 23.51 -8.08
N PRO A 184 8.76 24.80 -8.15
CA PRO A 184 9.76 25.82 -8.46
C PRO A 184 10.94 25.74 -7.50
N VAL A 185 12.07 26.31 -7.91
CA VAL A 185 13.30 26.25 -7.12
C VAL A 185 13.15 27.02 -5.83
N SER A 186 12.16 27.92 -5.77
CA SER A 186 11.85 28.65 -4.56
C SER A 186 10.93 27.85 -3.65
N HIS A 187 10.33 26.80 -4.20
CA HIS A 187 9.38 25.98 -3.46
C HIS A 187 9.95 24.59 -3.20
N ASN A 188 11.14 24.34 -3.74
CA ASN A 188 11.84 23.08 -3.49
C ASN A 188 12.32 22.98 -2.05
N PRO A 189 13.01 24.01 -1.59
CA PRO A 189 13.50 24.06 -0.22
C PRO A 189 12.39 24.39 0.76
N SER A 190 11.31 24.98 0.25
CA SER A 190 10.11 25.20 1.05
C SER A 190 9.33 23.90 1.22
N PHE A 191 9.30 23.08 0.18
CA PHE A 191 8.69 21.76 0.26
C PHE A 191 9.53 20.83 1.12
N GLU A 192 10.86 20.98 1.04
CA GLU A 192 11.77 20.26 1.92
C GLU A 192 11.39 20.45 3.38
N ARG A 193 10.97 21.66 3.73
CA ARG A 193 10.51 21.96 5.08
C ARG A 193 9.21 21.22 5.40
N LEU A 194 8.42 20.96 4.36
CA LEU A 194 7.18 20.20 4.51
C LEU A 194 7.45 18.71 4.62
N LEU A 195 8.53 18.27 3.98
CA LEU A 195 8.92 16.86 4.03
C LEU A 195 9.31 16.45 5.44
N VAL A 196 10.08 17.30 6.11
CA VAL A 196 10.51 17.03 7.48
C VAL A 196 9.40 17.33 8.48
N GLU A 197 8.37 18.03 8.02
CA GLU A 197 7.21 18.32 8.85
C GLU A 197 6.19 17.18 8.80
N THR A 198 5.92 16.69 7.60
CA THR A 198 4.76 15.84 7.37
C THR A 198 5.15 14.37 7.35
N ILE A 199 6.39 14.09 6.96
CA ILE A 199 6.85 12.73 6.78
C ILE A 199 7.83 12.33 7.88
N TYR A 200 8.94 13.04 7.97
CA TYR A 200 10.01 12.70 8.90
C TYR A 200 9.52 12.73 10.34
N SER A 201 8.86 13.82 10.71
CA SER A 201 8.31 13.95 12.05
C SER A 201 7.64 12.66 12.50
N GLY A 1 8.39 -11.29 -11.73
CA GLY A 1 7.08 -11.92 -11.84
C GLY A 1 6.00 -11.08 -11.17
N ILE A 2 6.36 -10.39 -10.11
CA ILE A 2 5.40 -9.62 -9.32
C ILE A 2 5.83 -8.16 -9.19
N ILE A 3 6.98 -7.84 -9.79
CA ILE A 3 7.48 -6.47 -9.77
C ILE A 3 7.83 -6.01 -11.18
N GLU A 4 7.51 -6.83 -12.18
CA GLU A 4 7.81 -6.53 -13.56
C GLU A 4 6.76 -5.61 -14.17
N GLU A 5 5.55 -5.64 -13.60
CA GLU A 5 4.46 -4.82 -14.10
C GLU A 5 3.95 -3.86 -13.05
N LYS A 6 3.01 -3.01 -13.42
CA LYS A 6 2.47 -2.01 -12.51
C LYS A 6 2.05 -2.63 -11.19
N ALA A 7 2.80 -2.33 -10.13
CA ALA A 7 2.62 -3.00 -8.85
C ALA A 7 2.19 -2.01 -7.77
N LEU A 8 1.09 -2.32 -7.10
CA LEU A 8 0.66 -1.54 -5.95
C LEU A 8 1.06 -2.23 -4.65
N PHE A 9 1.82 -1.53 -3.82
CA PHE A 9 2.24 -2.05 -2.52
C PHE A 9 1.37 -1.48 -1.40
N VAL A 10 0.70 -2.37 -0.68
CA VAL A 10 -0.14 -1.96 0.44
C VAL A 10 0.42 -2.48 1.76
N THR A 11 0.61 -1.58 2.72
CA THR A 11 1.09 -1.95 4.04
C THR A 11 0.33 -1.21 5.14
N CYS A 12 0.14 -1.87 6.28
CA CYS A 12 -0.55 -1.26 7.41
C CYS A 12 0.44 -0.86 8.51
N GLY A 13 0.05 0.11 9.32
CA GLY A 13 0.90 0.59 10.41
C GLY A 13 0.84 -0.35 11.60
N ALA A 14 1.55 0.01 12.67
CA ALA A 14 1.65 -0.83 13.85
C ALA A 14 0.52 -0.53 14.84
N THR A 15 -0.28 0.49 14.53
CA THR A 15 -1.35 0.92 15.42
C THR A 15 -2.72 0.63 14.82
N VAL A 16 -2.72 -0.04 13.66
CA VAL A 16 -3.96 -0.40 12.99
C VAL A 16 -4.04 -1.89 12.72
N PRO A 17 -5.27 -2.40 12.58
CA PRO A 17 -5.48 -3.82 12.32
C PRO A 17 -5.02 -4.20 10.92
N PHE A 18 -4.37 -5.35 10.81
CA PHE A 18 -3.79 -5.79 9.54
C PHE A 18 -4.84 -6.41 8.64
N PRO A 19 -5.51 -7.44 9.15
CA PRO A 19 -6.42 -8.25 8.34
C PRO A 19 -7.67 -7.46 7.97
N LYS A 20 -8.01 -6.48 8.79
CA LYS A 20 -9.17 -5.64 8.55
C LYS A 20 -8.92 -4.66 7.42
N LEU A 21 -7.66 -4.24 7.26
CA LEU A 21 -7.28 -3.35 6.19
C LEU A 21 -6.94 -4.13 4.92
N VAL A 22 -6.65 -5.42 5.08
CA VAL A 22 -6.52 -6.32 3.94
C VAL A 22 -7.85 -6.51 3.23
N SER A 23 -8.93 -6.62 4.01
CA SER A 23 -10.26 -6.84 3.45
C SER A 23 -10.73 -5.64 2.64
N CYS A 24 -10.10 -4.49 2.88
CA CYS A 24 -10.50 -3.25 2.22
C CYS A 24 -9.80 -3.11 0.86
N VAL A 25 -8.76 -3.91 0.66
CA VAL A 25 -7.98 -3.85 -0.58
C VAL A 25 -8.13 -5.13 -1.39
N LEU A 26 -8.86 -6.09 -0.82
CA LEU A 26 -9.25 -7.29 -1.57
C LEU A 26 -10.72 -7.22 -1.99
N SER A 27 -11.31 -6.03 -1.86
CA SER A 27 -12.67 -5.79 -2.33
C SER A 27 -12.79 -6.02 -3.82
N ASP A 28 -13.92 -6.57 -4.26
CA ASP A 28 -14.19 -6.75 -5.67
C ASP A 28 -14.17 -5.42 -6.42
N GLU A 29 -14.72 -4.39 -5.78
CA GLU A 29 -14.80 -3.06 -6.39
C GLU A 29 -13.45 -2.36 -6.34
N PHE A 30 -12.72 -2.56 -5.25
CA PHE A 30 -11.36 -2.05 -5.12
C PHE A 30 -10.48 -2.54 -6.26
N CYS A 31 -10.49 -3.86 -6.48
CA CYS A 31 -9.64 -4.47 -7.49
C CYS A 31 -10.17 -4.20 -8.89
N GLN A 32 -11.48 -4.06 -9.01
CA GLN A 32 -12.10 -3.68 -10.27
C GLN A 32 -11.54 -2.37 -10.79
N GLU A 33 -11.52 -1.35 -9.92
CA GLU A 33 -11.01 -0.04 -10.29
C GLU A 33 -9.48 -0.03 -10.30
N LEU A 34 -8.88 -0.88 -9.48
CA LEU A 34 -7.43 -1.07 -9.49
C LEU A 34 -6.93 -1.40 -10.89
N ILE A 35 -7.65 -2.28 -11.58
CA ILE A 35 -7.37 -2.57 -12.98
C ILE A 35 -7.55 -1.33 -13.84
N GLN A 36 -8.58 -0.54 -13.53
CA GLN A 36 -8.88 0.66 -14.29
C GLN A 36 -7.83 1.75 -14.04
N TYR A 37 -7.05 1.57 -12.97
CA TYR A 37 -5.96 2.49 -12.66
C TYR A 37 -4.63 1.97 -13.20
N GLY A 38 -4.68 0.82 -13.88
CA GLY A 38 -3.55 0.34 -14.67
C GLY A 38 -2.69 -0.60 -13.84
N PHE A 39 -3.18 -1.00 -12.69
CA PHE A 39 -2.44 -1.88 -11.78
C PHE A 39 -2.80 -3.34 -12.01
N VAL A 40 -1.79 -4.19 -12.09
CA VAL A 40 -2.00 -5.61 -12.39
C VAL A 40 -1.35 -6.49 -11.34
N ARG A 41 -0.44 -5.90 -10.55
CA ARG A 41 0.11 -6.59 -9.39
C ARG A 41 -0.33 -5.92 -8.10
N LEU A 42 -0.86 -6.71 -7.17
CA LEU A 42 -1.24 -6.23 -5.85
C LEU A 42 -0.45 -6.93 -4.76
N ILE A 43 0.52 -6.22 -4.18
CA ILE A 43 1.37 -6.80 -3.15
C ILE A 43 1.02 -6.25 -1.78
N ILE A 44 0.58 -7.13 -0.88
CA ILE A 44 0.09 -6.72 0.42
C ILE A 44 0.92 -7.33 1.54
N GLN A 45 1.50 -6.47 2.37
CA GLN A 45 2.30 -6.93 3.51
C GLN A 45 1.45 -7.01 4.77
N PHE A 46 1.66 -8.07 5.55
CA PHE A 46 0.96 -8.23 6.82
C PHE A 46 1.87 -8.87 7.87
N GLY A 47 1.58 -8.60 9.14
CA GLY A 47 2.50 -8.93 10.22
C GLY A 47 2.81 -10.41 10.25
N ARG A 48 1.78 -11.23 10.45
CA ARG A 48 1.94 -12.68 10.53
C ARG A 48 0.60 -13.38 10.48
N ASN A 49 0.54 -14.51 9.77
CA ASN A 49 -0.58 -15.43 9.86
C ASN A 49 -1.90 -14.71 9.58
N TYR A 50 -1.88 -13.79 8.62
CA TYR A 50 -3.10 -13.17 8.12
C TYR A 50 -3.37 -13.56 6.67
N SER A 51 -2.73 -14.63 6.23
CA SER A 51 -2.92 -15.12 4.87
C SER A 51 -4.25 -15.85 4.73
N SER A 52 -4.86 -16.18 5.86
CA SER A 52 -6.17 -16.82 5.86
C SER A 52 -7.24 -15.91 5.28
N GLU A 53 -7.00 -14.60 5.37
CA GLU A 53 -7.88 -13.62 4.74
C GLU A 53 -7.78 -13.67 3.23
N PHE A 54 -6.61 -14.06 2.73
CA PHE A 54 -6.40 -14.21 1.30
C PHE A 54 -6.98 -15.54 0.81
N GLU A 55 -6.94 -16.55 1.67
CA GLU A 55 -7.57 -17.83 1.38
C GLU A 55 -9.09 -17.69 1.31
N HIS A 56 -9.65 -16.88 2.22
CA HIS A 56 -11.06 -16.57 2.20
C HIS A 56 -11.46 -15.90 0.89
N LEU A 57 -10.63 -14.96 0.43
CA LEU A 57 -10.84 -14.31 -0.85
C LEU A 57 -10.89 -15.34 -1.98
N VAL A 58 -9.81 -16.09 -2.15
CA VAL A 58 -9.64 -16.93 -3.32
C VAL A 58 -10.61 -18.10 -3.31
N GLN A 59 -11.03 -18.50 -2.11
CA GLN A 59 -11.98 -19.59 -1.95
C GLN A 59 -13.38 -19.18 -2.40
N GLU A 60 -13.81 -17.99 -1.97
CA GLU A 60 -15.13 -17.49 -2.31
C GLU A 60 -15.21 -17.09 -3.77
N ARG A 61 -14.11 -16.56 -4.30
CA ARG A 61 -14.06 -16.13 -5.69
C ARG A 61 -13.84 -17.31 -6.63
N GLY A 62 -13.21 -18.36 -6.13
CA GLY A 62 -13.03 -19.59 -6.88
C GLY A 62 -11.81 -19.50 -7.78
N GLY A 63 -10.72 -18.97 -7.24
CA GLY A 63 -9.48 -18.82 -8.00
C GLY A 63 -8.46 -19.88 -7.62
N GLN A 64 -7.20 -19.66 -8.00
CA GLN A 64 -6.12 -20.56 -7.63
C GLN A 64 -5.17 -19.90 -6.65
N ARG A 65 -4.37 -20.71 -5.95
CA ARG A 65 -3.43 -20.22 -4.96
C ARG A 65 -2.20 -21.10 -4.87
N GLU A 66 -1.07 -20.50 -4.51
CA GLU A 66 0.16 -21.25 -4.28
C GLU A 66 1.21 -20.39 -3.60
N SER A 67 1.90 -20.96 -2.62
CA SER A 67 3.00 -20.28 -1.95
C SER A 67 4.33 -20.58 -2.63
N GLN A 68 5.10 -19.53 -2.92
CA GLN A 68 6.38 -19.67 -3.58
C GLN A 68 7.47 -18.90 -2.84
N LYS A 69 8.66 -19.49 -2.80
CA LYS A 69 9.81 -18.83 -2.16
C LYS A 69 10.31 -17.67 -3.00
N ILE A 70 10.48 -16.52 -2.36
CA ILE A 70 10.95 -15.32 -3.04
C ILE A 70 12.47 -15.31 -3.16
N PRO A 71 12.97 -15.20 -4.39
CA PRO A 71 14.41 -15.19 -4.63
C PRO A 71 15.10 -14.10 -3.82
N ILE A 72 16.16 -14.48 -3.12
CA ILE A 72 16.99 -13.52 -2.40
C ILE A 72 17.89 -12.74 -3.36
N ASP A 73 18.41 -13.45 -4.37
CA ASP A 73 19.31 -12.83 -5.33
C ASP A 73 18.60 -11.74 -6.12
N GLN A 74 17.35 -11.99 -6.48
CA GLN A 74 16.57 -11.05 -7.28
C GLN A 74 15.90 -10.00 -6.40
N PHE A 75 15.09 -10.47 -5.45
CA PHE A 75 14.32 -9.58 -4.59
C PHE A 75 15.11 -9.21 -3.34
N GLY A 76 15.48 -10.22 -2.56
CA GLY A 76 16.19 -10.01 -1.31
C GLY A 76 15.41 -10.56 -0.12
N CYS A 77 14.11 -10.74 -0.31
CA CYS A 77 13.26 -11.33 0.72
C CYS A 77 13.47 -12.85 0.79
N GLY A 78 13.44 -13.38 2.01
CA GLY A 78 13.76 -14.78 2.23
C GLY A 78 12.51 -15.59 2.58
N ASP A 79 11.35 -14.93 2.52
CA ASP A 79 10.09 -15.57 2.89
C ASP A 79 9.46 -16.26 1.70
N THR A 80 8.25 -16.77 1.90
CA THR A 80 7.55 -17.51 0.84
C THR A 80 6.19 -16.90 0.55
N ALA A 81 6.20 -15.76 -0.13
CA ALA A 81 4.97 -15.01 -0.37
C ALA A 81 3.93 -15.87 -1.10
N ARG A 82 2.67 -15.65 -0.78
CA ARG A 82 1.59 -16.48 -1.30
C ARG A 82 0.91 -15.81 -2.48
N GLN A 83 0.88 -16.50 -3.62
CA GLN A 83 0.24 -15.98 -4.81
C GLN A 83 -1.22 -16.40 -4.88
N TYR A 84 -2.10 -15.43 -5.11
CA TYR A 84 -3.51 -15.72 -5.33
C TYR A 84 -4.00 -15.13 -6.65
N VAL A 85 -4.87 -15.85 -7.33
CA VAL A 85 -5.47 -15.38 -8.57
C VAL A 85 -6.79 -14.67 -8.32
N LEU A 86 -6.88 -13.44 -8.80
CA LEU A 86 -8.07 -12.62 -8.57
C LEU A 86 -8.49 -11.87 -9.84
N MET A 87 -9.79 -11.71 -10.01
CA MET A 87 -10.33 -11.04 -11.19
C MET A 87 -10.15 -11.89 -12.43
N ASN A 88 -10.20 -13.22 -12.26
CA ASN A 88 -10.09 -14.14 -13.38
C ASN A 88 -8.71 -14.05 -14.02
N GLY A 89 -7.71 -13.69 -13.22
CA GLY A 89 -6.33 -13.66 -13.69
C GLY A 89 -5.98 -12.31 -14.30
N LYS A 90 -6.87 -11.35 -14.13
CA LYS A 90 -6.62 -9.99 -14.62
C LYS A 90 -5.59 -9.27 -13.76
N LEU A 91 -5.45 -9.71 -12.52
CA LEU A 91 -4.37 -9.24 -11.65
C LEU A 91 -3.95 -10.32 -10.66
N LYS A 92 -2.76 -10.18 -10.10
CA LYS A 92 -2.26 -11.11 -9.10
C LYS A 92 -2.28 -10.49 -7.72
N VAL A 93 -2.56 -11.31 -6.70
CA VAL A 93 -2.49 -10.86 -5.32
C VAL A 93 -1.42 -11.61 -4.55
N ILE A 94 -0.39 -10.88 -4.12
CA ILE A 94 0.76 -11.49 -3.45
C ILE A 94 0.79 -11.11 -1.97
N GLY A 95 0.57 -12.09 -1.11
CA GLY A 95 0.59 -11.88 0.33
C GLY A 95 1.99 -12.07 0.89
N PHE A 96 2.46 -11.08 1.65
CA PHE A 96 3.77 -11.17 2.30
C PHE A 96 3.62 -11.27 3.81
N ASP A 97 4.18 -12.33 4.39
CA ASP A 97 4.17 -12.52 5.83
C ASP A 97 5.53 -12.19 6.44
N PHE A 98 5.69 -10.96 6.91
CA PHE A 98 6.91 -10.55 7.61
C PHE A 98 6.71 -9.21 8.31
N SER A 99 7.76 -8.76 8.98
CA SER A 99 7.68 -7.54 9.79
C SER A 99 7.90 -6.30 8.94
N THR A 100 8.82 -5.44 9.39
CA THR A 100 9.11 -4.19 8.69
C THR A 100 10.50 -4.22 8.06
N LYS A 101 11.19 -5.33 8.21
CA LYS A 101 12.60 -5.41 7.85
C LYS A 101 12.78 -5.41 6.34
N MET A 102 11.81 -6.00 5.63
CA MET A 102 11.97 -6.26 4.21
C MET A 102 10.96 -5.49 3.38
N GLN A 103 10.35 -4.47 4.00
CA GLN A 103 9.34 -3.67 3.33
C GLN A 103 9.96 -2.72 2.32
N SER A 104 11.15 -2.21 2.65
CA SER A 104 11.87 -1.31 1.75
C SER A 104 12.25 -2.01 0.46
N ILE A 105 12.50 -3.31 0.55
CA ILE A 105 12.84 -4.10 -0.63
C ILE A 105 11.73 -4.05 -1.68
N ILE A 106 10.50 -4.24 -1.23
CA ILE A 106 9.35 -4.29 -2.14
C ILE A 106 8.95 -2.89 -2.58
N ARG A 107 9.05 -1.93 -1.67
CA ARG A 107 8.74 -0.54 -1.97
C ARG A 107 9.63 -0.01 -3.08
N ASP A 108 10.89 -0.43 -3.08
CA ASP A 108 11.82 -0.07 -4.14
C ASP A 108 11.35 -0.61 -5.49
N TYR A 109 10.66 -1.74 -5.45
CA TYR A 109 10.25 -2.43 -6.67
C TYR A 109 8.86 -1.99 -7.11
N SER A 110 8.10 -1.40 -6.18
CA SER A 110 6.72 -1.03 -6.44
C SER A 110 6.64 0.20 -7.34
N ASP A 111 5.42 0.52 -7.77
CA ASP A 111 5.19 1.73 -8.55
C ASP A 111 4.37 2.75 -7.76
N LEU A 112 3.48 2.25 -6.90
CA LEU A 112 2.73 3.10 -6.00
C LEU A 112 2.60 2.48 -4.62
N VAL A 113 2.78 3.30 -3.59
CA VAL A 113 2.77 2.80 -2.22
C VAL A 113 1.59 3.37 -1.44
N ILE A 114 0.76 2.48 -0.90
CA ILE A 114 -0.24 2.87 0.08
C ILE A 114 0.13 2.38 1.47
N SER A 115 0.20 3.32 2.42
CA SER A 115 0.50 2.97 3.81
C SER A 115 -0.50 3.61 4.76
N HIS A 116 -0.27 3.43 6.05
CA HIS A 116 -1.19 3.93 7.07
C HIS A 116 -0.44 4.63 8.20
N ALA A 117 -1.04 5.68 8.74
CA ALA A 117 -0.45 6.43 9.83
C ALA A 117 -0.11 5.51 11.01
N GLY A 118 1.10 5.68 11.55
CA GLY A 118 1.56 4.86 12.67
C GLY A 118 2.67 3.92 12.24
N THR A 119 3.59 4.42 11.41
CA THR A 119 4.75 3.65 11.00
C THR A 119 5.71 4.49 10.17
N GLY A 120 5.64 5.81 10.38
CA GLY A 120 6.42 6.75 9.58
C GLY A 120 7.19 6.02 8.48
N SER A 121 6.47 5.41 7.56
CA SER A 121 7.08 4.72 6.43
C SER A 121 7.19 5.62 5.22
N ILE A 122 6.80 6.89 5.39
CA ILE A 122 6.70 7.82 4.28
C ILE A 122 8.08 8.14 3.71
N LEU A 123 9.11 7.90 4.50
CA LEU A 123 10.48 8.28 4.14
C LEU A 123 10.87 7.67 2.80
N ASP A 124 10.59 6.38 2.63
CA ASP A 124 11.03 5.64 1.47
C ASP A 124 10.49 6.25 0.19
N SER A 125 9.15 6.29 0.08
CA SER A 125 8.50 6.84 -1.10
C SER A 125 8.99 8.24 -1.41
N LEU A 126 9.25 9.02 -0.36
CA LEU A 126 9.78 10.36 -0.50
C LEU A 126 11.17 10.34 -1.13
N ARG A 127 12.06 9.51 -0.56
CA ARG A 127 13.44 9.46 -1.01
C ARG A 127 13.57 8.72 -2.34
N LEU A 128 12.52 8.00 -2.70
CA LEU A 128 12.49 7.26 -3.96
C LEU A 128 11.88 8.10 -5.08
N ASN A 129 11.33 9.26 -4.71
CA ASN A 129 10.65 10.12 -5.67
C ASN A 129 9.40 9.44 -6.22
N LYS A 130 8.74 8.67 -5.39
CA LYS A 130 7.54 7.94 -5.79
C LYS A 130 6.29 8.54 -5.15
N PRO A 131 5.17 8.43 -5.84
CA PRO A 131 3.88 8.90 -5.31
C PRO A 131 3.48 8.09 -4.07
N LEU A 132 2.97 8.78 -3.07
CA LEU A 132 2.70 8.17 -1.76
C LEU A 132 1.28 8.44 -1.32
N ILE A 133 0.56 7.38 -0.99
CA ILE A 133 -0.76 7.50 -0.35
C ILE A 133 -0.70 7.08 1.10
N VAL A 134 -1.16 7.97 1.98
CA VAL A 134 -1.18 7.69 3.42
C VAL A 134 -2.59 7.88 3.99
N CYS A 135 -3.07 6.86 4.71
CA CYS A 135 -4.35 6.95 5.40
C CYS A 135 -4.17 7.51 6.81
N VAL A 136 -4.90 8.58 7.10
CA VAL A 136 -4.80 9.24 8.39
C VAL A 136 -5.84 8.71 9.37
N ASN A 137 -5.39 8.05 10.43
CA ASN A 137 -6.29 7.39 11.37
C ASN A 137 -6.39 8.17 12.67
N ASP A 138 -7.07 7.59 13.65
CA ASP A 138 -7.35 8.28 14.91
C ASP A 138 -6.54 7.69 16.05
N SER A 139 -5.42 7.08 15.72
CA SER A 139 -4.44 6.65 16.73
C SER A 139 -3.37 7.71 16.95
N LEU A 140 -3.42 8.76 16.15
CA LEU A 140 -2.46 9.87 16.26
C LEU A 140 -2.83 10.79 17.41
N MET A 141 -1.85 11.54 17.88
CA MET A 141 -2.07 12.48 18.99
C MET A 141 -2.93 13.65 18.56
N ASP A 142 -3.67 14.21 19.51
CA ASP A 142 -4.53 15.35 19.22
C ASP A 142 -3.72 16.54 18.72
N ASN A 143 -4.27 17.24 17.73
CA ASN A 143 -3.57 18.35 17.10
C ASN A 143 -2.55 17.85 16.07
N HIS A 144 -1.54 17.14 16.56
CA HIS A 144 -0.52 16.57 15.69
C HIS A 144 -1.15 15.77 14.56
N GLN A 145 -2.25 15.08 14.86
CA GLN A 145 -3.00 14.34 13.86
C GLN A 145 -3.28 15.20 12.64
N GLN A 146 -3.81 16.39 12.86
CA GLN A 146 -4.14 17.31 11.78
C GLN A 146 -2.89 17.87 11.13
N GLN A 147 -1.87 18.12 11.95
CA GLN A 147 -0.63 18.72 11.46
C GLN A 147 0.07 17.80 10.47
N ILE A 148 -0.01 16.50 10.72
CA ILE A 148 0.59 15.52 9.82
C ILE A 148 -0.06 15.55 8.45
N ALA A 149 -1.39 15.56 8.43
CA ALA A 149 -2.15 15.67 7.19
C ALA A 149 -1.90 17.01 6.51
N ASP A 150 -1.77 18.06 7.32
CA ASP A 150 -1.51 19.40 6.81
C ASP A 150 -0.14 19.47 6.13
N LYS A 151 0.81 18.74 6.68
CA LYS A 151 2.17 18.71 6.15
C LYS A 151 2.26 17.85 4.89
N PHE A 152 1.40 16.85 4.81
CA PHE A 152 1.21 16.09 3.58
C PHE A 152 0.72 16.98 2.46
N VAL A 153 -0.12 17.95 2.79
CA VAL A 153 -0.64 18.89 1.81
C VAL A 153 0.41 19.93 1.44
N GLU A 154 1.08 20.47 2.44
CA GLU A 154 2.15 21.44 2.21
C GLU A 154 3.29 20.84 1.42
N LEU A 155 3.56 19.55 1.66
CA LEU A 155 4.52 18.81 0.85
C LEU A 155 4.00 18.62 -0.58
N GLY A 156 2.75 18.18 -0.70
CA GLY A 156 2.06 18.19 -1.98
C GLY A 156 2.37 16.93 -2.78
N TYR A 157 3.02 15.97 -2.13
CA TYR A 157 3.40 14.72 -2.79
C TYR A 157 2.86 13.52 -2.03
N VAL A 158 2.10 13.78 -0.98
CA VAL A 158 1.48 12.72 -0.19
C VAL A 158 -0.03 12.89 -0.11
N TRP A 159 -0.76 11.87 -0.50
CA TRP A 159 -2.22 11.91 -0.47
C TRP A 159 -2.74 11.57 0.92
N SER A 160 -3.69 12.36 1.40
CA SER A 160 -4.29 12.14 2.71
C SER A 160 -5.67 11.50 2.58
N CYS A 161 -5.78 10.23 2.95
CA CYS A 161 -7.02 9.48 2.77
C CYS A 161 -7.50 8.88 4.08
N ALA A 162 -8.56 8.09 4.02
CA ALA A 162 -9.09 7.42 5.19
C ALA A 162 -8.65 5.96 5.25
N PRO A 163 -8.44 5.45 6.46
CA PRO A 163 -8.02 4.07 6.64
C PRO A 163 -9.18 3.11 6.47
N THR A 164 -9.72 3.05 5.25
CA THR A 164 -10.83 2.17 4.94
C THR A 164 -10.97 1.97 3.44
N GLU A 165 -11.91 1.11 3.06
CA GLU A 165 -12.09 0.75 1.65
C GLU A 165 -12.27 1.99 0.79
N THR A 166 -13.13 2.90 1.25
CA THR A 166 -13.46 4.11 0.49
C THR A 166 -12.23 5.00 0.32
N GLY A 167 -11.53 5.25 1.43
CA GLY A 167 -10.36 6.13 1.42
C GLY A 167 -9.23 5.52 0.60
N LEU A 168 -9.11 4.19 0.66
CA LEU A 168 -8.02 3.50 0.00
C LEU A 168 -8.17 3.55 -1.52
N ILE A 169 -9.39 3.29 -1.99
CA ILE A 169 -9.68 3.35 -3.43
C ILE A 169 -9.76 4.78 -3.92
N ALA A 170 -10.12 5.69 -3.02
CA ALA A 170 -10.12 7.12 -3.32
C ALA A 170 -8.70 7.64 -3.49
N GLY A 171 -7.78 7.11 -2.69
CA GLY A 171 -6.37 7.46 -2.81
C GLY A 171 -5.82 7.03 -4.17
N LEU A 172 -6.19 5.83 -4.60
CA LEU A 172 -5.80 5.34 -5.91
C LEU A 172 -6.34 6.24 -7.02
N ARG A 173 -7.59 6.65 -6.88
CA ARG A 173 -8.20 7.61 -7.80
C ARG A 173 -7.40 8.90 -7.86
N ALA A 174 -7.04 9.41 -6.69
CA ALA A 174 -6.32 10.68 -6.60
C ALA A 174 -4.93 10.58 -7.23
N SER A 175 -4.27 9.45 -7.00
CA SER A 175 -2.92 9.23 -7.52
C SER A 175 -2.92 9.19 -9.05
N GLN A 176 -4.05 8.83 -9.63
CA GLN A 176 -4.19 8.74 -11.07
C GLN A 176 -4.85 9.98 -11.66
N THR A 177 -5.54 10.73 -10.80
CA THR A 177 -6.15 11.99 -11.21
C THR A 177 -5.10 13.06 -11.43
N GLU A 178 -4.17 13.18 -10.49
CA GLU A 178 -3.10 14.17 -10.58
C GLU A 178 -1.73 13.51 -10.55
N LYS A 179 -0.81 14.02 -11.35
CA LYS A 179 0.53 13.45 -11.44
C LYS A 179 1.48 14.12 -10.48
N LEU A 180 2.20 13.32 -9.71
CA LEU A 180 3.21 13.84 -8.79
C LEU A 180 4.60 13.81 -9.42
N LYS A 181 5.48 14.68 -8.95
CA LYS A 181 6.80 14.85 -9.54
C LYS A 181 7.90 14.60 -8.51
N PRO A 182 9.11 14.37 -9.00
CA PRO A 182 10.26 14.16 -8.13
C PRO A 182 10.41 15.30 -7.14
N PHE A 183 10.93 14.98 -5.95
CA PHE A 183 10.95 15.92 -4.84
C PHE A 183 12.07 16.95 -5.02
N PRO A 184 11.81 18.18 -4.59
CA PRO A 184 12.84 19.22 -4.57
C PRO A 184 14.06 18.76 -3.77
N VAL A 185 13.81 17.99 -2.72
CA VAL A 185 14.90 17.46 -1.90
C VAL A 185 15.69 16.40 -2.64
N SER A 186 17.01 16.55 -2.64
CA SER A 186 17.89 15.65 -3.39
C SER A 186 18.82 14.90 -2.46
N HIS A 187 18.65 15.10 -1.16
CA HIS A 187 19.50 14.46 -0.16
C HIS A 187 18.69 13.58 0.78
N ASN A 188 19.24 12.41 1.10
CA ASN A 188 18.55 11.45 1.94
C ASN A 188 18.39 11.98 3.36
N PRO A 189 19.47 12.51 3.91
CA PRO A 189 19.44 13.12 5.23
C PRO A 189 18.37 14.21 5.30
N SER A 190 18.20 14.95 4.22
CA SER A 190 17.22 16.03 4.17
C SER A 190 15.80 15.46 4.14
N PHE A 191 15.61 14.38 3.39
CA PHE A 191 14.33 13.67 3.38
C PHE A 191 13.91 13.28 4.78
N GLU A 192 14.85 12.75 5.55
CA GLU A 192 14.58 12.33 6.92
C GLU A 192 14.23 13.53 7.80
N ARG A 193 15.03 14.59 7.69
CA ARG A 193 15.00 15.66 8.67
C ARG A 193 14.18 16.85 8.17
N LEU A 194 14.46 17.29 6.95
CA LEU A 194 13.76 18.41 6.37
C LEU A 194 12.26 18.14 6.29
N LEU A 195 11.89 17.00 5.71
CA LEU A 195 10.50 16.71 5.40
C LEU A 195 9.88 15.84 6.49
N VAL A 196 10.38 14.62 6.63
CA VAL A 196 9.71 13.59 7.40
C VAL A 196 9.67 13.95 8.88
N GLU A 197 10.80 14.37 9.42
CA GLU A 197 10.91 14.75 10.82
C GLU A 197 9.89 15.84 11.16
N THR A 198 9.73 16.80 10.25
CA THR A 198 8.86 17.94 10.49
C THR A 198 7.39 17.56 10.31
N ILE A 199 7.14 16.53 9.52
CA ILE A 199 5.81 15.96 9.39
C ILE A 199 5.38 15.27 10.69
N TYR A 200 6.29 14.51 11.28
CA TYR A 200 6.00 13.80 12.53
C TYR A 200 6.71 14.47 13.70
N SER A 201 6.82 15.79 13.66
CA SER A 201 7.45 16.54 14.73
C SER A 201 6.75 16.33 16.06
N GLY A 1 8.29 -1.04 -16.07
CA GLY A 1 7.13 -0.24 -16.42
C GLY A 1 6.53 -0.70 -17.75
N ILE A 2 7.39 -1.18 -18.64
CA ILE A 2 6.96 -1.63 -19.96
C ILE A 2 6.84 -3.16 -20.00
N ILE A 3 7.92 -3.84 -19.65
CA ILE A 3 7.95 -5.29 -19.68
C ILE A 3 7.14 -5.89 -18.55
N GLU A 4 7.36 -5.38 -17.34
CA GLU A 4 6.70 -5.90 -16.14
C GLU A 4 5.39 -5.17 -15.87
N GLU A 5 4.48 -5.84 -15.18
CA GLU A 5 3.19 -5.25 -14.84
C GLU A 5 3.32 -4.28 -13.67
N LYS A 6 2.40 -3.32 -13.61
CA LYS A 6 2.39 -2.34 -12.52
C LYS A 6 2.05 -3.00 -11.19
N ALA A 7 2.78 -2.63 -10.15
CA ALA A 7 2.65 -3.27 -8.85
C ALA A 7 2.43 -2.24 -7.75
N LEU A 8 1.47 -2.52 -6.86
CA LEU A 8 1.34 -1.77 -5.62
C LEU A 8 2.24 -2.34 -4.53
N PHE A 9 2.83 -1.46 -3.74
CA PHE A 9 3.63 -1.89 -2.59
C PHE A 9 3.03 -1.38 -1.28
N VAL A 10 2.36 -2.28 -0.57
CA VAL A 10 1.58 -1.89 0.61
C VAL A 10 2.31 -2.29 1.89
N THR A 11 2.56 -1.32 2.76
CA THR A 11 3.15 -1.59 4.07
C THR A 11 2.18 -1.23 5.19
N CYS A 12 2.16 -2.05 6.23
CA CYS A 12 1.20 -1.89 7.32
C CYS A 12 1.91 -1.49 8.61
N GLY A 13 1.24 -0.67 9.41
CA GLY A 13 1.81 -0.21 10.68
C GLY A 13 1.05 -0.78 11.87
N ALA A 14 1.62 -0.62 13.06
CA ALA A 14 1.07 -1.24 14.26
C ALA A 14 0.00 -0.36 14.90
N THR A 15 -1.01 0.02 14.11
CA THR A 15 -2.11 0.84 14.61
C THR A 15 -3.45 0.22 14.27
N VAL A 16 -3.82 0.29 12.99
CA VAL A 16 -5.01 -0.40 12.50
C VAL A 16 -4.70 -1.86 12.16
N PRO A 17 -5.56 -2.77 12.63
CA PRO A 17 -5.36 -4.19 12.38
C PRO A 17 -5.14 -4.47 10.90
N PHE A 18 -4.25 -5.41 10.61
CA PHE A 18 -3.83 -5.68 9.24
C PHE A 18 -5.00 -6.16 8.39
N PRO A 19 -5.80 -7.06 8.96
CA PRO A 19 -6.97 -7.58 8.27
C PRO A 19 -7.90 -6.46 7.80
N LYS A 20 -7.92 -5.37 8.57
CA LYS A 20 -8.75 -4.23 8.24
C LYS A 20 -8.07 -3.33 7.21
N LEU A 21 -6.75 -3.39 7.15
CA LEU A 21 -5.98 -2.58 6.22
C LEU A 21 -6.07 -3.12 4.81
N VAL A 22 -6.36 -4.42 4.69
CA VAL A 22 -6.41 -5.08 3.40
C VAL A 22 -7.84 -5.22 2.90
N SER A 23 -8.80 -4.94 3.78
CA SER A 23 -10.21 -5.07 3.45
C SER A 23 -10.60 -4.10 2.34
N CYS A 24 -9.95 -2.95 2.33
CA CYS A 24 -10.21 -1.93 1.30
C CYS A 24 -9.49 -2.27 0.01
N VAL A 25 -8.24 -2.71 0.12
CA VAL A 25 -7.40 -2.96 -1.05
C VAL A 25 -7.83 -4.23 -1.76
N LEU A 26 -8.55 -5.10 -1.05
CA LEU A 26 -8.99 -6.36 -1.62
C LEU A 26 -10.44 -6.29 -2.06
N SER A 27 -11.03 -5.09 -1.98
CA SER A 27 -12.42 -4.89 -2.33
C SER A 27 -12.65 -5.07 -3.83
N ASP A 28 -13.86 -5.47 -4.20
CA ASP A 28 -14.21 -5.66 -5.60
C ASP A 28 -14.16 -4.35 -6.36
N GLU A 29 -14.54 -3.27 -5.69
CA GLU A 29 -14.55 -1.94 -6.30
C GLU A 29 -13.14 -1.44 -6.57
N PHE A 30 -12.28 -1.59 -5.56
CA PHE A 30 -10.88 -1.18 -5.70
C PHE A 30 -10.19 -1.90 -6.84
N CYS A 31 -10.33 -3.23 -6.85
CA CYS A 31 -9.65 -4.05 -7.83
C CYS A 31 -10.22 -3.84 -9.24
N GLN A 32 -11.54 -3.69 -9.32
CA GLN A 32 -12.20 -3.40 -10.58
C GLN A 32 -11.64 -2.14 -11.22
N GLU A 33 -11.40 -1.12 -10.40
CA GLU A 33 -10.80 0.11 -10.88
C GLU A 33 -9.29 -0.05 -11.10
N LEU A 34 -8.66 -0.80 -10.21
CA LEU A 34 -7.20 -0.93 -10.22
C LEU A 34 -6.72 -1.46 -11.57
N ILE A 35 -7.41 -2.44 -12.10
CA ILE A 35 -6.99 -3.11 -13.33
C ILE A 35 -7.21 -2.23 -14.55
N GLN A 36 -7.89 -1.10 -14.34
CA GLN A 36 -8.15 -0.15 -15.41
C GLN A 36 -7.07 0.94 -15.44
N TYR A 37 -6.13 0.86 -14.51
CA TYR A 37 -5.01 1.79 -14.48
C TYR A 37 -3.70 1.09 -14.87
N GLY A 38 -3.79 -0.21 -15.13
CA GLY A 38 -2.63 -0.99 -15.55
C GLY A 38 -2.02 -1.75 -14.38
N PHE A 39 -2.55 -1.51 -13.18
CA PHE A 39 -2.05 -2.16 -11.98
C PHE A 39 -2.61 -3.57 -11.84
N VAL A 40 -1.71 -4.55 -11.71
CA VAL A 40 -2.12 -5.94 -11.62
C VAL A 40 -1.60 -6.58 -10.33
N ARG A 41 -0.35 -6.28 -9.99
CA ARG A 41 0.32 -6.95 -8.88
C ARG A 41 0.11 -6.18 -7.58
N LEU A 42 -0.14 -6.93 -6.50
CA LEU A 42 -0.42 -6.33 -5.21
C LEU A 42 0.45 -6.94 -4.12
N ILE A 43 1.41 -6.17 -3.62
CA ILE A 43 2.30 -6.62 -2.56
C ILE A 43 1.78 -6.20 -1.19
N ILE A 44 1.24 -7.16 -0.44
CA ILE A 44 0.72 -6.89 0.88
C ILE A 44 1.69 -7.33 1.97
N GLN A 45 2.39 -6.37 2.56
CA GLN A 45 3.27 -6.63 3.70
C GLN A 45 2.46 -6.78 4.98
N PHE A 46 2.69 -7.88 5.69
CA PHE A 46 2.12 -8.06 7.02
C PHE A 46 2.96 -9.02 7.85
N GLY A 47 2.82 -8.93 9.17
CA GLY A 47 3.54 -9.82 10.08
C GLY A 47 2.59 -10.79 10.76
N ARG A 48 1.30 -10.61 10.53
CA ARG A 48 0.28 -11.47 11.15
C ARG A 48 -0.24 -12.50 10.15
N ASN A 49 -0.15 -13.78 10.53
CA ASN A 49 -0.52 -14.87 9.63
C ASN A 49 -2.03 -15.02 9.56
N TYR A 50 -2.69 -14.04 8.97
CA TYR A 50 -4.10 -14.18 8.59
C TYR A 50 -4.26 -14.54 7.12
N SER A 51 -3.27 -15.26 6.59
CA SER A 51 -3.22 -15.56 5.17
C SER A 51 -4.38 -16.47 4.75
N SER A 52 -5.02 -17.08 5.74
CA SER A 52 -6.20 -17.90 5.49
C SER A 52 -7.35 -17.05 4.98
N GLU A 53 -7.33 -15.76 5.32
CA GLU A 53 -8.34 -14.83 4.83
C GLU A 53 -8.15 -14.55 3.34
N PHE A 54 -6.90 -14.52 2.90
CA PHE A 54 -6.58 -14.45 1.48
C PHE A 54 -7.04 -15.70 0.74
N GLU A 55 -6.87 -16.85 1.39
CA GLU A 55 -7.29 -18.12 0.82
C GLU A 55 -8.81 -18.19 0.71
N HIS A 56 -9.50 -17.62 1.71
CA HIS A 56 -10.95 -17.55 1.68
C HIS A 56 -11.43 -16.57 0.62
N LEU A 57 -10.63 -15.55 0.35
CA LEU A 57 -10.96 -14.54 -0.66
C LEU A 57 -11.03 -15.17 -2.05
N VAL A 58 -10.02 -15.96 -2.38
CA VAL A 58 -9.96 -16.61 -3.69
C VAL A 58 -10.99 -17.73 -3.80
N GLN A 59 -11.39 -18.27 -2.66
CA GLN A 59 -12.48 -19.24 -2.61
C GLN A 59 -13.82 -18.58 -2.95
N GLU A 60 -14.00 -17.35 -2.48
CA GLU A 60 -15.22 -16.60 -2.77
C GLU A 60 -15.28 -16.20 -4.24
N ARG A 61 -14.12 -15.96 -4.83
CA ARG A 61 -14.04 -15.46 -6.19
C ARG A 61 -13.87 -16.58 -7.20
N GLY A 62 -13.48 -17.76 -6.70
CA GLY A 62 -13.36 -18.95 -7.54
C GLY A 62 -12.02 -18.96 -8.27
N GLY A 63 -10.99 -18.41 -7.63
CA GLY A 63 -9.66 -18.36 -8.23
C GLY A 63 -8.74 -19.42 -7.64
N GLN A 64 -7.45 -19.26 -7.86
CA GLN A 64 -6.46 -20.21 -7.34
C GLN A 64 -5.47 -19.51 -6.41
N ARG A 65 -4.57 -20.29 -5.84
CA ARG A 65 -3.55 -19.74 -4.95
C ARG A 65 -2.44 -20.77 -4.69
N GLU A 66 -1.24 -20.28 -4.45
CA GLU A 66 -0.08 -21.15 -4.23
C GLU A 66 0.97 -20.47 -3.37
N SER A 67 1.45 -21.18 -2.36
CA SER A 67 2.57 -20.71 -1.55
C SER A 67 3.89 -20.94 -2.27
N GLN A 68 4.72 -19.90 -2.32
CA GLN A 68 5.98 -19.95 -3.06
C GLN A 68 7.12 -19.32 -2.26
N LYS A 69 8.30 -19.89 -2.40
CA LYS A 69 9.51 -19.30 -1.81
C LYS A 69 10.10 -18.24 -2.73
N ILE A 70 10.28 -17.04 -2.19
CA ILE A 70 10.66 -15.88 -2.99
C ILE A 70 12.07 -15.41 -2.65
N PRO A 71 12.87 -15.14 -3.68
CA PRO A 71 14.26 -14.76 -3.49
C PRO A 71 14.38 -13.56 -2.56
N ILE A 72 15.54 -13.43 -1.92
CA ILE A 72 15.82 -12.28 -1.06
C ILE A 72 16.52 -11.17 -1.82
N ASP A 73 17.55 -11.54 -2.58
CA ASP A 73 18.33 -10.57 -3.33
C ASP A 73 17.50 -9.90 -4.42
N GLN A 74 16.71 -10.70 -5.11
CA GLN A 74 15.91 -10.20 -6.24
C GLN A 74 14.67 -9.47 -5.75
N PHE A 75 14.14 -9.91 -4.62
CA PHE A 75 12.88 -9.37 -4.10
C PHE A 75 13.04 -8.86 -2.68
N GLY A 76 13.44 -9.75 -1.77
CA GLY A 76 13.64 -9.39 -0.38
C GLY A 76 12.72 -10.19 0.54
N CYS A 77 12.28 -11.35 0.06
CA CYS A 77 11.27 -12.13 0.76
C CYS A 77 11.84 -13.47 1.24
N GLY A 78 11.11 -14.13 2.12
CA GLY A 78 11.49 -15.46 2.59
C GLY A 78 10.63 -16.54 1.95
N ASP A 79 10.27 -17.54 2.74
CA ASP A 79 9.42 -18.63 2.25
C ASP A 79 8.00 -18.51 2.82
N THR A 80 7.63 -17.30 3.22
CA THR A 80 6.30 -17.05 3.76
C THR A 80 5.49 -16.12 2.86
N ALA A 81 5.64 -16.29 1.56
CA ALA A 81 4.85 -15.54 0.59
C ALA A 81 3.84 -16.44 -0.11
N ARG A 82 2.63 -15.94 -0.30
CA ARG A 82 1.55 -16.71 -0.91
C ARG A 82 0.90 -15.94 -2.04
N GLN A 83 0.92 -16.52 -3.24
CA GLN A 83 0.33 -15.89 -4.42
C GLN A 83 -1.15 -16.23 -4.54
N TYR A 84 -1.97 -15.22 -4.82
CA TYR A 84 -3.41 -15.39 -4.92
C TYR A 84 -3.95 -14.82 -6.22
N VAL A 85 -4.79 -15.60 -6.90
CA VAL A 85 -5.30 -15.22 -8.22
C VAL A 85 -6.73 -14.72 -8.13
N LEU A 86 -6.94 -13.46 -8.50
CA LEU A 86 -8.25 -12.85 -8.41
C LEU A 86 -8.64 -12.17 -9.73
N MET A 87 -9.91 -11.81 -9.85
CA MET A 87 -10.39 -11.10 -11.02
C MET A 87 -10.18 -11.93 -12.29
N ASN A 88 -10.22 -13.25 -12.14
CA ASN A 88 -10.05 -14.15 -13.26
C ASN A 88 -8.66 -14.04 -13.86
N GLY A 89 -7.67 -13.78 -13.01
CA GLY A 89 -6.27 -13.72 -13.44
C GLY A 89 -5.85 -12.29 -13.74
N LYS A 90 -6.78 -11.36 -13.61
CA LYS A 90 -6.51 -9.96 -13.89
C LYS A 90 -5.89 -9.27 -12.69
N LEU A 91 -5.97 -9.91 -11.53
CA LEU A 91 -5.38 -9.38 -10.31
C LEU A 91 -4.44 -10.38 -9.66
N LYS A 92 -3.21 -9.95 -9.40
CA LYS A 92 -2.21 -10.83 -8.80
C LYS A 92 -1.86 -10.37 -7.39
N VAL A 93 -2.56 -10.93 -6.39
CA VAL A 93 -2.35 -10.54 -5.01
C VAL A 93 -1.42 -11.52 -4.29
N ILE A 94 -0.31 -11.00 -3.80
CA ILE A 94 0.66 -11.83 -3.09
C ILE A 94 0.84 -11.35 -1.65
N GLY A 95 0.54 -12.22 -0.70
CA GLY A 95 0.69 -11.90 0.72
C GLY A 95 2.10 -12.21 1.21
N PHE A 96 2.68 -11.27 1.96
CA PHE A 96 4.03 -11.41 2.47
C PHE A 96 4.06 -11.38 3.99
N ASP A 97 4.17 -12.55 4.60
CA ASP A 97 4.12 -12.67 6.06
C ASP A 97 5.49 -12.42 6.68
N PHE A 98 5.90 -11.16 6.71
CA PHE A 98 7.13 -10.77 7.39
C PHE A 98 7.32 -9.26 7.38
N SER A 99 8.34 -8.79 8.09
CA SER A 99 8.60 -7.36 8.19
C SER A 99 8.97 -6.76 6.85
N THR A 100 9.29 -5.47 6.85
CA THR A 100 9.63 -4.76 5.62
C THR A 100 11.02 -5.13 5.13
N LYS A 101 11.17 -6.36 4.66
CA LYS A 101 12.46 -6.84 4.15
C LYS A 101 12.52 -6.74 2.63
N MET A 102 11.42 -6.31 2.02
CA MET A 102 11.30 -6.29 0.57
C MET A 102 11.96 -5.04 -0.01
N GLN A 103 13.27 -4.93 0.15
CA GLN A 103 13.99 -3.71 -0.17
C GLN A 103 14.46 -3.70 -1.62
N SER A 104 14.23 -4.80 -2.31
CA SER A 104 14.49 -4.88 -3.75
C SER A 104 13.21 -4.68 -4.55
N ILE A 105 12.11 -5.23 -4.05
CA ILE A 105 10.79 -4.97 -4.62
C ILE A 105 10.46 -3.49 -4.58
N ILE A 106 10.67 -2.86 -3.42
CA ILE A 106 10.30 -1.47 -3.23
C ILE A 106 11.11 -0.55 -4.13
N ARG A 107 12.17 -1.10 -4.72
CA ARG A 107 13.05 -0.32 -5.58
C ARG A 107 12.55 -0.32 -7.02
N ASP A 108 12.53 -1.50 -7.64
CA ASP A 108 12.33 -1.61 -9.08
C ASP A 108 10.93 -2.12 -9.40
N TYR A 109 10.41 -3.00 -8.55
CA TYR A 109 9.14 -3.67 -8.83
C TYR A 109 7.96 -2.76 -8.48
N SER A 110 8.06 -2.07 -7.35
CA SER A 110 7.02 -1.15 -6.92
C SER A 110 6.83 -0.02 -7.93
N ASP A 111 5.58 0.30 -8.23
CA ASP A 111 5.26 1.40 -9.11
C ASP A 111 4.49 2.50 -8.37
N LEU A 112 3.75 2.10 -7.35
CA LEU A 112 3.10 3.05 -6.46
C LEU A 112 3.20 2.61 -5.01
N VAL A 113 3.61 3.53 -4.14
CA VAL A 113 3.90 3.20 -2.75
C VAL A 113 2.69 3.49 -1.86
N ILE A 114 2.26 2.49 -1.10
CA ILE A 114 1.19 2.66 -0.13
C ILE A 114 1.66 2.32 1.28
N SER A 115 1.56 3.29 2.18
CA SER A 115 1.98 3.09 3.57
C SER A 115 0.87 3.46 4.53
N HIS A 116 0.70 2.65 5.58
CA HIS A 116 -0.22 2.97 6.65
C HIS A 116 0.49 3.69 7.80
N ALA A 117 -0.09 4.79 8.26
CA ALA A 117 0.47 5.55 9.36
C ALA A 117 0.55 4.72 10.63
N GLY A 118 1.75 4.65 11.21
CA GLY A 118 1.98 3.80 12.39
C GLY A 118 3.07 2.78 12.12
N THR A 119 3.91 3.05 11.13
CA THR A 119 4.93 2.11 10.70
C THR A 119 6.33 2.65 10.98
N GLY A 120 6.56 3.90 10.60
CA GLY A 120 7.88 4.51 10.75
C GLY A 120 8.64 4.53 9.42
N SER A 121 8.51 3.46 8.66
CA SER A 121 9.17 3.35 7.36
C SER A 121 8.54 4.29 6.34
N ILE A 122 7.36 4.79 6.66
CA ILE A 122 6.71 5.80 5.84
C ILE A 122 7.65 6.97 5.55
N LEU A 123 8.56 7.23 6.49
CA LEU A 123 9.46 8.36 6.38
C LEU A 123 10.41 8.20 5.20
N ASP A 124 10.69 6.95 4.83
CA ASP A 124 11.61 6.66 3.74
C ASP A 124 10.85 6.23 2.49
N SER A 125 9.64 5.73 2.68
CA SER A 125 8.85 5.21 1.56
C SER A 125 8.28 6.34 0.72
N LEU A 126 8.25 7.55 1.28
CA LEU A 126 7.68 8.70 0.60
C LEU A 126 8.76 9.48 -0.13
N ARG A 127 10.00 9.01 -0.04
CA ARG A 127 11.12 9.65 -0.71
C ARG A 127 11.76 8.70 -1.72
N LEU A 128 10.93 7.95 -2.43
CA LEU A 128 11.43 6.93 -3.36
C LEU A 128 11.21 7.37 -4.80
N ASN A 129 10.73 8.60 -4.99
CA ASN A 129 10.44 9.13 -6.31
C ASN A 129 9.32 8.36 -6.99
N LYS A 130 8.35 7.92 -6.19
CA LYS A 130 7.18 7.21 -6.71
C LYS A 130 5.89 7.85 -6.22
N PRO A 131 4.80 7.61 -6.95
CA PRO A 131 3.47 8.05 -6.52
C PRO A 131 3.16 7.55 -5.11
N LEU A 132 2.55 8.41 -4.31
CA LEU A 132 2.47 8.19 -2.87
C LEU A 132 1.03 8.16 -2.40
N ILE A 133 0.63 7.08 -1.74
CA ILE A 133 -0.62 7.03 -1.01
C ILE A 133 -0.41 6.67 0.45
N VAL A 134 -0.99 7.47 1.34
CA VAL A 134 -0.85 7.23 2.77
C VAL A 134 -2.22 7.13 3.44
N CYS A 135 -2.39 6.10 4.27
CA CYS A 135 -3.64 5.89 4.98
C CYS A 135 -3.48 6.17 6.47
N VAL A 136 -4.32 7.07 6.99
CA VAL A 136 -4.26 7.44 8.40
C VAL A 136 -4.93 6.39 9.27
N ASN A 137 -4.74 6.50 10.58
CA ASN A 137 -5.22 5.49 11.52
C ASN A 137 -6.21 6.09 12.51
N ASP A 138 -6.65 5.27 13.46
CA ASP A 138 -7.69 5.67 14.41
C ASP A 138 -7.08 6.19 15.70
N SER A 139 -5.82 5.86 15.93
CA SER A 139 -5.13 6.27 17.15
C SER A 139 -4.74 7.75 17.10
N LEU A 140 -4.68 8.30 15.90
CA LEU A 140 -4.53 9.74 15.72
C LEU A 140 -5.72 10.49 16.31
N MET A 141 -5.45 11.66 16.87
CA MET A 141 -6.50 12.51 17.42
C MET A 141 -7.33 13.14 16.31
N ASP A 142 -8.51 13.65 16.66
CA ASP A 142 -9.37 14.33 15.71
C ASP A 142 -8.63 15.47 15.02
N ASN A 143 -7.81 16.19 15.78
CA ASN A 143 -7.01 17.27 15.23
C ASN A 143 -5.91 16.73 14.33
N HIS A 144 -5.37 15.57 14.69
CA HIS A 144 -4.32 14.94 13.89
C HIS A 144 -4.84 14.55 12.51
N GLN A 145 -5.97 13.87 12.48
CA GLN A 145 -6.55 13.41 11.22
C GLN A 145 -6.90 14.58 10.32
N GLN A 146 -7.40 15.65 10.92
CA GLN A 146 -7.76 16.86 10.17
C GLN A 146 -6.52 17.52 9.57
N GLN A 147 -5.52 17.76 10.41
CA GLN A 147 -4.36 18.54 10.01
C GLN A 147 -3.46 17.74 9.08
N ILE A 148 -3.33 16.45 9.35
CA ILE A 148 -2.50 15.56 8.53
C ILE A 148 -3.06 15.44 7.13
N ALA A 149 -4.37 15.25 7.03
CA ALA A 149 -5.05 15.19 5.73
C ALA A 149 -4.94 16.50 4.98
N ASP A 150 -5.05 17.61 5.71
CA ASP A 150 -4.95 18.93 5.12
C ASP A 150 -3.53 19.19 4.61
N LYS A 151 -2.54 18.70 5.35
CA LYS A 151 -1.15 18.83 4.95
C LYS A 151 -0.87 17.98 3.71
N PHE A 152 -1.43 16.78 3.68
CA PHE A 152 -1.26 15.88 2.54
C PHE A 152 -1.77 16.51 1.26
N VAL A 153 -2.97 17.09 1.32
CA VAL A 153 -3.58 17.71 0.16
C VAL A 153 -2.91 19.03 -0.18
N GLU A 154 -2.60 19.81 0.84
CA GLU A 154 -1.94 21.10 0.66
C GLU A 154 -0.63 20.93 -0.11
N LEU A 155 0.14 19.91 0.27
CA LEU A 155 1.42 19.63 -0.40
C LEU A 155 1.18 19.01 -1.78
N GLY A 156 0.21 18.10 -1.86
CA GLY A 156 -0.30 17.64 -3.14
C GLY A 156 0.61 16.58 -3.75
N TYR A 157 1.43 15.97 -2.91
CA TYR A 157 2.35 14.92 -3.36
C TYR A 157 2.02 13.58 -2.69
N VAL A 158 0.86 13.52 -2.05
CA VAL A 158 0.41 12.30 -1.40
C VAL A 158 -1.09 12.31 -1.17
N TRP A 159 -1.75 11.20 -1.49
CA TRP A 159 -3.17 11.06 -1.25
C TRP A 159 -3.45 10.71 0.21
N SER A 160 -4.51 11.31 0.76
CA SER A 160 -4.91 11.04 2.14
C SER A 160 -6.09 10.06 2.17
N CYS A 161 -5.83 8.86 2.65
CA CYS A 161 -6.87 7.83 2.73
C CYS A 161 -7.25 7.55 4.19
N ALA A 162 -8.50 7.17 4.40
CA ALA A 162 -8.96 6.78 5.72
C ALA A 162 -8.87 5.27 5.92
N PRO A 163 -8.82 4.85 7.18
CA PRO A 163 -8.80 3.42 7.51
C PRO A 163 -10.16 2.79 7.31
N THR A 164 -10.61 2.73 6.05
CA THR A 164 -11.93 2.20 5.73
C THR A 164 -11.95 1.58 4.34
N GLU A 165 -13.10 1.06 3.95
CA GLU A 165 -13.21 0.22 2.75
C GLU A 165 -12.92 1.02 1.50
N THR A 166 -13.29 2.30 1.53
CA THR A 166 -13.14 3.17 0.35
C THR A 166 -12.00 4.15 0.53
N GLY A 167 -11.14 3.88 1.51
CA GLY A 167 -9.99 4.74 1.79
C GLY A 167 -9.02 4.76 0.61
N LEU A 168 -8.62 3.56 0.18
CA LEU A 168 -7.66 3.43 -0.92
C LEU A 168 -8.35 3.61 -2.27
N ILE A 169 -9.65 3.36 -2.31
CA ILE A 169 -10.44 3.58 -3.52
C ILE A 169 -10.48 5.07 -3.88
N ALA A 170 -10.65 5.91 -2.86
CA ALA A 170 -10.64 7.36 -3.07
C ALA A 170 -9.29 7.83 -3.59
N GLY A 171 -8.22 7.32 -2.99
CA GLY A 171 -6.86 7.66 -3.42
C GLY A 171 -6.58 7.14 -4.83
N LEU A 172 -7.07 5.94 -5.12
CA LEU A 172 -6.88 5.34 -6.43
C LEU A 172 -7.56 6.16 -7.52
N ARG A 173 -8.77 6.62 -7.24
CA ARG A 173 -9.50 7.46 -8.18
C ARG A 173 -8.96 8.88 -8.20
N ALA A 174 -8.39 9.30 -7.07
CA ALA A 174 -7.77 10.62 -6.97
C ALA A 174 -6.57 10.73 -7.91
N SER A 175 -5.85 9.63 -8.07
CA SER A 175 -4.72 9.59 -8.99
C SER A 175 -5.17 9.86 -10.42
N GLN A 176 -6.41 9.48 -10.73
CA GLN A 176 -6.98 9.77 -12.04
C GLN A 176 -7.38 11.23 -12.16
N THR A 177 -7.91 11.79 -11.08
CA THR A 177 -8.34 13.18 -11.06
C THR A 177 -7.16 14.12 -11.23
N GLU A 178 -6.15 13.96 -10.39
CA GLU A 178 -4.93 14.74 -10.49
C GLU A 178 -3.69 13.86 -10.49
N LYS A 179 -2.68 14.26 -11.25
CA LYS A 179 -1.45 13.48 -11.36
C LYS A 179 -0.75 13.36 -10.00
N LEU A 180 -0.48 12.13 -9.58
CA LEU A 180 0.13 11.88 -8.28
C LEU A 180 1.65 11.87 -8.38
N LYS A 181 2.28 12.85 -7.74
CA LYS A 181 3.73 13.01 -7.82
C LYS A 181 4.39 12.78 -6.47
N PRO A 182 5.64 12.35 -6.49
CA PRO A 182 6.40 12.12 -5.27
C PRO A 182 6.79 13.44 -4.60
N PHE A 183 7.18 13.36 -3.34
CA PHE A 183 7.68 14.53 -2.62
C PHE A 183 9.02 15.00 -3.18
N PRO A 184 9.16 16.32 -3.31
CA PRO A 184 10.43 16.91 -3.71
C PRO A 184 11.47 16.78 -2.60
N VAL A 185 12.72 17.09 -2.91
CA VAL A 185 13.81 16.97 -1.95
C VAL A 185 13.66 17.98 -0.83
N SER A 186 12.83 19.00 -1.05
CA SER A 186 12.58 20.01 -0.04
C SER A 186 11.56 19.53 0.99
N HIS A 187 10.83 18.48 0.63
CA HIS A 187 9.77 17.96 1.49
C HIS A 187 10.19 16.64 2.13
N ASN A 188 11.42 16.22 1.87
CA ASN A 188 11.99 15.06 2.53
C ASN A 188 12.26 15.34 4.01
N PRO A 189 12.96 16.43 4.27
CA PRO A 189 13.26 16.85 5.64
C PRO A 189 12.03 17.47 6.30
N SER A 190 11.02 17.77 5.50
CA SER A 190 9.78 18.34 6.02
C SER A 190 8.91 17.26 6.65
N PHE A 191 9.33 16.01 6.52
CA PHE A 191 8.62 14.89 7.13
C PHE A 191 8.64 15.00 8.65
N GLU A 192 9.57 15.78 9.18
CA GLU A 192 9.63 16.06 10.60
C GLU A 192 8.33 16.70 11.09
N ARG A 193 7.90 17.74 10.39
CA ARG A 193 6.72 18.49 10.80
C ARG A 193 5.45 17.92 10.18
N LEU A 194 5.62 17.11 9.15
CA LEU A 194 4.49 16.44 8.50
C LEU A 194 4.05 15.21 9.28
N LEU A 195 4.99 14.28 9.46
CA LEU A 195 4.65 12.95 9.94
C LEU A 195 5.11 12.74 11.38
N VAL A 196 6.35 13.16 11.65
CA VAL A 196 6.96 12.91 12.96
C VAL A 196 6.31 13.76 14.04
N GLU A 197 6.01 15.01 13.71
CA GLU A 197 5.38 15.93 14.65
C GLU A 197 3.98 15.45 15.03
N THR A 198 3.24 14.96 14.05
CA THR A 198 1.83 14.65 14.23
C THR A 198 1.62 13.19 14.58
N ILE A 199 2.11 12.31 13.70
CA ILE A 199 1.81 10.88 13.80
C ILE A 199 2.73 10.20 14.82
N TYR A 200 4.03 10.43 14.67
CA TYR A 200 5.02 9.73 15.47
C TYR A 200 5.61 10.64 16.55
N SER A 201 4.77 11.52 17.10
CA SER A 201 5.20 12.42 18.15
C SER A 201 5.87 11.65 19.30
N GLY A 1 -3.60 -11.80 -17.77
CA GLY A 1 -4.78 -11.21 -18.38
C GLY A 1 -4.40 -10.16 -19.42
N ILE A 2 -5.18 -9.08 -19.47
CA ILE A 2 -4.92 -7.99 -20.41
C ILE A 2 -4.54 -6.72 -19.68
N ILE A 3 -4.20 -6.84 -18.40
CA ILE A 3 -3.88 -5.69 -17.58
C ILE A 3 -2.38 -5.57 -17.35
N GLU A 4 -1.83 -4.39 -17.65
CA GLU A 4 -0.43 -4.11 -17.38
C GLU A 4 -0.07 -4.39 -15.92
N GLU A 5 1.10 -4.97 -15.70
CA GLU A 5 1.51 -5.41 -14.37
C GLU A 5 2.40 -4.37 -13.70
N LYS A 6 1.79 -3.33 -13.14
CA LYS A 6 2.48 -2.43 -12.24
C LYS A 6 2.47 -2.96 -10.81
N ALA A 7 3.39 -2.47 -9.99
CA ALA A 7 3.59 -3.03 -8.66
C ALA A 7 2.92 -2.16 -7.59
N LEU A 8 1.91 -2.72 -6.94
CA LEU A 8 1.32 -2.09 -5.77
C LEU A 8 1.79 -2.75 -4.48
N PHE A 9 2.44 -1.97 -3.62
CA PHE A 9 2.92 -2.48 -2.34
C PHE A 9 2.04 -2.00 -1.20
N VAL A 10 1.45 -2.96 -0.47
CA VAL A 10 0.58 -2.64 0.66
C VAL A 10 1.18 -3.12 1.97
N THR A 11 1.26 -2.23 2.95
CA THR A 11 1.79 -2.57 4.27
C THR A 11 0.96 -1.94 5.37
N CYS A 12 0.92 -2.61 6.52
CA CYS A 12 0.06 -2.18 7.63
C CYS A 12 0.85 -1.99 8.90
N GLY A 13 0.33 -1.14 9.79
CA GLY A 13 0.90 -1.01 11.14
C GLY A 13 0.44 -2.15 12.04
N ALA A 14 0.98 -2.20 13.24
CA ALA A 14 0.65 -3.25 14.19
C ALA A 14 -0.49 -2.83 15.12
N THR A 15 -0.84 -1.55 15.07
CA THR A 15 -1.86 -1.00 15.94
C THR A 15 -3.23 -1.60 15.65
N VAL A 16 -3.55 -1.73 14.37
CA VAL A 16 -4.84 -2.27 13.95
C VAL A 16 -4.67 -3.61 13.25
N PRO A 17 -5.50 -4.57 13.63
CA PRO A 17 -5.44 -5.91 13.05
C PRO A 17 -5.46 -5.85 11.53
N PHE A 18 -4.70 -6.74 10.89
CA PHE A 18 -4.60 -6.76 9.44
C PHE A 18 -5.96 -6.95 8.80
N PRO A 19 -6.75 -7.87 9.34
CA PRO A 19 -8.07 -8.17 8.81
C PRO A 19 -8.91 -6.91 8.70
N LYS A 20 -8.69 -5.96 9.60
CA LYS A 20 -9.47 -4.74 9.65
C LYS A 20 -8.92 -3.68 8.70
N LEU A 21 -7.61 -3.70 8.50
CA LEU A 21 -6.95 -2.74 7.62
C LEU A 21 -7.05 -3.16 6.16
N VAL A 22 -7.02 -4.47 5.93
CA VAL A 22 -7.02 -5.01 4.57
C VAL A 22 -8.36 -4.82 3.90
N SER A 23 -9.39 -4.55 4.70
CA SER A 23 -10.75 -4.38 4.19
C SER A 23 -10.83 -3.17 3.27
N CYS A 24 -9.84 -2.29 3.35
CA CYS A 24 -9.82 -1.08 2.54
C CYS A 24 -9.26 -1.34 1.15
N VAL A 25 -8.61 -2.49 1.00
CA VAL A 25 -7.98 -2.84 -0.27
C VAL A 25 -8.55 -4.13 -0.84
N LEU A 26 -9.68 -4.57 -0.27
CA LEU A 26 -10.39 -5.73 -0.78
C LEU A 26 -11.70 -5.31 -1.45
N SER A 27 -11.94 -4.01 -1.50
CA SER A 27 -13.13 -3.48 -2.16
C SER A 27 -13.15 -3.85 -3.63
N ASP A 28 -14.33 -4.19 -4.13
CA ASP A 28 -14.51 -4.49 -5.55
C ASP A 28 -14.22 -3.27 -6.41
N GLU A 29 -14.56 -2.09 -5.89
CA GLU A 29 -14.28 -0.84 -6.60
C GLU A 29 -12.81 -0.48 -6.51
N PHE A 30 -12.20 -0.76 -5.36
CA PHE A 30 -10.77 -0.55 -5.18
C PHE A 30 -9.96 -1.28 -6.24
N CYS A 31 -10.24 -2.57 -6.41
CA CYS A 31 -9.49 -3.40 -7.34
C CYS A 31 -9.92 -3.14 -8.77
N GLN A 32 -11.18 -2.74 -8.95
CA GLN A 32 -11.70 -2.40 -10.27
C GLN A 32 -10.99 -1.18 -10.85
N GLU A 33 -10.58 -0.28 -9.97
CA GLU A 33 -9.88 0.94 -10.38
C GLU A 33 -8.40 0.64 -10.66
N LEU A 34 -7.81 -0.22 -9.85
CA LEU A 34 -6.40 -0.57 -9.99
C LEU A 34 -6.09 -1.06 -11.40
N ILE A 35 -6.99 -1.87 -11.96
CA ILE A 35 -6.80 -2.46 -13.28
C ILE A 35 -7.05 -1.43 -14.38
N GLN A 36 -7.55 -0.26 -13.98
CA GLN A 36 -7.72 0.85 -14.92
C GLN A 36 -6.53 1.79 -14.87
N TYR A 37 -5.61 1.54 -13.94
CA TYR A 37 -4.34 2.25 -13.90
C TYR A 37 -3.17 1.34 -14.27
N GLY A 38 -3.45 0.05 -14.35
CA GLY A 38 -2.48 -0.92 -14.83
C GLY A 38 -1.71 -1.55 -13.67
N PHE A 39 -2.40 -1.73 -12.55
CA PHE A 39 -1.82 -2.42 -11.40
C PHE A 39 -2.29 -3.87 -11.35
N VAL A 40 -1.35 -4.79 -11.20
CA VAL A 40 -1.67 -6.21 -11.08
C VAL A 40 -0.91 -6.85 -9.92
N ARG A 41 0.35 -6.46 -9.77
CA ARG A 41 1.23 -7.10 -8.80
C ARG A 41 1.04 -6.52 -7.41
N LEU A 42 0.47 -7.31 -6.51
CA LEU A 42 0.18 -6.86 -5.16
C LEU A 42 1.14 -7.52 -4.16
N ILE A 43 2.02 -6.72 -3.57
CA ILE A 43 2.94 -7.21 -2.56
C ILE A 43 2.48 -6.80 -1.16
N ILE A 44 2.18 -7.80 -0.33
CA ILE A 44 1.60 -7.56 0.99
C ILE A 44 2.57 -7.92 2.09
N GLN A 45 2.88 -6.96 2.96
CA GLN A 45 3.74 -7.20 4.11
C GLN A 45 2.93 -7.43 5.38
N PHE A 46 3.42 -8.30 6.25
CA PHE A 46 2.84 -8.48 7.56
C PHE A 46 3.87 -8.99 8.56
N GLY A 47 3.55 -8.89 9.84
CA GLY A 47 4.50 -9.20 10.90
C GLY A 47 4.16 -10.53 11.58
N ARG A 48 4.22 -10.54 12.90
CA ARG A 48 3.89 -11.74 13.68
C ARG A 48 2.58 -11.57 14.43
N ASN A 49 2.30 -10.33 14.84
CA ASN A 49 1.05 -10.03 15.53
C ASN A 49 -0.12 -10.05 14.56
N TYR A 50 0.18 -9.99 13.26
CA TYR A 50 -0.86 -10.04 12.23
C TYR A 50 -0.32 -10.70 10.97
N SER A 51 -1.23 -11.26 10.18
CA SER A 51 -0.85 -12.07 9.02
C SER A 51 -1.82 -11.88 7.87
N SER A 52 -1.39 -12.23 6.67
CA SER A 52 -2.22 -12.11 5.48
C SER A 52 -2.67 -13.48 4.98
N GLU A 53 -3.98 -13.70 4.96
CA GLU A 53 -4.53 -14.97 4.52
C GLU A 53 -5.85 -14.77 3.78
N PHE A 54 -5.90 -15.21 2.52
CA PHE A 54 -7.07 -15.03 1.69
C PHE A 54 -7.62 -16.37 1.20
N GLU A 55 -7.35 -17.42 1.97
CA GLU A 55 -7.81 -18.76 1.62
C GLU A 55 -9.32 -18.78 1.36
N HIS A 56 -10.07 -18.29 2.33
CA HIS A 56 -11.53 -18.26 2.21
C HIS A 56 -11.98 -17.33 1.10
N LEU A 57 -11.35 -16.17 1.01
CA LEU A 57 -11.69 -15.18 0.00
C LEU A 57 -11.65 -15.78 -1.40
N VAL A 58 -10.53 -16.43 -1.72
CA VAL A 58 -10.34 -17.01 -3.04
C VAL A 58 -11.25 -18.21 -3.26
N GLN A 59 -11.39 -19.02 -2.22
CA GLN A 59 -12.25 -20.21 -2.28
C GLN A 59 -13.71 -19.82 -2.48
N GLU A 60 -14.11 -18.70 -1.89
CA GLU A 60 -15.46 -18.19 -2.05
C GLU A 60 -15.68 -17.66 -3.46
N ARG A 61 -14.70 -16.95 -3.99
CA ARG A 61 -14.78 -16.40 -5.33
C ARG A 61 -14.62 -17.48 -6.39
N GLY A 62 -13.96 -18.58 -6.01
CA GLY A 62 -13.75 -19.69 -6.93
C GLY A 62 -12.49 -19.47 -7.78
N GLY A 63 -11.51 -18.78 -7.21
CA GLY A 63 -10.28 -18.48 -7.92
C GLY A 63 -9.20 -19.52 -7.62
N GLN A 64 -7.96 -19.17 -7.89
CA GLN A 64 -6.83 -20.07 -7.65
C GLN A 64 -5.91 -19.50 -6.57
N ARG A 65 -5.09 -20.37 -5.99
CA ARG A 65 -4.11 -19.96 -5.00
C ARG A 65 -2.99 -21.00 -4.87
N GLU A 66 -1.77 -20.51 -4.63
CA GLU A 66 -0.59 -21.36 -4.66
C GLU A 66 0.59 -20.71 -3.95
N SER A 67 1.38 -21.51 -3.26
CA SER A 67 2.63 -21.05 -2.69
C SER A 67 3.76 -21.07 -3.72
N GLN A 68 4.40 -19.92 -3.91
CA GLN A 68 5.42 -19.78 -4.94
C GLN A 68 6.66 -19.09 -4.39
N LYS A 69 7.81 -19.37 -5.01
CA LYS A 69 9.09 -18.87 -4.50
C LYS A 69 9.71 -17.87 -5.47
N ILE A 70 9.64 -16.59 -5.11
CA ILE A 70 10.09 -15.52 -5.99
C ILE A 70 11.21 -14.72 -5.34
N PRO A 71 12.31 -14.55 -6.07
CA PRO A 71 13.45 -13.79 -5.58
C PRO A 71 13.03 -12.42 -5.07
N ILE A 72 13.25 -12.17 -3.79
CA ILE A 72 12.96 -10.86 -3.21
C ILE A 72 13.86 -9.79 -3.80
N ASP A 73 15.13 -10.13 -3.99
CA ASP A 73 16.14 -9.13 -4.34
C ASP A 73 16.04 -8.73 -5.81
N GLN A 74 15.25 -9.49 -6.57
CA GLN A 74 15.11 -9.24 -8.00
C GLN A 74 13.72 -8.71 -8.33
N PHE A 75 12.73 -9.11 -7.55
CA PHE A 75 11.34 -8.77 -7.83
C PHE A 75 10.72 -8.00 -6.67
N GLY A 76 11.12 -8.34 -5.46
CA GLY A 76 10.55 -7.72 -4.26
C GLY A 76 9.46 -8.60 -3.65
N CYS A 77 9.19 -9.72 -4.29
CA CYS A 77 8.20 -10.66 -3.80
C CYS A 77 8.86 -11.75 -2.95
N GLY A 78 8.07 -12.38 -2.09
CA GLY A 78 8.61 -13.25 -1.04
C GLY A 78 9.31 -14.47 -1.64
N ASP A 79 10.43 -14.86 -1.05
CA ASP A 79 11.15 -16.04 -1.49
C ASP A 79 10.34 -17.31 -1.24
N THR A 80 9.44 -17.25 -0.26
CA THR A 80 8.45 -18.30 -0.07
C THR A 80 7.07 -17.70 0.17
N ALA A 81 6.49 -17.10 -0.85
CA ALA A 81 5.28 -16.29 -0.69
C ALA A 81 4.02 -17.09 -0.99
N ARG A 82 2.91 -16.66 -0.42
CA ARG A 82 1.61 -17.25 -0.73
C ARG A 82 0.85 -16.41 -1.74
N GLN A 83 0.67 -16.95 -2.94
CA GLN A 83 0.01 -16.22 -4.03
C GLN A 83 -1.48 -16.51 -4.06
N TYR A 84 -2.28 -15.45 -4.17
CA TYR A 84 -3.72 -15.61 -4.35
C TYR A 84 -4.18 -14.94 -5.65
N VAL A 85 -5.11 -15.61 -6.35
CA VAL A 85 -5.63 -15.08 -7.61
C VAL A 85 -7.01 -14.47 -7.42
N LEU A 86 -7.09 -13.15 -7.62
CA LEU A 86 -8.36 -12.44 -7.49
C LEU A 86 -8.68 -11.67 -8.76
N MET A 87 -9.93 -11.22 -8.86
CA MET A 87 -10.36 -10.40 -9.99
C MET A 87 -10.21 -11.16 -11.30
N ASN A 88 -10.33 -12.48 -11.23
CA ASN A 88 -10.25 -13.32 -12.43
C ASN A 88 -8.85 -13.26 -13.05
N GLY A 89 -7.83 -13.14 -12.20
CA GLY A 89 -6.45 -13.15 -12.66
C GLY A 89 -5.93 -11.74 -12.87
N LYS A 90 -6.80 -10.76 -12.70
CA LYS A 90 -6.44 -9.35 -12.89
C LYS A 90 -5.70 -8.80 -11.69
N LEU A 91 -5.86 -9.48 -10.55
CA LEU A 91 -5.11 -9.11 -9.35
C LEU A 91 -4.25 -10.29 -8.87
N LYS A 92 -2.94 -10.06 -8.84
CA LYS A 92 -2.01 -11.10 -8.41
C LYS A 92 -1.49 -10.82 -7.00
N VAL A 93 -2.08 -11.49 -6.02
CA VAL A 93 -1.81 -11.19 -4.62
C VAL A 93 -0.62 -11.99 -4.10
N ILE A 94 0.35 -11.28 -3.51
CA ILE A 94 1.56 -11.92 -3.02
C ILE A 94 1.79 -11.62 -1.54
N GLY A 95 1.34 -12.52 -0.68
CA GLY A 95 1.50 -12.35 0.75
C GLY A 95 2.82 -12.94 1.25
N PHE A 96 3.55 -12.15 2.03
CA PHE A 96 4.81 -12.62 2.62
C PHE A 96 5.28 -11.68 3.72
N ASP A 97 5.86 -12.25 4.78
CA ASP A 97 6.40 -11.47 5.87
C ASP A 97 7.75 -10.86 5.50
N PHE A 98 7.76 -9.57 5.20
CA PHE A 98 8.97 -8.87 4.82
C PHE A 98 9.61 -8.17 6.01
N SER A 99 10.93 -8.04 5.98
CA SER A 99 11.65 -7.26 6.98
C SER A 99 11.92 -5.85 6.48
N THR A 100 12.49 -5.01 7.35
CA THR A 100 12.87 -3.66 6.97
C THR A 100 13.95 -3.68 5.89
N LYS A 101 14.82 -4.68 5.95
CA LYS A 101 15.83 -4.89 4.92
C LYS A 101 15.17 -5.25 3.58
N MET A 102 14.00 -5.88 3.65
CA MET A 102 13.25 -6.22 2.45
C MET A 102 12.39 -5.05 1.98
N GLN A 103 12.10 -4.13 2.90
CA GLN A 103 11.45 -2.89 2.54
C GLN A 103 12.36 -2.01 1.68
N SER A 104 13.65 -2.00 2.02
CA SER A 104 14.63 -1.26 1.24
C SER A 104 14.85 -1.89 -0.13
N ILE A 105 14.39 -3.12 -0.28
CA ILE A 105 14.40 -3.79 -1.58
C ILE A 105 13.13 -3.50 -2.37
N ILE A 106 11.99 -3.63 -1.70
CA ILE A 106 10.69 -3.45 -2.36
C ILE A 106 10.51 -2.02 -2.83
N ARG A 107 11.12 -1.07 -2.13
CA ARG A 107 11.03 0.33 -2.49
C ARG A 107 11.62 0.59 -3.87
N ASP A 108 12.44 -0.35 -4.34
CA ASP A 108 13.02 -0.28 -5.67
C ASP A 108 12.12 -0.95 -6.70
N TYR A 109 11.22 -1.80 -6.22
CA TYR A 109 10.30 -2.51 -7.11
C TYR A 109 8.85 -2.18 -6.77
N SER A 110 8.47 -0.94 -7.01
CA SER A 110 7.11 -0.48 -6.69
C SER A 110 6.72 0.72 -7.54
N ASP A 111 5.45 0.78 -7.92
CA ASP A 111 4.92 1.93 -8.64
C ASP A 111 3.96 2.72 -7.76
N LEU A 112 3.26 2.03 -6.88
CA LEU A 112 2.40 2.68 -5.90
C LEU A 112 2.47 1.99 -4.55
N VAL A 113 2.57 2.78 -3.48
CA VAL A 113 2.55 2.24 -2.13
C VAL A 113 1.30 2.68 -1.38
N ILE A 114 0.71 1.76 -0.63
CA ILE A 114 -0.38 2.07 0.27
C ILE A 114 -0.04 1.70 1.72
N SER A 115 -0.23 2.64 2.63
CA SER A 115 0.16 2.45 4.02
C SER A 115 -1.05 2.54 4.94
N HIS A 116 -1.31 1.46 5.66
CA HIS A 116 -2.45 1.40 6.57
C HIS A 116 -2.03 1.70 8.01
N ALA A 117 -2.59 2.76 8.59
CA ALA A 117 -2.35 3.08 9.99
C ALA A 117 -0.86 3.19 10.27
N GLY A 118 -0.13 3.87 9.38
CA GLY A 118 1.30 4.07 9.55
C GLY A 118 1.82 5.13 8.59
N THR A 119 2.96 5.72 8.93
CA THR A 119 3.57 6.75 8.10
C THR A 119 5.05 6.49 7.89
N GLY A 120 5.57 5.49 8.59
CA GLY A 120 6.98 5.14 8.52
C GLY A 120 7.36 4.67 7.11
N SER A 121 6.40 4.06 6.42
CA SER A 121 6.63 3.56 5.08
C SER A 121 6.77 4.70 4.08
N ILE A 122 6.27 5.87 4.46
CA ILE A 122 6.28 7.03 3.57
C ILE A 122 7.71 7.47 3.27
N LEU A 123 8.58 7.31 4.25
CA LEU A 123 9.98 7.72 4.10
C LEU A 123 10.55 7.25 2.77
N ASP A 124 10.41 5.96 2.49
CA ASP A 124 10.98 5.37 1.29
C ASP A 124 10.26 5.86 0.04
N SER A 125 8.93 5.88 0.09
CA SER A 125 8.12 6.12 -1.10
C SER A 125 8.40 7.50 -1.68
N LEU A 126 8.20 8.53 -0.87
CA LEU A 126 8.28 9.91 -1.34
C LEU A 126 9.74 10.32 -1.58
N ARG A 127 10.65 9.67 -0.87
CA ARG A 127 12.08 9.89 -1.08
C ARG A 127 12.50 9.46 -2.48
N LEU A 128 11.80 8.46 -3.03
CA LEU A 128 12.06 8.01 -4.39
C LEU A 128 11.09 8.64 -5.39
N ASN A 129 10.34 9.62 -4.91
CA ASN A 129 9.40 10.33 -5.77
C ASN A 129 8.29 9.42 -6.27
N LYS A 130 7.88 8.48 -5.42
CA LYS A 130 6.83 7.55 -5.77
C LYS A 130 5.56 7.81 -4.97
N PRO A 131 4.42 7.74 -5.64
CA PRO A 131 3.13 8.05 -5.00
C PRO A 131 2.86 7.10 -3.84
N LEU A 132 2.25 7.65 -2.78
CA LEU A 132 1.78 6.82 -1.68
C LEU A 132 0.39 7.27 -1.21
N ILE A 133 -0.47 6.29 -0.92
CA ILE A 133 -1.81 6.57 -0.43
C ILE A 133 -2.00 6.04 0.99
N VAL A 134 -2.54 6.88 1.87
CA VAL A 134 -2.91 6.45 3.20
C VAL A 134 -4.39 6.08 3.27
N CYS A 135 -4.67 4.78 3.22
CA CYS A 135 -6.04 4.29 3.36
C CYS A 135 -6.31 3.81 4.79
N VAL A 136 -7.39 4.31 5.37
CA VAL A 136 -7.76 3.96 6.74
C VAL A 136 -9.18 3.41 6.80
N ASN A 137 -9.46 2.65 7.86
CA ASN A 137 -10.79 2.08 8.05
C ASN A 137 -11.61 2.89 9.05
N ASP A 138 -12.71 2.31 9.52
CA ASP A 138 -13.68 3.05 10.30
C ASP A 138 -13.44 2.87 11.80
N SER A 139 -12.26 2.38 12.15
CA SER A 139 -11.86 2.26 13.54
C SER A 139 -11.46 3.61 14.12
N LEU A 140 -11.14 4.56 13.24
CA LEU A 140 -10.81 5.91 13.66
C LEU A 140 -12.07 6.77 13.79
N MET A 141 -12.00 7.77 14.66
CA MET A 141 -13.09 8.73 14.80
C MET A 141 -13.29 9.53 13.51
N ASP A 142 -14.56 9.80 13.18
CA ASP A 142 -14.89 10.52 11.96
C ASP A 142 -14.07 11.80 11.83
N ASN A 143 -13.88 12.49 12.96
CA ASN A 143 -13.07 13.70 12.99
C ASN A 143 -11.61 13.39 12.68
N HIS A 144 -11.15 12.23 13.14
CA HIS A 144 -9.77 11.82 12.92
C HIS A 144 -9.54 11.39 11.47
N GLN A 145 -10.57 10.81 10.86
CA GLN A 145 -10.50 10.40 9.47
C GLN A 145 -10.33 11.60 8.55
N GLN A 146 -11.10 12.66 8.82
CA GLN A 146 -10.98 13.90 8.06
C GLN A 146 -9.67 14.61 8.38
N GLN A 147 -9.24 14.54 9.64
CA GLN A 147 -8.01 15.18 10.08
C GLN A 147 -6.82 14.70 9.28
N ILE A 148 -6.84 13.42 8.90
CA ILE A 148 -5.78 12.84 8.10
C ILE A 148 -5.59 13.61 6.80
N ALA A 149 -6.65 13.69 6.01
CA ALA A 149 -6.59 14.31 4.69
C ALA A 149 -6.36 15.81 4.80
N ASP A 150 -6.88 16.41 5.88
CA ASP A 150 -6.83 17.85 6.05
C ASP A 150 -5.41 18.38 5.86
N LYS A 151 -4.45 17.70 6.47
CA LYS A 151 -3.07 18.18 6.49
C LYS A 151 -2.23 17.46 5.44
N PHE A 152 -2.52 16.19 5.21
CA PHE A 152 -1.77 15.39 4.26
C PHE A 152 -1.97 15.89 2.84
N VAL A 153 -3.16 16.42 2.56
CA VAL A 153 -3.50 16.92 1.23
C VAL A 153 -3.22 18.40 1.11
N GLU A 154 -3.55 19.15 2.17
CA GLU A 154 -3.25 20.58 2.22
C GLU A 154 -1.77 20.84 1.94
N LEU A 155 -0.91 20.05 2.56
CA LEU A 155 0.52 20.16 2.35
C LEU A 155 0.93 19.59 0.99
N GLY A 156 0.13 18.65 0.49
CA GLY A 156 0.39 18.04 -0.81
C GLY A 156 1.52 17.01 -0.70
N TYR A 157 1.51 16.23 0.37
CA TYR A 157 2.61 15.33 0.67
C TYR A 157 2.21 13.88 0.44
N VAL A 158 0.99 13.53 0.82
CA VAL A 158 0.50 12.17 0.69
C VAL A 158 -1.02 12.13 0.63
N TRP A 159 -1.56 11.18 -0.14
CA TRP A 159 -3.00 11.09 -0.34
C TRP A 159 -3.67 10.34 0.81
N SER A 160 -4.98 10.50 0.92
CA SER A 160 -5.75 9.88 2.00
C SER A 160 -7.09 9.36 1.50
N CYS A 161 -7.46 8.17 1.98
CA CYS A 161 -8.70 7.54 1.55
C CYS A 161 -9.55 7.12 2.75
N ALA A 162 -10.82 7.48 2.72
CA ALA A 162 -11.78 7.00 3.70
C ALA A 162 -12.37 5.66 3.30
N PRO A 163 -12.90 4.92 4.27
CA PRO A 163 -13.48 3.61 4.02
C PRO A 163 -14.86 3.73 3.37
N THR A 164 -14.88 4.27 2.15
CA THR A 164 -16.12 4.37 1.40
C THR A 164 -15.93 3.93 -0.05
N GLU A 165 -17.02 3.89 -0.80
CA GLU A 165 -16.99 3.37 -2.16
C GLU A 165 -16.14 4.24 -3.07
N THR A 166 -16.09 5.53 -2.77
CA THR A 166 -15.32 6.48 -3.57
C THR A 166 -14.07 6.94 -2.83
N GLY A 167 -14.11 6.85 -1.50
CA GLY A 167 -13.00 7.29 -0.68
C GLY A 167 -11.77 6.41 -0.88
N LEU A 168 -12.01 5.12 -1.08
CA LEU A 168 -10.92 4.15 -1.20
C LEU A 168 -10.28 4.23 -2.59
N ILE A 169 -10.93 4.97 -3.49
CA ILE A 169 -10.42 5.11 -4.85
C ILE A 169 -10.16 6.59 -5.17
N ALA A 170 -10.49 7.46 -4.23
CA ALA A 170 -10.21 8.89 -4.37
C ALA A 170 -8.72 9.14 -4.47
N GLY A 171 -7.95 8.44 -3.63
CA GLY A 171 -6.49 8.56 -3.64
C GLY A 171 -5.91 7.92 -4.90
N LEU A 172 -6.54 6.85 -5.37
CA LEU A 172 -6.08 6.16 -6.57
C LEU A 172 -6.21 7.05 -7.79
N ARG A 173 -7.25 7.87 -7.82
CA ARG A 173 -7.44 8.85 -8.89
C ARG A 173 -6.58 10.09 -8.66
N ALA A 174 -6.44 10.48 -7.39
CA ALA A 174 -5.66 11.66 -7.04
C ALA A 174 -4.18 11.46 -7.35
N SER A 175 -3.74 10.21 -7.31
CA SER A 175 -2.35 9.88 -7.60
C SER A 175 -1.98 10.31 -9.02
N GLN A 176 -2.98 10.40 -9.89
CA GLN A 176 -2.75 10.78 -11.28
C GLN A 176 -3.13 12.23 -11.53
N THR A 177 -3.46 12.94 -10.46
CA THR A 177 -3.94 14.31 -10.57
C THR A 177 -2.86 15.31 -10.19
N GLU A 178 -2.26 15.12 -9.02
CA GLU A 178 -1.24 16.02 -8.52
C GLU A 178 0.00 15.25 -8.08
N LYS A 179 1.16 15.90 -8.17
CA LYS A 179 2.42 15.29 -7.73
C LYS A 179 2.66 15.52 -6.25
N LEU A 180 3.06 14.47 -5.55
CA LEU A 180 3.30 14.54 -4.12
C LEU A 180 4.71 15.03 -3.82
N LYS A 181 4.86 15.76 -2.72
CA LYS A 181 6.17 16.16 -2.23
C LYS A 181 6.52 15.44 -0.94
N PRO A 182 7.81 15.21 -0.73
CA PRO A 182 8.28 14.51 0.46
C PRO A 182 7.93 15.27 1.73
N PHE A 183 7.76 14.54 2.83
CA PHE A 183 7.64 15.15 4.14
C PHE A 183 8.96 15.75 4.60
N PRO A 184 8.88 16.81 5.41
CA PRO A 184 10.05 17.33 6.09
C PRO A 184 10.62 16.32 7.07
N VAL A 185 9.80 15.35 7.46
CA VAL A 185 10.24 14.29 8.36
C VAL A 185 11.12 13.28 7.64
N SER A 186 12.31 13.06 8.16
CA SER A 186 13.24 12.10 7.58
C SER A 186 13.54 10.96 8.54
N HIS A 187 12.85 10.94 9.67
CA HIS A 187 13.10 9.95 10.70
C HIS A 187 11.84 9.13 10.99
N ASN A 188 12.04 7.84 11.26
CA ASN A 188 10.93 6.95 11.52
C ASN A 188 10.24 7.27 12.84
N PRO A 189 11.04 7.48 13.88
CA PRO A 189 10.52 7.87 15.18
C PRO A 189 9.66 9.12 15.08
N SER A 190 10.04 10.02 14.18
CA SER A 190 9.31 11.27 13.97
C SER A 190 8.05 11.04 13.15
N PHE A 191 8.11 10.07 12.25
CA PHE A 191 6.92 9.63 11.51
C PHE A 191 5.90 8.99 12.44
N GLU A 192 6.39 8.31 13.47
CA GLU A 192 5.52 7.72 14.48
C GLU A 192 4.76 8.79 15.24
N ARG A 193 5.41 9.92 15.48
CA ARG A 193 4.75 11.08 16.08
C ARG A 193 3.68 11.64 15.15
N LEU A 194 4.01 11.78 13.88
CA LEU A 194 3.04 12.17 12.86
C LEU A 194 1.87 11.21 12.83
N LEU A 195 2.17 9.92 12.87
CA LEU A 195 1.13 8.88 12.85
C LEU A 195 0.13 9.11 13.98
N VAL A 196 0.63 9.26 15.20
CA VAL A 196 -0.22 9.40 16.37
C VAL A 196 -1.03 10.69 16.32
N GLU A 197 -0.34 11.79 16.01
CA GLU A 197 -0.94 13.12 16.15
C GLU A 197 -1.96 13.38 15.06
N THR A 198 -1.70 12.85 13.87
CA THR A 198 -2.52 13.17 12.70
C THR A 198 -3.56 12.09 12.44
N ILE A 199 -3.12 10.85 12.39
CA ILE A 199 -3.97 9.75 11.94
C ILE A 199 -4.76 9.16 13.10
N TYR A 200 -4.07 8.76 14.15
CA TYR A 200 -4.70 8.09 15.28
C TYR A 200 -5.58 9.04 16.07
N SER A 201 -5.03 10.20 16.42
CA SER A 201 -5.77 11.21 17.16
C SER A 201 -5.04 12.55 17.14
N GLY A 1 0.85 4.99 -18.92
CA GLY A 1 1.10 4.22 -17.71
C GLY A 1 0.06 3.10 -17.54
N ILE A 2 -1.14 3.36 -18.05
CA ILE A 2 -2.25 2.41 -17.90
C ILE A 2 -1.97 1.12 -18.66
N ILE A 3 -1.25 1.23 -19.77
CA ILE A 3 -0.96 0.08 -20.62
C ILE A 3 0.17 -0.75 -20.04
N GLU A 4 0.86 -0.20 -19.04
CA GLU A 4 1.95 -0.91 -18.38
C GLU A 4 1.46 -1.63 -17.12
N GLU A 5 2.17 -2.68 -16.74
CA GLU A 5 1.82 -3.44 -15.54
C GLU A 5 2.44 -2.82 -14.30
N LYS A 6 1.65 -2.02 -13.59
CA LYS A 6 2.13 -1.32 -12.40
C LYS A 6 1.97 -2.16 -11.15
N ALA A 7 2.75 -1.85 -10.13
CA ALA A 7 2.75 -2.64 -8.90
C ALA A 7 2.42 -1.78 -7.69
N LEU A 8 1.54 -2.28 -6.83
CA LEU A 8 1.22 -1.60 -5.58
C LEU A 8 1.99 -2.20 -4.41
N PHE A 9 2.41 -1.35 -3.49
CA PHE A 9 3.12 -1.79 -2.29
C PHE A 9 2.34 -1.46 -1.03
N VAL A 10 1.56 -2.43 -0.55
CA VAL A 10 0.67 -2.20 0.58
C VAL A 10 1.27 -2.74 1.87
N THR A 11 1.41 -1.86 2.86
CA THR A 11 1.85 -2.28 4.19
C THR A 11 0.94 -1.71 5.27
N CYS A 12 0.48 -2.57 6.16
CA CYS A 12 -0.43 -2.17 7.23
C CYS A 12 0.22 -2.31 8.60
N GLY A 13 -0.12 -1.39 9.51
CA GLY A 13 0.39 -1.46 10.88
C GLY A 13 -0.41 -2.46 11.71
N ALA A 14 0.06 -2.71 12.93
CA ALA A 14 -0.58 -3.69 13.80
C ALA A 14 -1.60 -3.01 14.72
N THR A 15 -1.52 -1.69 14.81
CA THR A 15 -2.42 -0.92 15.65
C THR A 15 -3.88 -1.19 15.30
N VAL A 16 -4.20 -1.10 14.01
CA VAL A 16 -5.54 -1.43 13.53
C VAL A 16 -5.58 -2.85 12.99
N PRO A 17 -6.64 -3.58 13.36
CA PRO A 17 -6.80 -4.96 12.94
C PRO A 17 -6.52 -5.13 11.45
N PHE A 18 -5.70 -6.13 11.11
CA PHE A 18 -5.29 -6.33 9.73
C PHE A 18 -6.48 -6.66 8.84
N PRO A 19 -7.39 -7.48 9.35
CA PRO A 19 -8.59 -7.85 8.61
C PRO A 19 -9.32 -6.62 8.10
N LYS A 20 -9.23 -5.53 8.85
CA LYS A 20 -9.85 -4.26 8.45
C LYS A 20 -9.00 -3.56 7.41
N LEU A 21 -7.69 -3.79 7.45
CA LEU A 21 -6.74 -3.04 6.64
C LEU A 21 -6.49 -3.74 5.31
N VAL A 22 -7.06 -4.92 5.15
CA VAL A 22 -6.97 -5.65 3.90
C VAL A 22 -8.29 -5.58 3.12
N SER A 23 -9.33 -5.12 3.79
CA SER A 23 -10.64 -4.99 3.17
C SER A 23 -10.65 -3.89 2.11
N CYS A 24 -9.63 -3.04 2.15
CA CYS A 24 -9.54 -1.91 1.23
C CYS A 24 -8.83 -2.32 -0.05
N VAL A 25 -8.15 -3.47 -0.03
CA VAL A 25 -7.37 -3.92 -1.16
C VAL A 25 -7.90 -5.24 -1.70
N LEU A 26 -8.86 -5.83 -0.98
CA LEU A 26 -9.43 -7.11 -1.38
C LEU A 26 -10.88 -6.96 -1.82
N SER A 27 -11.35 -5.72 -1.88
CA SER A 27 -12.72 -5.43 -2.25
C SER A 27 -12.95 -5.64 -3.74
N ASP A 28 -14.18 -5.98 -4.10
CA ASP A 28 -14.51 -6.28 -5.49
C ASP A 28 -14.39 -5.05 -6.37
N GLU A 29 -14.73 -3.89 -5.81
CA GLU A 29 -14.61 -2.64 -6.52
C GLU A 29 -13.15 -2.24 -6.72
N PHE A 30 -12.35 -2.41 -5.67
CA PHE A 30 -10.94 -2.06 -5.73
C PHE A 30 -10.21 -2.82 -6.82
N CYS A 31 -10.36 -4.13 -6.83
CA CYS A 31 -9.63 -5.00 -7.74
C CYS A 31 -9.97 -4.69 -9.19
N GLN A 32 -11.21 -4.28 -9.42
CA GLN A 32 -11.68 -3.95 -10.76
C GLN A 32 -11.15 -2.59 -11.21
N GLU A 33 -11.13 -1.64 -10.28
CA GLU A 33 -10.70 -0.28 -10.59
C GLU A 33 -9.23 -0.25 -10.99
N LEU A 34 -8.44 -1.16 -10.42
CA LEU A 34 -7.02 -1.26 -10.74
C LEU A 34 -6.80 -1.43 -12.24
N ILE A 35 -7.73 -2.12 -12.90
CA ILE A 35 -7.58 -2.44 -14.31
C ILE A 35 -7.50 -1.17 -15.16
N GLN A 36 -8.31 -0.17 -14.80
CA GLN A 36 -8.35 1.07 -15.55
C GLN A 36 -7.26 2.03 -15.10
N TYR A 37 -6.64 1.71 -13.96
CA TYR A 37 -5.53 2.51 -13.44
C TYR A 37 -4.20 2.04 -14.01
N GLY A 38 -4.14 0.77 -14.40
CA GLY A 38 -2.93 0.20 -14.96
C GLY A 38 -2.17 -0.63 -13.93
N PHE A 39 -2.84 -0.93 -12.82
CA PHE A 39 -2.23 -1.72 -11.75
C PHE A 39 -2.57 -3.20 -11.90
N VAL A 40 -1.54 -4.04 -11.95
CA VAL A 40 -1.73 -5.47 -12.16
C VAL A 40 -1.17 -6.27 -10.99
N ARG A 41 -0.02 -5.84 -10.47
CA ARG A 41 0.62 -6.52 -9.35
C ARG A 41 0.25 -5.84 -8.03
N LEU A 42 -0.18 -6.65 -7.07
CA LEU A 42 -0.46 -6.15 -5.72
C LEU A 42 0.34 -6.91 -4.67
N ILE A 43 1.35 -6.26 -4.11
CA ILE A 43 2.20 -6.88 -3.11
C ILE A 43 1.87 -6.38 -1.71
N ILE A 44 1.53 -7.31 -0.82
CA ILE A 44 1.16 -6.97 0.54
C ILE A 44 2.16 -7.50 1.54
N GLN A 45 2.83 -6.59 2.25
CA GLN A 45 3.93 -6.97 3.13
C GLN A 45 3.54 -6.80 4.59
N PHE A 46 3.28 -7.91 5.26
CA PHE A 46 2.93 -7.89 6.68
C PHE A 46 4.04 -8.51 7.53
N GLY A 47 3.84 -8.50 8.84
CA GLY A 47 4.88 -8.93 9.77
C GLY A 47 4.89 -10.44 9.94
N ARG A 48 5.04 -10.89 11.18
CA ARG A 48 5.31 -12.30 11.45
C ARG A 48 4.07 -13.15 11.24
N ASN A 49 3.90 -13.63 10.01
CA ASN A 49 2.92 -14.67 9.72
C ASN A 49 1.54 -14.08 9.44
N TYR A 50 1.30 -13.70 8.19
CA TYR A 50 -0.03 -13.28 7.75
C TYR A 50 -0.35 -13.84 6.38
N SER A 51 0.69 -14.20 5.63
CA SER A 51 0.51 -14.83 4.33
C SER A 51 -0.32 -16.11 4.45
N SER A 52 -0.22 -16.76 5.59
CA SER A 52 -0.99 -17.98 5.83
C SER A 52 -2.45 -17.67 6.10
N GLU A 53 -2.72 -16.43 6.48
CA GLU A 53 -4.10 -15.97 6.65
C GLU A 53 -4.73 -15.60 5.31
N PHE A 54 -3.90 -15.11 4.39
CA PHE A 54 -4.37 -14.80 3.04
C PHE A 54 -4.79 -16.07 2.31
N GLU A 55 -4.31 -17.21 2.78
CA GLU A 55 -4.71 -18.50 2.22
C GLU A 55 -6.22 -18.71 2.34
N HIS A 56 -6.82 -18.12 3.36
CA HIS A 56 -8.24 -18.28 3.61
C HIS A 56 -9.02 -17.03 3.20
N LEU A 57 -8.32 -15.91 3.12
CA LEU A 57 -8.92 -14.67 2.62
C LEU A 57 -9.26 -14.79 1.14
N VAL A 58 -8.38 -15.43 0.37
CA VAL A 58 -8.62 -15.66 -1.04
C VAL A 58 -9.75 -16.67 -1.25
N GLN A 59 -9.96 -17.53 -0.26
CA GLN A 59 -11.08 -18.46 -0.30
C GLN A 59 -12.40 -17.76 -0.08
N GLU A 60 -12.39 -16.73 0.76
CA GLU A 60 -13.55 -15.87 0.95
C GLU A 60 -13.80 -14.99 -0.27
N ARG A 61 -12.71 -14.62 -0.94
CA ARG A 61 -12.81 -13.79 -2.13
C ARG A 61 -13.19 -14.60 -3.36
N GLY A 62 -12.88 -15.90 -3.33
CA GLY A 62 -13.24 -16.81 -4.40
C GLY A 62 -12.19 -16.80 -5.50
N GLY A 63 -10.93 -16.57 -5.12
CA GLY A 63 -9.83 -16.57 -6.07
C GLY A 63 -9.13 -17.92 -6.11
N GLN A 64 -7.95 -17.95 -6.71
CA GLN A 64 -7.16 -19.18 -6.78
C GLN A 64 -5.76 -18.96 -6.21
N ARG A 65 -5.43 -19.71 -5.17
CA ARG A 65 -4.08 -19.69 -4.61
C ARG A 65 -3.12 -20.55 -5.43
N GLU A 66 -1.99 -19.95 -5.81
CA GLU A 66 -0.97 -20.68 -6.56
C GLU A 66 0.43 -20.28 -6.10
N SER A 67 0.73 -20.51 -4.83
CA SER A 67 2.00 -20.11 -4.25
C SER A 67 3.17 -20.79 -4.96
N GLN A 68 4.16 -19.99 -5.37
CA GLN A 68 5.35 -20.52 -6.00
C GLN A 68 6.58 -20.33 -5.12
N LYS A 69 7.66 -21.03 -5.44
CA LYS A 69 8.91 -20.87 -4.74
C LYS A 69 9.73 -19.72 -5.31
N ILE A 70 9.40 -18.49 -4.89
CA ILE A 70 9.99 -17.30 -5.46
C ILE A 70 11.51 -17.28 -5.24
N PRO A 71 12.26 -17.19 -6.33
CA PRO A 71 13.72 -17.17 -6.26
C PRO A 71 14.21 -15.99 -5.44
N ILE A 72 15.31 -16.19 -4.72
CA ILE A 72 15.98 -15.10 -4.01
C ILE A 72 16.71 -14.18 -4.97
N ASP A 73 17.39 -14.77 -5.96
CA ASP A 73 18.17 -14.00 -6.91
C ASP A 73 17.29 -13.15 -7.80
N GLN A 74 16.10 -13.67 -8.12
CA GLN A 74 15.16 -12.94 -8.97
C GLN A 74 14.44 -11.86 -8.18
N PHE A 75 13.70 -12.27 -7.14
CA PHE A 75 12.94 -11.34 -6.33
C PHE A 75 13.66 -11.04 -5.02
N GLY A 76 13.90 -12.08 -4.23
CA GLY A 76 14.47 -11.92 -2.89
C GLY A 76 13.55 -12.54 -1.84
N CYS A 77 12.97 -13.70 -2.16
CA CYS A 77 12.09 -14.40 -1.24
C CYS A 77 12.32 -15.90 -1.29
N GLY A 78 11.50 -16.65 -0.57
CA GLY A 78 11.56 -18.10 -0.59
C GLY A 78 10.21 -18.71 -0.90
N ASP A 79 9.83 -19.73 -0.13
CA ASP A 79 8.52 -20.37 -0.29
C ASP A 79 7.56 -19.96 0.82
N THR A 80 7.82 -18.80 1.41
CA THR A 80 6.97 -18.28 2.48
C THR A 80 5.90 -17.35 1.94
N ALA A 81 6.12 -16.85 0.72
CA ALA A 81 5.16 -15.97 0.07
C ALA A 81 3.98 -16.76 -0.49
N ARG A 82 2.86 -16.07 -0.72
CA ARG A 82 1.67 -16.71 -1.25
C ARG A 82 1.10 -15.92 -2.42
N GLN A 83 1.02 -16.58 -3.58
CA GLN A 83 0.52 -15.93 -4.79
C GLN A 83 -0.97 -16.23 -4.98
N TYR A 84 -1.72 -15.23 -5.44
CA TYR A 84 -3.16 -15.37 -5.58
C TYR A 84 -3.63 -14.77 -6.90
N VAL A 85 -4.52 -15.48 -7.59
CA VAL A 85 -5.08 -15.01 -8.84
C VAL A 85 -6.50 -14.50 -8.66
N LEU A 86 -6.69 -13.21 -8.94
CA LEU A 86 -8.01 -12.59 -8.85
C LEU A 86 -8.42 -11.96 -10.17
N MET A 87 -9.72 -11.74 -10.34
CA MET A 87 -10.23 -11.05 -11.52
C MET A 87 -9.91 -11.83 -12.79
N ASN A 88 -9.84 -13.15 -12.67
CA ASN A 88 -9.60 -14.01 -13.82
C ASN A 88 -8.22 -13.76 -14.42
N GLY A 89 -7.26 -13.45 -13.57
CA GLY A 89 -5.87 -13.31 -14.00
C GLY A 89 -5.53 -11.85 -14.25
N LYS A 90 -6.51 -10.97 -14.08
CA LYS A 90 -6.32 -9.55 -14.32
C LYS A 90 -5.67 -8.87 -13.12
N LEU A 91 -5.77 -9.51 -11.95
CA LEU A 91 -5.11 -9.01 -10.76
C LEU A 91 -4.26 -10.10 -10.11
N LYS A 92 -2.96 -9.84 -9.98
CA LYS A 92 -2.06 -10.76 -9.32
C LYS A 92 -1.69 -10.27 -7.92
N VAL A 93 -2.17 -10.98 -6.90
CA VAL A 93 -1.94 -10.58 -5.52
C VAL A 93 -1.00 -11.55 -4.82
N ILE A 94 0.09 -11.01 -4.26
CA ILE A 94 1.07 -11.83 -3.57
C ILE A 94 1.32 -11.32 -2.16
N GLY A 95 1.11 -12.18 -1.17
CA GLY A 95 1.35 -11.83 0.22
C GLY A 95 2.76 -12.21 0.66
N PHE A 96 3.38 -11.35 1.45
CA PHE A 96 4.71 -11.62 1.99
C PHE A 96 4.71 -11.48 3.52
N ASP A 97 5.57 -12.26 4.17
CA ASP A 97 5.78 -12.12 5.61
C ASP A 97 7.09 -11.42 5.91
N PHE A 98 7.48 -10.49 5.03
CA PHE A 98 8.78 -9.85 5.13
C PHE A 98 8.88 -8.99 6.40
N SER A 99 10.08 -8.92 6.95
CA SER A 99 10.32 -8.10 8.14
C SER A 99 10.36 -6.62 7.79
N THR A 100 10.62 -5.78 8.79
CA THR A 100 10.81 -4.36 8.57
C THR A 100 12.15 -4.08 7.91
N LYS A 101 12.97 -5.10 7.78
CA LYS A 101 14.23 -5.00 7.04
C LYS A 101 14.08 -5.55 5.63
N MET A 102 13.36 -6.66 5.51
CA MET A 102 13.21 -7.33 4.22
C MET A 102 12.24 -6.57 3.31
N GLN A 103 11.48 -5.65 3.91
CA GLN A 103 10.51 -4.87 3.17
C GLN A 103 11.20 -3.97 2.14
N SER A 104 12.48 -3.74 2.33
CA SER A 104 13.27 -2.96 1.39
C SER A 104 13.42 -3.70 0.06
N ILE A 105 13.24 -5.01 0.09
CA ILE A 105 13.20 -5.82 -1.12
C ILE A 105 11.98 -5.48 -1.97
N ILE A 106 10.80 -5.59 -1.36
CA ILE A 106 9.55 -5.29 -2.06
C ILE A 106 9.51 -3.84 -2.51
N ARG A 107 10.12 -2.96 -1.73
CA ARG A 107 10.20 -1.55 -2.08
C ARG A 107 10.67 -1.36 -3.52
N ASP A 108 11.62 -2.19 -3.94
CA ASP A 108 12.26 -2.03 -5.24
C ASP A 108 11.35 -2.54 -6.36
N TYR A 109 10.28 -3.21 -5.97
CA TYR A 109 9.37 -3.83 -6.94
C TYR A 109 7.99 -3.18 -6.90
N SER A 110 7.97 -1.86 -6.77
CA SER A 110 6.72 -1.13 -6.58
C SER A 110 6.72 0.17 -7.38
N ASP A 111 5.52 0.65 -7.71
CA ASP A 111 5.37 1.92 -8.40
C ASP A 111 4.60 2.92 -7.54
N LEU A 112 3.70 2.42 -6.72
CA LEU A 112 2.93 3.25 -5.81
C LEU A 112 2.80 2.61 -4.43
N VAL A 113 3.11 3.37 -3.39
CA VAL A 113 3.17 2.83 -2.04
C VAL A 113 1.94 3.23 -1.23
N ILE A 114 1.38 2.26 -0.50
CA ILE A 114 0.15 2.48 0.25
C ILE A 114 0.34 2.08 1.71
N SER A 115 0.22 3.05 2.61
CA SER A 115 0.44 2.82 4.03
C SER A 115 -0.86 2.84 4.81
N HIS A 116 -1.21 1.70 5.40
CA HIS A 116 -2.42 1.60 6.19
C HIS A 116 -2.11 1.65 7.69
N ALA A 117 -2.73 2.61 8.38
CA ALA A 117 -2.64 2.67 9.83
C ALA A 117 -1.20 2.66 10.30
N GLY A 118 -0.37 3.50 9.68
CA GLY A 118 1.04 3.59 10.04
C GLY A 118 1.77 4.60 9.14
N THR A 119 3.01 4.90 9.50
CA THR A 119 3.79 5.89 8.77
C THR A 119 5.18 5.37 8.44
N GLY A 120 5.48 4.16 8.90
CA GLY A 120 6.81 3.58 8.76
C GLY A 120 7.20 3.44 7.30
N SER A 121 6.21 3.15 6.46
CA SER A 121 6.46 2.87 5.04
C SER A 121 6.47 4.17 4.23
N ILE A 122 6.07 5.26 4.85
CA ILE A 122 5.90 6.53 4.15
C ILE A 122 7.26 7.15 3.84
N LEU A 123 8.16 7.10 4.81
CA LEU A 123 9.52 7.60 4.62
C LEU A 123 10.26 6.80 3.54
N ASP A 124 9.98 5.50 3.49
CA ASP A 124 10.54 4.63 2.46
C ASP A 124 10.01 5.01 1.08
N SER A 125 8.73 5.35 1.01
CA SER A 125 8.12 5.84 -0.22
C SER A 125 8.75 7.16 -0.64
N LEU A 126 9.05 8.01 0.33
CA LEU A 126 9.69 9.29 0.06
C LEU A 126 11.08 9.09 -0.53
N ARG A 127 11.84 8.16 0.04
CA ARG A 127 13.16 7.82 -0.47
C ARG A 127 13.07 7.14 -1.83
N LEU A 128 12.00 6.36 -2.02
CA LEU A 128 11.73 5.74 -3.31
C LEU A 128 11.24 6.77 -4.32
N ASN A 129 10.67 7.86 -3.82
CA ASN A 129 10.16 8.92 -4.68
C ASN A 129 8.93 8.47 -5.46
N LYS A 130 8.04 7.76 -4.78
CA LYS A 130 6.81 7.28 -5.39
C LYS A 130 5.58 7.83 -4.68
N PRO A 131 4.46 7.86 -5.39
CA PRO A 131 3.20 8.33 -4.81
C PRO A 131 2.87 7.57 -3.53
N LEU A 132 2.19 8.26 -2.61
CA LEU A 132 2.06 7.76 -1.24
C LEU A 132 0.65 8.00 -0.72
N ILE A 133 -0.08 6.91 -0.46
CA ILE A 133 -1.41 6.99 0.11
C ILE A 133 -1.41 6.61 1.59
N VAL A 134 -2.17 7.36 2.39
CA VAL A 134 -2.33 7.03 3.80
C VAL A 134 -3.80 6.73 4.13
N CYS A 135 -4.03 5.55 4.69
CA CYS A 135 -5.38 5.17 5.12
C CYS A 135 -5.54 5.29 6.62
N VAL A 136 -6.57 6.00 7.05
CA VAL A 136 -6.84 6.18 8.47
C VAL A 136 -7.72 5.06 9.01
N ASN A 137 -7.87 5.01 10.33
CA ASN A 137 -8.70 3.98 10.97
C ASN A 137 -10.17 4.36 10.94
N ASP A 138 -10.99 3.55 11.59
CA ASP A 138 -12.44 3.67 11.47
C ASP A 138 -13.05 4.35 12.69
N SER A 139 -12.21 5.07 13.43
CA SER A 139 -12.68 5.80 14.60
C SER A 139 -12.79 7.30 14.30
N LEU A 140 -12.33 7.70 13.12
CA LEU A 140 -12.32 9.10 12.74
C LEU A 140 -13.69 9.57 12.28
N MET A 141 -14.21 10.59 12.95
CA MET A 141 -15.53 11.11 12.63
C MET A 141 -15.56 11.73 11.23
N ASP A 142 -16.67 11.54 10.53
CA ASP A 142 -16.79 12.03 9.16
C ASP A 142 -16.47 13.52 9.07
N ASN A 143 -16.84 14.26 10.10
CA ASN A 143 -16.61 15.70 10.13
C ASN A 143 -15.12 16.02 10.15
N HIS A 144 -14.33 15.12 10.72
CA HIS A 144 -12.90 15.34 10.87
C HIS A 144 -12.10 14.62 9.79
N GLN A 145 -12.78 13.75 9.05
CA GLN A 145 -12.16 13.05 7.93
C GLN A 145 -11.76 14.03 6.83
N GLN A 146 -12.65 14.96 6.52
CA GLN A 146 -12.38 15.98 5.49
C GLN A 146 -11.31 16.96 5.96
N GLN A 147 -11.35 17.29 7.26
CA GLN A 147 -10.40 18.24 7.82
C GLN A 147 -8.97 17.70 7.76
N ILE A 148 -8.80 16.45 8.18
CA ILE A 148 -7.49 15.82 8.14
C ILE A 148 -7.05 15.53 6.71
N ALA A 149 -8.00 15.17 5.86
CA ALA A 149 -7.75 14.99 4.44
C ALA A 149 -7.21 16.27 3.82
N ASP A 150 -7.79 17.40 4.20
CA ASP A 150 -7.33 18.71 3.73
C ASP A 150 -5.91 18.98 4.19
N LYS A 151 -5.59 18.57 5.42
CA LYS A 151 -4.26 18.76 5.98
C LYS A 151 -3.24 17.86 5.29
N PHE A 152 -3.68 16.69 4.89
CA PHE A 152 -2.85 15.78 4.11
C PHE A 152 -2.49 16.38 2.76
N VAL A 153 -3.43 17.10 2.16
CA VAL A 153 -3.17 17.85 0.95
C VAL A 153 -2.18 18.98 1.19
N GLU A 154 -2.31 19.63 2.34
CA GLU A 154 -1.41 20.71 2.72
C GLU A 154 0.02 20.20 2.90
N LEU A 155 0.15 18.96 3.33
CA LEU A 155 1.46 18.32 3.47
C LEU A 155 2.14 18.17 2.12
N GLY A 156 1.37 17.77 1.12
CA GLY A 156 1.82 17.86 -0.28
C GLY A 156 2.42 16.55 -0.74
N TYR A 157 2.37 15.53 0.12
CA TYR A 157 2.90 14.21 -0.21
C TYR A 157 2.08 13.11 0.44
N VAL A 158 0.82 13.42 0.73
CA VAL A 158 -0.06 12.47 1.41
C VAL A 158 -1.45 12.46 0.78
N TRP A 159 -1.84 11.31 0.24
CA TRP A 159 -3.22 11.10 -0.17
C TRP A 159 -4.05 10.56 0.99
N SER A 160 -5.32 10.98 1.04
CA SER A 160 -6.20 10.60 2.14
C SER A 160 -7.16 9.49 1.72
N CYS A 161 -6.94 8.29 2.25
CA CYS A 161 -7.83 7.17 2.01
C CYS A 161 -8.78 6.96 3.17
N ALA A 162 -10.07 6.95 2.88
CA ALA A 162 -11.10 6.69 3.90
C ALA A 162 -11.09 5.22 4.31
N PRO A 163 -11.56 4.95 5.51
CA PRO A 163 -11.61 3.59 6.03
C PRO A 163 -12.79 2.82 5.45
N THR A 164 -12.81 2.69 4.13
CA THR A 164 -13.86 1.93 3.46
C THR A 164 -13.26 0.99 2.41
N GLU A 165 -14.14 0.29 1.69
CA GLU A 165 -13.71 -0.60 0.61
C GLU A 165 -13.47 0.18 -0.68
N THR A 166 -13.76 1.48 -0.65
CA THR A 166 -13.66 2.32 -1.83
C THR A 166 -12.82 3.55 -1.56
N GLY A 167 -12.47 3.76 -0.29
CA GLY A 167 -11.67 4.91 0.10
C GLY A 167 -10.29 4.89 -0.57
N LEU A 168 -9.72 3.71 -0.68
CA LEU A 168 -8.40 3.55 -1.29
C LEU A 168 -8.47 3.78 -2.80
N ILE A 169 -9.60 3.46 -3.40
CA ILE A 169 -9.82 3.72 -4.82
C ILE A 169 -9.67 5.20 -5.13
N ALA A 170 -10.26 6.04 -4.30
CA ALA A 170 -10.17 7.48 -4.46
C ALA A 170 -8.73 7.97 -4.31
N GLY A 171 -7.99 7.33 -3.41
CA GLY A 171 -6.58 7.65 -3.21
C GLY A 171 -5.76 7.37 -4.47
N LEU A 172 -6.06 6.24 -5.12
CA LEU A 172 -5.38 5.88 -6.36
C LEU A 172 -5.75 6.83 -7.48
N ARG A 173 -7.00 7.30 -7.47
CA ARG A 173 -7.45 8.32 -8.40
C ARG A 173 -6.73 9.64 -8.18
N ALA A 174 -6.49 9.97 -6.91
CA ALA A 174 -5.82 11.21 -6.56
C ALA A 174 -4.37 11.21 -7.03
N SER A 175 -3.74 10.04 -6.94
CA SER A 175 -2.34 9.90 -7.35
C SER A 175 -2.17 10.15 -8.84
N GLN A 176 -3.25 9.98 -9.59
CA GLN A 176 -3.21 10.13 -11.04
C GLN A 176 -3.74 11.48 -11.47
N THR A 177 -4.63 12.05 -10.65
CA THR A 177 -5.19 13.37 -10.93
C THR A 177 -4.17 14.47 -10.67
N GLU A 178 -3.51 14.40 -9.52
CA GLU A 178 -2.55 15.43 -9.12
C GLU A 178 -1.21 14.83 -8.75
N LYS A 179 -0.15 15.64 -8.83
CA LYS A 179 1.19 15.16 -8.56
C LYS A 179 1.69 15.66 -7.20
N LEU A 180 2.30 14.75 -6.44
CA LEU A 180 2.85 15.10 -5.13
C LEU A 180 4.22 15.73 -5.25
N LYS A 181 4.61 16.48 -4.23
CA LYS A 181 5.94 17.09 -4.18
C LYS A 181 6.81 16.42 -3.13
N PRO A 182 8.12 16.56 -3.28
CA PRO A 182 9.07 16.00 -2.32
C PRO A 182 8.74 16.44 -0.90
N PHE A 183 8.43 15.47 -0.05
CA PHE A 183 7.99 15.76 1.31
C PHE A 183 9.14 16.30 2.15
N PRO A 184 9.03 17.57 2.55
CA PRO A 184 10.07 18.21 3.34
C PRO A 184 10.36 17.43 4.61
N VAL A 185 9.32 16.83 5.19
CA VAL A 185 9.45 16.11 6.45
C VAL A 185 10.01 14.71 6.22
N SER A 186 11.04 14.37 6.98
CA SER A 186 11.63 13.03 6.91
C SER A 186 11.89 12.48 8.30
N HIS A 187 11.45 13.21 9.32
CA HIS A 187 11.72 12.83 10.70
C HIS A 187 10.57 12.02 11.28
N ASN A 188 10.91 10.98 12.05
CA ASN A 188 9.91 10.09 12.61
C ASN A 188 9.01 10.83 13.59
N PRO A 189 9.61 11.61 14.47
CA PRO A 189 8.86 12.43 15.42
C PRO A 189 7.85 13.32 14.71
N SER A 190 8.24 13.82 13.54
CA SER A 190 7.36 14.68 12.75
C SER A 190 6.23 13.87 12.12
N PHE A 191 6.56 12.67 11.64
CA PHE A 191 5.55 11.75 11.13
C PHE A 191 4.52 11.41 12.20
N GLU A 192 4.97 11.34 13.44
CA GLU A 192 4.10 11.01 14.55
C GLU A 192 3.09 12.12 14.81
N ARG A 193 3.58 13.35 14.90
CA ARG A 193 2.74 14.48 15.29
C ARG A 193 1.84 14.91 14.15
N LEU A 194 2.27 14.66 12.92
CA LEU A 194 1.51 15.06 11.75
C LEU A 194 0.50 14.00 11.35
N LEU A 195 0.98 12.77 11.16
CA LEU A 195 0.17 11.72 10.55
C LEU A 195 -0.38 10.77 11.60
N VAL A 196 0.52 10.14 12.35
CA VAL A 196 0.14 9.06 13.26
C VAL A 196 -1.01 9.47 14.16
N GLU A 197 -0.90 10.64 14.76
CA GLU A 197 -1.95 11.14 15.65
C GLU A 197 -3.26 11.32 14.90
N THR A 198 -3.18 11.68 13.63
CA THR A 198 -4.35 11.95 12.82
C THR A 198 -4.84 10.70 12.09
N ILE A 199 -3.99 9.69 12.06
CA ILE A 199 -4.36 8.40 11.49
C ILE A 199 -5.16 7.57 12.49
N TYR A 200 -4.76 7.61 13.75
CA TYR A 200 -5.37 6.79 14.78
C TYR A 200 -6.53 7.54 15.45
N SER A 201 -6.60 8.84 15.20
CA SER A 201 -7.66 9.67 15.77
C SER A 201 -9.03 9.05 15.57
N GLY A 1 5.01 2.03 -15.78
CA GLY A 1 3.61 1.82 -15.46
C GLY A 1 2.86 1.22 -16.64
N ILE A 2 3.31 1.53 -17.84
CA ILE A 2 2.67 1.04 -19.05
C ILE A 2 3.46 -0.11 -19.66
N ILE A 3 4.66 -0.35 -19.14
CA ILE A 3 5.49 -1.46 -19.58
C ILE A 3 5.49 -2.58 -18.56
N GLU A 4 5.84 -2.26 -17.33
CA GLU A 4 5.84 -3.24 -16.24
C GLU A 4 4.50 -3.22 -15.51
N GLU A 5 4.09 -4.39 -15.01
CA GLU A 5 2.85 -4.50 -14.25
C GLU A 5 2.81 -3.50 -13.11
N LYS A 6 1.94 -2.51 -13.23
CA LYS A 6 1.83 -1.46 -12.22
C LYS A 6 1.58 -2.05 -10.85
N ALA A 7 2.48 -1.77 -9.92
CA ALA A 7 2.53 -2.50 -8.65
C ALA A 7 2.04 -1.65 -7.49
N LEU A 8 1.15 -2.20 -6.69
CA LEU A 8 0.56 -1.47 -5.57
C LEU A 8 0.90 -2.13 -4.24
N PHE A 9 1.66 -1.43 -3.41
CA PHE A 9 2.15 -1.99 -2.14
C PHE A 9 1.20 -1.63 -1.00
N VAL A 10 0.74 -2.66 -0.29
CA VAL A 10 -0.06 -2.45 0.91
C VAL A 10 0.73 -2.78 2.17
N THR A 11 1.08 -1.75 2.94
CA THR A 11 1.84 -1.93 4.17
C THR A 11 1.01 -2.64 5.23
N CYS A 12 1.61 -3.62 5.88
CA CYS A 12 1.01 -4.25 7.05
C CYS A 12 2.00 -4.35 8.20
N GLY A 13 2.41 -3.21 8.73
CA GLY A 13 3.44 -3.16 9.76
C GLY A 13 2.82 -3.34 11.15
N ALA A 14 3.60 -3.01 12.18
CA ALA A 14 3.17 -3.23 13.56
C ALA A 14 2.01 -2.33 13.92
N THR A 15 1.90 -1.19 13.23
CA THR A 15 0.88 -0.20 13.53
C THR A 15 -0.22 -0.21 12.48
N VAL A 16 -0.14 -1.16 11.56
CA VAL A 16 -1.14 -1.29 10.50
C VAL A 16 -1.74 -2.69 10.48
N PRO A 17 -2.96 -2.81 10.99
CA PRO A 17 -3.67 -4.10 10.98
C PRO A 17 -3.76 -4.66 9.57
N PHE A 18 -3.62 -5.98 9.45
CA PHE A 18 -3.55 -6.63 8.15
C PHE A 18 -4.87 -6.50 7.40
N PRO A 19 -5.95 -6.89 8.05
CA PRO A 19 -7.25 -6.96 7.40
C PRO A 19 -7.85 -5.59 7.19
N LYS A 20 -7.38 -4.61 7.97
CA LYS A 20 -7.93 -3.27 7.93
C LYS A 20 -7.88 -2.70 6.52
N LEU A 21 -6.75 -2.90 5.85
CA LEU A 21 -6.51 -2.29 4.54
C LEU A 21 -6.53 -3.34 3.44
N VAL A 22 -6.04 -4.54 3.76
CA VAL A 22 -5.86 -5.58 2.76
C VAL A 22 -7.20 -6.11 2.26
N SER A 23 -8.12 -6.37 3.20
CA SER A 23 -9.42 -6.95 2.86
C SER A 23 -10.26 -5.97 2.06
N CYS A 24 -9.87 -4.70 2.08
CA CYS A 24 -10.56 -3.68 1.31
C CYS A 24 -9.95 -3.52 -0.08
N VAL A 25 -8.63 -3.47 -0.14
CA VAL A 25 -7.92 -3.38 -1.41
C VAL A 25 -8.19 -4.59 -2.29
N LEU A 26 -8.45 -5.73 -1.64
CA LEU A 26 -8.71 -6.97 -2.36
C LEU A 26 -10.20 -7.25 -2.46
N SER A 27 -11.02 -6.22 -2.23
CA SER A 27 -12.46 -6.33 -2.40
C SER A 27 -12.83 -6.36 -3.87
N ASP A 28 -14.06 -6.79 -4.15
CA ASP A 28 -14.57 -6.84 -5.52
C ASP A 28 -14.61 -5.45 -6.13
N GLU A 29 -14.84 -4.44 -5.30
CA GLU A 29 -14.93 -3.06 -5.76
C GLU A 29 -13.55 -2.48 -6.06
N PHE A 30 -12.63 -2.68 -5.13
CA PHE A 30 -11.27 -2.14 -5.25
C PHE A 30 -10.54 -2.77 -6.43
N CYS A 31 -10.63 -4.10 -6.53
CA CYS A 31 -9.96 -4.83 -7.59
C CYS A 31 -10.42 -4.38 -8.96
N GLN A 32 -11.73 -4.18 -9.11
CA GLN A 32 -12.29 -3.67 -10.35
C GLN A 32 -11.75 -2.29 -10.68
N GLU A 33 -11.72 -1.42 -9.67
CA GLU A 33 -11.21 -0.06 -9.86
C GLU A 33 -9.72 -0.07 -10.18
N LEU A 34 -8.99 -0.98 -9.55
CA LEU A 34 -7.55 -1.07 -9.74
C LEU A 34 -7.19 -1.47 -11.17
N ILE A 35 -7.94 -2.42 -11.70
CA ILE A 35 -7.80 -2.81 -13.10
C ILE A 35 -8.01 -1.62 -14.03
N GLN A 36 -8.97 -0.76 -13.66
CA GLN A 36 -9.25 0.45 -14.44
C GLN A 36 -8.18 1.50 -14.20
N TYR A 37 -7.53 1.44 -13.04
CA TYR A 37 -6.48 2.38 -12.70
C TYR A 37 -5.13 1.92 -13.19
N GLY A 38 -5.08 0.69 -13.69
CA GLY A 38 -3.87 0.16 -14.32
C GLY A 38 -3.09 -0.74 -13.37
N PHE A 39 -3.58 -0.85 -12.13
CA PHE A 39 -2.91 -1.65 -11.12
C PHE A 39 -3.28 -3.12 -11.25
N VAL A 40 -2.27 -3.95 -11.52
CA VAL A 40 -2.50 -5.37 -11.81
C VAL A 40 -1.56 -6.24 -10.99
N ARG A 41 -0.64 -5.62 -10.28
CA ARG A 41 0.31 -6.34 -9.43
C ARG A 41 0.23 -5.86 -7.98
N LEU A 42 -0.61 -6.52 -7.19
CA LEU A 42 -0.83 -6.11 -5.81
C LEU A 42 0.12 -6.83 -4.86
N ILE A 43 0.70 -6.08 -3.93
CA ILE A 43 1.68 -6.64 -3.01
C ILE A 43 1.18 -6.60 -1.57
N ILE A 44 0.95 -7.77 -0.99
CA ILE A 44 0.34 -7.87 0.33
C ILE A 44 1.33 -8.42 1.35
N GLN A 45 1.70 -7.58 2.32
CA GLN A 45 2.55 -8.02 3.41
C GLN A 45 1.76 -8.84 4.43
N PHE A 46 2.24 -10.03 4.74
CA PHE A 46 1.64 -10.86 5.78
C PHE A 46 1.93 -10.31 7.17
N GLY A 47 0.93 -10.37 8.05
CA GLY A 47 1.10 -9.91 9.42
C GLY A 47 1.45 -11.07 10.35
N ARG A 48 0.98 -10.99 11.59
CA ARG A 48 1.22 -12.05 12.56
C ARG A 48 0.24 -13.19 12.39
N ASN A 49 0.26 -13.81 11.21
CA ASN A 49 -0.50 -15.03 10.97
C ASN A 49 -1.71 -14.75 10.08
N TYR A 50 -1.44 -14.41 8.82
CA TYR A 50 -2.52 -14.16 7.86
C TYR A 50 -2.23 -14.85 6.53
N SER A 51 -1.27 -15.78 6.54
CA SER A 51 -0.97 -16.57 5.36
C SER A 51 -2.17 -17.39 4.91
N SER A 52 -2.80 -18.07 5.86
CA SER A 52 -3.97 -18.88 5.57
C SER A 52 -5.24 -18.04 5.52
N GLU A 53 -5.18 -16.86 6.14
CA GLU A 53 -6.30 -15.93 6.13
C GLU A 53 -6.52 -15.35 4.74
N PHE A 54 -5.42 -14.98 4.08
CA PHE A 54 -5.47 -14.54 2.70
C PHE A 54 -5.83 -15.70 1.77
N GLU A 55 -5.28 -16.87 2.06
CA GLU A 55 -5.64 -18.09 1.33
C GLU A 55 -7.15 -18.30 1.34
N HIS A 56 -7.78 -18.01 2.47
CA HIS A 56 -9.22 -18.20 2.61
C HIS A 56 -9.98 -17.22 1.74
N LEU A 57 -9.44 -16.02 1.58
CA LEU A 57 -10.10 -14.97 0.81
C LEU A 57 -10.26 -15.37 -0.65
N VAL A 58 -9.30 -16.11 -1.16
CA VAL A 58 -9.29 -16.50 -2.57
C VAL A 58 -9.87 -17.88 -2.77
N GLN A 59 -9.60 -18.77 -1.82
CA GLN A 59 -10.12 -20.14 -1.89
C GLN A 59 -11.63 -20.17 -1.78
N GLU A 60 -12.19 -19.29 -0.95
CA GLU A 60 -13.63 -19.17 -0.80
C GLU A 60 -14.25 -18.53 -2.04
N ARG A 61 -13.50 -17.66 -2.70
CA ARG A 61 -13.92 -17.07 -3.97
C ARG A 61 -13.87 -18.09 -5.09
N GLY A 62 -12.96 -19.06 -4.97
CA GLY A 62 -12.81 -20.11 -5.97
C GLY A 62 -11.82 -19.71 -7.04
N GLY A 63 -10.85 -18.87 -6.67
CA GLY A 63 -9.81 -18.43 -7.60
C GLY A 63 -8.66 -19.41 -7.66
N GLN A 64 -7.57 -19.00 -8.29
CA GLN A 64 -6.37 -19.84 -8.39
C GLN A 64 -5.24 -19.29 -7.53
N ARG A 65 -4.23 -20.12 -7.30
CA ARG A 65 -3.12 -19.75 -6.42
C ARG A 65 -1.96 -20.72 -6.57
N GLU A 66 -0.76 -20.25 -6.26
CA GLU A 66 0.43 -21.08 -6.31
C GLU A 66 1.55 -20.50 -5.47
N SER A 67 2.16 -21.34 -4.63
CA SER A 67 3.23 -20.89 -3.74
C SER A 67 4.49 -20.58 -4.52
N GLN A 68 5.23 -19.57 -4.07
CA GLN A 68 6.39 -19.07 -4.79
C GLN A 68 7.64 -19.09 -3.92
N LYS A 69 8.79 -19.37 -4.54
CA LYS A 69 10.07 -19.35 -3.84
C LYS A 69 10.73 -17.99 -3.97
N ILE A 70 10.17 -16.99 -3.31
CA ILE A 70 10.67 -15.63 -3.42
C ILE A 70 12.01 -15.46 -2.71
N PRO A 71 12.97 -14.86 -3.40
CA PRO A 71 14.32 -14.72 -2.86
C PRO A 71 14.36 -13.66 -1.75
N ILE A 72 15.13 -13.95 -0.70
CA ILE A 72 15.28 -13.03 0.40
C ILE A 72 16.34 -11.98 0.10
N ASP A 73 17.45 -12.41 -0.47
CA ASP A 73 18.57 -11.52 -0.77
C ASP A 73 18.20 -10.54 -1.87
N GLN A 74 17.48 -11.02 -2.87
CA GLN A 74 17.12 -10.18 -4.03
C GLN A 74 15.85 -9.39 -3.75
N PHE A 75 14.73 -10.09 -3.58
CA PHE A 75 13.43 -9.45 -3.50
C PHE A 75 13.17 -8.89 -2.11
N GLY A 76 13.48 -9.70 -1.09
CA GLY A 76 13.47 -9.22 0.29
C GLY A 76 12.40 -9.93 1.11
N CYS A 77 11.89 -11.04 0.59
CA CYS A 77 10.86 -11.81 1.27
C CYS A 77 11.22 -13.30 1.30
N GLY A 78 10.60 -14.03 2.22
CA GLY A 78 10.88 -15.45 2.38
C GLY A 78 10.19 -16.27 1.30
N ASP A 79 10.40 -17.59 1.34
CA ASP A 79 9.86 -18.48 0.32
C ASP A 79 8.50 -19.02 0.73
N THR A 80 7.89 -18.40 1.73
CA THR A 80 6.54 -18.74 2.15
C THR A 80 5.51 -17.86 1.44
N ALA A 81 5.99 -17.00 0.55
CA ALA A 81 5.10 -16.16 -0.25
C ALA A 81 4.28 -17.00 -1.22
N ARG A 82 3.12 -16.48 -1.62
CA ARG A 82 2.21 -17.21 -2.49
C ARG A 82 1.47 -16.27 -3.42
N GLN A 83 1.43 -16.62 -4.70
CA GLN A 83 0.69 -15.85 -5.70
C GLN A 83 -0.77 -16.26 -5.72
N TYR A 84 -1.66 -15.26 -5.77
CA TYR A 84 -3.08 -15.51 -5.92
C TYR A 84 -3.63 -14.84 -7.17
N VAL A 85 -4.63 -15.48 -7.79
CA VAL A 85 -5.16 -15.02 -9.06
C VAL A 85 -6.60 -14.54 -8.91
N LEU A 86 -6.82 -13.26 -9.22
CA LEU A 86 -8.14 -12.66 -9.12
C LEU A 86 -8.55 -12.02 -10.44
N MET A 87 -9.82 -11.64 -10.54
CA MET A 87 -10.33 -10.95 -11.72
C MET A 87 -10.16 -11.81 -12.97
N ASN A 88 -10.21 -13.12 -12.79
CA ASN A 88 -10.14 -14.05 -13.92
C ASN A 88 -8.80 -13.97 -14.63
N GLY A 89 -7.74 -13.73 -13.85
CA GLY A 89 -6.39 -13.73 -14.39
C GLY A 89 -5.92 -12.32 -14.71
N LYS A 90 -6.82 -11.35 -14.56
CA LYS A 90 -6.51 -9.96 -14.86
C LYS A 90 -5.75 -9.31 -13.72
N LEU A 91 -5.93 -9.83 -12.51
CA LEU A 91 -5.31 -9.26 -11.33
C LEU A 91 -4.40 -10.27 -10.64
N LYS A 92 -3.14 -9.88 -10.46
CA LYS A 92 -2.18 -10.72 -9.75
C LYS A 92 -1.90 -10.18 -8.36
N VAL A 93 -2.26 -10.95 -7.33
CA VAL A 93 -2.06 -10.54 -5.95
C VAL A 93 -1.20 -11.55 -5.20
N ILE A 94 -0.02 -11.11 -4.79
CA ILE A 94 0.95 -12.00 -4.15
C ILE A 94 1.17 -11.62 -2.69
N GLY A 95 0.99 -12.60 -1.81
CA GLY A 95 1.26 -12.41 -0.39
C GLY A 95 2.71 -12.72 -0.07
N PHE A 96 3.36 -11.82 0.67
CA PHE A 96 4.78 -11.95 0.96
C PHE A 96 5.04 -12.05 2.46
N ASP A 97 6.05 -12.82 2.83
CA ASP A 97 6.44 -12.95 4.23
C ASP A 97 7.73 -12.19 4.51
N PHE A 98 7.60 -11.02 5.13
CA PHE A 98 8.76 -10.19 5.43
C PHE A 98 8.44 -9.19 6.54
N SER A 99 9.48 -8.75 7.24
CA SER A 99 9.31 -7.92 8.42
C SER A 99 9.19 -6.45 8.05
N THR A 100 9.06 -5.59 9.05
CA THR A 100 8.94 -4.15 8.83
C THR A 100 10.28 -3.55 8.42
N LYS A 101 11.35 -4.31 8.62
CA LYS A 101 12.69 -3.87 8.24
C LYS A 101 12.97 -4.20 6.77
N MET A 102 12.10 -5.00 6.18
CA MET A 102 12.25 -5.39 4.77
C MET A 102 11.28 -4.64 3.88
N GLN A 103 10.50 -3.74 4.48
CA GLN A 103 9.53 -2.94 3.74
C GLN A 103 10.23 -2.01 2.76
N SER A 104 11.31 -1.39 3.20
CA SER A 104 12.09 -0.49 2.34
C SER A 104 12.65 -1.24 1.14
N ILE A 105 12.97 -2.52 1.34
CA ILE A 105 13.51 -3.34 0.26
C ILE A 105 12.45 -3.67 -0.78
N ILE A 106 11.31 -4.15 -0.32
CA ILE A 106 10.22 -4.57 -1.21
C ILE A 106 9.58 -3.36 -1.89
N ARG A 107 9.74 -2.19 -1.28
CA ARG A 107 9.20 -0.95 -1.84
C ARG A 107 9.97 -0.52 -3.07
N ASP A 108 11.11 -1.17 -3.32
CA ASP A 108 11.84 -0.99 -4.56
C ASP A 108 11.17 -1.72 -5.71
N TYR A 109 10.21 -2.58 -5.37
CA TYR A 109 9.48 -3.35 -6.38
C TYR A 109 8.02 -2.92 -6.44
N SER A 110 7.79 -1.63 -6.27
CA SER A 110 6.43 -1.09 -6.26
C SER A 110 6.37 0.29 -6.90
N ASP A 111 5.17 0.70 -7.31
CA ASP A 111 4.98 1.99 -7.95
C ASP A 111 4.20 2.95 -7.05
N LEU A 112 3.20 2.41 -6.37
CA LEU A 112 2.41 3.21 -5.43
C LEU A 112 2.37 2.54 -4.05
N VAL A 113 2.83 3.27 -3.04
CA VAL A 113 2.86 2.75 -1.68
C VAL A 113 1.62 3.16 -0.91
N ILE A 114 1.04 2.21 -0.17
CA ILE A 114 -0.06 2.51 0.73
C ILE A 114 0.35 2.34 2.19
N SER A 115 0.17 3.39 2.99
CA SER A 115 0.42 3.32 4.42
C SER A 115 -0.64 4.09 5.20
N HIS A 116 -1.02 3.54 6.35
CA HIS A 116 -1.70 4.33 7.37
C HIS A 116 -0.74 5.24 8.13
N ALA A 117 -1.25 6.34 8.65
CA ALA A 117 -0.45 7.25 9.46
C ALA A 117 0.07 6.56 10.71
N GLY A 118 1.35 6.77 11.01
CA GLY A 118 1.95 6.22 12.22
C GLY A 118 2.99 5.16 11.87
N THR A 119 3.65 5.33 10.74
CA THR A 119 4.66 4.38 10.28
C THR A 119 6.00 5.07 10.03
N GLY A 120 5.95 6.35 9.71
CA GLY A 120 7.14 7.11 9.35
C GLY A 120 7.55 6.84 7.91
N SER A 121 6.68 6.17 7.17
CA SER A 121 7.00 5.74 5.81
C SER A 121 7.07 6.93 4.86
N ILE A 122 6.46 8.03 5.25
CA ILE A 122 6.51 9.26 4.47
C ILE A 122 7.96 9.65 4.17
N LEU A 123 8.86 9.30 5.08
CA LEU A 123 10.28 9.60 4.90
C LEU A 123 10.95 8.56 4.02
N ASP A 124 10.36 7.35 3.97
CA ASP A 124 10.84 6.30 3.09
C ASP A 124 10.45 6.58 1.64
N SER A 125 9.21 7.03 1.44
CA SER A 125 8.73 7.39 0.12
C SER A 125 9.49 8.59 -0.44
N LEU A 126 10.03 9.41 0.46
CA LEU A 126 10.85 10.54 0.07
C LEU A 126 12.13 10.08 -0.62
N ARG A 127 12.89 9.23 0.07
CA ARG A 127 14.14 8.71 -0.46
C ARG A 127 13.89 7.77 -1.64
N LEU A 128 12.68 7.26 -1.73
CA LEU A 128 12.25 6.49 -2.89
C LEU A 128 11.78 7.40 -4.01
N ASN A 129 11.29 8.58 -3.64
CA ASN A 129 10.69 9.50 -4.61
C ASN A 129 9.47 8.87 -5.27
N LYS A 130 8.69 8.15 -4.48
CA LYS A 130 7.58 7.36 -5.02
C LYS A 130 6.24 7.80 -4.41
N PRO A 131 5.19 7.74 -5.22
CA PRO A 131 3.86 8.14 -4.77
C PRO A 131 3.45 7.39 -3.50
N LEU A 132 2.75 8.08 -2.62
CA LEU A 132 2.36 7.50 -1.33
C LEU A 132 0.94 7.88 -0.95
N ILE A 133 0.09 6.88 -0.78
CA ILE A 133 -1.21 7.07 -0.17
C ILE A 133 -1.10 7.09 1.35
N VAL A 134 -1.60 8.15 1.98
CA VAL A 134 -1.56 8.27 3.43
C VAL A 134 -2.97 8.32 4.01
N CYS A 135 -3.34 7.27 4.73
CA CYS A 135 -4.63 7.24 5.41
C CYS A 135 -4.51 7.74 6.84
N VAL A 136 -5.18 8.86 7.13
CA VAL A 136 -5.01 9.54 8.40
C VAL A 136 -5.77 8.84 9.51
N ASN A 137 -5.39 9.13 10.76
CA ASN A 137 -6.06 8.55 11.91
C ASN A 137 -7.29 9.36 12.30
N ASP A 138 -7.91 8.99 13.41
CA ASP A 138 -9.19 9.57 13.81
C ASP A 138 -8.99 10.68 14.84
N SER A 139 -7.74 11.07 15.04
CA SER A 139 -7.41 12.16 15.95
C SER A 139 -7.36 13.49 15.22
N LEU A 140 -7.29 13.43 13.89
CA LEU A 140 -7.23 14.64 13.07
C LEU A 140 -8.62 15.24 12.87
N MET A 141 -8.75 16.53 13.12
CA MET A 141 -10.03 17.21 12.99
C MET A 141 -10.54 17.14 11.56
N ASP A 142 -11.85 16.94 11.42
CA ASP A 142 -12.46 16.78 10.10
C ASP A 142 -12.11 17.94 9.19
N ASN A 143 -12.09 19.15 9.75
CA ASN A 143 -11.72 20.34 9.00
C ASN A 143 -10.24 20.32 8.62
N HIS A 144 -9.43 19.66 9.45
CA HIS A 144 -8.00 19.58 9.21
C HIS A 144 -7.65 18.43 8.28
N GLN A 145 -8.59 17.50 8.12
CA GLN A 145 -8.42 16.39 7.20
C GLN A 145 -8.44 16.87 5.75
N GLN A 146 -9.23 17.92 5.49
CA GLN A 146 -9.28 18.52 4.17
C GLN A 146 -8.14 19.50 3.96
N GLN A 147 -7.77 20.22 5.02
CA GLN A 147 -6.69 21.19 4.97
C GLN A 147 -5.34 20.49 4.77
N ILE A 148 -5.14 19.39 5.49
CA ILE A 148 -3.89 18.63 5.40
C ILE A 148 -3.77 17.93 4.06
N ALA A 149 -4.90 17.65 3.44
CA ALA A 149 -4.91 17.06 2.10
C ALA A 149 -4.33 18.01 1.07
N ASP A 150 -4.69 19.28 1.19
CA ASP A 150 -4.14 20.32 0.31
C ASP A 150 -2.63 20.49 0.53
N LYS A 151 -2.19 20.24 1.75
CA LYS A 151 -0.77 20.26 2.08
C LYS A 151 -0.04 19.07 1.47
N PHE A 152 -0.74 17.94 1.39
CA PHE A 152 -0.19 16.75 0.77
C PHE A 152 -0.12 16.89 -0.74
N VAL A 153 -1.02 17.69 -1.30
CA VAL A 153 -0.94 18.09 -2.69
C VAL A 153 0.35 18.86 -2.98
N GLU A 154 0.78 19.65 -2.00
CA GLU A 154 2.04 20.39 -2.12
C GLU A 154 3.23 19.47 -2.07
N LEU A 155 3.08 18.35 -1.35
CA LEU A 155 4.13 17.35 -1.27
C LEU A 155 4.40 16.71 -2.63
N GLY A 156 3.38 16.70 -3.48
CA GLY A 156 3.57 16.44 -4.91
C GLY A 156 3.10 15.04 -5.28
N TYR A 157 3.22 14.12 -4.34
CA TYR A 157 2.95 12.71 -4.62
C TYR A 157 2.20 12.06 -3.46
N VAL A 158 1.77 12.87 -2.50
CA VAL A 158 1.07 12.37 -1.33
C VAL A 158 -0.41 12.77 -1.36
N TRP A 159 -1.26 11.85 -0.95
CA TRP A 159 -2.70 12.11 -0.89
C TRP A 159 -3.29 11.64 0.43
N SER A 160 -4.09 12.49 1.05
CA SER A 160 -4.76 12.14 2.30
C SER A 160 -6.04 11.36 2.05
N CYS A 161 -6.19 10.24 2.74
CA CYS A 161 -7.43 9.48 2.71
C CYS A 161 -8.10 9.47 4.09
N ALA A 162 -9.43 9.41 4.09
CA ALA A 162 -10.20 9.49 5.33
C ALA A 162 -9.83 8.35 6.27
N PRO A 163 -10.05 8.56 7.57
CA PRO A 163 -9.74 7.56 8.58
C PRO A 163 -10.77 6.42 8.55
N THR A 164 -10.73 5.62 7.50
CA THR A 164 -11.63 4.48 7.37
C THR A 164 -11.02 3.38 6.51
N GLU A 165 -11.66 2.22 6.51
CA GLU A 165 -11.05 1.01 5.95
C GLU A 165 -10.98 1.09 4.44
N THR A 166 -11.96 1.75 3.83
CA THR A 166 -12.08 1.80 2.38
C THR A 166 -11.81 3.21 1.85
N GLY A 167 -11.06 3.99 2.62
CA GLY A 167 -10.74 5.36 2.25
C GLY A 167 -9.60 5.40 1.24
N LEU A 168 -8.96 4.25 1.04
CA LEU A 168 -7.78 4.18 0.18
C LEU A 168 -8.13 4.52 -1.26
N ILE A 169 -9.38 4.30 -1.64
CA ILE A 169 -9.82 4.49 -3.01
C ILE A 169 -9.67 5.95 -3.43
N ALA A 170 -9.64 6.85 -2.45
CA ALA A 170 -9.45 8.27 -2.71
C ALA A 170 -8.07 8.53 -3.30
N GLY A 171 -7.06 7.88 -2.73
CA GLY A 171 -5.69 8.03 -3.20
C GLY A 171 -5.46 7.26 -4.50
N LEU A 172 -6.14 6.13 -4.63
CA LEU A 172 -6.06 5.32 -5.84
C LEU A 172 -6.65 6.07 -7.03
N ARG A 173 -7.72 6.82 -6.79
CA ARG A 173 -8.30 7.68 -7.81
C ARG A 173 -7.43 8.90 -8.06
N ALA A 174 -6.85 9.44 -7.00
CA ALA A 174 -6.01 10.62 -7.10
C ALA A 174 -4.79 10.37 -7.98
N SER A 175 -4.26 9.15 -7.92
CA SER A 175 -3.11 8.78 -8.74
C SER A 175 -3.45 8.84 -10.23
N GLN A 176 -4.74 8.72 -10.54
CA GLN A 176 -5.18 8.73 -11.93
C GLN A 176 -5.75 10.08 -12.32
N THR A 177 -6.24 10.83 -11.33
CA THR A 177 -6.76 12.16 -11.56
C THR A 177 -5.66 13.12 -12.01
N GLU A 178 -4.50 13.01 -11.38
CA GLU A 178 -3.36 13.87 -11.71
C GLU A 178 -2.04 13.14 -11.51
N LYS A 179 -1.14 13.29 -12.47
CA LYS A 179 0.18 12.66 -12.38
C LYS A 179 0.92 13.13 -11.13
N LEU A 180 1.28 12.18 -10.29
CA LEU A 180 1.99 12.48 -9.04
C LEU A 180 3.49 12.60 -9.28
N LYS A 181 4.10 13.61 -8.66
CA LYS A 181 5.50 13.94 -8.93
C LYS A 181 6.28 14.11 -7.63
N PRO A 182 7.59 13.89 -7.70
CA PRO A 182 8.45 14.07 -6.53
C PRO A 182 8.33 15.48 -5.97
N PHE A 183 8.52 15.60 -4.66
CA PHE A 183 8.46 16.90 -4.00
C PHE A 183 9.42 17.89 -4.64
N PRO A 184 8.89 18.94 -5.24
CA PRO A 184 9.70 19.87 -6.02
C PRO A 184 10.80 20.49 -5.18
N VAL A 185 10.47 20.81 -3.92
CA VAL A 185 11.40 21.52 -3.05
C VAL A 185 12.39 20.56 -2.40
N SER A 186 13.67 20.84 -2.58
CA SER A 186 14.72 19.92 -2.16
C SER A 186 14.94 19.99 -0.66
N HIS A 187 14.49 21.08 -0.04
CA HIS A 187 14.63 21.27 1.40
C HIS A 187 13.85 20.22 2.17
N ASN A 188 14.51 19.59 3.14
CA ASN A 188 13.88 18.57 3.96
C ASN A 188 12.86 19.16 4.91
N PRO A 189 13.24 20.27 5.54
CA PRO A 189 12.36 20.95 6.50
C PRO A 189 11.01 21.27 5.86
N SER A 190 11.03 21.68 4.61
CA SER A 190 9.81 22.00 3.88
C SER A 190 8.94 20.77 3.69
N PHE A 191 9.57 19.67 3.29
CA PHE A 191 8.87 18.40 3.13
C PHE A 191 8.22 17.96 4.44
N GLU A 192 8.99 18.00 5.52
CA GLU A 192 8.53 17.50 6.80
C GLU A 192 7.44 18.38 7.39
N ARG A 193 7.57 19.68 7.15
CA ARG A 193 6.66 20.66 7.75
C ARG A 193 5.20 20.32 7.46
N LEU A 194 4.95 19.80 6.26
CA LEU A 194 3.59 19.66 5.76
C LEU A 194 2.91 18.44 6.37
N LEU A 195 3.66 17.36 6.54
CA LEU A 195 3.10 16.10 7.00
C LEU A 195 3.71 15.66 8.32
N VAL A 196 5.05 15.67 8.37
CA VAL A 196 5.76 15.11 9.51
C VAL A 196 5.55 15.96 10.77
N GLU A 197 5.43 17.28 10.57
CA GLU A 197 5.23 18.19 11.68
C GLU A 197 3.74 18.45 11.92
N THR A 198 2.90 17.65 11.27
CA THR A 198 1.46 17.73 11.47
C THR A 198 0.90 16.39 11.93
N ILE A 199 1.61 15.31 11.62
CA ILE A 199 1.20 13.98 12.03
C ILE A 199 2.20 13.37 13.01
N TYR A 200 3.49 13.55 12.73
CA TYR A 200 4.53 12.91 13.52
C TYR A 200 5.22 13.91 14.43
N SER A 201 4.58 15.05 14.64
CA SER A 201 5.11 16.08 15.51
C SER A 201 5.27 15.58 16.94
N GLY A 1 9.47 -13.52 -12.39
CA GLY A 1 9.83 -12.72 -11.23
C GLY A 1 8.61 -12.42 -10.36
N ILE A 2 8.85 -12.18 -9.08
CA ILE A 2 7.77 -11.91 -8.13
C ILE A 2 7.20 -10.51 -8.35
N ILE A 3 8.06 -9.58 -8.75
CA ILE A 3 7.61 -8.24 -9.12
C ILE A 3 8.18 -7.83 -10.47
N GLU A 4 7.35 -7.95 -11.50
CA GLU A 4 7.73 -7.50 -12.85
C GLU A 4 6.79 -6.42 -13.36
N GLU A 5 5.54 -6.47 -12.90
CA GLU A 5 4.50 -5.63 -13.46
C GLU A 5 4.04 -4.58 -12.46
N LYS A 6 3.14 -3.70 -12.88
CA LYS A 6 2.74 -2.55 -12.09
C LYS A 6 2.37 -2.97 -10.67
N ALA A 7 3.21 -2.59 -9.71
CA ALA A 7 3.13 -3.15 -8.36
C ALA A 7 2.63 -2.11 -7.37
N LEU A 8 1.60 -2.48 -6.61
CA LEU A 8 1.06 -1.60 -5.58
C LEU A 8 1.40 -2.14 -4.18
N PHE A 9 2.26 -1.42 -3.46
CA PHE A 9 2.72 -1.86 -2.16
C PHE A 9 1.82 -1.34 -1.05
N VAL A 10 1.07 -2.26 -0.44
CA VAL A 10 0.19 -1.89 0.67
C VAL A 10 0.61 -2.55 1.97
N THR A 11 0.78 -1.75 3.01
CA THR A 11 0.96 -2.27 4.36
C THR A 11 -0.07 -1.71 5.32
N CYS A 12 -0.71 -2.59 6.07
CA CYS A 12 -1.77 -2.18 6.99
C CYS A 12 -1.19 -1.67 8.30
N GLY A 13 -1.87 -0.68 8.89
CA GLY A 13 -1.45 -0.13 10.17
C GLY A 13 -1.89 -1.01 11.33
N ALA A 14 -1.50 -0.62 12.54
CA ALA A 14 -1.80 -1.41 13.73
C ALA A 14 -3.09 -0.95 14.38
N THR A 15 -3.56 0.23 14.00
CA THR A 15 -4.75 0.82 14.58
C THR A 15 -5.97 -0.06 14.31
N VAL A 16 -6.10 -0.52 13.08
CA VAL A 16 -7.24 -1.33 12.68
C VAL A 16 -6.81 -2.78 12.42
N PRO A 17 -7.59 -3.72 12.95
CA PRO A 17 -7.30 -5.14 12.76
C PRO A 17 -7.03 -5.47 11.30
N PHE A 18 -6.02 -6.30 11.07
CA PHE A 18 -5.61 -6.64 9.71
C PHE A 18 -6.75 -7.30 8.94
N PRO A 19 -7.45 -8.21 9.61
CA PRO A 19 -8.59 -8.90 9.00
C PRO A 19 -9.58 -7.91 8.41
N LYS A 20 -9.66 -6.72 9.00
CA LYS A 20 -10.58 -5.69 8.54
C LYS A 20 -9.95 -4.85 7.43
N LEU A 21 -8.64 -4.61 7.55
CA LEU A 21 -7.93 -3.78 6.59
C LEU A 21 -7.67 -4.54 5.29
N VAL A 22 -7.55 -5.86 5.40
CA VAL A 22 -7.25 -6.69 4.25
C VAL A 22 -8.46 -6.86 3.34
N SER A 23 -9.64 -6.67 3.92
CA SER A 23 -10.88 -6.77 3.16
C SER A 23 -11.10 -5.51 2.32
N CYS A 24 -10.35 -4.46 2.63
CA CYS A 24 -10.48 -3.19 1.91
C CYS A 24 -9.63 -3.19 0.64
N VAL A 25 -8.72 -4.15 0.56
CA VAL A 25 -7.87 -4.28 -0.62
C VAL A 25 -8.19 -5.55 -1.40
N LEU A 26 -8.99 -6.42 -0.79
CA LEU A 26 -9.50 -7.60 -1.48
C LEU A 26 -10.95 -7.40 -1.93
N SER A 27 -11.45 -6.18 -1.75
CA SER A 27 -12.77 -5.82 -2.24
C SER A 27 -12.87 -5.99 -3.75
N ASP A 28 -14.02 -6.47 -4.22
CA ASP A 28 -14.28 -6.61 -5.64
C ASP A 28 -14.26 -5.25 -6.33
N GLU A 29 -14.85 -4.25 -5.68
CA GLU A 29 -14.86 -2.90 -6.22
C GLU A 29 -13.47 -2.28 -6.21
N PHE A 30 -12.71 -2.56 -5.15
CA PHE A 30 -11.32 -2.13 -5.08
C PHE A 30 -10.51 -2.71 -6.22
N CYS A 31 -10.64 -4.02 -6.43
CA CYS A 31 -9.87 -4.70 -7.46
C CYS A 31 -10.25 -4.22 -8.86
N GLN A 32 -11.54 -3.98 -9.06
CA GLN A 32 -12.04 -3.47 -10.34
C GLN A 32 -11.46 -2.09 -10.63
N GLU A 33 -11.47 -1.22 -9.62
CA GLU A 33 -10.89 0.10 -9.75
C GLU A 33 -9.37 0.03 -9.89
N LEU A 34 -8.77 -0.89 -9.14
CA LEU A 34 -7.31 -1.08 -9.20
C LEU A 34 -6.85 -1.44 -10.60
N ILE A 35 -7.61 -2.30 -11.26
CA ILE A 35 -7.38 -2.60 -12.67
C ILE A 35 -7.55 -1.36 -13.53
N GLN A 36 -8.57 -0.55 -13.21
CA GLN A 36 -8.82 0.69 -13.93
C GLN A 36 -7.66 1.66 -13.79
N TYR A 37 -6.96 1.58 -12.66
CA TYR A 37 -5.83 2.45 -12.39
C TYR A 37 -4.54 1.89 -12.97
N GLY A 38 -4.65 0.76 -13.65
CA GLY A 38 -3.56 0.24 -14.47
C GLY A 38 -2.57 -0.56 -13.61
N PHE A 39 -3.03 -1.01 -12.46
CA PHE A 39 -2.20 -1.82 -11.56
C PHE A 39 -2.45 -3.31 -11.79
N VAL A 40 -1.40 -4.10 -11.65
CA VAL A 40 -1.44 -5.51 -12.01
C VAL A 40 -1.24 -6.40 -10.78
N ARG A 41 -0.32 -6.00 -9.93
CA ARG A 41 0.11 -6.84 -8.81
C ARG A 41 -0.09 -6.12 -7.47
N LEU A 42 -1.13 -6.50 -6.75
CA LEU A 42 -1.37 -5.96 -5.41
C LEU A 42 -0.47 -6.63 -4.38
N ILE A 43 0.45 -5.86 -3.81
CA ILE A 43 1.36 -6.37 -2.81
C ILE A 43 0.84 -6.13 -1.40
N ILE A 44 0.73 -7.19 -0.62
CA ILE A 44 0.31 -7.09 0.78
C ILE A 44 1.44 -7.47 1.72
N GLN A 45 2.12 -6.48 2.28
CA GLN A 45 3.28 -6.71 3.13
C GLN A 45 2.93 -6.49 4.60
N PHE A 46 2.65 -7.57 5.31
CA PHE A 46 2.19 -7.49 6.69
C PHE A 46 3.14 -8.22 7.63
N GLY A 47 3.55 -7.55 8.70
CA GLY A 47 4.53 -8.10 9.63
C GLY A 47 3.88 -9.10 10.57
N ARG A 48 4.70 -9.90 11.24
CA ARG A 48 4.21 -10.87 12.20
C ARG A 48 3.59 -12.08 11.51
N ASN A 49 2.28 -12.04 11.35
CA ASN A 49 1.54 -13.19 10.84
C ASN A 49 0.54 -12.78 9.76
N TYR A 50 0.99 -12.86 8.50
CA TYR A 50 0.12 -12.57 7.37
C TYR A 50 -0.78 -13.76 7.05
N SER A 51 -2.07 -13.48 6.91
CA SER A 51 -3.03 -14.50 6.50
C SER A 51 -2.65 -15.11 5.16
N SER A 52 -2.22 -16.37 5.20
CA SER A 52 -1.60 -17.00 4.04
C SER A 52 -2.50 -18.08 3.46
N GLU A 53 -3.82 -17.86 3.54
CA GLU A 53 -4.78 -18.76 2.91
C GLU A 53 -5.98 -17.98 2.38
N PHE A 54 -5.86 -17.46 1.17
CA PHE A 54 -6.98 -16.83 0.49
C PHE A 54 -7.47 -17.68 -0.68
N GLU A 55 -7.30 -19.00 -0.55
CA GLU A 55 -7.79 -19.94 -1.56
C GLU A 55 -9.30 -19.83 -1.74
N HIS A 56 -10.00 -19.63 -0.63
CA HIS A 56 -11.45 -19.48 -0.66
C HIS A 56 -11.87 -18.21 -1.40
N LEU A 57 -10.96 -17.25 -1.46
CA LEU A 57 -11.20 -16.01 -2.19
C LEU A 57 -11.09 -16.22 -3.69
N VAL A 58 -9.96 -16.75 -4.13
CA VAL A 58 -9.70 -16.96 -5.55
C VAL A 58 -10.62 -18.03 -6.12
N GLN A 59 -11.12 -18.89 -5.25
CA GLN A 59 -12.07 -19.92 -5.65
C GLN A 59 -13.35 -19.30 -6.20
N GLU A 60 -13.73 -18.14 -5.65
CA GLU A 60 -14.93 -17.44 -6.10
C GLU A 60 -14.60 -16.45 -7.21
N ARG A 61 -13.37 -15.96 -7.21
CA ARG A 61 -12.96 -14.93 -8.17
C ARG A 61 -12.39 -15.55 -9.43
N GLY A 62 -12.44 -16.87 -9.51
CA GLY A 62 -12.15 -17.59 -10.75
C GLY A 62 -10.65 -17.60 -11.03
N GLY A 63 -9.86 -17.77 -9.98
CA GLY A 63 -8.40 -17.82 -10.12
C GLY A 63 -7.81 -18.96 -9.30
N GLN A 64 -6.49 -19.03 -9.26
CA GLN A 64 -5.80 -20.05 -8.49
C GLN A 64 -4.90 -19.43 -7.42
N ARG A 65 -4.22 -20.27 -6.66
CA ARG A 65 -3.27 -19.81 -5.66
C ARG A 65 -2.03 -20.70 -5.63
N GLU A 66 -0.89 -20.12 -5.29
CA GLU A 66 0.37 -20.86 -5.25
C GLU A 66 1.34 -20.25 -4.24
N SER A 67 1.91 -21.08 -3.39
CA SER A 67 2.97 -20.66 -2.49
C SER A 67 4.33 -20.77 -3.15
N GLN A 68 5.09 -19.68 -3.13
CA GLN A 68 6.33 -19.59 -3.88
C GLN A 68 7.50 -19.20 -2.97
N LYS A 69 8.70 -19.61 -3.35
CA LYS A 69 9.91 -19.22 -2.63
C LYS A 69 10.82 -18.36 -3.51
N ILE A 70 10.92 -17.09 -3.16
CA ILE A 70 11.51 -16.09 -4.06
C ILE A 70 12.94 -15.78 -3.67
N PRO A 71 13.84 -15.77 -4.65
CA PRO A 71 15.22 -15.38 -4.44
C PRO A 71 15.31 -14.05 -3.70
N ILE A 72 16.01 -14.04 -2.58
CA ILE A 72 16.10 -12.85 -1.73
C ILE A 72 17.00 -11.80 -2.37
N ASP A 73 18.16 -12.23 -2.85
CA ASP A 73 19.14 -11.31 -3.40
C ASP A 73 18.62 -10.61 -4.65
N GLN A 74 17.87 -11.34 -5.46
CA GLN A 74 17.39 -10.82 -6.73
C GLN A 74 16.20 -9.89 -6.54
N PHE A 75 15.25 -10.33 -5.74
CA PHE A 75 13.93 -9.69 -5.69
C PHE A 75 13.70 -9.03 -4.33
N GLY A 76 14.39 -9.51 -3.31
CA GLY A 76 14.29 -8.95 -1.97
C GLY A 76 13.27 -9.69 -1.14
N CYS A 77 12.54 -10.60 -1.76
CA CYS A 77 11.51 -11.37 -1.08
C CYS A 77 12.05 -12.70 -0.59
N GLY A 78 11.42 -13.25 0.44
CA GLY A 78 11.91 -14.47 1.09
C GLY A 78 11.18 -15.70 0.57
N ASP A 79 11.04 -16.70 1.42
CA ASP A 79 10.53 -18.00 1.00
C ASP A 79 9.05 -18.15 1.35
N THR A 80 8.41 -17.04 1.68
CA THR A 80 6.98 -17.02 1.94
C THR A 80 6.27 -15.96 1.11
N ALA A 81 6.18 -16.20 -0.20
CA ALA A 81 5.42 -15.33 -1.09
C ALA A 81 4.20 -16.07 -1.64
N ARG A 82 3.02 -15.50 -1.39
CA ARG A 82 1.76 -16.13 -1.79
C ARG A 82 1.18 -15.47 -3.03
N GLN A 83 1.09 -16.24 -4.12
CA GLN A 83 0.49 -15.75 -5.35
C GLN A 83 -1.00 -16.08 -5.41
N TYR A 84 -1.82 -15.06 -5.61
CA TYR A 84 -3.25 -15.24 -5.78
C TYR A 84 -3.74 -14.61 -7.08
N VAL A 85 -4.70 -15.26 -7.72
CA VAL A 85 -5.32 -14.72 -8.93
C VAL A 85 -6.76 -14.32 -8.68
N LEU A 86 -7.07 -13.06 -8.96
CA LEU A 86 -8.44 -12.55 -8.79
C LEU A 86 -8.98 -11.99 -10.10
N MET A 87 -10.28 -11.75 -10.13
CA MET A 87 -10.91 -11.08 -11.27
C MET A 87 -10.72 -11.88 -12.55
N ASN A 88 -10.72 -13.21 -12.42
CA ASN A 88 -10.60 -14.08 -13.58
C ASN A 88 -9.30 -13.84 -14.32
N GLY A 89 -8.25 -13.50 -13.59
CA GLY A 89 -6.91 -13.38 -14.16
C GLY A 89 -6.62 -11.94 -14.56
N LYS A 90 -7.54 -11.04 -14.25
CA LYS A 90 -7.39 -9.64 -14.60
C LYS A 90 -6.59 -8.88 -13.55
N LEU A 91 -6.52 -9.46 -12.35
CA LEU A 91 -5.74 -8.86 -11.27
C LEU A 91 -4.93 -9.93 -10.53
N LYS A 92 -3.66 -9.62 -10.27
CA LYS A 92 -2.81 -10.50 -9.48
C LYS A 92 -2.59 -9.94 -8.08
N VAL A 93 -2.47 -10.83 -7.11
CA VAL A 93 -2.21 -10.43 -5.73
C VAL A 93 -1.03 -11.20 -5.14
N ILE A 94 -0.04 -10.46 -4.65
CA ILE A 94 1.13 -11.07 -4.03
C ILE A 94 1.20 -10.72 -2.54
N GLY A 95 1.05 -11.73 -1.69
CA GLY A 95 1.12 -11.53 -0.25
C GLY A 95 2.46 -11.99 0.30
N PHE A 96 2.93 -11.31 1.34
CA PHE A 96 4.19 -11.66 1.99
C PHE A 96 4.00 -11.85 3.49
N ASP A 97 4.52 -12.96 4.02
CA ASP A 97 4.37 -13.28 5.43
C ASP A 97 5.71 -13.28 6.14
N PHE A 98 6.11 -12.11 6.64
CA PHE A 98 7.39 -11.96 7.32
C PHE A 98 7.23 -11.17 8.61
N SER A 99 8.35 -10.92 9.28
CA SER A 99 8.35 -10.08 10.47
C SER A 99 8.26 -8.61 10.11
N THR A 100 8.27 -7.75 11.13
CA THR A 100 8.20 -6.31 10.91
C THR A 100 9.54 -5.74 10.48
N LYS A 101 10.57 -6.58 10.52
CA LYS A 101 11.91 -6.17 10.12
C LYS A 101 12.12 -6.37 8.62
N MET A 102 11.16 -7.02 7.98
CA MET A 102 11.24 -7.27 6.54
C MET A 102 10.15 -6.53 5.78
N GLN A 103 9.82 -5.33 6.26
CA GLN A 103 8.78 -4.52 5.62
C GLN A 103 9.37 -3.67 4.50
N SER A 104 10.69 -3.53 4.50
CA SER A 104 11.38 -2.71 3.51
C SER A 104 11.85 -3.53 2.33
N ILE A 105 12.75 -2.97 1.53
CA ILE A 105 13.31 -3.67 0.39
C ILE A 105 12.30 -3.78 -0.75
N ILE A 106 11.23 -4.51 -0.50
CA ILE A 106 10.22 -4.74 -1.53
C ILE A 106 9.65 -3.43 -2.05
N ARG A 107 9.65 -2.41 -1.20
CA ARG A 107 9.16 -1.09 -1.59
C ARG A 107 9.97 -0.53 -2.76
N ASP A 108 11.24 -0.92 -2.83
CA ASP A 108 12.11 -0.48 -3.92
C ASP A 108 11.67 -1.05 -5.26
N TYR A 109 10.91 -2.14 -5.21
CA TYR A 109 10.47 -2.83 -6.42
C TYR A 109 9.07 -2.39 -6.81
N SER A 110 8.42 -1.65 -5.94
CA SER A 110 7.03 -1.22 -6.15
C SER A 110 6.97 0.06 -6.98
N ASP A 111 5.78 0.42 -7.42
CA ASP A 111 5.58 1.63 -8.18
C ASP A 111 4.79 2.67 -7.38
N LEU A 112 3.79 2.20 -6.66
CA LEU A 112 3.02 3.06 -5.76
C LEU A 112 2.96 2.49 -4.36
N VAL A 113 3.28 3.33 -3.37
CA VAL A 113 3.31 2.90 -1.98
C VAL A 113 2.14 3.47 -1.19
N ILE A 114 1.32 2.58 -0.63
CA ILE A 114 0.29 2.98 0.32
C ILE A 114 0.70 2.64 1.75
N SER A 115 0.84 3.66 2.58
CA SER A 115 1.26 3.48 3.96
C SER A 115 0.23 4.02 4.93
N HIS A 116 -0.05 3.26 5.98
CA HIS A 116 -0.95 3.71 7.04
C HIS A 116 -0.20 4.48 8.11
N ALA A 117 -0.85 5.47 8.70
CA ALA A 117 -0.28 6.24 9.79
C ALA A 117 0.00 5.36 11.00
N GLY A 118 1.23 5.45 11.52
CA GLY A 118 1.61 4.72 12.71
C GLY A 118 2.42 3.47 12.36
N THR A 119 3.07 3.50 11.21
CA THR A 119 3.94 2.41 10.78
C THR A 119 5.39 2.86 10.69
N GLY A 120 5.61 4.06 10.19
CA GLY A 120 6.95 4.58 9.99
C GLY A 120 7.45 4.30 8.58
N SER A 121 6.60 3.70 7.77
CA SER A 121 6.93 3.42 6.37
C SER A 121 6.53 4.57 5.46
N ILE A 122 5.80 5.54 6.02
CA ILE A 122 5.36 6.70 5.27
C ILE A 122 6.54 7.53 4.77
N LEU A 123 7.56 7.67 5.63
CA LEU A 123 8.68 8.54 5.35
C LEU A 123 9.62 7.92 4.32
N ASP A 124 9.50 6.61 4.13
CA ASP A 124 10.39 5.88 3.24
C ASP A 124 10.14 6.25 1.78
N SER A 125 8.88 6.15 1.36
CA SER A 125 8.50 6.51 -0.01
C SER A 125 8.88 7.94 -0.32
N LEU A 126 8.79 8.82 0.68
CA LEU A 126 9.14 10.22 0.50
C LEU A 126 10.62 10.38 0.16
N ARG A 127 11.47 9.71 0.92
CA ARG A 127 12.92 9.78 0.70
C ARG A 127 13.32 8.99 -0.54
N LEU A 128 12.46 8.07 -0.96
CA LEU A 128 12.68 7.30 -2.17
C LEU A 128 12.17 8.05 -3.40
N ASN A 129 11.44 9.14 -3.17
CA ASN A 129 10.89 9.94 -4.25
C ASN A 129 9.86 9.13 -5.05
N LYS A 130 9.12 8.28 -4.37
CA LYS A 130 8.09 7.47 -5.01
C LYS A 130 6.69 7.92 -4.59
N PRO A 131 5.73 7.75 -5.50
CA PRO A 131 4.35 8.12 -5.22
C PRO A 131 3.88 7.51 -3.90
N LEU A 132 3.27 8.34 -3.05
CA LEU A 132 2.93 7.93 -1.69
C LEU A 132 1.49 8.28 -1.37
N ILE A 133 0.74 7.29 -0.91
CA ILE A 133 -0.59 7.53 -0.36
C ILE A 133 -0.62 7.25 1.14
N VAL A 134 -0.97 8.27 1.92
CA VAL A 134 -1.02 8.15 3.36
C VAL A 134 -2.45 7.94 3.85
N CYS A 135 -2.68 6.85 4.57
CA CYS A 135 -4.00 6.54 5.11
C CYS A 135 -4.10 6.96 6.58
N VAL A 136 -5.01 7.89 6.85
CA VAL A 136 -5.16 8.44 8.20
C VAL A 136 -6.07 7.57 9.05
N ASN A 137 -5.72 7.43 10.32
CA ASN A 137 -6.51 6.64 11.25
C ASN A 137 -6.59 7.30 12.62
N ASP A 138 -6.91 6.49 13.63
CA ASP A 138 -7.21 7.03 14.96
C ASP A 138 -5.98 7.64 15.60
N SER A 139 -4.82 7.37 15.02
CA SER A 139 -3.57 7.96 15.49
C SER A 139 -3.62 9.48 15.44
N LEU A 140 -4.46 10.00 14.55
CA LEU A 140 -4.73 11.44 14.51
C LEU A 140 -5.93 11.79 15.39
N MET A 141 -5.68 12.56 16.44
CA MET A 141 -6.72 12.88 17.42
C MET A 141 -7.68 13.94 16.87
N ASP A 142 -7.22 14.68 15.86
CA ASP A 142 -8.06 15.66 15.20
C ASP A 142 -9.25 15.01 14.51
N ASN A 143 -10.45 15.43 14.88
CA ASN A 143 -11.68 14.86 14.31
C ASN A 143 -11.74 15.11 12.81
N HIS A 144 -11.05 16.16 12.36
CA HIS A 144 -10.98 16.46 10.93
C HIS A 144 -9.87 15.67 10.25
N GLN A 145 -10.04 14.35 10.20
CA GLN A 145 -9.00 13.46 9.68
C GLN A 145 -8.98 13.49 8.16
N GLN A 146 -10.12 13.78 7.56
CA GLN A 146 -10.24 13.77 6.10
C GLN A 146 -9.94 15.15 5.52
N GLN A 147 -9.99 16.17 6.37
CA GLN A 147 -9.84 17.55 5.92
C GLN A 147 -8.39 17.88 5.62
N ILE A 148 -7.48 17.12 6.21
CA ILE A 148 -6.04 17.35 6.04
C ILE A 148 -5.61 17.06 4.61
N ALA A 149 -6.43 16.29 3.89
CA ALA A 149 -6.12 15.92 2.52
C ALA A 149 -5.98 17.16 1.64
N ASP A 150 -6.67 18.23 2.01
CA ASP A 150 -6.57 19.50 1.30
C ASP A 150 -5.16 20.06 1.39
N LYS A 151 -4.48 19.80 2.50
CA LYS A 151 -3.13 20.29 2.71
C LYS A 151 -2.10 19.32 2.14
N PHE A 152 -2.49 18.05 2.03
CA PHE A 152 -1.71 17.07 1.27
C PHE A 152 -1.63 17.46 -0.20
N VAL A 153 -2.72 18.00 -0.73
CA VAL A 153 -2.72 18.56 -2.07
C VAL A 153 -1.78 19.76 -2.16
N GLU A 154 -1.74 20.56 -1.11
CA GLU A 154 -0.85 21.71 -1.04
C GLU A 154 0.61 21.28 -1.05
N LEU A 155 0.88 20.13 -0.45
CA LEU A 155 2.22 19.54 -0.48
C LEU A 155 2.62 19.16 -1.90
N GLY A 156 1.75 18.42 -2.58
CA GLY A 156 1.87 18.22 -4.01
C GLY A 156 2.83 17.09 -4.34
N TYR A 157 3.14 16.29 -3.32
CA TYR A 157 4.00 15.12 -3.50
C TYR A 157 3.49 13.93 -2.71
N VAL A 158 2.33 14.09 -2.11
CA VAL A 158 1.74 13.03 -1.28
C VAL A 158 0.23 13.22 -1.13
N TRP A 159 -0.51 12.12 -1.16
CA TRP A 159 -1.96 12.17 -1.14
C TRP A 159 -2.52 11.42 0.07
N SER A 160 -3.51 12.02 0.73
CA SER A 160 -4.10 11.43 1.92
C SER A 160 -5.42 10.75 1.58
N CYS A 161 -5.73 9.67 2.30
CA CYS A 161 -7.02 9.01 2.17
C CYS A 161 -7.37 8.25 3.44
N ALA A 162 -8.53 7.59 3.44
CA ALA A 162 -8.91 6.69 4.52
C ALA A 162 -8.63 5.24 4.16
N PRO A 163 -8.16 4.47 5.14
CA PRO A 163 -7.86 3.07 4.92
C PRO A 163 -9.12 2.23 4.94
N THR A 164 -9.99 2.45 3.96
CA THR A 164 -11.21 1.66 3.83
C THR A 164 -11.37 1.14 2.41
N GLU A 165 -12.46 0.41 2.17
CA GLU A 165 -12.74 -0.14 0.85
C GLU A 165 -13.10 0.95 -0.14
N THR A 166 -13.29 2.17 0.37
CA THR A 166 -13.68 3.31 -0.46
C THR A 166 -12.60 4.38 -0.47
N GLY A 167 -11.95 4.56 0.67
CA GLY A 167 -10.93 5.60 0.80
C GLY A 167 -9.65 5.22 0.06
N LEU A 168 -9.32 3.93 0.08
CA LEU A 168 -8.15 3.43 -0.63
C LEU A 168 -8.31 3.58 -2.13
N ILE A 169 -9.53 3.42 -2.62
CA ILE A 169 -9.85 3.68 -4.02
C ILE A 169 -9.66 5.14 -4.37
N ALA A 170 -10.17 6.02 -3.51
CA ALA A 170 -10.03 7.46 -3.72
C ALA A 170 -8.58 7.88 -3.69
N GLY A 171 -7.79 7.24 -2.83
CA GLY A 171 -6.36 7.52 -2.73
C GLY A 171 -5.64 7.13 -4.02
N LEU A 172 -5.98 5.96 -4.55
CA LEU A 172 -5.41 5.50 -5.81
C LEU A 172 -5.70 6.47 -6.94
N ARG A 173 -6.95 6.93 -7.02
CA ARG A 173 -7.35 7.91 -8.02
C ARG A 173 -6.64 9.25 -7.79
N ALA A 174 -6.49 9.62 -6.53
CA ALA A 174 -5.88 10.90 -6.18
C ALA A 174 -4.42 10.96 -6.65
N SER A 175 -3.71 9.86 -6.51
CA SER A 175 -2.31 9.80 -6.88
C SER A 175 -2.12 9.98 -8.38
N GLN A 176 -3.19 9.73 -9.13
CA GLN A 176 -3.15 9.86 -10.58
C GLN A 176 -3.93 11.08 -11.05
N THR A 177 -4.59 11.76 -10.11
CA THR A 177 -5.33 12.98 -10.42
C THR A 177 -4.40 14.13 -10.77
N GLU A 178 -3.37 14.32 -9.95
CA GLU A 178 -2.38 15.37 -10.19
C GLU A 178 -1.17 14.82 -10.92
N LYS A 179 -0.54 15.67 -11.72
CA LYS A 179 0.66 15.28 -12.46
C LYS A 179 1.80 14.91 -11.53
N LEU A 180 2.34 13.70 -11.70
CA LEU A 180 3.41 13.22 -10.85
C LEU A 180 4.73 13.92 -11.17
N LYS A 181 5.27 14.63 -10.17
CA LYS A 181 6.55 15.31 -10.33
C LYS A 181 7.50 14.96 -9.20
N PRO A 182 8.80 15.10 -9.46
CA PRO A 182 9.81 14.90 -8.43
C PRO A 182 9.52 15.73 -7.19
N PHE A 183 9.72 15.14 -6.02
CA PHE A 183 9.34 15.77 -4.76
C PHE A 183 10.21 16.99 -4.48
N PRO A 184 9.57 18.14 -4.30
CA PRO A 184 10.28 19.39 -4.07
C PRO A 184 11.20 19.28 -2.86
N VAL A 185 10.73 18.58 -1.83
CA VAL A 185 11.48 18.44 -0.60
C VAL A 185 12.64 17.45 -0.77
N SER A 186 13.84 17.88 -0.40
CA SER A 186 15.04 17.09 -0.58
C SER A 186 15.66 16.69 0.76
N HIS A 187 14.96 17.02 1.84
CA HIS A 187 15.46 16.75 3.18
C HIS A 187 14.51 15.83 3.94
N ASN A 188 15.07 14.89 4.68
CA ASN A 188 14.28 13.94 5.45
C ASN A 188 13.57 14.62 6.61
N PRO A 189 14.30 15.44 7.35
CA PRO A 189 13.73 16.22 8.45
C PRO A 189 12.54 17.04 7.97
N SER A 190 12.63 17.56 6.76
CA SER A 190 11.57 18.39 6.19
C SER A 190 10.36 17.54 5.78
N PHE A 191 10.64 16.35 5.28
CA PHE A 191 9.58 15.39 4.95
C PHE A 191 8.77 15.03 6.18
N GLU A 192 9.46 14.70 7.26
CA GLU A 192 8.80 14.31 8.51
C GLU A 192 8.08 15.50 9.14
N ARG A 193 8.73 16.65 9.14
CA ARG A 193 8.13 17.87 9.67
C ARG A 193 6.81 18.17 8.99
N LEU A 194 6.84 18.28 7.66
CA LEU A 194 5.66 18.64 6.89
C LEU A 194 4.57 17.57 7.01
N LEU A 195 4.98 16.31 7.04
CA LEU A 195 4.06 15.20 7.21
C LEU A 195 3.23 15.37 8.48
N VAL A 196 3.92 15.53 9.60
CA VAL A 196 3.26 15.57 10.91
C VAL A 196 2.50 16.87 11.09
N GLU A 197 3.09 17.97 10.63
CA GLU A 197 2.44 19.28 10.72
C GLU A 197 1.17 19.32 9.88
N THR A 198 1.18 18.62 8.76
CA THR A 198 0.02 18.55 7.88
C THR A 198 -1.07 17.67 8.47
N ILE A 199 -0.68 16.47 8.90
CA ILE A 199 -1.63 15.53 9.47
C ILE A 199 -2.22 16.04 10.78
N TYR A 200 -1.38 16.63 11.60
CA TYR A 200 -1.81 17.16 12.89
C TYR A 200 -1.97 18.67 12.85
N SER A 201 -2.38 19.18 11.69
CA SER A 201 -2.58 20.62 11.52
C SER A 201 -3.65 21.14 12.48
N GLY A 1 -7.50 2.47 -17.97
CA GLY A 1 -6.09 2.10 -18.11
C GLY A 1 -5.86 0.65 -17.73
N ILE A 2 -6.17 -0.25 -18.66
CA ILE A 2 -5.99 -1.68 -18.44
C ILE A 2 -4.94 -2.25 -19.38
N ILE A 3 -4.08 -1.39 -19.89
CA ILE A 3 -3.05 -1.80 -20.84
C ILE A 3 -1.66 -1.62 -20.26
N GLU A 4 -1.57 -1.61 -18.93
CA GLU A 4 -0.30 -1.45 -18.23
C GLU A 4 -0.27 -2.23 -16.93
N GLU A 5 0.86 -2.86 -16.65
CA GLU A 5 1.02 -3.66 -15.43
C GLU A 5 1.81 -2.92 -14.38
N LYS A 6 1.10 -2.33 -13.41
CA LYS A 6 1.74 -1.59 -12.34
C LYS A 6 1.84 -2.43 -11.07
N ALA A 7 2.83 -2.12 -10.24
CA ALA A 7 3.03 -2.82 -8.98
C ALA A 7 2.69 -1.92 -7.79
N LEU A 8 1.87 -2.44 -6.88
CA LEU A 8 1.39 -1.66 -5.75
C LEU A 8 1.76 -2.31 -4.42
N PHE A 9 2.44 -1.55 -3.57
CA PHE A 9 2.77 -2.03 -2.23
C PHE A 9 1.86 -1.38 -1.19
N VAL A 10 1.13 -2.21 -0.46
CA VAL A 10 0.28 -1.74 0.62
C VAL A 10 0.80 -2.18 1.98
N THR A 11 1.29 -1.22 2.76
CA THR A 11 1.94 -1.52 4.04
C THR A 11 0.97 -1.38 5.19
N CYS A 12 0.82 -2.45 5.97
CA CYS A 12 -0.03 -2.43 7.16
C CYS A 12 0.69 -1.74 8.31
N GLY A 13 -0.01 -0.81 8.95
CA GLY A 13 0.54 -0.11 10.12
C GLY A 13 0.54 -1.01 11.36
N ALA A 14 1.14 -0.52 12.43
CA ALA A 14 1.32 -1.32 13.64
C ALA A 14 -0.02 -1.61 14.31
N THR A 15 -0.92 -0.64 14.24
CA THR A 15 -2.20 -0.74 14.93
C THR A 15 -3.36 -0.82 13.95
N VAL A 16 -3.15 -1.54 12.86
CA VAL A 16 -4.17 -1.69 11.82
C VAL A 16 -4.79 -3.08 11.87
N PRO A 17 -6.10 -3.13 12.13
CA PRO A 17 -6.83 -4.39 12.14
C PRO A 17 -6.64 -5.15 10.83
N PHE A 18 -6.38 -6.46 10.94
CA PHE A 18 -6.13 -7.29 9.77
C PHE A 18 -7.43 -7.67 9.08
N PRO A 19 -8.45 -7.98 9.87
CA PRO A 19 -9.75 -8.34 9.32
C PRO A 19 -10.28 -7.25 8.42
N LYS A 20 -9.87 -6.01 8.66
CA LYS A 20 -10.35 -4.87 7.90
C LYS A 20 -9.51 -4.65 6.64
N LEU A 21 -8.21 -4.41 6.84
CA LEU A 21 -7.34 -4.02 5.73
C LEU A 21 -7.34 -5.07 4.64
N VAL A 22 -7.33 -6.34 5.04
CA VAL A 22 -7.35 -7.45 4.09
C VAL A 22 -8.55 -7.35 3.16
N SER A 23 -9.71 -7.06 3.74
CA SER A 23 -10.96 -7.04 2.98
C SER A 23 -11.11 -5.73 2.21
N CYS A 24 -10.34 -4.73 2.61
CA CYS A 24 -10.39 -3.42 1.96
C CYS A 24 -9.48 -3.39 0.74
N VAL A 25 -8.58 -4.35 0.65
CA VAL A 25 -7.70 -4.47 -0.51
C VAL A 25 -8.07 -5.68 -1.35
N LEU A 26 -8.93 -6.54 -0.82
CA LEU A 26 -9.48 -7.65 -1.57
C LEU A 26 -10.99 -7.47 -1.78
N SER A 27 -11.45 -6.23 -1.69
CA SER A 27 -12.85 -5.91 -1.97
C SER A 27 -13.19 -6.19 -3.43
N ASP A 28 -14.43 -6.59 -3.68
CA ASP A 28 -14.90 -6.86 -5.03
C ASP A 28 -14.98 -5.57 -5.85
N GLU A 29 -15.01 -4.44 -5.15
CA GLU A 29 -15.05 -3.14 -5.82
C GLU A 29 -13.66 -2.53 -5.91
N PHE A 30 -12.86 -2.71 -4.86
CA PHE A 30 -11.49 -2.24 -4.85
C PHE A 30 -10.70 -2.83 -6.01
N CYS A 31 -10.77 -4.15 -6.16
CA CYS A 31 -9.96 -4.86 -7.14
C CYS A 31 -10.31 -4.44 -8.56
N GLN A 32 -11.59 -4.18 -8.80
CA GLN A 32 -12.06 -3.76 -10.12
C GLN A 32 -11.46 -2.41 -10.50
N GLU A 33 -11.55 -1.45 -9.59
CA GLU A 33 -10.96 -0.13 -9.81
C GLU A 33 -9.43 -0.22 -9.89
N LEU A 34 -8.84 -1.03 -9.01
CA LEU A 34 -7.40 -1.25 -9.03
C LEU A 34 -6.92 -1.62 -10.42
N ILE A 35 -7.59 -2.59 -11.03
CA ILE A 35 -7.21 -3.05 -12.37
C ILE A 35 -7.39 -1.95 -13.40
N GLN A 36 -8.46 -1.19 -13.26
CA GLN A 36 -8.75 -0.09 -14.20
C GLN A 36 -7.82 1.09 -13.97
N TYR A 37 -7.11 1.07 -12.86
CA TYR A 37 -6.09 2.07 -12.58
C TYR A 37 -4.73 1.66 -13.12
N GLY A 38 -4.66 0.43 -13.64
CA GLY A 38 -3.44 -0.06 -14.27
C GLY A 38 -2.63 -0.92 -13.30
N PHE A 39 -3.19 -1.14 -12.11
CA PHE A 39 -2.48 -1.89 -11.07
C PHE A 39 -2.86 -3.36 -11.09
N VAL A 40 -1.85 -4.21 -11.25
CA VAL A 40 -2.08 -5.66 -11.35
C VAL A 40 -1.41 -6.40 -10.20
N ARG A 41 -0.17 -6.02 -9.89
CA ARG A 41 0.60 -6.70 -8.87
C ARG A 41 0.33 -6.12 -7.49
N LEU A 42 -0.73 -6.60 -6.85
CA LEU A 42 -1.11 -6.11 -5.52
C LEU A 42 -0.30 -6.81 -4.45
N ILE A 43 0.79 -6.17 -4.03
CA ILE A 43 1.69 -6.75 -3.04
C ILE A 43 1.38 -6.23 -1.64
N ILE A 44 0.88 -7.10 -0.78
CA ILE A 44 0.32 -6.68 0.51
C ILE A 44 1.27 -7.04 1.65
N GLN A 45 1.76 -6.01 2.35
CA GLN A 45 2.81 -6.20 3.33
C GLN A 45 2.25 -6.23 4.75
N PHE A 46 2.22 -7.43 5.33
CA PHE A 46 1.79 -7.60 6.72
C PHE A 46 2.97 -7.96 7.61
N GLY A 47 2.73 -7.95 8.92
CA GLY A 47 3.77 -8.27 9.89
C GLY A 47 3.71 -9.73 10.30
N ARG A 48 4.19 -10.03 11.51
CA ARG A 48 4.24 -11.40 12.00
C ARG A 48 2.89 -11.81 12.59
N ASN A 49 2.00 -10.84 12.74
CA ASN A 49 0.73 -11.07 13.43
C ASN A 49 -0.36 -11.51 12.46
N TYR A 50 0.03 -11.74 11.21
CA TYR A 50 -0.90 -12.24 10.21
C TYR A 50 -0.17 -13.00 9.12
N SER A 51 -0.64 -14.20 8.81
CA SER A 51 -0.02 -15.05 7.82
C SER A 51 -0.32 -14.56 6.40
N SER A 52 0.45 -15.05 5.43
CA SER A 52 0.26 -14.65 4.04
C SER A 52 -0.81 -15.52 3.38
N GLU A 53 -2.02 -15.47 3.91
CA GLU A 53 -3.11 -16.30 3.43
C GLU A 53 -4.31 -15.46 3.00
N PHE A 54 -4.59 -15.46 1.70
CA PHE A 54 -5.74 -14.74 1.17
C PHE A 54 -6.70 -15.68 0.45
N GLU A 55 -6.48 -16.98 0.62
CA GLU A 55 -7.22 -17.99 -0.14
C GLU A 55 -8.72 -17.74 -0.07
N HIS A 56 -9.20 -17.37 1.12
CA HIS A 56 -10.62 -17.23 1.37
C HIS A 56 -11.26 -16.27 0.37
N LEU A 57 -10.77 -15.03 0.36
CA LEU A 57 -11.36 -13.98 -0.45
C LEU A 57 -11.00 -14.15 -1.92
N VAL A 58 -9.81 -14.70 -2.17
CA VAL A 58 -9.33 -14.89 -3.53
C VAL A 58 -10.12 -15.98 -4.25
N GLN A 59 -10.42 -17.06 -3.52
CA GLN A 59 -11.22 -18.15 -4.07
C GLN A 59 -12.69 -17.79 -4.13
N GLU A 60 -13.14 -16.98 -3.17
CA GLU A 60 -14.50 -16.44 -3.20
C GLU A 60 -14.76 -15.67 -4.49
N ARG A 61 -13.81 -14.84 -4.88
CA ARG A 61 -13.87 -14.15 -6.16
C ARG A 61 -13.62 -15.11 -7.32
N GLY A 62 -12.67 -16.01 -7.14
CA GLY A 62 -12.37 -17.02 -8.14
C GLY A 62 -10.97 -16.82 -8.73
N GLY A 63 -10.13 -17.84 -8.60
CA GLY A 63 -8.76 -17.77 -9.09
C GLY A 63 -7.94 -18.95 -8.60
N GLN A 64 -6.64 -18.94 -8.92
CA GLN A 64 -5.75 -20.02 -8.53
C GLN A 64 -4.77 -19.56 -7.45
N ARG A 65 -4.26 -20.52 -6.67
CA ARG A 65 -3.40 -20.21 -5.55
C ARG A 65 -2.17 -21.13 -5.52
N GLU A 66 -1.00 -20.54 -5.38
CA GLU A 66 0.24 -21.31 -5.28
C GLU A 66 1.23 -20.62 -4.35
N SER A 67 1.70 -21.38 -3.36
CA SER A 67 2.69 -20.86 -2.41
C SER A 67 4.06 -20.70 -3.07
N GLN A 68 4.78 -19.67 -2.67
CA GLN A 68 6.05 -19.33 -3.31
C GLN A 68 7.17 -19.20 -2.29
N LYS A 69 8.21 -20.01 -2.46
CA LYS A 69 9.42 -19.88 -1.64
C LYS A 69 10.46 -19.00 -2.33
N ILE A 70 10.30 -17.69 -2.21
CA ILE A 70 11.02 -16.75 -3.06
C ILE A 70 12.29 -16.26 -2.36
N PRO A 71 13.42 -16.42 -3.04
CA PRO A 71 14.71 -16.10 -2.46
C PRO A 71 14.73 -14.69 -1.89
N ILE A 72 15.28 -14.54 -0.68
CA ILE A 72 15.36 -13.24 -0.04
C ILE A 72 16.44 -12.38 -0.67
N ASP A 73 17.60 -12.98 -0.92
CA ASP A 73 18.74 -12.26 -1.45
C ASP A 73 18.45 -11.72 -2.86
N GLN A 74 17.59 -12.43 -3.58
CA GLN A 74 17.27 -12.07 -4.95
C GLN A 74 16.09 -11.11 -5.01
N PHE A 75 15.03 -11.42 -4.27
CA PHE A 75 13.78 -10.67 -4.36
C PHE A 75 13.41 -10.06 -3.01
N GLY A 76 13.63 -10.82 -1.94
CA GLY A 76 13.46 -10.31 -0.59
C GLY A 76 12.14 -10.75 0.02
N CYS A 77 11.37 -11.52 -0.75
CA CYS A 77 10.04 -11.94 -0.32
C CYS A 77 10.12 -13.03 0.74
N GLY A 78 10.96 -14.03 0.49
CA GLY A 78 11.17 -15.10 1.45
C GLY A 78 10.17 -16.22 1.25
N ASP A 79 10.02 -17.06 2.28
CA ASP A 79 9.10 -18.20 2.21
C ASP A 79 7.69 -17.80 2.63
N THR A 80 7.58 -16.69 3.33
CA THR A 80 6.30 -16.20 3.82
C THR A 80 5.57 -15.41 2.74
N ALA A 81 5.33 -16.05 1.61
CA ALA A 81 4.74 -15.38 0.45
C ALA A 81 3.96 -16.36 -0.42
N ARG A 82 2.85 -15.90 -0.98
CA ARG A 82 2.01 -16.73 -1.82
C ARG A 82 1.49 -15.97 -3.03
N GLN A 83 1.32 -16.67 -4.14
CA GLN A 83 0.86 -16.05 -5.38
C GLN A 83 -0.63 -16.31 -5.59
N TYR A 84 -1.41 -15.23 -5.69
CA TYR A 84 -2.84 -15.35 -5.90
C TYR A 84 -3.25 -14.72 -7.23
N VAL A 85 -3.65 -15.56 -8.17
CA VAL A 85 -4.02 -15.09 -9.51
C VAL A 85 -5.51 -15.30 -9.77
N LEU A 86 -6.26 -14.20 -9.82
CA LEU A 86 -7.71 -14.26 -9.77
C LEU A 86 -8.33 -13.24 -10.72
N MET A 87 -9.65 -13.32 -10.87
CA MET A 87 -10.38 -12.39 -11.73
C MET A 87 -9.94 -12.53 -13.18
N ASN A 88 -9.99 -13.75 -13.69
CA ASN A 88 -9.61 -14.03 -15.08
C ASN A 88 -8.13 -13.75 -15.29
N GLY A 89 -7.35 -13.82 -14.21
CA GLY A 89 -5.91 -13.59 -14.28
C GLY A 89 -5.59 -12.11 -14.42
N LYS A 90 -6.57 -11.27 -14.12
CA LYS A 90 -6.42 -9.83 -14.26
C LYS A 90 -5.82 -9.21 -13.01
N LEU A 91 -6.00 -9.87 -11.88
CA LEU A 91 -5.48 -9.39 -10.61
C LEU A 91 -4.42 -10.35 -10.06
N LYS A 92 -3.26 -9.80 -9.70
CA LYS A 92 -2.20 -10.59 -9.10
C LYS A 92 -1.95 -10.16 -7.66
N VAL A 93 -2.59 -10.86 -6.72
CA VAL A 93 -2.41 -10.58 -5.30
C VAL A 93 -1.25 -11.40 -4.73
N ILE A 94 -0.33 -10.70 -4.06
CA ILE A 94 0.92 -11.31 -3.63
C ILE A 94 1.13 -11.17 -2.13
N GLY A 95 1.21 -12.30 -1.44
CA GLY A 95 1.56 -12.31 -0.02
C GLY A 95 2.98 -11.80 0.21
N PHE A 96 3.17 -11.04 1.28
CA PHE A 96 4.41 -10.30 1.47
C PHE A 96 4.49 -9.73 2.89
N ASP A 97 5.70 -9.49 3.36
CA ASP A 97 5.91 -8.95 4.69
C ASP A 97 7.07 -7.96 4.71
N PHE A 98 7.56 -7.63 5.91
CA PHE A 98 8.62 -6.65 6.06
C PHE A 98 9.98 -7.27 5.83
N SER A 99 10.80 -6.59 5.03
CA SER A 99 12.08 -7.15 4.59
C SER A 99 13.20 -6.13 4.72
N THR A 100 14.37 -6.47 4.19
CA THR A 100 15.57 -5.67 4.38
C THR A 100 16.20 -5.28 3.05
N LYS A 101 16.87 -6.23 2.41
CA LYS A 101 17.67 -5.94 1.23
C LYS A 101 16.84 -5.28 0.15
N MET A 102 15.60 -5.72 0.01
CA MET A 102 14.78 -5.36 -1.15
C MET A 102 14.13 -3.99 -0.97
N GLN A 103 14.51 -3.30 0.11
CA GLN A 103 14.09 -1.93 0.31
C GLN A 103 14.67 -1.00 -0.76
N SER A 104 15.77 -1.43 -1.36
CA SER A 104 16.36 -0.70 -2.47
C SER A 104 15.84 -1.22 -3.81
N ILE A 105 15.40 -2.49 -3.81
CA ILE A 105 14.82 -3.09 -5.00
C ILE A 105 13.44 -2.48 -5.31
N ILE A 106 12.66 -2.27 -4.26
CA ILE A 106 11.32 -1.69 -4.41
C ILE A 106 11.39 -0.32 -5.07
N ARG A 107 12.44 0.44 -4.75
CA ARG A 107 12.64 1.76 -5.33
C ARG A 107 12.71 1.69 -6.85
N ASP A 108 13.32 0.61 -7.36
CA ASP A 108 13.42 0.40 -8.80
C ASP A 108 12.55 -0.77 -9.24
N TYR A 109 11.36 -0.87 -8.66
CA TYR A 109 10.43 -1.95 -9.00
C TYR A 109 8.99 -1.46 -8.93
N SER A 110 8.60 -0.90 -7.79
CA SER A 110 7.21 -0.54 -7.55
C SER A 110 6.81 0.69 -8.34
N ASP A 111 5.51 0.91 -8.48
CA ASP A 111 5.01 2.11 -9.12
C ASP A 111 4.28 3.01 -8.12
N LEU A 112 3.66 2.39 -7.12
CA LEU A 112 2.96 3.13 -6.08
C LEU A 112 3.06 2.41 -4.73
N VAL A 113 3.26 3.19 -3.67
CA VAL A 113 3.28 2.64 -2.32
C VAL A 113 2.28 3.35 -1.42
N ILE A 114 1.38 2.58 -0.82
CA ILE A 114 0.42 3.12 0.14
C ILE A 114 0.91 2.94 1.57
N SER A 115 0.98 4.04 2.31
CA SER A 115 1.55 4.03 3.66
C SER A 115 0.51 4.47 4.69
N HIS A 116 0.78 4.14 5.95
CA HIS A 116 -0.16 4.43 7.03
C HIS A 116 0.37 5.53 7.95
N ALA A 117 -0.53 6.37 8.45
CA ALA A 117 -0.15 7.43 9.36
C ALA A 117 0.22 6.88 10.74
N GLY A 118 1.10 7.59 11.43
CA GLY A 118 1.47 7.22 12.79
C GLY A 118 2.59 6.18 12.80
N THR A 119 3.08 5.84 11.62
CA THR A 119 4.10 4.81 11.48
C THR A 119 5.25 5.29 10.60
N GLY A 120 6.24 4.42 10.40
CA GLY A 120 7.41 4.77 9.62
C GLY A 120 7.29 4.26 8.19
N SER A 121 6.13 3.70 7.87
CA SER A 121 5.87 3.18 6.52
C SER A 121 5.81 4.32 5.51
N ILE A 122 5.44 5.52 5.98
CA ILE A 122 5.43 6.70 5.13
C ILE A 122 6.84 7.14 4.78
N LEU A 123 7.72 7.19 5.78
CA LEU A 123 9.12 7.50 5.57
C LEU A 123 9.75 6.56 4.54
N ASP A 124 9.36 5.29 4.60
CA ASP A 124 9.84 4.31 3.64
C ASP A 124 9.50 4.73 2.21
N SER A 125 8.24 5.07 1.99
CA SER A 125 7.77 5.44 0.65
C SER A 125 8.30 6.80 0.24
N LEU A 126 8.70 7.60 1.23
CA LEU A 126 9.36 8.87 0.97
C LEU A 126 10.80 8.66 0.53
N ARG A 127 11.42 7.61 1.04
CA ARG A 127 12.77 7.24 0.62
C ARG A 127 12.74 6.42 -0.67
N LEU A 128 11.61 5.76 -0.93
CA LEU A 128 11.39 5.10 -2.20
C LEU A 128 11.08 6.10 -3.30
N ASN A 129 10.69 7.31 -2.89
CA ASN A 129 10.39 8.38 -3.83
C ASN A 129 9.16 8.06 -4.66
N LYS A 130 8.16 7.46 -4.01
CA LYS A 130 6.90 7.12 -4.68
C LYS A 130 5.76 8.00 -4.18
N PRO A 131 4.75 8.18 -5.02
CA PRO A 131 3.58 8.96 -4.66
C PRO A 131 2.97 8.47 -3.34
N LEU A 132 2.78 9.40 -2.41
CA LEU A 132 2.44 9.03 -1.04
C LEU A 132 0.93 9.08 -0.82
N ILE A 133 0.35 7.91 -0.60
CA ILE A 133 -1.01 7.81 -0.08
C ILE A 133 -1.01 7.49 1.41
N VAL A 134 -1.58 8.38 2.21
CA VAL A 134 -1.60 8.23 3.66
C VAL A 134 -2.95 7.74 4.15
N CYS A 135 -2.95 6.57 4.79
CA CYS A 135 -4.16 6.04 5.40
C CYS A 135 -4.28 6.45 6.86
N VAL A 136 -5.45 6.94 7.24
CA VAL A 136 -5.69 7.35 8.61
C VAL A 136 -5.98 6.14 9.51
N ASN A 137 -5.90 6.35 10.82
CA ASN A 137 -6.06 5.25 11.77
C ASN A 137 -7.48 5.21 12.32
N ASP A 138 -7.80 4.14 13.03
CA ASP A 138 -9.04 4.08 13.80
C ASP A 138 -8.91 4.82 15.13
N SER A 139 -7.69 4.91 15.64
CA SER A 139 -7.43 5.62 16.87
C SER A 139 -7.43 7.13 16.66
N LEU A 140 -7.29 7.54 15.40
CA LEU A 140 -7.25 8.96 15.06
C LEU A 140 -8.58 9.63 15.33
N MET A 141 -8.55 10.74 16.06
CA MET A 141 -9.76 11.47 16.41
C MET A 141 -10.50 11.96 15.17
N ASP A 142 -11.82 11.86 15.19
CA ASP A 142 -12.64 12.25 14.04
C ASP A 142 -12.38 13.70 13.66
N ASN A 143 -12.14 14.54 14.66
CA ASN A 143 -11.80 15.93 14.43
C ASN A 143 -10.48 16.07 13.68
N HIS A 144 -9.54 15.18 13.98
CA HIS A 144 -8.25 15.16 13.32
C HIS A 144 -8.37 14.60 11.90
N GLN A 145 -9.31 13.69 11.71
CA GLN A 145 -9.60 13.15 10.39
C GLN A 145 -10.13 14.23 9.45
N GLN A 146 -10.99 15.09 9.98
CA GLN A 146 -11.49 16.24 9.23
C GLN A 146 -10.39 17.27 9.02
N GLN A 147 -9.57 17.48 10.04
CA GLN A 147 -8.44 18.39 9.95
C GLN A 147 -7.53 18.02 8.78
N ILE A 148 -7.31 16.72 8.59
CA ILE A 148 -6.54 16.23 7.45
C ILE A 148 -7.20 16.62 6.13
N ALA A 149 -8.49 16.34 6.02
CA ALA A 149 -9.23 16.66 4.80
C ALA A 149 -9.25 18.16 4.53
N ASP A 150 -9.27 18.94 5.60
CA ASP A 150 -9.36 20.39 5.48
C ASP A 150 -8.05 20.99 4.99
N LYS A 151 -6.94 20.57 5.60
CA LYS A 151 -5.66 21.22 5.38
C LYS A 151 -4.67 20.29 4.71
N PHE A 152 -4.40 19.16 5.37
CA PHE A 152 -3.29 18.30 4.97
C PHE A 152 -3.42 17.88 3.51
N VAL A 153 -4.61 17.43 3.14
CA VAL A 153 -4.87 16.99 1.76
C VAL A 153 -4.78 18.16 0.79
N GLU A 154 -5.11 19.35 1.27
CA GLU A 154 -5.17 20.53 0.42
C GLU A 154 -3.80 21.18 0.25
N LEU A 155 -2.81 20.62 0.95
CA LEU A 155 -1.45 21.12 0.85
C LEU A 155 -0.91 20.99 -0.57
N GLY A 156 -1.31 19.92 -1.25
CA GLY A 156 -0.94 19.71 -2.64
C GLY A 156 0.33 18.88 -2.74
N TYR A 157 0.72 18.27 -1.64
CA TYR A 157 1.92 17.43 -1.61
C TYR A 157 1.54 15.98 -1.37
N VAL A 158 0.62 15.75 -0.43
CA VAL A 158 0.28 14.39 -0.01
C VAL A 158 -1.23 14.19 0.02
N TRP A 159 -1.69 13.09 -0.57
CA TRP A 159 -3.08 12.69 -0.45
C TRP A 159 -3.29 11.78 0.75
N SER A 160 -4.40 11.99 1.46
CA SER A 160 -4.73 11.17 2.62
C SER A 160 -6.19 10.71 2.56
N CYS A 161 -6.44 9.49 2.99
CA CYS A 161 -7.77 8.89 2.90
C CYS A 161 -7.97 7.83 3.96
N ALA A 162 -9.19 7.30 4.03
CA ALA A 162 -9.50 6.21 4.96
C ALA A 162 -9.10 4.86 4.36
N PRO A 163 -8.56 3.99 5.20
CA PRO A 163 -8.14 2.66 4.76
C PRO A 163 -9.32 1.72 4.63
N THR A 164 -10.22 2.03 3.69
CA THR A 164 -11.39 1.20 3.44
C THR A 164 -11.46 0.78 1.98
N GLU A 165 -12.50 0.02 1.64
CA GLU A 165 -12.70 -0.44 0.27
C GLU A 165 -13.11 0.72 -0.63
N THR A 166 -13.41 1.86 -0.02
CA THR A 166 -13.84 3.04 -0.76
C THR A 166 -12.79 4.14 -0.70
N GLY A 167 -12.14 4.27 0.44
CA GLY A 167 -11.16 5.32 0.65
C GLY A 167 -9.86 5.02 -0.08
N LEU A 168 -9.49 3.73 -0.11
CA LEU A 168 -8.28 3.30 -0.81
C LEU A 168 -8.42 3.48 -2.32
N ILE A 169 -9.64 3.34 -2.81
CA ILE A 169 -9.92 3.59 -4.22
C ILE A 169 -9.70 5.05 -4.58
N ALA A 170 -10.19 5.95 -3.74
CA ALA A 170 -10.00 7.38 -3.95
C ALA A 170 -8.53 7.75 -3.91
N GLY A 171 -7.77 7.11 -3.02
CA GLY A 171 -6.34 7.32 -2.92
C GLY A 171 -5.64 6.89 -4.21
N LEU A 172 -6.00 5.73 -4.71
CA LEU A 172 -5.41 5.20 -5.94
C LEU A 172 -5.69 6.13 -7.12
N ARG A 173 -6.93 6.61 -7.20
CA ARG A 173 -7.32 7.54 -8.26
C ARG A 173 -6.55 8.86 -8.16
N ALA A 174 -6.37 9.33 -6.93
CA ALA A 174 -5.69 10.60 -6.70
C ALA A 174 -4.22 10.52 -7.13
N SER A 175 -3.58 9.39 -6.84
CA SER A 175 -2.18 9.21 -7.16
C SER A 175 -1.94 9.22 -8.66
N GLN A 176 -2.97 8.88 -9.43
CA GLN A 176 -2.86 8.75 -10.87
C GLN A 176 -3.46 9.97 -11.58
N THR A 177 -4.43 10.59 -10.93
CA THR A 177 -5.17 11.70 -11.53
C THR A 177 -4.64 13.04 -11.03
N GLU A 178 -4.59 13.20 -9.72
CA GLU A 178 -4.25 14.48 -9.12
C GLU A 178 -2.74 14.68 -9.06
N LYS A 179 -2.31 15.92 -9.30
CA LYS A 179 -0.90 16.26 -9.23
C LYS A 179 -0.44 16.47 -7.80
N LEU A 180 0.37 15.54 -7.29
CA LEU A 180 0.93 15.66 -5.96
C LEU A 180 2.41 16.04 -6.02
N LYS A 181 2.76 17.17 -5.39
CA LYS A 181 4.12 17.66 -5.40
C LYS A 181 5.00 16.92 -4.41
N PRO A 182 6.30 16.89 -4.67
CA PRO A 182 7.25 16.20 -3.81
C PRO A 182 7.14 16.68 -2.37
N PHE A 183 7.00 15.73 -1.44
CA PHE A 183 6.92 16.05 -0.02
C PHE A 183 8.18 16.78 0.45
N PRO A 184 8.01 17.97 1.00
CA PRO A 184 9.12 18.85 1.30
C PRO A 184 10.14 18.16 2.20
N VAL A 185 9.64 17.36 3.13
CA VAL A 185 10.49 16.74 4.15
C VAL A 185 11.47 15.77 3.51
N SER A 186 12.77 15.99 3.76
CA SER A 186 13.81 15.10 3.27
C SER A 186 14.63 14.54 4.43
N HIS A 187 14.28 14.94 5.64
CA HIS A 187 15.04 14.54 6.82
C HIS A 187 14.20 13.69 7.76
N ASN A 188 14.85 12.77 8.47
CA ASN A 188 14.15 11.85 9.36
C ASN A 188 13.58 12.57 10.57
N PRO A 189 14.40 13.41 11.19
CA PRO A 189 13.97 14.19 12.35
C PRO A 189 12.76 15.05 12.01
N SER A 190 12.75 15.62 10.81
CA SER A 190 11.65 16.45 10.36
C SER A 190 10.39 15.61 10.11
N PHE A 191 10.58 14.43 9.55
CA PHE A 191 9.48 13.48 9.37
C PHE A 191 8.81 13.17 10.69
N GLU A 192 9.61 12.88 11.71
CA GLU A 192 9.09 12.46 13.00
C GLU A 192 8.19 13.53 13.61
N ARG A 193 8.50 14.79 13.34
CA ARG A 193 7.69 15.90 13.80
C ARG A 193 6.35 15.95 13.09
N LEU A 194 6.39 16.11 11.76
CA LEU A 194 5.18 16.25 10.96
C LEU A 194 4.34 15.00 11.01
N LEU A 195 4.98 13.86 11.28
CA LEU A 195 4.28 12.58 11.36
C LEU A 195 3.05 12.68 12.25
N VAL A 196 3.20 13.33 13.39
CA VAL A 196 2.10 13.56 14.31
C VAL A 196 1.34 14.83 13.95
N GLU A 197 2.09 15.91 13.75
CA GLU A 197 1.50 17.25 13.65
C GLU A 197 0.48 17.32 12.53
N THR A 198 0.90 16.94 11.33
CA THR A 198 0.12 17.20 10.12
C THR A 198 -0.37 15.91 9.49
N ILE A 199 0.48 14.88 9.51
CA ILE A 199 0.19 13.63 8.83
C ILE A 199 -0.87 12.82 9.59
N TYR A 200 -0.55 12.50 10.84
CA TYR A 200 -1.47 11.77 11.70
C TYR A 200 -2.65 12.64 12.11
N SER A 201 -2.35 13.75 12.78
CA SER A 201 -3.39 14.69 13.20
C SER A 201 -3.92 15.49 12.02
N GLY A 1 -3.24 -3.99 -17.96
CA GLY A 1 -2.14 -4.89 -17.65
C GLY A 1 -1.28 -5.15 -18.89
N ILE A 2 -1.91 -5.13 -20.05
CA ILE A 2 -1.21 -5.37 -21.31
C ILE A 2 -0.18 -4.28 -21.59
N ILE A 3 -0.59 -3.03 -21.39
CA ILE A 3 0.30 -1.89 -21.61
C ILE A 3 1.38 -1.84 -20.55
N GLU A 4 0.99 -1.94 -19.28
CA GLU A 4 1.93 -1.92 -18.17
C GLU A 4 1.38 -2.69 -16.97
N GLU A 5 2.21 -3.56 -16.41
CA GLU A 5 1.84 -4.31 -15.22
C GLU A 5 2.36 -3.62 -13.96
N LYS A 6 1.60 -2.63 -13.48
CA LYS A 6 2.04 -1.81 -12.36
C LYS A 6 1.94 -2.57 -11.04
N ALA A 7 2.79 -2.23 -10.09
CA ALA A 7 2.84 -2.92 -8.81
C ALA A 7 2.57 -1.97 -7.65
N LEU A 8 1.82 -2.46 -6.67
CA LEU A 8 1.38 -1.61 -5.56
C LEU A 8 1.82 -2.18 -4.22
N PHE A 9 2.70 -1.46 -3.53
CA PHE A 9 3.25 -1.92 -2.27
C PHE A 9 2.40 -1.47 -1.09
N VAL A 10 1.67 -2.40 -0.51
CA VAL A 10 0.76 -2.09 0.60
C VAL A 10 1.35 -2.52 1.93
N THR A 11 1.62 -1.54 2.79
CA THR A 11 2.13 -1.81 4.14
C THR A 11 1.01 -1.68 5.18
N CYS A 12 0.60 -2.81 5.74
CA CYS A 12 -0.45 -2.83 6.73
C CYS A 12 0.06 -2.42 8.11
N GLY A 13 -0.74 -1.64 8.83
CA GLY A 13 -0.35 -1.17 10.15
C GLY A 13 -0.67 -2.20 11.22
N ALA A 14 -0.17 -1.96 12.44
CA ALA A 14 -0.38 -2.89 13.54
C ALA A 14 -1.54 -2.46 14.42
N THR A 15 -2.11 -1.30 14.12
CA THR A 15 -3.22 -0.76 14.90
C THR A 15 -4.55 -1.27 14.38
N VAL A 16 -4.56 -1.75 13.15
CA VAL A 16 -5.76 -2.34 12.55
C VAL A 16 -5.55 -3.83 12.27
N PRO A 17 -6.51 -4.65 12.72
CA PRO A 17 -6.46 -6.08 12.48
C PRO A 17 -6.18 -6.38 11.01
N PHE A 18 -5.16 -7.19 10.76
CA PHE A 18 -4.73 -7.48 9.39
C PHE A 18 -5.84 -8.15 8.59
N PRO A 19 -6.50 -9.13 9.20
CA PRO A 19 -7.60 -9.82 8.56
C PRO A 19 -8.67 -8.84 8.09
N LYS A 20 -8.87 -7.78 8.86
CA LYS A 20 -9.92 -6.81 8.56
C LYS A 20 -9.39 -5.68 7.70
N LEU A 21 -8.07 -5.52 7.67
CA LEU A 21 -7.44 -4.43 6.93
C LEU A 21 -7.31 -4.78 5.45
N VAL A 22 -7.00 -6.04 5.17
CA VAL A 22 -6.75 -6.48 3.80
C VAL A 22 -8.03 -6.43 2.98
N SER A 23 -9.17 -6.37 3.66
CA SER A 23 -10.46 -6.31 2.99
C SER A 23 -10.63 -5.00 2.22
N CYS A 24 -9.79 -4.02 2.54
CA CYS A 24 -9.85 -2.73 1.88
C CYS A 24 -9.06 -2.74 0.57
N VAL A 25 -8.23 -3.75 0.40
CA VAL A 25 -7.40 -3.87 -0.80
C VAL A 25 -7.73 -5.14 -1.58
N LEU A 26 -8.62 -5.95 -1.01
CA LEU A 26 -9.04 -7.19 -1.66
C LEU A 26 -10.53 -7.16 -2.01
N SER A 27 -11.13 -5.98 -1.92
CA SER A 27 -12.54 -5.82 -2.23
C SER A 27 -12.77 -5.84 -3.74
N ASP A 28 -14.01 -6.10 -4.14
CA ASP A 28 -14.37 -6.10 -5.55
C ASP A 28 -14.19 -4.72 -6.17
N GLU A 29 -14.50 -3.69 -5.39
CA GLU A 29 -14.39 -2.32 -5.87
C GLU A 29 -12.94 -1.89 -6.02
N PHE A 30 -12.12 -2.23 -5.02
CA PHE A 30 -10.72 -1.87 -5.02
C PHE A 30 -9.97 -2.56 -6.16
N CYS A 31 -10.16 -3.87 -6.27
CA CYS A 31 -9.42 -4.67 -7.24
C CYS A 31 -9.82 -4.31 -8.67
N GLN A 32 -11.10 -4.08 -8.88
CA GLN A 32 -11.60 -3.64 -10.18
C GLN A 32 -10.92 -2.36 -10.62
N GLU A 33 -10.99 -1.33 -9.79
CA GLU A 33 -10.37 -0.04 -10.08
C GLU A 33 -8.86 -0.17 -10.15
N LEU A 34 -8.29 -0.95 -9.23
CA LEU A 34 -6.86 -1.26 -9.26
C LEU A 34 -6.42 -1.68 -10.66
N ILE A 35 -7.13 -2.65 -11.23
CA ILE A 35 -6.83 -3.12 -12.57
C ILE A 35 -6.99 -2.02 -13.61
N GLN A 36 -8.03 -1.21 -13.44
CA GLN A 36 -8.31 -0.11 -14.36
C GLN A 36 -7.20 0.94 -14.33
N TYR A 37 -6.48 0.99 -13.23
CA TYR A 37 -5.39 1.95 -13.06
C TYR A 37 -4.08 1.39 -13.61
N GLY A 38 -4.11 0.13 -14.03
CA GLY A 38 -2.95 -0.50 -14.66
C GLY A 38 -2.19 -1.36 -13.66
N PHE A 39 -2.75 -1.50 -12.46
CA PHE A 39 -2.08 -2.22 -11.39
C PHE A 39 -2.58 -3.66 -11.30
N VAL A 40 -1.66 -4.61 -11.43
CA VAL A 40 -2.01 -6.03 -11.41
C VAL A 40 -1.13 -6.80 -10.43
N ARG A 41 -0.07 -6.14 -9.96
CA ARG A 41 0.86 -6.77 -9.02
C ARG A 41 0.69 -6.19 -7.62
N LEU A 42 -0.22 -6.79 -6.85
CA LEU A 42 -0.54 -6.29 -5.51
C LEU A 42 0.35 -6.95 -4.46
N ILE A 43 1.04 -6.11 -3.68
CA ILE A 43 1.89 -6.59 -2.60
C ILE A 43 1.29 -6.26 -1.24
N ILE A 44 1.07 -7.29 -0.42
CA ILE A 44 0.52 -7.10 0.91
C ILE A 44 1.49 -7.58 1.98
N GLN A 45 2.03 -6.65 2.75
CA GLN A 45 3.04 -6.97 3.75
C GLN A 45 2.40 -7.41 5.07
N PHE A 46 2.81 -8.57 5.56
CA PHE A 46 2.39 -9.05 6.87
C PHE A 46 3.54 -9.02 7.86
N GLY A 47 3.22 -8.91 9.15
CA GLY A 47 4.22 -8.90 10.19
C GLY A 47 4.70 -10.31 10.52
N ARG A 48 5.49 -10.43 11.58
CA ARG A 48 6.07 -11.71 11.97
C ARG A 48 5.06 -12.58 12.70
N ASN A 49 4.02 -11.95 13.25
CA ASN A 49 3.01 -12.65 14.02
C ASN A 49 1.72 -12.81 13.21
N TYR A 50 1.81 -12.59 11.91
CA TYR A 50 0.65 -12.64 11.03
C TYR A 50 0.91 -13.51 9.81
N SER A 51 -0.14 -14.12 9.29
CA SER A 51 -0.01 -15.07 8.19
C SER A 51 -0.81 -14.62 6.98
N SER A 52 -0.13 -14.41 5.85
CA SER A 52 -0.78 -14.05 4.61
C SER A 52 -1.59 -15.23 4.06
N GLU A 53 -2.83 -15.36 4.50
CA GLU A 53 -3.71 -16.41 4.01
C GLU A 53 -4.99 -15.83 3.43
N PHE A 54 -5.11 -15.86 2.12
CA PHE A 54 -6.30 -15.36 1.44
C PHE A 54 -7.05 -16.48 0.73
N GLU A 55 -6.75 -17.71 1.12
CA GLU A 55 -7.33 -18.88 0.46
C GLU A 55 -8.85 -18.85 0.50
N HIS A 56 -9.39 -18.33 1.61
CA HIS A 56 -10.84 -18.28 1.79
C HIS A 56 -11.46 -17.12 1.03
N LEU A 57 -10.61 -16.23 0.53
CA LEU A 57 -11.07 -15.04 -0.17
C LEU A 57 -11.07 -15.24 -1.68
N VAL A 58 -10.06 -15.96 -2.17
CA VAL A 58 -9.94 -16.22 -3.59
C VAL A 58 -11.04 -17.14 -4.10
N GLN A 59 -11.70 -17.83 -3.17
CA GLN A 59 -12.90 -18.59 -3.48
C GLN A 59 -14.03 -17.68 -3.94
N GLU A 60 -14.00 -16.43 -3.47
CA GLU A 60 -14.98 -15.44 -3.88
C GLU A 60 -14.37 -14.44 -4.86
N ARG A 61 -13.25 -14.82 -5.46
CA ARG A 61 -12.59 -13.97 -6.44
C ARG A 61 -12.28 -14.75 -7.73
N GLY A 62 -12.66 -16.02 -7.75
CA GLY A 62 -12.55 -16.83 -8.95
C GLY A 62 -11.11 -17.25 -9.21
N GLY A 63 -10.41 -17.60 -8.14
CA GLY A 63 -9.01 -18.01 -8.24
C GLY A 63 -8.66 -19.04 -7.17
N GLN A 64 -7.42 -18.99 -6.70
CA GLN A 64 -6.91 -20.01 -5.80
C GLN A 64 -5.58 -19.59 -5.18
N ARG A 65 -5.11 -20.36 -4.21
CA ARG A 65 -3.85 -20.07 -3.53
C ARG A 65 -2.72 -20.93 -4.09
N GLU A 66 -1.55 -20.33 -4.24
CA GLU A 66 -0.36 -21.06 -4.65
C GLU A 66 0.90 -20.45 -4.03
N SER A 67 1.54 -21.20 -3.15
CA SER A 67 2.82 -20.79 -2.58
C SER A 67 3.93 -20.87 -3.62
N GLN A 68 4.76 -19.83 -3.68
CA GLN A 68 5.80 -19.73 -4.69
C GLN A 68 7.15 -19.41 -4.05
N LYS A 69 8.20 -20.02 -4.57
CA LYS A 69 9.57 -19.68 -4.17
C LYS A 69 10.18 -18.67 -5.12
N ILE A 70 9.61 -17.47 -5.15
CA ILE A 70 10.09 -16.42 -6.04
C ILE A 70 11.34 -15.74 -5.48
N PRO A 71 12.35 -15.57 -6.33
CA PRO A 71 13.62 -15.00 -5.90
C PRO A 71 13.49 -13.51 -5.61
N ILE A 72 14.54 -12.93 -5.04
CA ILE A 72 14.54 -11.50 -4.71
C ILE A 72 14.89 -10.66 -5.93
N ASP A 73 15.30 -11.33 -7.01
CA ASP A 73 15.68 -10.64 -8.24
C ASP A 73 14.48 -10.45 -9.15
N GLN A 74 13.47 -11.28 -8.98
CA GLN A 74 12.29 -11.24 -9.84
C GLN A 74 11.31 -10.17 -9.38
N PHE A 75 10.72 -10.37 -8.20
CA PHE A 75 9.76 -9.42 -7.65
C PHE A 75 10.17 -8.99 -6.25
N GLY A 76 11.30 -9.48 -5.78
CA GLY A 76 11.80 -9.16 -4.45
C GLY A 76 11.16 -10.05 -3.39
N CYS A 77 10.99 -11.33 -3.73
CA CYS A 77 10.27 -12.26 -2.86
C CYS A 77 11.21 -13.31 -2.29
N GLY A 78 10.65 -14.23 -1.52
CA GLY A 78 11.41 -15.34 -0.97
C GLY A 78 10.62 -16.64 -1.01
N ASP A 79 10.79 -17.47 0.02
CA ASP A 79 10.16 -18.78 0.05
C ASP A 79 8.94 -18.79 0.95
N THR A 80 8.54 -17.62 1.41
CA THR A 80 7.28 -17.46 2.14
C THR A 80 6.36 -16.47 1.45
N ALA A 81 6.49 -16.36 0.13
CA ALA A 81 5.56 -15.59 -0.68
C ALA A 81 4.43 -16.47 -1.22
N ARG A 82 3.21 -15.95 -1.16
CA ARG A 82 2.04 -16.73 -1.55
C ARG A 82 1.26 -16.04 -2.66
N GLN A 83 1.26 -16.64 -3.84
CA GLN A 83 0.54 -16.10 -4.98
C GLN A 83 -0.96 -16.38 -4.89
N TYR A 84 -1.77 -15.38 -5.21
CA TYR A 84 -3.22 -15.53 -5.19
C TYR A 84 -3.84 -15.04 -6.48
N VAL A 85 -4.77 -15.82 -7.02
CA VAL A 85 -5.50 -15.44 -8.22
C VAL A 85 -6.79 -14.70 -7.88
N LEU A 86 -6.87 -13.45 -8.29
CA LEU A 86 -8.06 -12.64 -8.03
C LEU A 86 -8.67 -12.13 -9.32
N MET A 87 -9.96 -11.81 -9.28
CA MET A 87 -10.64 -11.20 -10.42
C MET A 87 -10.58 -12.11 -11.64
N ASN A 88 -10.72 -13.41 -11.42
CA ASN A 88 -10.75 -14.37 -12.51
C ASN A 88 -9.44 -14.33 -13.31
N GLY A 89 -8.34 -14.09 -12.62
CA GLY A 89 -7.01 -14.17 -13.23
C GLY A 89 -6.55 -12.82 -13.74
N LYS A 90 -7.36 -11.79 -13.50
CA LYS A 90 -7.06 -10.44 -13.97
C LYS A 90 -6.17 -9.71 -12.97
N LEU A 91 -6.18 -10.15 -11.72
CA LEU A 91 -5.38 -9.55 -10.68
C LEU A 91 -4.46 -10.58 -10.02
N LYS A 92 -3.19 -10.23 -9.85
CA LYS A 92 -2.23 -11.10 -9.18
C LYS A 92 -1.84 -10.54 -7.83
N VAL A 93 -2.30 -11.19 -6.77
CA VAL A 93 -2.02 -10.73 -5.41
C VAL A 93 -1.05 -11.67 -4.70
N ILE A 94 0.05 -11.12 -4.22
CA ILE A 94 1.06 -11.91 -3.51
C ILE A 94 1.15 -11.48 -2.05
N GLY A 95 0.90 -12.42 -1.14
CA GLY A 95 1.06 -12.17 0.29
C GLY A 95 2.51 -12.40 0.72
N PHE A 96 3.03 -11.47 1.51
CA PHE A 96 4.44 -11.50 1.90
C PHE A 96 4.57 -11.71 3.40
N ASP A 97 5.00 -12.90 3.80
CA ASP A 97 5.35 -13.17 5.19
C ASP A 97 6.85 -12.98 5.43
N PHE A 98 7.30 -11.74 5.32
CA PHE A 98 8.72 -11.42 5.47
C PHE A 98 8.94 -10.29 6.45
N SER A 99 10.18 -10.13 6.90
CA SER A 99 10.55 -8.99 7.74
C SER A 99 10.66 -7.72 6.92
N THR A 100 11.08 -6.64 7.56
CA THR A 100 11.22 -5.35 6.89
C THR A 100 12.47 -5.33 6.01
N LYS A 101 13.25 -6.40 6.08
CA LYS A 101 14.43 -6.54 5.23
C LYS A 101 14.05 -6.62 3.76
N MET A 102 12.86 -7.17 3.49
CA MET A 102 12.37 -7.32 2.13
C MET A 102 11.56 -6.10 1.70
N GLN A 103 11.42 -5.13 2.60
CA GLN A 103 10.60 -3.95 2.34
C GLN A 103 11.18 -3.13 1.20
N SER A 104 12.42 -2.66 1.38
CA SER A 104 13.07 -1.83 0.38
C SER A 104 13.32 -2.63 -0.90
N ILE A 105 13.57 -3.92 -0.76
CA ILE A 105 13.81 -4.78 -1.90
C ILE A 105 12.58 -4.82 -2.82
N ILE A 106 11.41 -4.99 -2.23
CA ILE A 106 10.17 -5.08 -2.99
C ILE A 106 9.77 -3.72 -3.54
N ARG A 107 10.00 -2.67 -2.74
CA ARG A 107 9.61 -1.32 -3.12
C ARG A 107 10.33 -0.86 -4.39
N ASP A 108 11.51 -1.45 -4.62
CA ASP A 108 12.26 -1.16 -5.84
C ASP A 108 11.52 -1.63 -7.08
N TYR A 109 10.63 -2.60 -6.89
CA TYR A 109 9.85 -3.14 -8.00
C TYR A 109 8.47 -2.50 -8.06
N SER A 110 8.01 -1.98 -6.94
CA SER A 110 6.70 -1.32 -6.87
C SER A 110 6.71 0.01 -7.62
N ASP A 111 5.53 0.53 -7.91
CA ASP A 111 5.40 1.84 -8.54
C ASP A 111 4.83 2.86 -7.56
N LEU A 112 3.85 2.44 -6.76
CA LEU A 112 3.33 3.28 -5.70
C LEU A 112 3.41 2.58 -4.35
N VAL A 113 3.46 3.36 -3.28
CA VAL A 113 3.56 2.83 -1.93
C VAL A 113 2.42 3.33 -1.05
N ILE A 114 1.69 2.39 -0.46
CA ILE A 114 0.65 2.74 0.51
C ILE A 114 1.09 2.42 1.94
N SER A 115 0.96 3.40 2.82
CA SER A 115 1.28 3.20 4.23
C SER A 115 0.04 3.33 5.11
N HIS A 116 -0.34 2.23 5.74
CA HIS A 116 -1.53 2.20 6.58
C HIS A 116 -1.19 2.64 8.01
N ALA A 117 -2.12 3.36 8.63
CA ALA A 117 -2.02 3.67 10.05
C ALA A 117 -0.69 4.34 10.38
N GLY A 118 -0.35 5.38 9.62
CA GLY A 118 0.85 6.15 9.88
C GLY A 118 1.69 6.29 8.61
N THR A 119 2.89 6.86 8.76
CA THR A 119 3.73 7.17 7.61
C THR A 119 4.95 6.26 7.55
N GLY A 120 4.76 5.01 7.95
CA GLY A 120 5.85 4.07 8.09
C GLY A 120 6.61 3.90 6.78
N SER A 121 5.87 3.83 5.68
CA SER A 121 6.46 3.59 4.37
C SER A 121 6.41 4.84 3.50
N ILE A 122 6.45 6.01 4.14
CA ILE A 122 6.45 7.28 3.43
C ILE A 122 7.83 7.91 3.40
N LEU A 123 8.43 8.05 4.57
CA LEU A 123 9.80 8.56 4.69
C LEU A 123 10.79 7.59 4.06
N ASP A 124 10.40 6.32 3.97
CA ASP A 124 11.24 5.31 3.34
C ASP A 124 11.16 5.39 1.82
N SER A 125 10.13 6.05 1.33
CA SER A 125 9.83 6.04 -0.11
C SER A 125 9.99 7.42 -0.72
N LEU A 126 10.97 8.17 -0.22
CA LEU A 126 11.23 9.52 -0.71
C LEU A 126 12.22 9.50 -1.87
N ARG A 127 13.07 8.48 -1.90
CA ARG A 127 14.06 8.33 -2.96
C ARG A 127 13.42 7.80 -4.24
N LEU A 128 12.28 7.13 -4.10
CA LEU A 128 11.52 6.65 -5.25
C LEU A 128 10.95 7.82 -6.06
N ASN A 129 10.58 8.88 -5.37
CA ASN A 129 10.02 10.07 -6.02
C ASN A 129 8.68 9.74 -6.67
N LYS A 130 7.92 8.87 -6.04
CA LYS A 130 6.61 8.48 -6.56
C LYS A 130 5.49 8.94 -5.63
N PRO A 131 4.31 9.14 -6.20
CA PRO A 131 3.13 9.49 -5.40
C PRO A 131 2.96 8.54 -4.23
N LEU A 132 2.91 9.10 -3.02
CA LEU A 132 2.81 8.31 -1.81
C LEU A 132 1.43 8.42 -1.18
N ILE A 133 0.91 7.30 -0.69
CA ILE A 133 -0.42 7.24 -0.11
C ILE A 133 -0.38 6.91 1.37
N VAL A 134 -1.08 7.70 2.18
CA VAL A 134 -1.25 7.38 3.59
C VAL A 134 -2.72 7.14 3.91
N CYS A 135 -3.01 5.99 4.51
CA CYS A 135 -4.37 5.64 4.89
C CYS A 135 -4.55 5.75 6.40
N VAL A 136 -5.31 6.75 6.83
CA VAL A 136 -5.49 7.02 8.26
C VAL A 136 -6.43 6.01 8.89
N ASN A 137 -6.05 5.53 10.07
CA ASN A 137 -6.81 4.48 10.75
C ASN A 137 -8.02 5.06 11.48
N ASP A 138 -8.72 4.22 12.23
CA ASP A 138 -9.98 4.61 12.84
C ASP A 138 -9.78 4.97 14.31
N SER A 139 -8.53 5.19 14.70
CA SER A 139 -8.21 5.60 16.06
C SER A 139 -8.16 7.12 16.18
N LEU A 140 -8.20 7.80 15.04
CA LEU A 140 -8.20 9.26 15.01
C LEU A 140 -9.55 9.80 14.55
N MET A 141 -9.79 11.08 14.83
CA MET A 141 -11.08 11.69 14.52
C MET A 141 -11.06 12.30 13.13
N ASP A 142 -12.23 12.75 12.67
CA ASP A 142 -12.36 13.37 11.36
C ASP A 142 -11.59 14.68 11.30
N ASN A 143 -11.57 15.41 12.42
CA ASN A 143 -10.78 16.63 12.54
C ASN A 143 -9.29 16.32 12.46
N HIS A 144 -8.90 15.17 13.02
CA HIS A 144 -7.52 14.71 12.91
C HIS A 144 -7.15 14.40 11.46
N GLN A 145 -8.09 13.79 10.73
CA GLN A 145 -7.88 13.45 9.34
C GLN A 145 -7.66 14.71 8.50
N GLN A 146 -8.41 15.76 8.80
CA GLN A 146 -8.28 17.03 8.10
C GLN A 146 -6.91 17.67 8.34
N GLN A 147 -6.47 17.64 9.59
CA GLN A 147 -5.18 18.21 9.95
C GLN A 147 -4.04 17.41 9.31
N ILE A 148 -4.21 16.10 9.24
CA ILE A 148 -3.24 15.23 8.57
C ILE A 148 -3.18 15.53 7.08
N ALA A 149 -4.35 15.66 6.47
CA ALA A 149 -4.44 15.94 5.03
C ALA A 149 -3.84 17.30 4.70
N ASP A 150 -4.08 18.28 5.57
CA ASP A 150 -3.58 19.63 5.35
C ASP A 150 -2.07 19.65 5.26
N LYS A 151 -1.41 18.88 6.12
CA LYS A 151 0.04 18.80 6.15
C LYS A 151 0.57 17.99 4.96
N PHE A 152 -0.22 17.02 4.52
CA PHE A 152 0.12 16.25 3.33
C PHE A 152 0.00 17.09 2.07
N VAL A 153 -0.88 18.08 2.11
CA VAL A 153 -0.96 19.08 1.04
C VAL A 153 0.26 19.98 1.03
N GLU A 154 0.71 20.36 2.22
CA GLU A 154 1.94 21.14 2.37
C GLU A 154 3.14 20.39 1.82
N LEU A 155 3.13 19.07 2.00
CA LEU A 155 4.16 18.22 1.40
C LEU A 155 4.02 18.17 -0.11
N GLY A 156 2.81 17.90 -0.58
CA GLY A 156 2.48 18.07 -2.00
C GLY A 156 2.86 16.82 -2.80
N TYR A 157 3.08 15.71 -2.09
CA TYR A 157 3.36 14.44 -2.73
C TYR A 157 2.73 13.29 -1.96
N VAL A 158 1.91 13.62 -0.97
CA VAL A 158 1.28 12.61 -0.13
C VAL A 158 -0.25 12.71 -0.20
N TRP A 159 -0.90 11.57 -0.35
CA TRP A 159 -2.36 11.51 -0.34
C TRP A 159 -2.88 11.10 1.03
N SER A 160 -4.05 11.64 1.39
CA SER A 160 -4.71 11.25 2.62
C SER A 160 -5.98 10.46 2.33
N CYS A 161 -6.00 9.19 2.73
CA CYS A 161 -7.14 8.32 2.48
C CYS A 161 -7.83 7.93 3.79
N ALA A 162 -9.13 7.70 3.72
CA ALA A 162 -9.89 7.21 4.87
C ALA A 162 -9.75 5.70 5.02
N PRO A 163 -10.03 5.20 6.22
CA PRO A 163 -9.94 3.77 6.49
C PRO A 163 -11.16 3.03 5.96
N THR A 164 -11.36 3.11 4.65
CA THR A 164 -12.48 2.42 4.00
C THR A 164 -12.03 1.73 2.72
N GLU A 165 -12.95 0.97 2.13
CA GLU A 165 -12.64 0.23 0.90
C GLU A 165 -12.48 1.17 -0.29
N THR A 166 -13.18 2.29 -0.24
CA THR A 166 -13.22 3.22 -1.37
C THR A 166 -12.34 4.43 -1.12
N GLY A 167 -12.05 4.70 0.15
CA GLY A 167 -11.23 5.83 0.53
C GLY A 167 -9.79 5.67 0.04
N LEU A 168 -9.29 4.44 0.07
CA LEU A 168 -7.92 4.15 -0.33
C LEU A 168 -7.78 4.19 -1.85
N ILE A 169 -8.69 3.52 -2.54
CA ILE A 169 -8.65 3.42 -3.99
C ILE A 169 -8.85 4.78 -4.63
N ALA A 170 -9.53 5.67 -3.92
CA ALA A 170 -9.69 7.05 -4.37
C ALA A 170 -8.35 7.78 -4.41
N GLY A 171 -7.53 7.55 -3.39
CA GLY A 171 -6.21 8.15 -3.33
C GLY A 171 -5.29 7.56 -4.40
N LEU A 172 -5.47 6.27 -4.67
CA LEU A 172 -4.71 5.61 -5.72
C LEU A 172 -5.04 6.17 -7.09
N ARG A 173 -6.33 6.46 -7.31
CA ARG A 173 -6.76 7.19 -8.50
C ARG A 173 -6.09 8.55 -8.60
N ALA A 174 -6.07 9.28 -7.48
CA ALA A 174 -5.50 10.61 -7.46
C ALA A 174 -4.04 10.60 -7.89
N SER A 175 -3.31 9.57 -7.47
CA SER A 175 -1.93 9.41 -7.87
C SER A 175 -1.78 9.36 -9.39
N GLN A 176 -2.75 8.74 -10.05
CA GLN A 176 -2.67 8.50 -11.49
C GLN A 176 -3.44 9.56 -12.26
N THR A 177 -4.13 10.44 -11.53
CA THR A 177 -4.99 11.43 -12.14
C THR A 177 -4.46 12.85 -11.91
N GLU A 178 -4.16 13.15 -10.67
CA GLU A 178 -3.71 14.50 -10.30
C GLU A 178 -2.20 14.60 -10.32
N LYS A 179 -1.70 15.81 -10.52
CA LYS A 179 -0.25 16.05 -10.62
C LYS A 179 0.33 16.46 -9.28
N LEU A 180 1.28 15.68 -8.78
CA LEU A 180 2.02 16.04 -7.58
C LEU A 180 3.32 16.76 -7.93
N LYS A 181 3.88 17.47 -6.97
CA LYS A 181 5.06 18.28 -7.19
C LYS A 181 6.32 17.61 -6.65
N PRO A 182 7.47 18.02 -7.15
CA PRO A 182 8.75 17.48 -6.69
C PRO A 182 8.88 17.57 -5.17
N PHE A 183 9.57 16.60 -4.58
CA PHE A 183 9.62 16.48 -3.14
C PHE A 183 10.43 17.61 -2.51
N PRO A 184 9.82 18.33 -1.58
CA PRO A 184 10.50 19.41 -0.88
C PRO A 184 11.41 18.86 0.21
N VAL A 185 11.45 17.54 0.34
CA VAL A 185 12.20 16.89 1.41
C VAL A 185 13.70 17.10 1.24
N SER A 186 14.11 17.40 0.01
CA SER A 186 15.51 17.67 -0.29
C SER A 186 15.81 19.16 -0.26
N HIS A 187 14.78 19.96 0.02
CA HIS A 187 14.92 21.41 0.00
C HIS A 187 14.36 22.02 1.27
N ASN A 188 13.77 21.19 2.13
CA ASN A 188 13.15 21.66 3.36
C ASN A 188 13.15 20.57 4.42
N PRO A 189 14.02 20.70 5.42
CA PRO A 189 14.22 19.66 6.41
C PRO A 189 12.95 19.44 7.23
N SER A 190 12.03 20.38 7.14
CA SER A 190 10.82 20.35 7.96
C SER A 190 9.96 19.14 7.64
N PHE A 191 10.27 18.48 6.53
CA PHE A 191 9.57 17.26 6.14
C PHE A 191 9.70 16.18 7.21
N GLU A 192 10.76 16.27 8.01
CA GLU A 192 10.99 15.31 9.08
C GLU A 192 10.03 15.53 10.24
N ARG A 193 9.32 16.65 10.20
CA ARG A 193 8.30 16.95 11.21
C ARG A 193 6.90 16.63 10.70
N LEU A 194 6.66 16.94 9.43
CA LEU A 194 5.32 16.81 8.85
C LEU A 194 4.88 15.35 8.80
N LEU A 195 5.83 14.46 8.55
CA LEU A 195 5.54 13.04 8.42
C LEU A 195 5.49 12.36 9.78
N VAL A 196 6.41 12.74 10.67
CA VAL A 196 6.56 12.07 11.95
C VAL A 196 5.38 12.37 12.88
N GLU A 197 4.88 13.60 12.81
CA GLU A 197 3.76 14.01 13.65
C GLU A 197 2.52 13.18 13.35
N THR A 198 2.40 12.72 12.11
CA THR A 198 1.27 11.89 11.70
C THR A 198 1.33 10.52 12.36
N ILE A 199 2.45 9.83 12.17
CA ILE A 199 2.63 8.50 12.73
C ILE A 199 2.72 8.54 14.25
N TYR A 200 3.09 9.71 14.78
CA TYR A 200 3.08 9.94 16.22
C TYR A 200 1.66 9.95 16.76
N SER A 201 0.79 10.72 16.12
CA SER A 201 -0.61 10.81 16.52
C SER A 201 -1.36 9.52 16.22
N GLY A 1 9.01 -8.98 -11.78
CA GLY A 1 7.74 -8.79 -12.47
C GLY A 1 7.07 -7.49 -12.05
N ILE A 2 7.39 -7.03 -10.84
CA ILE A 2 6.80 -5.81 -10.30
C ILE A 2 7.74 -4.63 -10.47
N ILE A 3 8.91 -4.88 -11.06
CA ILE A 3 9.92 -3.85 -11.24
C ILE A 3 9.47 -2.79 -12.24
N GLU A 4 9.03 -3.26 -13.42
CA GLU A 4 8.69 -2.36 -14.51
C GLU A 4 7.19 -2.21 -14.67
N GLU A 5 6.46 -3.26 -14.31
CA GLU A 5 5.01 -3.29 -14.50
C GLU A 5 4.28 -2.68 -13.31
N LYS A 6 3.09 -2.15 -13.57
CA LYS A 6 2.36 -1.39 -12.56
C LYS A 6 2.05 -2.25 -11.33
N ALA A 7 2.69 -1.92 -10.21
CA ALA A 7 2.56 -2.72 -8.99
C ALA A 7 2.09 -1.85 -7.83
N LEU A 8 1.07 -2.31 -7.13
CA LEU A 8 0.55 -1.60 -5.95
C LEU A 8 0.94 -2.32 -4.67
N PHE A 9 1.56 -1.59 -3.75
CA PHE A 9 2.02 -2.17 -2.49
C PHE A 9 1.15 -1.73 -1.33
N VAL A 10 0.53 -2.69 -0.66
CA VAL A 10 -0.29 -2.40 0.52
C VAL A 10 0.42 -2.80 1.80
N THR A 11 0.43 -1.90 2.77
CA THR A 11 1.16 -2.13 4.02
C THR A 11 0.20 -2.25 5.20
N CYS A 12 0.29 -3.37 5.91
CA CYS A 12 -0.35 -3.50 7.21
C CYS A 12 0.63 -3.17 8.34
N GLY A 13 0.11 -2.56 9.40
CA GLY A 13 0.94 -2.16 10.53
C GLY A 13 1.56 -3.38 11.21
N ALA A 14 2.83 -3.27 11.58
CA ALA A 14 3.53 -4.36 12.25
C ALA A 14 2.90 -4.68 13.60
N THR A 15 2.39 -3.64 14.27
CA THR A 15 1.72 -3.82 15.55
C THR A 15 0.22 -3.60 15.42
N VAL A 16 -0.17 -2.82 14.41
CA VAL A 16 -1.58 -2.55 14.17
C VAL A 16 -1.98 -2.91 12.74
N PRO A 17 -2.36 -4.17 12.55
CA PRO A 17 -2.82 -4.64 11.25
C PRO A 17 -4.15 -4.01 10.86
N PHE A 18 -4.41 -3.93 9.56
CA PHE A 18 -5.63 -3.29 9.07
C PHE A 18 -6.38 -4.20 8.11
N PRO A 19 -7.06 -5.20 8.67
CA PRO A 19 -7.81 -6.15 7.87
C PRO A 19 -9.00 -5.48 7.18
N LYS A 20 -9.46 -4.38 7.76
CA LYS A 20 -10.58 -3.64 7.20
C LYS A 20 -10.22 -3.04 5.84
N LEU A 21 -8.99 -2.57 5.72
CA LEU A 21 -8.52 -1.97 4.48
C LEU A 21 -8.13 -3.04 3.46
N VAL A 22 -7.57 -4.13 3.96
CA VAL A 22 -7.13 -5.23 3.10
C VAL A 22 -8.33 -5.96 2.51
N SER A 23 -9.44 -5.97 3.24
CA SER A 23 -10.67 -6.62 2.79
C SER A 23 -11.22 -5.91 1.56
N CYS A 24 -10.86 -4.65 1.38
CA CYS A 24 -11.41 -3.83 0.30
C CYS A 24 -10.56 -3.94 -0.96
N VAL A 25 -9.24 -3.97 -0.78
CA VAL A 25 -8.32 -4.05 -1.89
C VAL A 25 -8.36 -5.42 -2.56
N LEU A 26 -8.90 -6.40 -1.84
CA LEU A 26 -9.05 -7.75 -2.37
C LEU A 26 -10.44 -7.94 -2.97
N SER A 27 -11.30 -6.95 -2.81
CA SER A 27 -12.64 -6.99 -3.36
C SER A 27 -12.62 -6.69 -4.85
N ASP A 28 -13.59 -7.24 -5.58
CA ASP A 28 -13.64 -7.13 -7.03
C ASP A 28 -13.78 -5.67 -7.45
N GLU A 29 -14.51 -4.90 -6.66
CA GLU A 29 -14.77 -3.50 -6.97
C GLU A 29 -13.46 -2.70 -7.04
N PHE A 30 -12.61 -2.89 -6.04
CA PHE A 30 -11.30 -2.24 -6.02
C PHE A 30 -10.42 -2.76 -7.15
N CYS A 31 -10.39 -4.08 -7.31
CA CYS A 31 -9.50 -4.71 -8.29
C CYS A 31 -9.88 -4.31 -9.70
N GLN A 32 -11.16 -4.05 -9.92
CA GLN A 32 -11.65 -3.60 -11.22
C GLN A 32 -11.06 -2.23 -11.58
N GLU A 33 -11.11 -1.31 -10.63
CA GLU A 33 -10.52 0.01 -10.81
C GLU A 33 -9.00 -0.08 -10.85
N LEU A 34 -8.44 -0.95 -10.02
CA LEU A 34 -7.00 -1.17 -9.99
C LEU A 34 -6.46 -1.53 -11.37
N ILE A 35 -7.07 -2.54 -11.99
CA ILE A 35 -6.69 -2.96 -13.34
C ILE A 35 -6.99 -1.87 -14.35
N GLN A 36 -8.09 -1.16 -14.15
CA GLN A 36 -8.46 -0.04 -15.02
C GLN A 36 -7.38 1.04 -15.00
N TYR A 37 -6.69 1.16 -13.88
CA TYR A 37 -5.64 2.16 -13.74
C TYR A 37 -4.32 1.65 -14.33
N GLY A 38 -4.30 0.39 -14.72
CA GLY A 38 -3.12 -0.20 -15.36
C GLY A 38 -2.41 -1.15 -14.41
N PHE A 39 -2.90 -1.23 -13.17
CA PHE A 39 -2.24 -2.02 -12.14
C PHE A 39 -2.74 -3.46 -12.14
N VAL A 40 -1.81 -4.41 -12.29
CA VAL A 40 -2.17 -5.81 -12.44
C VAL A 40 -1.48 -6.67 -11.38
N ARG A 41 -0.60 -6.04 -10.60
CA ARG A 41 0.07 -6.73 -9.51
C ARG A 41 -0.20 -6.04 -8.17
N LEU A 42 -0.51 -6.83 -7.16
CA LEU A 42 -0.90 -6.31 -5.86
C LEU A 42 -0.22 -7.07 -4.73
N ILE A 43 0.64 -6.39 -3.99
CA ILE A 43 1.46 -7.03 -2.97
C ILE A 43 1.11 -6.53 -1.58
N ILE A 44 0.68 -7.43 -0.71
CA ILE A 44 0.25 -7.06 0.63
C ILE A 44 1.23 -7.57 1.68
N GLN A 45 1.86 -6.63 2.39
CA GLN A 45 2.78 -6.98 3.47
C GLN A 45 2.03 -7.17 4.78
N PHE A 46 2.28 -8.30 5.44
CA PHE A 46 1.64 -8.59 6.72
C PHE A 46 2.58 -9.39 7.62
N GLY A 47 2.11 -9.71 8.82
CA GLY A 47 2.99 -10.04 9.93
C GLY A 47 2.46 -11.25 10.71
N ARG A 48 2.85 -12.44 10.29
CA ARG A 48 2.68 -13.64 11.10
C ARG A 48 1.21 -13.99 11.25
N ASN A 49 0.67 -13.77 12.46
CA ASN A 49 -0.65 -14.28 12.81
C ASN A 49 -1.71 -13.73 11.86
N TYR A 50 -1.48 -12.54 11.34
CA TYR A 50 -2.41 -11.91 10.40
C TYR A 50 -2.68 -12.82 9.20
N SER A 51 -1.66 -13.58 8.81
CA SER A 51 -1.75 -14.39 7.60
C SER A 51 -2.99 -15.29 7.64
N SER A 52 -3.39 -15.70 8.83
CA SER A 52 -4.58 -16.52 9.01
C SER A 52 -5.82 -15.77 8.54
N GLU A 53 -5.88 -14.48 8.83
CA GLU A 53 -7.00 -13.65 8.40
C GLU A 53 -6.87 -13.24 6.94
N PHE A 54 -5.63 -13.03 6.50
CA PHE A 54 -5.36 -12.61 5.14
C PHE A 54 -5.89 -13.63 4.13
N GLU A 55 -5.59 -14.91 4.36
CA GLU A 55 -6.10 -15.98 3.53
C GLU A 55 -7.62 -15.98 3.50
N HIS A 56 -8.24 -15.69 4.64
CA HIS A 56 -9.68 -15.64 4.74
C HIS A 56 -10.26 -14.45 3.99
N LEU A 57 -9.51 -13.37 3.94
CA LEU A 57 -9.91 -12.18 3.20
C LEU A 57 -9.84 -12.42 1.69
N VAL A 58 -8.92 -13.28 1.28
CA VAL A 58 -8.83 -13.71 -0.11
C VAL A 58 -9.95 -14.71 -0.43
N GLN A 59 -10.22 -15.60 0.51
CA GLN A 59 -11.27 -16.60 0.34
C GLN A 59 -12.65 -16.00 0.59
N GLU A 60 -12.67 -14.77 1.09
CA GLU A 60 -13.91 -14.01 1.18
C GLU A 60 -14.46 -13.68 -0.20
N ARG A 61 -13.56 -13.54 -1.17
CA ARG A 61 -13.96 -13.24 -2.54
C ARG A 61 -13.74 -14.44 -3.46
N GLY A 62 -13.23 -15.53 -2.88
CA GLY A 62 -13.11 -16.79 -3.60
C GLY A 62 -11.87 -16.81 -4.47
N GLY A 63 -10.78 -16.25 -3.96
CA GLY A 63 -9.50 -16.29 -4.64
C GLY A 63 -8.83 -17.65 -4.49
N GLN A 64 -7.71 -17.83 -5.18
CA GLN A 64 -6.98 -19.09 -5.13
C GLN A 64 -5.55 -18.88 -4.62
N ARG A 65 -5.23 -19.54 -3.52
CA ARG A 65 -3.87 -19.52 -2.99
C ARG A 65 -2.98 -20.54 -3.70
N GLU A 66 -1.78 -20.12 -4.07
CA GLU A 66 -0.84 -21.01 -4.73
C GLU A 66 0.57 -20.85 -4.16
N SER A 67 1.29 -21.96 -4.05
CA SER A 67 2.65 -21.94 -3.53
C SER A 67 3.67 -21.77 -4.64
N GLN A 68 4.23 -20.57 -4.73
CA GLN A 68 5.20 -20.26 -5.77
C GLN A 68 6.51 -19.73 -5.17
N LYS A 69 7.61 -19.94 -5.90
CA LYS A 69 8.91 -19.45 -5.47
C LYS A 69 9.18 -18.05 -6.01
N ILE A 70 8.52 -17.06 -5.41
CA ILE A 70 8.61 -15.68 -5.90
C ILE A 70 10.02 -15.13 -5.72
N PRO A 71 10.65 -14.77 -6.83
CA PRO A 71 12.05 -14.34 -6.83
C PRO A 71 12.24 -13.12 -5.93
N ILE A 72 13.46 -12.93 -5.46
CA ILE A 72 13.82 -11.73 -4.71
C ILE A 72 14.24 -10.60 -5.64
N ASP A 73 15.01 -10.96 -6.67
CA ASP A 73 15.61 -9.97 -7.55
C ASP A 73 14.59 -9.40 -8.53
N GLN A 74 13.46 -10.09 -8.67
CA GLN A 74 12.42 -9.67 -9.58
C GLN A 74 11.20 -9.14 -8.83
N PHE A 75 11.06 -9.55 -7.58
CA PHE A 75 9.98 -9.08 -6.72
C PHE A 75 10.52 -8.58 -5.39
N GLY A 76 11.18 -9.46 -4.64
CA GLY A 76 11.70 -9.12 -3.33
C GLY A 76 11.12 -10.02 -2.25
N CYS A 77 10.69 -11.21 -2.66
CA CYS A 77 10.09 -12.17 -1.73
C CYS A 77 10.97 -13.39 -1.56
N GLY A 78 10.95 -13.96 -0.35
CA GLY A 78 11.67 -15.20 -0.08
C GLY A 78 10.75 -16.40 -0.17
N ASP A 79 10.91 -17.33 0.77
CA ASP A 79 10.01 -18.48 0.87
C ASP A 79 8.83 -18.17 1.80
N THR A 80 8.69 -16.91 2.18
CA THR A 80 7.60 -16.49 3.04
C THR A 80 6.59 -15.65 2.28
N ALA A 81 6.35 -16.01 1.02
CA ALA A 81 5.36 -15.33 0.20
C ALA A 81 4.59 -16.32 -0.67
N ARG A 82 3.34 -15.97 -0.98
CA ARG A 82 2.47 -16.88 -1.72
C ARG A 82 1.72 -16.14 -2.83
N GLN A 83 1.39 -16.86 -3.90
CA GLN A 83 0.68 -16.27 -5.03
C GLN A 83 -0.82 -16.44 -4.87
N TYR A 84 -1.56 -15.35 -5.04
CA TYR A 84 -3.01 -15.37 -4.91
C TYR A 84 -3.68 -14.86 -6.18
N VAL A 85 -4.50 -15.71 -6.80
CA VAL A 85 -5.15 -15.37 -8.06
C VAL A 85 -6.51 -14.74 -7.83
N LEU A 86 -6.69 -13.52 -8.34
CA LEU A 86 -7.99 -12.86 -8.32
C LEU A 86 -8.38 -12.37 -9.71
N MET A 87 -9.66 -12.08 -9.88
CA MET A 87 -10.15 -11.52 -11.13
C MET A 87 -9.95 -12.49 -12.29
N ASN A 88 -9.98 -13.79 -11.97
CA ASN A 88 -9.86 -14.82 -12.99
C ASN A 88 -8.50 -14.78 -13.67
N GLY A 89 -7.47 -14.43 -12.89
CA GLY A 89 -6.10 -14.45 -13.39
C GLY A 89 -5.67 -13.07 -13.88
N LYS A 90 -6.60 -12.12 -13.83
CA LYS A 90 -6.33 -10.76 -14.31
C LYS A 90 -5.57 -9.96 -13.25
N LEU A 91 -5.72 -10.35 -11.99
CA LEU A 91 -4.99 -9.72 -10.90
C LEU A 91 -4.04 -10.70 -10.23
N LYS A 92 -2.75 -10.38 -10.24
CA LYS A 92 -1.74 -11.21 -9.61
C LYS A 92 -1.37 -10.67 -8.23
N VAL A 93 -1.90 -11.30 -7.19
CA VAL A 93 -1.67 -10.85 -5.82
C VAL A 93 -0.54 -11.64 -5.16
N ILE A 94 0.31 -10.93 -4.42
CA ILE A 94 1.39 -11.57 -3.66
C ILE A 94 1.22 -11.30 -2.17
N GLY A 95 1.03 -12.37 -1.40
CA GLY A 95 1.05 -12.27 0.05
C GLY A 95 2.48 -12.34 0.58
N PHE A 96 2.90 -11.29 1.29
CA PHE A 96 4.29 -11.14 1.68
C PHE A 96 4.43 -11.00 3.19
N ASP A 97 5.14 -11.93 3.81
CA ASP A 97 5.39 -11.87 5.24
C ASP A 97 6.89 -11.92 5.54
N PHE A 98 7.48 -10.76 5.81
CA PHE A 98 8.90 -10.67 6.12
C PHE A 98 9.24 -9.31 6.71
N SER A 99 10.43 -9.22 7.30
CA SER A 99 10.89 -7.97 7.90
C SER A 99 11.21 -6.93 6.83
N THR A 100 11.64 -5.75 7.27
CA THR A 100 11.82 -4.62 6.37
C THR A 100 13.02 -4.82 5.45
N LYS A 101 13.77 -5.89 5.71
CA LYS A 101 14.96 -6.19 4.92
C LYS A 101 14.62 -6.37 3.44
N MET A 102 13.40 -6.84 3.17
CA MET A 102 12.97 -7.15 1.82
C MET A 102 11.70 -6.41 1.45
N GLN A 103 11.13 -5.70 2.42
CA GLN A 103 10.00 -4.82 2.17
C GLN A 103 10.39 -3.67 1.26
N SER A 104 11.55 -3.07 1.53
CA SER A 104 12.00 -1.90 0.78
C SER A 104 12.36 -2.28 -0.66
N ILE A 105 12.73 -3.53 -0.86
CA ILE A 105 12.96 -4.05 -2.21
C ILE A 105 11.68 -4.03 -3.03
N ILE A 106 10.60 -4.53 -2.46
CA ILE A 106 9.30 -4.50 -3.12
C ILE A 106 8.78 -3.07 -3.25
N ARG A 107 9.00 -2.27 -2.23
CA ARG A 107 8.62 -0.86 -2.25
C ARG A 107 9.33 -0.12 -3.38
N ASP A 108 10.62 -0.41 -3.53
CA ASP A 108 11.42 0.22 -4.59
C ASP A 108 10.92 -0.20 -5.97
N TYR A 109 10.47 -1.44 -6.08
CA TYR A 109 9.93 -1.94 -7.34
C TYR A 109 8.53 -1.39 -7.61
N SER A 110 7.76 -1.23 -6.55
CA SER A 110 6.36 -0.84 -6.67
C SER A 110 6.22 0.61 -7.14
N ASP A 111 5.01 1.00 -7.50
CA ASP A 111 4.75 2.34 -8.01
C ASP A 111 3.96 3.17 -7.02
N LEU A 112 2.98 2.54 -6.37
CA LEU A 112 2.18 3.21 -5.35
C LEU A 112 2.20 2.44 -4.03
N VAL A 113 2.12 3.16 -2.93
CA VAL A 113 1.99 2.54 -1.62
C VAL A 113 0.74 3.02 -0.90
N ILE A 114 -0.10 2.08 -0.48
CA ILE A 114 -1.29 2.41 0.29
C ILE A 114 -1.22 1.82 1.70
N SER A 115 -1.52 2.64 2.70
CA SER A 115 -1.59 2.18 4.08
C SER A 115 -2.47 3.10 4.92
N HIS A 116 -2.46 2.88 6.23
CA HIS A 116 -3.20 3.72 7.16
C HIS A 116 -2.28 4.68 7.89
N ALA A 117 -2.86 5.74 8.44
CA ALA A 117 -2.12 6.65 9.31
C ALA A 117 -1.37 5.90 10.40
N GLY A 118 -0.13 6.30 10.65
CA GLY A 118 0.73 5.60 11.59
C GLY A 118 2.20 5.95 11.37
N THR A 119 3.04 5.58 12.32
CA THR A 119 4.44 5.97 12.31
C THR A 119 5.22 5.21 11.25
N GLY A 120 5.42 3.92 11.49
CA GLY A 120 6.15 3.07 10.55
C GLY A 120 5.50 3.10 9.17
N SER A 121 4.17 3.15 9.15
CA SER A 121 3.42 3.15 7.89
C SER A 121 3.83 4.33 7.01
N ILE A 122 3.70 5.54 7.55
CA ILE A 122 4.03 6.75 6.80
C ILE A 122 5.51 6.77 6.42
N LEU A 123 6.35 6.31 7.33
CA LEU A 123 7.80 6.38 7.14
C LEU A 123 8.23 5.56 5.93
N ASP A 124 7.62 4.39 5.75
CA ASP A 124 8.14 3.40 4.82
C ASP A 124 8.13 3.93 3.39
N SER A 125 7.00 4.47 2.96
CA SER A 125 6.85 4.95 1.60
C SER A 125 7.71 6.18 1.34
N LEU A 126 7.73 7.09 2.31
CA LEU A 126 8.47 8.35 2.17
C LEU A 126 9.97 8.12 2.32
N ARG A 127 10.33 6.97 2.89
CA ARG A 127 11.73 6.57 2.98
C ARG A 127 12.34 6.44 1.57
N LEU A 128 11.55 5.93 0.64
CA LEU A 128 12.01 5.78 -0.74
C LEU A 128 11.40 6.85 -1.63
N ASN A 129 10.66 7.77 -1.03
CA ASN A 129 10.06 8.88 -1.76
C ASN A 129 9.02 8.38 -2.75
N LYS A 130 8.31 7.33 -2.38
CA LYS A 130 7.23 6.79 -3.21
C LYS A 130 5.89 7.39 -2.83
N PRO A 131 5.02 7.55 -3.82
CA PRO A 131 3.68 8.08 -3.58
C PRO A 131 2.96 7.30 -2.49
N LEU A 132 2.46 8.01 -1.48
CA LEU A 132 1.84 7.38 -0.34
C LEU A 132 0.38 7.80 -0.20
N ILE A 133 -0.51 6.82 -0.04
CA ILE A 133 -1.91 7.10 0.27
C ILE A 133 -2.25 6.68 1.69
N VAL A 134 -2.63 7.66 2.51
CA VAL A 134 -2.85 7.44 3.93
C VAL A 134 -4.33 7.51 4.27
N CYS A 135 -4.88 6.37 4.70
CA CYS A 135 -6.24 6.34 5.25
C CYS A 135 -6.27 6.85 6.68
N VAL A 136 -7.20 7.76 6.96
CA VAL A 136 -7.31 8.35 8.28
C VAL A 136 -8.66 8.04 8.92
N ASN A 137 -8.65 7.15 9.89
CA ASN A 137 -9.87 6.82 10.64
C ASN A 137 -10.09 7.80 11.79
N ASP A 138 -11.07 7.48 12.63
CA ASP A 138 -11.51 8.42 13.66
C ASP A 138 -10.73 8.20 14.97
N SER A 139 -9.69 7.39 14.90
CA SER A 139 -8.85 7.13 16.05
C SER A 139 -7.72 8.15 16.15
N LEU A 140 -7.32 8.69 15.01
CA LEU A 140 -6.29 9.72 14.96
C LEU A 140 -6.81 11.05 15.51
N MET A 141 -6.07 11.64 16.45
CA MET A 141 -6.48 12.87 17.08
C MET A 141 -6.70 13.98 16.06
N ASP A 142 -7.78 14.74 16.23
CA ASP A 142 -8.10 15.81 15.30
C ASP A 142 -6.95 16.80 15.18
N ASN A 143 -6.28 17.06 16.29
CA ASN A 143 -5.10 17.92 16.29
C ASN A 143 -3.99 17.33 15.43
N HIS A 144 -3.88 16.01 15.43
CA HIS A 144 -2.91 15.32 14.59
C HIS A 144 -3.31 15.38 13.12
N GLN A 145 -4.61 15.28 12.86
CA GLN A 145 -5.13 15.31 11.50
C GLN A 145 -4.79 16.63 10.81
N GLN A 146 -4.78 17.71 11.59
CA GLN A 146 -4.43 19.02 11.06
C GLN A 146 -2.95 19.12 10.74
N GLN A 147 -2.15 18.31 11.41
CA GLN A 147 -0.71 18.31 11.21
C GLN A 147 -0.26 17.17 10.31
N ILE A 148 -1.18 16.25 10.05
CA ILE A 148 -0.88 15.08 9.22
C ILE A 148 -1.67 15.11 7.91
N ALA A 149 -2.98 14.91 8.02
CA ALA A 149 -3.84 14.78 6.85
C ALA A 149 -3.87 16.06 6.05
N ASP A 150 -4.04 17.19 6.74
CA ASP A 150 -4.17 18.48 6.08
C ASP A 150 -2.85 18.94 5.49
N LYS A 151 -1.76 18.64 6.19
CA LYS A 151 -0.44 19.11 5.80
C LYS A 151 0.14 18.27 4.67
N PHE A 152 -0.09 16.96 4.73
CA PHE A 152 0.39 16.05 3.71
C PHE A 152 -0.07 16.48 2.32
N VAL A 153 -1.35 16.79 2.20
CA VAL A 153 -1.92 17.20 0.92
C VAL A 153 -1.54 18.64 0.58
N GLU A 154 -1.66 19.52 1.57
CA GLU A 154 -1.31 20.92 1.38
C GLU A 154 0.12 21.07 0.87
N LEU A 155 1.02 20.26 1.41
CA LEU A 155 2.43 20.33 1.06
C LEU A 155 2.73 19.53 -0.21
N GLY A 156 1.89 18.54 -0.49
CA GLY A 156 1.92 17.83 -1.77
C GLY A 156 2.96 16.72 -1.75
N TYR A 157 3.04 16.00 -0.64
CA TYR A 157 3.96 14.88 -0.51
C TYR A 157 3.23 13.58 -0.26
N VAL A 158 2.08 13.67 0.39
CA VAL A 158 1.25 12.49 0.69
C VAL A 158 -0.23 12.81 0.53
N TRP A 159 -0.97 11.85 -0.02
CA TRP A 159 -2.41 12.01 -0.21
C TRP A 159 -3.19 11.27 0.86
N SER A 160 -4.00 12.02 1.62
CA SER A 160 -4.85 11.44 2.64
C SER A 160 -6.21 11.06 2.07
N CYS A 161 -6.85 10.06 2.67
CA CYS A 161 -8.17 9.63 2.25
C CYS A 161 -8.93 8.96 3.38
N ALA A 162 -10.19 8.62 3.14
CA ALA A 162 -10.99 7.89 4.11
C ALA A 162 -10.68 6.39 4.07
N PRO A 163 -10.74 5.75 5.23
CA PRO A 163 -10.45 4.33 5.33
C PRO A 163 -11.64 3.49 4.89
N THR A 164 -12.00 3.61 3.61
CA THR A 164 -13.13 2.86 3.07
C THR A 164 -12.78 2.24 1.72
N GLU A 165 -13.69 1.44 1.18
CA GLU A 165 -13.50 0.84 -0.13
C GLU A 165 -13.59 1.88 -1.24
N THR A 166 -14.04 3.07 -0.88
CA THR A 166 -14.17 4.17 -1.84
C THR A 166 -13.04 5.17 -1.68
N GLY A 167 -12.55 5.32 -0.46
CA GLY A 167 -11.41 6.17 -0.19
C GLY A 167 -10.11 5.55 -0.67
N LEU A 168 -10.04 4.22 -0.63
CA LEU A 168 -8.91 3.49 -1.15
C LEU A 168 -8.80 3.65 -2.67
N ILE A 169 -9.94 3.56 -3.34
CA ILE A 169 -9.99 3.75 -4.79
C ILE A 169 -9.73 5.20 -5.16
N ALA A 170 -10.35 6.12 -4.42
CA ALA A 170 -10.19 7.55 -4.67
C ALA A 170 -8.74 7.98 -4.51
N GLY A 171 -8.10 7.50 -3.44
CA GLY A 171 -6.71 7.81 -3.17
C GLY A 171 -5.79 7.14 -4.20
N LEU A 172 -6.12 5.90 -4.56
CA LEU A 172 -5.38 5.19 -5.59
C LEU A 172 -5.36 5.98 -6.90
N ARG A 173 -6.53 6.46 -7.32
CA ARG A 173 -6.62 7.29 -8.52
C ARG A 173 -5.89 8.61 -8.34
N ALA A 174 -6.09 9.24 -7.18
CA ALA A 174 -5.56 10.56 -6.94
C ALA A 174 -4.03 10.57 -7.01
N SER A 175 -3.42 9.50 -6.50
CA SER A 175 -1.97 9.39 -6.48
C SER A 175 -1.42 9.18 -7.89
N GLN A 176 -2.27 8.69 -8.79
CA GLN A 176 -1.89 8.50 -10.18
C GLN A 176 -2.07 9.78 -10.99
N THR A 177 -3.12 10.53 -10.66
CA THR A 177 -3.44 11.75 -11.38
C THR A 177 -2.69 12.95 -10.81
N GLU A 178 -2.25 12.81 -9.56
CA GLU A 178 -1.50 13.88 -8.90
C GLU A 178 -0.16 13.36 -8.39
N LYS A 179 0.89 13.56 -9.19
CA LYS A 179 2.23 13.13 -8.82
C LYS A 179 2.67 13.77 -7.51
N LEU A 180 3.03 12.93 -6.54
CA LEU A 180 3.50 13.42 -5.25
C LEU A 180 5.00 13.66 -5.25
N LYS A 181 5.42 14.68 -4.52
CA LYS A 181 6.83 15.07 -4.50
C LYS A 181 7.61 14.24 -3.48
N PRO A 182 8.92 14.14 -3.68
CA PRO A 182 9.79 13.45 -2.74
C PRO A 182 9.89 14.22 -1.43
N PHE A 183 10.20 13.49 -0.35
CA PHE A 183 10.20 14.07 0.98
C PHE A 183 11.38 15.03 1.16
N PRO A 184 11.10 16.19 1.74
CA PRO A 184 12.11 17.24 1.87
C PRO A 184 13.34 16.73 2.61
N VAL A 185 13.10 15.96 3.66
CA VAL A 185 14.16 15.59 4.59
C VAL A 185 14.92 14.35 4.13
N SER A 186 16.23 14.49 3.94
CA SER A 186 17.07 13.37 3.58
C SER A 186 17.83 12.81 4.78
N HIS A 187 17.74 13.53 5.89
CA HIS A 187 18.41 13.12 7.13
C HIS A 187 17.64 12.00 7.82
N ASN A 188 18.37 11.03 8.37
CA ASN A 188 17.76 9.81 8.90
C ASN A 188 16.97 10.09 10.16
N PRO A 189 17.59 10.80 11.11
CA PRO A 189 17.00 11.03 12.41
C PRO A 189 15.95 12.13 12.35
N SER A 190 16.10 13.05 11.41
CA SER A 190 15.14 14.12 11.21
C SER A 190 13.95 13.63 10.41
N PHE A 191 14.18 12.68 9.52
CA PHE A 191 13.10 12.06 8.75
C PHE A 191 12.06 11.44 9.67
N GLU A 192 12.52 10.63 10.62
CA GLU A 192 11.63 10.00 11.59
C GLU A 192 11.04 11.03 12.54
N ARG A 193 11.91 11.84 13.13
CA ARG A 193 11.48 12.90 14.05
C ARG A 193 10.27 13.64 13.51
N LEU A 194 10.35 14.04 12.24
CA LEU A 194 9.27 14.79 11.60
C LEU A 194 7.99 13.95 11.54
N LEU A 195 8.12 12.70 11.10
CA LEU A 195 6.96 11.88 10.79
C LEU A 195 6.57 10.99 11.96
N VAL A 196 7.22 11.23 13.11
CA VAL A 196 6.91 10.49 14.32
C VAL A 196 6.49 11.42 15.45
N GLU A 197 7.15 12.57 15.53
CA GLU A 197 6.95 13.50 16.65
C GLU A 197 6.31 14.79 16.18
N THR A 198 6.85 15.36 15.11
CA THR A 198 6.46 16.69 14.67
C THR A 198 5.00 16.73 14.23
N ILE A 199 4.63 15.79 13.36
CA ILE A 199 3.26 15.72 12.86
C ILE A 199 2.33 15.11 13.88
N TYR A 200 2.89 14.52 14.92
CA TYR A 200 2.10 13.93 16.00
C TYR A 200 2.15 14.78 17.26
N SER A 201 2.61 16.02 17.11
CA SER A 201 2.65 16.96 18.23
C SER A 201 2.93 18.38 17.74
N GLY A 1 4.79 4.74 -14.94
CA GLY A 1 4.48 3.49 -15.63
C GLY A 1 3.37 3.69 -16.65
N ILE A 2 3.66 4.44 -17.70
CA ILE A 2 2.70 4.72 -18.76
C ILE A 2 2.42 3.47 -19.59
N ILE A 3 3.47 2.78 -19.99
CA ILE A 3 3.34 1.56 -20.76
C ILE A 3 3.86 0.35 -19.98
N GLU A 4 3.94 0.51 -18.66
CA GLU A 4 4.52 -0.53 -17.82
C GLU A 4 3.55 -0.93 -16.70
N GLU A 5 3.69 -2.16 -16.22
CA GLU A 5 2.85 -2.65 -15.13
C GLU A 5 3.25 -2.02 -13.80
N LYS A 6 2.26 -1.50 -13.08
CA LYS A 6 2.51 -0.80 -11.83
C LYS A 6 2.38 -1.74 -10.64
N ALA A 7 3.21 -1.50 -9.62
CA ALA A 7 3.16 -2.31 -8.40
C ALA A 7 2.67 -1.48 -7.22
N LEU A 8 1.65 -1.99 -6.53
CA LEU A 8 1.11 -1.30 -5.37
C LEU A 8 1.56 -1.96 -4.07
N PHE A 9 1.94 -1.13 -3.10
CA PHE A 9 2.42 -1.64 -1.81
C PHE A 9 1.43 -1.31 -0.70
N VAL A 10 0.76 -2.33 -0.19
CA VAL A 10 -0.19 -2.16 0.90
C VAL A 10 0.37 -2.70 2.22
N THR A 11 0.59 -1.80 3.17
CA THR A 11 1.12 -2.20 4.48
C THR A 11 -0.01 -2.59 5.43
N CYS A 12 0.18 -3.70 6.13
CA CYS A 12 -0.75 -4.11 7.18
C CYS A 12 -0.02 -4.79 8.33
N GLY A 13 0.74 -4.01 9.08
CA GLY A 13 1.51 -4.53 10.21
C GLY A 13 0.60 -4.74 11.42
N ALA A 14 1.21 -5.13 12.53
CA ALA A 14 0.46 -5.47 13.74
C ALA A 14 -0.41 -4.30 14.20
N THR A 15 0.11 -3.09 14.04
CA THR A 15 -0.54 -1.90 14.58
C THR A 15 -1.49 -1.28 13.55
N VAL A 16 -1.63 -1.95 12.42
CA VAL A 16 -2.52 -1.47 11.36
C VAL A 16 -3.88 -2.15 11.42
N PRO A 17 -4.89 -1.40 11.83
CA PRO A 17 -6.26 -1.91 11.84
C PRO A 17 -6.84 -1.95 10.43
N PHE A 18 -7.79 -1.06 10.16
CA PHE A 18 -8.37 -0.94 8.83
C PHE A 18 -8.89 -2.28 8.33
N PRO A 19 -9.80 -2.88 9.09
CA PRO A 19 -10.40 -4.15 8.71
C PRO A 19 -11.21 -4.02 7.43
N LYS A 20 -11.58 -2.78 7.09
CA LYS A 20 -12.31 -2.52 5.86
C LYS A 20 -11.38 -2.52 4.65
N LEU A 21 -10.14 -2.08 4.86
CA LEU A 21 -9.13 -2.09 3.81
C LEU A 21 -8.56 -3.48 3.61
N VAL A 22 -8.59 -4.29 4.66
CA VAL A 22 -8.24 -5.70 4.56
C VAL A 22 -9.17 -6.43 3.60
N SER A 23 -10.46 -6.08 3.66
CA SER A 23 -11.45 -6.68 2.77
C SER A 23 -11.45 -5.99 1.40
N CYS A 24 -11.05 -4.73 1.38
CA CYS A 24 -11.06 -3.94 0.15
C CYS A 24 -10.07 -4.49 -0.86
N VAL A 25 -8.85 -4.77 -0.40
CA VAL A 25 -7.76 -5.10 -1.31
C VAL A 25 -8.05 -6.38 -2.07
N LEU A 26 -8.99 -7.18 -1.56
CA LEU A 26 -9.42 -8.39 -2.25
C LEU A 26 -10.91 -8.33 -2.57
N SER A 27 -11.39 -7.14 -2.89
CA SER A 27 -12.75 -6.97 -3.39
C SER A 27 -12.79 -6.93 -4.91
N ASP A 28 -13.98 -7.14 -5.47
CA ASP A 28 -14.16 -7.10 -6.92
C ASP A 28 -14.00 -5.68 -7.46
N GLU A 29 -14.54 -4.71 -6.72
CA GLU A 29 -14.50 -3.32 -7.13
C GLU A 29 -13.08 -2.76 -7.06
N PHE A 30 -12.39 -3.08 -5.98
CA PHE A 30 -11.01 -2.63 -5.80
C PHE A 30 -10.11 -3.15 -6.91
N CYS A 31 -10.10 -4.46 -7.11
CA CYS A 31 -9.21 -5.09 -8.06
C CYS A 31 -9.52 -4.65 -9.50
N GLN A 32 -10.81 -4.45 -9.76
CA GLN A 32 -11.25 -4.02 -11.09
C GLN A 32 -10.62 -2.68 -11.47
N GLU A 33 -10.87 -1.66 -10.65
CA GLU A 33 -10.40 -0.32 -10.95
C GLU A 33 -8.90 -0.19 -10.70
N LEU A 34 -8.38 -1.02 -9.80
CA LEU A 34 -6.94 -1.11 -9.60
C LEU A 34 -6.20 -1.36 -10.90
N ILE A 35 -6.65 -2.37 -11.64
CA ILE A 35 -6.09 -2.66 -12.95
C ILE A 35 -6.27 -1.49 -13.91
N GLN A 36 -7.41 -0.82 -13.82
CA GLN A 36 -7.70 0.33 -14.65
C GLN A 36 -6.80 1.51 -14.30
N TYR A 37 -6.24 1.47 -13.10
CA TYR A 37 -5.29 2.49 -12.66
C TYR A 37 -3.88 2.17 -13.14
N GLY A 38 -3.71 1.00 -13.75
CA GLY A 38 -2.42 0.59 -14.27
C GLY A 38 -1.75 -0.44 -13.35
N PHE A 39 -2.43 -0.78 -12.26
CA PHE A 39 -1.87 -1.65 -11.25
C PHE A 39 -2.37 -3.09 -11.42
N VAL A 40 -1.56 -3.93 -12.03
CA VAL A 40 -1.86 -5.36 -12.11
C VAL A 40 -1.00 -6.15 -11.13
N ARG A 41 -0.03 -5.49 -10.53
CA ARG A 41 0.75 -6.08 -9.45
C ARG A 41 0.35 -5.51 -8.10
N LEU A 42 -0.24 -6.36 -7.26
CA LEU A 42 -0.69 -5.94 -5.94
C LEU A 42 0.11 -6.62 -4.85
N ILE A 43 0.94 -5.84 -4.15
CA ILE A 43 1.72 -6.35 -3.03
C ILE A 43 1.06 -6.03 -1.70
N ILE A 44 0.79 -7.08 -0.92
CA ILE A 44 0.16 -6.90 0.39
C ILE A 44 1.02 -7.53 1.48
N GLN A 45 1.52 -6.69 2.39
CA GLN A 45 2.38 -7.15 3.47
C GLN A 45 1.64 -7.17 4.80
N PHE A 46 1.55 -8.37 5.39
CA PHE A 46 0.69 -8.58 6.55
C PHE A 46 1.23 -9.67 7.45
N GLY A 47 0.69 -9.77 8.65
CA GLY A 47 1.18 -10.73 9.65
C GLY A 47 0.24 -11.93 9.77
N ARG A 48 0.48 -12.75 10.77
CA ARG A 48 -0.28 -14.00 10.94
C ARG A 48 -1.69 -13.71 11.44
N ASN A 49 -1.84 -12.62 12.19
CA ASN A 49 -3.14 -12.23 12.73
C ASN A 49 -4.09 -11.82 11.61
N TYR A 50 -3.52 -11.32 10.51
CA TYR A 50 -4.32 -10.81 9.40
C TYR A 50 -4.46 -11.85 8.30
N SER A 51 -3.53 -12.80 8.27
CA SER A 51 -3.61 -13.92 7.33
C SER A 51 -4.85 -14.76 7.59
N SER A 52 -5.42 -14.63 8.78
CA SER A 52 -6.64 -15.34 9.14
C SER A 52 -7.82 -14.87 8.28
N GLU A 53 -7.64 -13.73 7.64
CA GLU A 53 -8.67 -13.18 6.77
C GLU A 53 -8.35 -13.42 5.29
N PHE A 54 -7.10 -13.16 4.93
CA PHE A 54 -6.70 -13.14 3.53
C PHE A 54 -6.91 -14.50 2.88
N GLU A 55 -6.84 -15.55 3.67
CA GLU A 55 -6.98 -16.91 3.17
C GLU A 55 -8.42 -17.19 2.75
N HIS A 56 -9.36 -16.44 3.32
CA HIS A 56 -10.78 -16.70 3.12
C HIS A 56 -11.43 -15.59 2.31
N LEU A 57 -10.73 -14.47 2.18
CA LEU A 57 -11.22 -13.35 1.38
C LEU A 57 -11.33 -13.73 -0.10
N VAL A 58 -10.39 -14.55 -0.56
CA VAL A 58 -10.42 -15.04 -1.93
C VAL A 58 -11.46 -16.15 -2.10
N GLN A 59 -11.78 -16.83 -1.00
CA GLN A 59 -12.82 -17.85 -1.01
C GLN A 59 -14.20 -17.22 -1.09
N GLU A 60 -14.30 -15.97 -0.64
CA GLU A 60 -15.56 -15.23 -0.73
C GLU A 60 -15.64 -14.44 -2.03
N ARG A 61 -14.69 -14.68 -2.92
CA ARG A 61 -14.69 -14.04 -4.22
C ARG A 61 -14.53 -15.07 -5.34
N GLY A 62 -14.39 -16.34 -4.96
CA GLY A 62 -14.34 -17.43 -5.93
C GLY A 62 -12.99 -17.47 -6.64
N GLY A 63 -11.96 -16.96 -5.97
CA GLY A 63 -10.61 -16.92 -6.55
C GLY A 63 -9.77 -18.08 -6.05
N GLN A 64 -8.51 -18.10 -6.44
CA GLN A 64 -7.59 -19.16 -6.03
C GLN A 64 -6.38 -18.59 -5.29
N ARG A 65 -5.54 -19.48 -4.77
CA ARG A 65 -4.29 -19.06 -4.13
C ARG A 65 -3.37 -20.25 -3.92
N GLU A 66 -2.07 -19.97 -3.86
CA GLU A 66 -1.08 -21.03 -3.69
C GLU A 66 0.27 -20.45 -3.23
N SER A 67 0.91 -21.15 -2.31
CA SER A 67 2.24 -20.74 -1.84
C SER A 67 3.23 -20.63 -2.99
N GLN A 68 3.72 -19.42 -3.20
CA GLN A 68 4.62 -19.16 -4.33
C GLN A 68 5.86 -18.38 -3.86
N LYS A 69 7.02 -19.02 -4.00
CA LYS A 69 8.29 -18.34 -3.74
C LYS A 69 8.54 -17.22 -4.74
N ILE A 70 8.77 -16.02 -4.23
CA ILE A 70 9.01 -14.86 -5.08
C ILE A 70 10.49 -14.69 -5.37
N PRO A 71 10.83 -14.57 -6.66
CA PRO A 71 12.21 -14.37 -7.07
C PRO A 71 12.86 -13.20 -6.34
N ILE A 72 14.13 -13.34 -6.01
CA ILE A 72 14.85 -12.32 -5.26
C ILE A 72 14.80 -10.97 -5.97
N ASP A 73 14.84 -11.01 -7.30
CA ASP A 73 14.80 -9.80 -8.10
C ASP A 73 13.62 -8.92 -7.73
N GLN A 74 12.48 -9.56 -7.46
CA GLN A 74 11.28 -8.85 -7.06
C GLN A 74 11.25 -8.62 -5.54
N PHE A 75 11.62 -9.65 -4.79
CA PHE A 75 11.66 -9.57 -3.35
C PHE A 75 12.62 -10.59 -2.75
N GLY A 76 13.65 -10.09 -2.06
CA GLY A 76 14.64 -10.96 -1.44
C GLY A 76 14.02 -11.80 -0.33
N CYS A 77 14.50 -13.02 -0.18
CA CYS A 77 13.92 -13.97 0.76
C CYS A 77 12.40 -13.96 0.68
N GLY A 78 11.87 -14.33 -0.49
CA GLY A 78 10.43 -14.35 -0.69
C GLY A 78 9.88 -15.77 -0.65
N ASP A 79 10.47 -16.60 0.21
CA ASP A 79 10.09 -18.00 0.32
C ASP A 79 9.01 -18.18 1.37
N THR A 80 8.49 -17.08 1.87
CA THR A 80 7.34 -17.11 2.79
C THR A 80 6.13 -16.45 2.18
N ALA A 81 6.24 -16.06 0.91
CA ALA A 81 5.17 -15.35 0.22
C ALA A 81 4.11 -16.32 -0.28
N ARG A 82 2.96 -15.78 -0.66
CA ARG A 82 1.88 -16.59 -1.22
C ARG A 82 1.19 -15.87 -2.38
N GLN A 83 1.04 -16.57 -3.50
CA GLN A 83 0.37 -16.01 -4.67
C GLN A 83 -1.14 -16.11 -4.55
N TYR A 84 -1.82 -15.00 -4.81
CA TYR A 84 -3.28 -14.98 -4.85
C TYR A 84 -3.79 -14.68 -6.26
N VAL A 85 -4.86 -15.37 -6.65
CA VAL A 85 -5.34 -15.29 -8.03
C VAL A 85 -6.67 -14.55 -8.09
N LEU A 86 -6.63 -13.28 -8.45
CA LEU A 86 -7.82 -12.44 -8.50
C LEU A 86 -8.12 -11.97 -9.91
N MET A 87 -9.37 -11.57 -10.15
CA MET A 87 -9.78 -11.11 -11.47
C MET A 87 -9.59 -12.19 -12.52
N ASN A 88 -9.71 -13.45 -12.10
CA ASN A 88 -9.55 -14.57 -13.00
C ASN A 88 -8.12 -14.66 -13.53
N GLY A 89 -7.16 -14.23 -12.71
CA GLY A 89 -5.76 -14.33 -13.05
C GLY A 89 -5.25 -13.04 -13.68
N LYS A 90 -6.15 -12.09 -13.88
CA LYS A 90 -5.81 -10.80 -14.47
C LYS A 90 -5.06 -9.92 -13.47
N LEU A 91 -5.30 -10.17 -12.19
CA LEU A 91 -4.61 -9.43 -11.13
C LEU A 91 -3.67 -10.34 -10.35
N LYS A 92 -2.39 -9.95 -10.30
CA LYS A 92 -1.39 -10.73 -9.59
C LYS A 92 -1.18 -10.20 -8.18
N VAL A 93 -1.79 -10.86 -7.20
CA VAL A 93 -1.74 -10.41 -5.81
C VAL A 93 -0.79 -11.26 -4.99
N ILE A 94 0.30 -10.64 -4.53
CA ILE A 94 1.32 -11.36 -3.78
C ILE A 94 1.33 -10.92 -2.32
N GLY A 95 1.17 -11.89 -1.41
CA GLY A 95 1.20 -11.61 0.02
C GLY A 95 2.56 -11.95 0.62
N PHE A 96 3.03 -11.10 1.53
CA PHE A 96 4.31 -11.32 2.19
C PHE A 96 4.15 -11.36 3.71
N ASP A 97 5.02 -12.12 4.36
CA ASP A 97 5.09 -12.12 5.82
C ASP A 97 5.71 -10.83 6.33
N PHE A 98 4.93 -10.05 7.08
CA PHE A 98 5.34 -8.71 7.48
C PHE A 98 6.75 -8.73 8.06
N SER A 99 7.64 -7.94 7.45
CA SER A 99 9.02 -7.83 7.91
C SER A 99 9.53 -6.41 7.78
N THR A 100 9.91 -5.81 8.91
CA THR A 100 10.30 -4.40 8.92
C THR A 100 11.56 -4.16 8.12
N LYS A 101 12.49 -5.12 8.17
CA LYS A 101 13.78 -4.98 7.50
C LYS A 101 13.65 -5.15 5.99
N MET A 102 12.52 -5.70 5.57
CA MET A 102 12.31 -6.02 4.15
C MET A 102 11.33 -5.04 3.50
N GLN A 103 10.98 -4.00 4.24
CA GLN A 103 10.06 -2.98 3.74
C GLN A 103 10.67 -2.22 2.57
N SER A 104 11.93 -1.85 2.71
CA SER A 104 12.62 -1.06 1.69
C SER A 104 12.76 -1.83 0.40
N ILE A 105 12.86 -3.15 0.50
CA ILE A 105 12.90 -4.03 -0.67
C ILE A 105 11.65 -3.86 -1.52
N ILE A 106 10.49 -3.91 -0.87
CA ILE A 106 9.22 -3.78 -1.58
C ILE A 106 9.01 -2.35 -2.07
N ARG A 107 9.37 -1.38 -1.24
CA ARG A 107 9.20 0.02 -1.58
C ARG A 107 9.97 0.38 -2.85
N ASP A 108 11.21 -0.10 -2.92
CA ASP A 108 12.04 0.14 -4.09
C ASP A 108 11.43 -0.48 -5.35
N TYR A 109 10.90 -1.69 -5.21
CA TYR A 109 10.28 -2.39 -6.33
C TYR A 109 8.95 -1.75 -6.72
N SER A 110 8.25 -1.21 -5.73
CA SER A 110 6.88 -0.74 -5.94
C SER A 110 6.89 0.58 -6.71
N ASP A 111 5.69 1.03 -7.09
CA ASP A 111 5.54 2.33 -7.71
C ASP A 111 4.74 3.29 -6.83
N LEU A 112 3.78 2.73 -6.10
CA LEU A 112 2.94 3.52 -5.19
C LEU A 112 2.83 2.86 -3.83
N VAL A 113 3.28 3.56 -2.80
CA VAL A 113 3.30 3.00 -1.45
C VAL A 113 2.12 3.51 -0.62
N ILE A 114 1.45 2.60 0.07
CA ILE A 114 0.33 2.96 0.92
C ILE A 114 0.65 2.70 2.40
N SER A 115 0.74 3.77 3.17
CA SER A 115 0.97 3.66 4.60
C SER A 115 -0.34 3.83 5.38
N HIS A 116 -0.38 3.25 6.58
CA HIS A 116 -1.61 3.20 7.37
C HIS A 116 -1.39 3.77 8.76
N ALA A 117 -2.03 4.90 9.04
CA ALA A 117 -2.01 5.49 10.38
C ALA A 117 -0.58 5.60 10.90
N GLY A 118 0.31 6.13 10.06
CA GLY A 118 1.70 6.31 10.46
C GLY A 118 2.59 6.56 9.24
N THR A 119 3.89 6.47 9.43
CA THR A 119 4.84 6.62 8.33
C THR A 119 5.60 5.33 8.08
N GLY A 120 6.89 5.32 8.45
CA GLY A 120 7.73 4.15 8.23
C GLY A 120 7.84 3.82 6.76
N SER A 121 7.46 4.76 5.91
CA SER A 121 7.29 4.50 4.48
C SER A 121 7.79 5.67 3.64
N ILE A 122 7.70 6.87 4.20
CA ILE A 122 7.99 8.08 3.44
C ILE A 122 9.48 8.26 3.23
N LEU A 123 10.28 7.53 4.00
CA LEU A 123 11.73 7.70 3.99
C LEU A 123 12.32 7.27 2.65
N ASP A 124 11.72 6.23 2.06
CA ASP A 124 12.17 5.74 0.76
C ASP A 124 11.33 6.32 -0.37
N SER A 125 10.05 6.56 -0.09
CA SER A 125 9.14 7.11 -1.08
C SER A 125 9.60 8.49 -1.55
N LEU A 126 9.90 9.37 -0.61
CA LEU A 126 10.23 10.76 -0.92
C LEU A 126 11.54 10.84 -1.69
N ARG A 127 12.54 10.10 -1.25
CA ARG A 127 13.87 10.17 -1.83
C ARG A 127 13.90 9.62 -3.25
N LEU A 128 12.92 8.78 -3.56
CA LEU A 128 12.86 8.12 -4.87
C LEU A 128 11.84 8.78 -5.77
N ASN A 129 11.28 9.90 -5.31
CA ASN A 129 10.32 10.66 -6.11
C ASN A 129 9.06 9.85 -6.35
N LYS A 130 8.66 9.06 -5.35
CA LYS A 130 7.48 8.21 -5.48
C LYS A 130 6.32 8.77 -4.66
N PRO A 131 5.11 8.65 -5.22
CA PRO A 131 3.90 9.06 -4.51
C PRO A 131 3.62 8.13 -3.34
N LEU A 132 2.95 8.66 -2.32
CA LEU A 132 2.60 7.89 -1.13
C LEU A 132 1.20 8.21 -0.64
N ILE A 133 0.40 7.17 -0.42
CA ILE A 133 -0.93 7.34 0.16
C ILE A 133 -0.91 7.12 1.66
N VAL A 134 -1.69 7.92 2.38
CA VAL A 134 -1.85 7.74 3.82
C VAL A 134 -3.30 7.46 4.17
N CYS A 135 -3.55 6.30 4.78
CA CYS A 135 -4.87 5.97 5.28
C CYS A 135 -5.06 6.43 6.72
N VAL A 136 -6.20 7.06 7.00
CA VAL A 136 -6.45 7.64 8.30
C VAL A 136 -7.44 6.80 9.11
N ASN A 137 -7.13 6.57 10.37
CA ASN A 137 -7.90 5.65 11.20
C ASN A 137 -9.15 6.33 11.74
N ASP A 138 -9.88 5.61 12.59
CA ASP A 138 -11.14 6.11 13.12
C ASP A 138 -10.99 6.62 14.55
N SER A 139 -9.74 6.91 14.93
CA SER A 139 -9.44 7.39 16.28
C SER A 139 -9.07 8.87 16.25
N LEU A 140 -8.38 9.28 15.19
CA LEU A 140 -8.05 10.69 15.00
C LEU A 140 -9.30 11.54 14.88
N MET A 141 -9.31 12.67 15.58
CA MET A 141 -10.45 13.57 15.55
C MET A 141 -10.80 14.00 14.13
N ASP A 142 -12.08 14.00 13.82
CA ASP A 142 -12.55 14.30 12.46
C ASP A 142 -11.97 15.62 11.96
N ASN A 143 -11.90 16.61 12.85
CA ASN A 143 -11.31 17.90 12.53
C ASN A 143 -9.82 17.76 12.24
N HIS A 144 -9.16 16.86 12.96
CA HIS A 144 -7.74 16.63 12.77
C HIS A 144 -7.47 15.85 11.49
N GLN A 145 -8.45 15.04 11.08
CA GLN A 145 -8.34 14.28 9.84
C GLN A 145 -8.26 15.21 8.63
N GLN A 146 -9.11 16.24 8.63
CA GLN A 146 -9.07 17.26 7.59
C GLN A 146 -7.82 18.12 7.72
N GLN A 147 -7.38 18.35 8.95
CA GLN A 147 -6.21 19.18 9.20
C GLN A 147 -4.97 18.58 8.56
N ILE A 148 -4.81 17.27 8.69
CA ILE A 148 -3.66 16.57 8.11
C ILE A 148 -3.86 16.32 6.63
N ALA A 149 -5.11 16.28 6.20
CA ALA A 149 -5.44 16.15 4.78
C ALA A 149 -5.06 17.41 4.01
N ASP A 150 -5.23 18.55 4.65
CA ASP A 150 -4.85 19.83 4.05
C ASP A 150 -3.34 19.92 3.85
N LYS A 151 -2.59 19.30 4.75
CA LYS A 151 -1.14 19.30 4.67
C LYS A 151 -0.64 18.26 3.67
N PHE A 152 -1.38 17.18 3.53
CA PHE A 152 -1.12 16.20 2.48
C PHE A 152 -1.29 16.80 1.10
N VAL A 153 -2.33 17.60 0.93
CA VAL A 153 -2.56 18.30 -0.33
C VAL A 153 -1.52 19.40 -0.54
N GLU A 154 -1.19 20.11 0.53
CA GLU A 154 -0.15 21.13 0.48
C GLU A 154 1.14 20.58 -0.10
N LEU A 155 1.51 19.38 0.34
CA LEU A 155 2.66 18.68 -0.23
C LEU A 155 2.41 18.30 -1.69
N GLY A 156 1.29 17.64 -1.93
CA GLY A 156 0.87 17.31 -3.29
C GLY A 156 1.29 15.90 -3.67
N TYR A 157 2.04 15.25 -2.80
CA TYR A 157 2.54 13.91 -3.06
C TYR A 157 1.89 12.89 -2.15
N VAL A 158 1.01 13.36 -1.26
CA VAL A 158 0.32 12.48 -0.32
C VAL A 158 -1.17 12.75 -0.32
N TRP A 159 -1.96 11.68 -0.22
CA TRP A 159 -3.42 11.80 -0.22
C TRP A 159 -4.03 11.05 0.96
N SER A 160 -5.06 11.64 1.56
CA SER A 160 -5.73 11.02 2.69
C SER A 160 -6.85 10.10 2.22
N CYS A 161 -6.88 8.88 2.76
CA CYS A 161 -7.98 7.96 2.51
C CYS A 161 -8.75 7.66 3.80
N ALA A 162 -10.06 7.47 3.66
CA ALA A 162 -10.90 7.09 4.80
C ALA A 162 -10.78 5.60 5.08
N PRO A 163 -11.07 5.22 6.31
CA PRO A 163 -10.99 3.82 6.72
C PRO A 163 -12.21 3.04 6.25
N THR A 164 -12.41 2.98 4.94
CA THR A 164 -13.53 2.26 4.36
C THR A 164 -13.08 1.37 3.20
N GLU A 165 -14.04 0.67 2.60
CA GLU A 165 -13.75 -0.16 1.43
C GLU A 165 -13.70 0.68 0.16
N THR A 166 -13.82 1.99 0.31
CA THR A 166 -13.89 2.89 -0.84
C THR A 166 -12.86 4.00 -0.73
N GLY A 167 -12.44 4.30 0.50
CA GLY A 167 -11.54 5.42 0.74
C GLY A 167 -10.23 5.26 -0.02
N LEU A 168 -9.67 4.06 0.02
CA LEU A 168 -8.39 3.78 -0.61
C LEU A 168 -8.50 3.85 -2.13
N ILE A 169 -9.63 3.38 -2.65
CA ILE A 169 -9.86 3.39 -4.09
C ILE A 169 -9.81 4.81 -4.64
N ALA A 170 -10.43 5.74 -3.93
CA ALA A 170 -10.40 7.14 -4.30
C ALA A 170 -8.98 7.71 -4.23
N GLY A 171 -8.23 7.27 -3.22
CA GLY A 171 -6.85 7.69 -3.07
C GLY A 171 -5.99 7.18 -4.22
N LEU A 172 -6.25 5.95 -4.65
CA LEU A 172 -5.53 5.36 -5.78
C LEU A 172 -5.79 6.13 -7.06
N ARG A 173 -7.04 6.54 -7.25
CA ARG A 173 -7.41 7.38 -8.39
C ARG A 173 -6.73 8.74 -8.32
N ALA A 174 -6.69 9.31 -7.12
CA ALA A 174 -6.11 10.63 -6.91
C ALA A 174 -4.63 10.65 -7.21
N SER A 175 -3.95 9.56 -6.84
CA SER A 175 -2.50 9.47 -7.02
C SER A 175 -2.13 9.46 -8.49
N GLN A 176 -3.04 9.00 -9.32
CA GLN A 176 -2.79 8.88 -10.76
C GLN A 176 -3.38 10.06 -11.52
N THR A 177 -4.42 10.66 -10.96
CA THR A 177 -5.06 11.82 -11.56
C THR A 177 -4.18 13.06 -11.44
N GLU A 178 -3.54 13.21 -10.28
CA GLU A 178 -2.76 14.40 -9.99
C GLU A 178 -1.34 14.27 -10.53
N LYS A 179 -1.03 15.03 -11.58
CA LYS A 179 0.30 15.04 -12.16
C LYS A 179 1.33 15.53 -11.16
N LEU A 180 2.42 14.78 -11.00
CA LEU A 180 3.44 15.09 -10.01
C LEU A 180 4.71 15.61 -10.68
N LYS A 181 5.50 16.38 -9.93
CA LYS A 181 6.83 16.76 -10.36
C LYS A 181 7.90 16.15 -9.47
N PRO A 182 9.11 16.02 -10.00
CA PRO A 182 10.22 15.46 -9.25
C PRO A 182 10.41 16.19 -7.93
N PHE A 183 10.61 15.42 -6.86
CA PHE A 183 10.65 15.98 -5.51
C PHE A 183 11.91 16.81 -5.31
N PRO A 184 11.73 18.07 -4.90
CA PRO A 184 12.86 18.93 -4.57
C PRO A 184 13.82 18.24 -3.61
N VAL A 185 15.07 18.08 -4.05
CA VAL A 185 16.06 17.33 -3.29
C VAL A 185 16.40 18.04 -1.99
N SER A 186 16.46 19.37 -2.04
CA SER A 186 16.81 20.17 -0.87
C SER A 186 15.71 20.11 0.19
N HIS A 187 14.53 19.65 -0.22
CA HIS A 187 13.38 19.57 0.68
C HIS A 187 12.94 18.13 0.89
N ASN A 188 13.89 17.20 0.74
CA ASN A 188 13.66 15.81 1.09
C ASN A 188 13.37 15.67 2.59
N PRO A 189 14.23 16.25 3.41
CA PRO A 189 14.06 16.21 4.86
C PRO A 189 12.98 17.17 5.32
N SER A 190 12.67 18.16 4.48
CA SER A 190 11.54 19.04 4.72
C SER A 190 10.21 18.29 4.58
N PHE A 191 10.12 17.44 3.57
CA PHE A 191 8.93 16.61 3.37
C PHE A 191 8.80 15.58 4.48
N GLU A 192 9.92 15.03 4.92
CA GLU A 192 9.93 14.06 6.00
C GLU A 192 9.43 14.68 7.29
N ARG A 193 9.98 15.84 7.64
CA ARG A 193 9.55 16.56 8.83
C ARG A 193 8.07 16.94 8.76
N LEU A 194 7.64 17.38 7.58
CA LEU A 194 6.25 17.74 7.37
C LEU A 194 5.33 16.57 7.69
N LEU A 195 5.58 15.43 7.06
CA LEU A 195 4.66 14.30 7.11
C LEU A 195 4.69 13.64 8.48
N VAL A 196 5.83 13.69 9.15
CA VAL A 196 5.96 13.16 10.50
C VAL A 196 5.21 14.03 11.50
N GLU A 197 5.43 15.34 11.44
CA GLU A 197 4.76 16.28 12.32
C GLU A 197 3.26 16.33 12.05
N THR A 198 2.89 16.09 10.79
CA THR A 198 1.49 16.12 10.39
C THR A 198 0.77 14.84 10.80
N ILE A 199 1.32 13.70 10.40
CA ILE A 199 0.70 12.41 10.65
C ILE A 199 0.66 12.10 12.14
N TYR A 200 1.72 12.47 12.84
CA TYR A 200 1.82 12.24 14.27
C TYR A 200 1.51 13.51 15.06
N SER A 201 0.72 14.39 14.46
CA SER A 201 0.32 15.63 15.12
C SER A 201 -0.36 15.36 16.46
N GLY A 1 5.08 2.29 -17.00
CA GLY A 1 4.38 1.02 -17.15
C GLY A 1 3.19 1.15 -18.08
N ILE A 2 3.43 1.66 -19.28
CA ILE A 2 2.38 1.83 -20.27
C ILE A 2 1.91 0.48 -20.81
N ILE A 3 2.87 -0.37 -21.17
CA ILE A 3 2.55 -1.72 -21.64
C ILE A 3 3.08 -2.77 -20.67
N GLU A 4 3.47 -2.33 -19.48
CA GLU A 4 4.04 -3.23 -18.48
C GLU A 4 3.20 -3.25 -17.20
N GLU A 5 3.57 -4.11 -16.26
CA GLU A 5 2.87 -4.21 -15.00
C GLU A 5 3.39 -3.20 -13.98
N LYS A 6 2.47 -2.41 -13.43
CA LYS A 6 2.82 -1.49 -12.34
C LYS A 6 2.69 -2.18 -10.99
N ALA A 7 3.49 -1.72 -10.03
CA ALA A 7 3.56 -2.36 -8.72
C ALA A 7 2.89 -1.51 -7.65
N LEU A 8 2.01 -2.13 -6.87
CA LEU A 8 1.36 -1.44 -5.76
C LEU A 8 1.79 -2.01 -4.42
N PHE A 9 2.56 -1.24 -3.68
CA PHE A 9 3.10 -1.70 -2.40
C PHE A 9 2.21 -1.28 -1.24
N VAL A 10 1.67 -2.26 -0.54
CA VAL A 10 0.79 -2.00 0.60
C VAL A 10 1.41 -2.49 1.90
N THR A 11 1.65 -1.56 2.82
CA THR A 11 2.16 -1.91 4.14
C THR A 11 1.03 -1.94 5.18
N CYS A 12 0.77 -3.13 5.72
CA CYS A 12 -0.28 -3.30 6.71
C CYS A 12 0.25 -3.03 8.12
N GLY A 13 -0.46 -2.20 8.86
CA GLY A 13 -0.05 -1.82 10.20
C GLY A 13 -1.02 -2.34 11.26
N ALA A 14 -0.88 -1.84 12.47
CA ALA A 14 -1.76 -2.23 13.56
C ALA A 14 -3.11 -1.52 13.47
N THR A 15 -3.13 -0.38 12.79
CA THR A 15 -4.35 0.39 12.61
C THR A 15 -5.16 -0.13 11.42
N VAL A 16 -6.34 0.44 11.23
CA VAL A 16 -7.33 -0.14 10.32
C VAL A 16 -7.57 -1.61 10.62
N PRO A 17 -8.79 -1.92 11.03
CA PRO A 17 -9.15 -3.29 11.40
C PRO A 17 -8.80 -4.26 10.29
N PHE A 18 -8.36 -5.46 10.67
CA PHE A 18 -7.83 -6.43 9.71
C PHE A 18 -8.82 -6.71 8.61
N PRO A 19 -10.07 -6.99 8.99
CA PRO A 19 -11.11 -7.32 8.03
C PRO A 19 -11.57 -6.08 7.27
N LYS A 20 -11.20 -4.91 7.77
CA LYS A 20 -11.43 -3.67 7.06
C LYS A 20 -10.16 -3.16 6.40
N LEU A 21 -9.07 -3.91 6.56
CA LEU A 21 -7.79 -3.55 5.97
C LEU A 21 -7.59 -4.26 4.63
N VAL A 22 -7.79 -5.58 4.63
CA VAL A 22 -7.51 -6.39 3.46
C VAL A 22 -8.64 -6.29 2.43
N SER A 23 -9.86 -6.17 2.93
CA SER A 23 -11.04 -6.17 2.07
C SER A 23 -11.05 -4.96 1.14
N CYS A 24 -10.29 -3.94 1.51
CA CYS A 24 -10.19 -2.72 0.70
C CYS A 24 -9.54 -3.00 -0.65
N VAL A 25 -8.48 -3.81 -0.63
CA VAL A 25 -7.70 -4.06 -1.83
C VAL A 25 -8.15 -5.34 -2.51
N LEU A 26 -8.91 -6.16 -1.79
CA LEU A 26 -9.53 -7.36 -2.37
C LEU A 26 -10.98 -7.10 -2.72
N SER A 27 -11.37 -5.83 -2.79
CA SER A 27 -12.69 -5.45 -3.27
C SER A 27 -12.74 -5.47 -4.79
N ASP A 28 -13.95 -5.45 -5.34
CA ASP A 28 -14.14 -5.40 -6.79
C ASP A 28 -13.97 -3.98 -7.31
N GLU A 29 -14.38 -3.00 -6.51
CA GLU A 29 -14.32 -1.61 -6.92
C GLU A 29 -12.88 -1.09 -6.94
N PHE A 30 -12.10 -1.53 -5.96
CA PHE A 30 -10.69 -1.17 -5.91
C PHE A 30 -9.92 -1.77 -7.09
N CYS A 31 -10.08 -3.06 -7.29
CA CYS A 31 -9.35 -3.78 -8.33
C CYS A 31 -9.81 -3.33 -9.72
N GLN A 32 -11.07 -2.93 -9.82
CA GLN A 32 -11.63 -2.45 -11.09
C GLN A 32 -10.75 -1.35 -11.69
N GLU A 33 -10.56 -0.28 -10.93
CA GLU A 33 -9.76 0.85 -11.38
C GLU A 33 -8.27 0.53 -11.33
N LEU A 34 -7.89 -0.28 -10.34
CA LEU A 34 -6.49 -0.68 -10.18
C LEU A 34 -5.94 -1.26 -11.48
N ILE A 35 -6.68 -2.20 -12.06
CA ILE A 35 -6.28 -2.82 -13.31
C ILE A 35 -6.29 -1.81 -14.45
N GLN A 36 -7.30 -0.94 -14.45
CA GLN A 36 -7.41 0.09 -15.48
C GLN A 36 -6.29 1.13 -15.34
N TYR A 37 -5.70 1.19 -14.16
CA TYR A 37 -4.59 2.10 -13.91
C TYR A 37 -3.26 1.46 -14.26
N GLY A 38 -3.30 0.17 -14.56
CA GLY A 38 -2.12 -0.54 -15.07
C GLY A 38 -1.41 -1.29 -13.96
N PHE A 39 -2.04 -1.35 -12.79
CA PHE A 39 -1.43 -1.99 -11.63
C PHE A 39 -1.79 -3.46 -11.57
N VAL A 40 -0.79 -4.32 -11.52
CA VAL A 40 -0.99 -5.76 -11.51
C VAL A 40 -0.29 -6.41 -10.32
N ARG A 41 0.88 -5.89 -9.97
CA ARG A 41 1.72 -6.50 -8.95
C ARG A 41 1.38 -5.95 -7.56
N LEU A 42 0.41 -6.58 -6.89
CA LEU A 42 0.04 -6.17 -5.55
C LEU A 42 0.97 -6.77 -4.50
N ILE A 43 1.78 -5.92 -3.89
CA ILE A 43 2.85 -6.38 -3.01
C ILE A 43 2.53 -6.06 -1.55
N ILE A 44 2.28 -7.10 -0.77
CA ILE A 44 1.74 -6.94 0.58
C ILE A 44 2.82 -7.16 1.63
N GLN A 45 3.16 -6.11 2.37
CA GLN A 45 4.04 -6.23 3.52
C GLN A 45 3.25 -6.33 4.82
N PHE A 46 3.53 -7.38 5.59
CA PHE A 46 2.87 -7.59 6.87
C PHE A 46 3.77 -8.34 7.84
N GLY A 47 3.34 -8.40 9.11
CA GLY A 47 4.08 -9.14 10.12
C GLY A 47 3.56 -10.56 10.27
N ARG A 48 2.28 -10.68 10.60
CA ARG A 48 1.65 -11.99 10.77
C ARG A 48 0.15 -11.86 10.92
N ASN A 49 -0.58 -12.89 10.50
CA ASN A 49 -2.03 -12.91 10.61
C ASN A 49 -2.66 -11.83 9.75
N TYR A 50 -2.10 -11.63 8.56
CA TYR A 50 -2.72 -10.76 7.56
C TYR A 50 -3.03 -11.53 6.29
N SER A 51 -2.08 -12.35 5.85
CA SER A 51 -2.29 -13.22 4.70
C SER A 51 -3.34 -14.28 5.00
N SER A 52 -3.66 -14.46 6.27
CA SER A 52 -4.77 -15.30 6.68
C SER A 52 -6.10 -14.70 6.27
N GLU A 53 -6.15 -13.37 6.20
CA GLU A 53 -7.35 -12.66 5.77
C GLU A 53 -7.47 -12.65 4.26
N PHE A 54 -6.33 -12.61 3.57
CA PHE A 54 -6.29 -12.76 2.13
C PHE A 54 -6.81 -14.13 1.70
N GLU A 55 -6.41 -15.16 2.41
CA GLU A 55 -6.89 -16.51 2.16
C GLU A 55 -8.42 -16.58 2.26
N HIS A 56 -8.96 -16.02 3.33
CA HIS A 56 -10.40 -16.04 3.56
C HIS A 56 -11.15 -15.40 2.40
N LEU A 57 -10.73 -14.21 2.01
CA LEU A 57 -11.47 -13.40 1.05
C LEU A 57 -11.32 -13.96 -0.37
N VAL A 58 -10.12 -14.42 -0.69
CA VAL A 58 -9.84 -14.99 -2.00
C VAL A 58 -10.54 -16.33 -2.18
N GLN A 59 -10.53 -17.13 -1.13
CA GLN A 59 -11.29 -18.37 -1.11
C GLN A 59 -12.79 -18.11 -1.19
N GLU A 60 -13.23 -17.04 -0.53
CA GLU A 60 -14.63 -16.62 -0.60
C GLU A 60 -15.00 -16.21 -2.02
N ARG A 61 -14.07 -15.55 -2.71
CA ARG A 61 -14.26 -15.20 -4.11
C ARG A 61 -14.21 -16.43 -5.01
N GLY A 62 -13.45 -17.43 -4.59
CA GLY A 62 -13.33 -18.66 -5.35
C GLY A 62 -12.22 -18.58 -6.37
N GLY A 63 -11.18 -17.81 -6.07
CA GLY A 63 -10.05 -17.65 -6.95
C GLY A 63 -8.98 -18.70 -6.68
N GLN A 64 -7.79 -18.48 -7.22
CA GLN A 64 -6.66 -19.39 -6.99
C GLN A 64 -5.68 -18.80 -5.98
N ARG A 65 -4.90 -19.68 -5.35
CA ARG A 65 -4.00 -19.26 -4.27
C ARG A 65 -2.99 -20.36 -3.95
N GLU A 66 -1.85 -19.95 -3.39
CA GLU A 66 -0.83 -20.90 -2.96
C GLU A 66 0.03 -20.32 -1.85
N SER A 67 0.21 -21.09 -0.79
CA SER A 67 1.06 -20.69 0.32
C SER A 67 2.54 -20.91 0.00
N GLN A 68 3.38 -19.96 0.39
CA GLN A 68 4.79 -20.02 0.07
C GLN A 68 5.64 -20.11 1.34
N LYS A 69 6.77 -20.79 1.25
CA LYS A 69 7.79 -20.74 2.30
C LYS A 69 9.14 -20.31 1.74
N ILE A 70 9.39 -19.01 1.74
CA ILE A 70 10.46 -18.43 0.95
C ILE A 70 11.66 -18.05 1.82
N PRO A 71 12.85 -18.44 1.38
CA PRO A 71 14.07 -18.14 2.11
C PRO A 71 14.20 -16.65 2.38
N ILE A 72 14.46 -16.29 3.63
CA ILE A 72 14.70 -14.89 3.99
C ILE A 72 16.06 -14.42 3.52
N ASP A 73 17.06 -15.30 3.64
CA ASP A 73 18.44 -14.95 3.31
C ASP A 73 18.59 -14.70 1.81
N GLN A 74 17.72 -15.33 1.02
CA GLN A 74 17.84 -15.27 -0.43
C GLN A 74 16.91 -14.21 -1.01
N PHE A 75 15.67 -14.20 -0.53
CA PHE A 75 14.64 -13.33 -1.10
C PHE A 75 14.18 -12.30 -0.08
N GLY A 76 14.00 -12.73 1.16
CA GLY A 76 13.69 -11.82 2.25
C GLY A 76 12.28 -12.07 2.79
N CYS A 77 11.49 -12.83 2.03
CA CYS A 77 10.14 -13.20 2.45
C CYS A 77 10.17 -14.28 3.53
N GLY A 78 9.07 -14.42 4.25
CA GLY A 78 9.00 -15.37 5.36
C GLY A 78 8.29 -16.65 4.95
N ASP A 79 7.71 -17.33 5.93
CA ASP A 79 6.95 -18.54 5.67
C ASP A 79 5.45 -18.28 5.79
N THR A 80 5.09 -17.02 6.01
CA THR A 80 3.70 -16.60 6.00
C THR A 80 3.33 -15.98 4.65
N ALA A 81 4.32 -15.82 3.78
CA ALA A 81 4.09 -15.32 2.44
C ALA A 81 3.08 -16.19 1.69
N ARG A 82 2.12 -15.54 1.04
CA ARG A 82 1.11 -16.24 0.25
C ARG A 82 0.82 -15.51 -1.05
N GLN A 83 0.55 -16.29 -2.10
CA GLN A 83 0.24 -15.71 -3.41
C GLN A 83 -1.21 -15.99 -3.80
N TYR A 84 -1.83 -15.02 -4.45
CA TYR A 84 -3.25 -15.13 -4.81
C TYR A 84 -3.49 -14.62 -6.22
N VAL A 85 -4.50 -15.19 -6.88
CA VAL A 85 -4.83 -14.81 -8.25
C VAL A 85 -6.24 -14.24 -8.34
N LEU A 86 -6.33 -12.96 -8.69
CA LEU A 86 -7.62 -12.28 -8.72
C LEU A 86 -7.85 -11.60 -10.07
N MET A 87 -9.08 -11.17 -10.31
CA MET A 87 -9.42 -10.48 -11.55
C MET A 87 -9.17 -11.37 -12.76
N ASN A 88 -9.30 -12.67 -12.57
CA ASN A 88 -9.13 -13.62 -13.66
C ASN A 88 -7.69 -13.63 -14.16
N GLY A 89 -6.74 -13.40 -13.26
CA GLY A 89 -5.33 -13.45 -13.59
C GLY A 89 -4.78 -12.07 -13.89
N LYS A 90 -5.67 -11.08 -13.88
CA LYS A 90 -5.27 -9.70 -14.18
C LYS A 90 -4.62 -9.05 -12.97
N LEU A 91 -4.93 -9.55 -11.78
CA LEU A 91 -4.33 -9.06 -10.55
C LEU A 91 -3.47 -10.13 -9.89
N LYS A 92 -2.18 -9.83 -9.72
CA LYS A 92 -1.26 -10.76 -9.11
C LYS A 92 -0.87 -10.32 -7.70
N VAL A 93 -1.26 -11.12 -6.71
CA VAL A 93 -1.10 -10.74 -5.31
C VAL A 93 -0.01 -11.57 -4.63
N ILE A 94 1.00 -10.89 -4.12
CA ILE A 94 2.08 -11.56 -3.39
C ILE A 94 2.31 -10.90 -2.04
N GLY A 95 2.12 -11.66 -0.97
CA GLY A 95 2.39 -11.19 0.38
C GLY A 95 3.72 -11.72 0.90
N PHE A 96 4.28 -11.04 1.89
CA PHE A 96 5.51 -11.48 2.53
C PHE A 96 5.62 -10.95 3.95
N ASP A 97 6.43 -11.62 4.77
CA ASP A 97 6.76 -11.13 6.09
C ASP A 97 7.88 -10.11 6.04
N PHE A 98 7.61 -8.90 6.53
CA PHE A 98 8.56 -7.79 6.41
C PHE A 98 9.94 -8.21 6.90
N SER A 99 10.98 -7.65 6.29
CA SER A 99 12.35 -7.95 6.66
C SER A 99 13.28 -6.81 6.28
N THR A 100 14.58 -7.01 6.54
CA THR A 100 15.60 -6.06 6.08
C THR A 100 16.21 -6.50 4.76
N LYS A 101 15.66 -7.57 4.19
CA LYS A 101 16.16 -8.10 2.93
C LYS A 101 15.22 -7.77 1.78
N MET A 102 13.94 -7.57 2.10
CA MET A 102 12.95 -7.21 1.10
C MET A 102 13.02 -5.73 0.75
N GLN A 103 13.81 -4.99 1.52
CA GLN A 103 13.87 -3.54 1.37
C GLN A 103 14.25 -3.14 -0.05
N SER A 104 15.15 -3.92 -0.65
CA SER A 104 15.59 -3.66 -2.02
C SER A 104 14.46 -3.90 -3.01
N ILE A 105 13.82 -5.06 -2.90
CA ILE A 105 12.71 -5.42 -3.78
C ILE A 105 11.58 -4.42 -3.69
N ILE A 106 11.30 -3.96 -2.47
CA ILE A 106 10.25 -2.97 -2.24
C ILE A 106 10.54 -1.68 -2.99
N ARG A 107 11.77 -1.20 -2.87
CA ARG A 107 12.18 0.05 -3.51
C ARG A 107 12.36 -0.12 -5.01
N ASP A 108 12.74 -1.33 -5.41
CA ASP A 108 12.97 -1.62 -6.82
C ASP A 108 11.66 -1.73 -7.58
N TYR A 109 10.64 -2.26 -6.92
CA TYR A 109 9.36 -2.50 -7.56
C TYR A 109 8.22 -1.84 -6.79
N SER A 110 8.06 -0.54 -7.00
CA SER A 110 6.98 0.21 -6.38
C SER A 110 6.63 1.46 -7.19
N ASP A 111 5.40 1.51 -7.68
CA ASP A 111 4.91 2.67 -8.42
C ASP A 111 3.86 3.43 -7.64
N LEU A 112 3.06 2.71 -6.86
CA LEU A 112 2.14 3.32 -5.91
C LEU A 112 2.29 2.73 -4.52
N VAL A 113 2.39 3.60 -3.52
CA VAL A 113 2.62 3.15 -2.15
C VAL A 113 1.41 3.44 -1.26
N ILE A 114 0.84 2.39 -0.69
CA ILE A 114 -0.17 2.54 0.34
C ILE A 114 0.37 2.15 1.71
N SER A 115 0.18 3.03 2.69
CA SER A 115 0.65 2.79 4.05
C SER A 115 -0.50 2.84 5.05
N HIS A 116 -0.54 1.87 5.94
CA HIS A 116 -1.45 1.91 7.09
C HIS A 116 -0.70 2.33 8.35
N ALA A 117 -0.52 3.63 8.52
CA ALA A 117 0.25 4.16 9.64
C ALA A 117 1.65 3.58 9.67
N GLY A 118 2.34 3.64 8.54
CA GLY A 118 3.75 3.28 8.48
C GLY A 118 4.65 4.51 8.61
N THR A 119 5.95 4.29 8.55
CA THR A 119 6.92 5.39 8.58
C THR A 119 7.84 5.34 7.38
N GLY A 120 8.57 4.24 7.23
CA GLY A 120 9.54 4.10 6.16
C GLY A 120 8.86 4.11 4.79
N SER A 121 7.65 3.57 4.74
CA SER A 121 6.87 3.56 3.51
C SER A 121 6.47 4.96 3.08
N ILE A 122 6.09 5.78 4.05
CA ILE A 122 5.77 7.18 3.79
C ILE A 122 6.99 7.92 3.25
N LEU A 123 8.14 7.69 3.88
CA LEU A 123 9.36 8.41 3.53
C LEU A 123 9.89 8.00 2.17
N ASP A 124 9.99 6.69 1.96
CA ASP A 124 10.62 6.15 0.76
C ASP A 124 9.76 6.37 -0.46
N SER A 125 8.44 6.36 -0.27
CA SER A 125 7.50 6.69 -1.33
C SER A 125 7.82 8.05 -1.95
N LEU A 126 8.10 9.02 -1.10
CA LEU A 126 8.43 10.37 -1.56
C LEU A 126 9.84 10.42 -2.13
N ARG A 127 10.73 9.61 -1.56
CA ARG A 127 12.10 9.48 -2.07
C ARG A 127 12.10 8.94 -3.50
N LEU A 128 11.12 8.10 -3.81
CA LEU A 128 11.00 7.53 -5.14
C LEU A 128 10.18 8.43 -6.06
N ASN A 129 9.63 9.50 -5.49
CA ASN A 129 8.75 10.40 -6.24
C ASN A 129 7.49 9.67 -6.70
N LYS A 130 6.93 8.85 -5.80
CA LYS A 130 5.72 8.10 -6.12
C LYS A 130 4.56 8.56 -5.24
N PRO A 131 3.35 8.52 -5.80
CA PRO A 131 2.15 8.91 -5.07
C PRO A 131 2.02 8.13 -3.77
N LEU A 132 1.57 8.81 -2.73
CA LEU A 132 1.50 8.21 -1.40
C LEU A 132 0.07 8.24 -0.86
N ILE A 133 -0.51 7.05 -0.67
CA ILE A 133 -1.81 6.93 -0.03
C ILE A 133 -1.67 6.36 1.38
N VAL A 134 -2.25 7.07 2.34
CA VAL A 134 -2.21 6.64 3.73
C VAL A 134 -3.61 6.42 4.29
N CYS A 135 -3.88 5.21 4.76
CA CYS A 135 -5.21 4.87 5.29
C CYS A 135 -5.12 4.39 6.73
N VAL A 136 -5.69 5.17 7.64
CA VAL A 136 -5.49 4.96 9.07
C VAL A 136 -6.81 5.05 9.83
N ASN A 137 -6.85 4.46 11.01
CA ASN A 137 -7.98 4.62 11.92
C ASN A 137 -7.59 5.42 13.15
N ASP A 138 -8.23 6.57 13.33
CA ASP A 138 -7.86 7.50 14.38
C ASP A 138 -7.87 6.83 15.76
N SER A 139 -8.81 5.91 15.93
CA SER A 139 -9.05 5.30 17.24
C SER A 139 -8.05 4.19 17.53
N LEU A 140 -7.37 3.73 16.49
CA LEU A 140 -6.36 2.69 16.62
C LEU A 140 -4.96 3.28 16.66
N MET A 141 -4.85 4.55 16.30
CA MET A 141 -3.60 5.28 16.43
C MET A 141 -3.48 5.94 17.80
N ASP A 142 -2.26 6.17 18.23
CA ASP A 142 -2.00 6.89 19.47
C ASP A 142 -1.93 8.40 19.24
N ASN A 143 -1.70 9.15 20.31
CA ASN A 143 -1.74 10.60 20.25
C ASN A 143 -0.71 11.14 19.26
N HIS A 144 0.41 10.44 19.14
CA HIS A 144 1.49 10.87 18.26
C HIS A 144 1.09 10.74 16.80
N GLN A 145 0.68 9.54 16.40
CA GLN A 145 0.44 9.24 14.99
C GLN A 145 -0.82 9.91 14.49
N GLN A 146 -1.75 10.19 15.40
CA GLN A 146 -2.94 10.96 15.08
C GLN A 146 -2.57 12.37 14.62
N GLN A 147 -1.76 13.05 15.42
CA GLN A 147 -1.34 14.42 15.10
C GLN A 147 -0.49 14.44 13.84
N ILE A 148 0.31 13.40 13.64
CA ILE A 148 1.13 13.28 12.44
C ILE A 148 0.27 13.19 11.20
N ALA A 149 -0.71 12.30 11.22
CA ALA A 149 -1.58 12.09 10.07
C ALA A 149 -2.38 13.35 9.74
N ASP A 150 -2.82 14.05 10.77
CA ASP A 150 -3.59 15.27 10.60
C ASP A 150 -2.76 16.34 9.89
N LYS A 151 -1.55 16.57 10.38
CA LYS A 151 -0.68 17.58 9.82
C LYS A 151 -0.14 17.16 8.46
N PHE A 152 0.04 15.85 8.28
CA PHE A 152 0.57 15.31 7.04
C PHE A 152 -0.34 15.64 5.86
N VAL A 153 -1.63 15.34 6.02
CA VAL A 153 -2.61 15.62 4.98
C VAL A 153 -2.94 17.11 4.93
N GLU A 154 -2.76 17.79 6.04
CA GLU A 154 -2.95 19.23 6.10
C GLU A 154 -1.97 19.96 5.20
N LEU A 155 -0.73 19.48 5.17
CA LEU A 155 0.31 20.08 4.34
C LEU A 155 0.10 19.75 2.87
N GLY A 156 -0.68 18.70 2.61
CA GLY A 156 -1.06 18.35 1.25
C GLY A 156 0.01 17.53 0.56
N TYR A 157 0.69 16.69 1.33
CA TYR A 157 1.74 15.84 0.78
C TYR A 157 1.35 14.36 0.86
N VAL A 158 0.05 14.12 1.01
CA VAL A 158 -0.46 12.75 1.13
C VAL A 158 -1.95 12.70 0.85
N TRP A 159 -2.41 11.56 0.35
CA TRP A 159 -3.84 11.28 0.25
C TRP A 159 -4.32 10.45 1.43
N SER A 160 -5.13 11.05 2.29
CA SER A 160 -5.61 10.39 3.49
C SER A 160 -6.93 9.67 3.23
N CYS A 161 -7.00 8.40 3.63
CA CYS A 161 -8.20 7.59 3.40
C CYS A 161 -8.79 7.13 4.74
N ALA A 162 -10.10 6.92 4.74
CA ALA A 162 -10.79 6.40 5.92
C ALA A 162 -10.48 4.91 6.11
N PRO A 163 -10.60 4.44 7.35
CA PRO A 163 -10.35 3.05 7.67
C PRO A 163 -11.52 2.17 7.23
N THR A 164 -11.75 2.11 5.93
CA THR A 164 -12.85 1.31 5.38
C THR A 164 -12.63 1.00 3.92
N GLU A 165 -13.57 0.28 3.31
CA GLU A 165 -13.41 -0.23 1.96
C GLU A 165 -13.31 0.90 0.95
N THR A 166 -14.26 1.83 1.02
CA THR A 166 -14.39 2.87 0.01
C THR A 166 -13.40 4.00 0.26
N GLY A 167 -12.87 4.06 1.48
CA GLY A 167 -11.90 5.08 1.84
C GLY A 167 -10.62 4.95 1.04
N LEU A 168 -10.07 3.73 1.00
CA LEU A 168 -8.85 3.45 0.25
C LEU A 168 -9.09 3.52 -1.25
N ILE A 169 -10.28 3.11 -1.68
CA ILE A 169 -10.67 3.16 -3.08
C ILE A 169 -10.67 4.60 -3.59
N ALA A 170 -11.18 5.51 -2.78
CA ALA A 170 -11.16 6.94 -3.11
C ALA A 170 -9.73 7.44 -3.26
N GLY A 171 -8.84 6.95 -2.39
CA GLY A 171 -7.44 7.32 -2.46
C GLY A 171 -6.79 6.83 -3.75
N LEU A 172 -7.13 5.61 -4.14
CA LEU A 172 -6.62 5.04 -5.39
C LEU A 172 -6.92 5.95 -6.58
N ARG A 173 -8.17 6.38 -6.68
CA ARG A 173 -8.57 7.31 -7.73
C ARG A 173 -7.88 8.66 -7.56
N ALA A 174 -7.79 9.11 -6.31
CA ALA A 174 -7.29 10.46 -6.03
C ALA A 174 -5.82 10.59 -6.41
N SER A 175 -5.08 9.49 -6.28
CA SER A 175 -3.66 9.48 -6.61
C SER A 175 -3.44 9.72 -8.11
N GLN A 176 -4.48 9.46 -8.89
CA GLN A 176 -4.38 9.59 -10.34
C GLN A 176 -5.06 10.87 -10.83
N THR A 177 -6.12 11.27 -10.13
CA THR A 177 -6.87 12.45 -10.51
C THR A 177 -6.13 13.73 -10.14
N GLU A 178 -5.56 13.75 -8.94
CA GLU A 178 -4.93 14.95 -8.40
C GLU A 178 -3.44 14.73 -8.18
N LYS A 179 -2.76 15.80 -7.77
CA LYS A 179 -1.33 15.73 -7.47
C LYS A 179 -1.02 16.33 -6.11
N LEU A 180 0.19 16.07 -5.61
CA LEU A 180 0.60 16.59 -4.31
C LEU A 180 1.27 17.95 -4.46
N LYS A 181 1.36 18.69 -3.35
CA LYS A 181 2.00 20.00 -3.35
C LYS A 181 3.52 19.87 -3.41
N PRO A 182 4.18 20.92 -3.89
CA PRO A 182 5.63 20.93 -3.99
C PRO A 182 6.27 20.97 -2.60
N PHE A 183 7.41 20.30 -2.47
CA PHE A 183 8.07 20.15 -1.18
C PHE A 183 9.11 21.25 -0.97
N PRO A 184 9.32 21.62 0.29
CA PRO A 184 10.33 22.62 0.64
C PRO A 184 11.73 22.05 0.48
N VAL A 185 11.83 20.73 0.39
CA VAL A 185 13.12 20.06 0.29
C VAL A 185 13.32 19.44 -1.09
N SER A 186 14.44 19.79 -1.72
CA SER A 186 14.74 19.31 -3.06
C SER A 186 15.57 18.04 -3.02
N HIS A 187 16.12 17.74 -1.86
CA HIS A 187 16.95 16.55 -1.68
C HIS A 187 16.09 15.29 -1.63
N ASN A 188 15.79 14.73 -2.79
CA ASN A 188 14.79 13.68 -2.90
C ASN A 188 15.13 12.50 -2.01
N PRO A 189 16.38 12.06 -2.07
CA PRO A 189 16.79 10.81 -1.42
C PRO A 189 17.15 11.05 0.04
N SER A 190 17.01 12.29 0.49
CA SER A 190 17.31 12.64 1.87
C SER A 190 16.05 13.00 2.65
N PHE A 191 14.90 12.67 2.07
CA PHE A 191 13.62 12.92 2.71
C PHE A 191 13.51 12.19 4.05
N GLU A 192 14.17 11.03 4.13
CA GLU A 192 14.08 10.20 5.32
C GLU A 192 14.79 10.83 6.51
N ARG A 193 15.53 11.90 6.25
CA ARG A 193 16.24 12.62 7.30
C ARG A 193 15.78 14.07 7.38
N LEU A 194 15.18 14.56 6.30
CA LEU A 194 14.79 15.96 6.21
C LEU A 194 13.28 16.12 6.40
N LEU A 195 12.51 15.44 5.59
CA LEU A 195 11.06 15.56 5.62
C LEU A 195 10.46 14.74 6.76
N VAL A 196 11.21 13.75 7.22
CA VAL A 196 10.86 13.02 8.44
C VAL A 196 10.75 13.96 9.64
N GLU A 197 11.50 15.06 9.58
CA GLU A 197 11.47 16.06 10.63
C GLU A 197 10.54 17.21 10.28
N THR A 198 10.60 17.64 9.01
CA THR A 198 9.81 18.77 8.55
C THR A 198 8.33 18.45 8.51
N ILE A 199 8.00 17.28 7.97
CA ILE A 199 6.62 16.90 7.73
C ILE A 199 6.13 15.87 8.76
N TYR A 200 6.80 14.73 8.81
CA TYR A 200 6.31 13.59 9.57
C TYR A 200 6.24 13.91 11.06
N SER A 201 7.38 14.18 11.66
CA SER A 201 7.44 14.56 13.07
C SER A 201 8.82 15.10 13.43
N GLY A 1 8.39 -7.58 -13.91
CA GLY A 1 6.94 -7.68 -13.96
C GLY A 1 6.30 -6.83 -12.87
N ILE A 2 7.01 -6.64 -11.76
CA ILE A 2 6.56 -5.75 -10.70
C ILE A 2 7.64 -4.74 -10.34
N ILE A 3 8.83 -4.91 -10.92
CA ILE A 3 9.88 -3.91 -10.82
C ILE A 3 10.12 -3.22 -12.15
N GLU A 4 9.49 -3.73 -13.20
CA GLU A 4 9.51 -3.08 -14.49
C GLU A 4 8.11 -2.77 -14.98
N GLU A 5 7.18 -2.61 -14.04
CA GLU A 5 5.78 -2.37 -14.37
C GLU A 5 5.00 -1.89 -13.16
N LYS A 6 3.92 -1.15 -13.40
CA LYS A 6 3.09 -0.63 -12.32
C LYS A 6 2.59 -1.75 -11.42
N ALA A 7 3.07 -1.77 -10.19
CA ALA A 7 2.66 -2.77 -9.22
C ALA A 7 2.44 -2.16 -7.84
N LEU A 8 1.52 -2.74 -7.08
CA LEU A 8 1.26 -2.29 -5.72
C LEU A 8 2.12 -3.04 -4.72
N PHE A 9 2.61 -2.32 -3.70
CA PHE A 9 3.21 -2.95 -2.54
C PHE A 9 2.62 -2.40 -1.24
N VAL A 10 1.98 -3.27 -0.47
CA VAL A 10 1.31 -2.85 0.76
C VAL A 10 2.14 -3.23 1.98
N THR A 11 2.27 -2.28 2.91
CA THR A 11 2.91 -2.55 4.19
C THR A 11 1.94 -2.38 5.34
N CYS A 12 1.64 -3.48 6.03
CA CYS A 12 0.86 -3.42 7.26
C CYS A 12 1.75 -3.33 8.49
N GLY A 13 1.52 -2.29 9.30
CA GLY A 13 2.28 -2.13 10.54
C GLY A 13 1.81 -3.10 11.62
N ALA A 14 2.54 -3.14 12.72
CA ALA A 14 2.23 -4.08 13.80
C ALA A 14 0.93 -3.70 14.50
N THR A 15 0.67 -2.40 14.60
CA THR A 15 -0.53 -1.92 15.26
C THR A 15 -1.65 -1.66 14.26
N VAL A 16 -1.31 -1.72 12.98
CA VAL A 16 -2.28 -1.49 11.92
C VAL A 16 -3.25 -2.65 11.80
N PRO A 17 -4.55 -2.34 11.80
CA PRO A 17 -5.58 -3.36 11.65
C PRO A 17 -5.54 -4.00 10.27
N PHE A 18 -5.06 -5.23 10.21
CA PHE A 18 -4.96 -5.95 8.93
C PHE A 18 -6.32 -6.37 8.43
N PRO A 19 -7.17 -6.84 9.34
CA PRO A 19 -8.51 -7.30 8.98
C PRO A 19 -9.27 -6.23 8.22
N LYS A 20 -8.99 -4.97 8.53
CA LYS A 20 -9.61 -3.85 7.84
C LYS A 20 -8.80 -3.44 6.61
N LEU A 21 -7.48 -3.50 6.75
CA LEU A 21 -6.58 -3.07 5.67
C LEU A 21 -6.73 -3.94 4.44
N VAL A 22 -6.50 -5.24 4.61
CA VAL A 22 -6.48 -6.17 3.48
C VAL A 22 -7.84 -6.22 2.79
N SER A 23 -8.90 -5.92 3.53
CA SER A 23 -10.24 -5.84 2.97
C SER A 23 -10.34 -4.71 1.95
N CYS A 24 -9.90 -3.52 2.35
CA CYS A 24 -9.90 -2.37 1.45
C CYS A 24 -8.96 -2.58 0.28
N VAL A 25 -7.83 -3.24 0.54
CA VAL A 25 -6.85 -3.52 -0.50
C VAL A 25 -7.42 -4.46 -1.55
N LEU A 26 -8.19 -5.44 -1.10
CA LEU A 26 -8.75 -6.44 -2.00
C LEU A 26 -10.26 -6.23 -2.19
N SER A 27 -10.68 -4.97 -2.13
CA SER A 27 -12.05 -4.62 -2.44
C SER A 27 -12.34 -4.77 -3.93
N ASP A 28 -13.59 -5.10 -4.26
CA ASP A 28 -13.98 -5.35 -5.64
C ASP A 28 -13.87 -4.10 -6.49
N GLU A 29 -14.42 -3.00 -5.98
CA GLU A 29 -14.38 -1.73 -6.68
C GLU A 29 -12.96 -1.17 -6.73
N PHE A 30 -12.20 -1.41 -5.67
CA PHE A 30 -10.79 -1.02 -5.65
C PHE A 30 -10.01 -1.67 -6.77
N CYS A 31 -10.12 -2.99 -6.89
CA CYS A 31 -9.36 -3.74 -7.89
C CYS A 31 -9.88 -3.46 -9.29
N GLN A 32 -11.18 -3.12 -9.38
CA GLN A 32 -11.78 -2.80 -10.67
C GLN A 32 -11.11 -1.59 -11.31
N GLU A 33 -11.16 -0.46 -10.61
CA GLU A 33 -10.51 0.76 -11.09
C GLU A 33 -8.99 0.61 -11.10
N LEU A 34 -8.46 -0.15 -10.14
CA LEU A 34 -7.04 -0.40 -10.05
C LEU A 34 -6.50 -0.97 -11.36
N ILE A 35 -7.15 -2.01 -11.87
CA ILE A 35 -6.76 -2.63 -13.13
C ILE A 35 -6.85 -1.63 -14.28
N GLN A 36 -7.88 -0.78 -14.24
CA GLN A 36 -8.05 0.26 -15.25
C GLN A 36 -6.95 1.31 -15.16
N TYR A 37 -6.31 1.38 -14.00
CA TYR A 37 -5.22 2.32 -13.79
C TYR A 37 -3.87 1.72 -14.18
N GLY A 38 -3.89 0.45 -14.55
CA GLY A 38 -2.70 -0.22 -15.07
C GLY A 38 -2.02 -1.04 -13.99
N PHE A 39 -2.70 -1.21 -12.87
CA PHE A 39 -2.18 -2.02 -11.77
C PHE A 39 -2.88 -3.37 -11.71
N VAL A 40 -2.17 -4.42 -12.13
CA VAL A 40 -2.74 -5.76 -12.17
C VAL A 40 -1.95 -6.72 -11.28
N ARG A 41 -0.90 -6.20 -10.65
CA ARG A 41 -0.06 -7.01 -9.78
C ARG A 41 0.05 -6.38 -8.39
N LEU A 42 0.01 -7.22 -7.36
CA LEU A 42 0.02 -6.74 -5.98
C LEU A 42 0.83 -7.69 -5.09
N ILE A 43 1.65 -7.11 -4.22
CA ILE A 43 2.26 -7.85 -3.12
C ILE A 43 1.91 -7.23 -1.78
N ILE A 44 1.44 -8.05 -0.86
CA ILE A 44 1.01 -7.58 0.45
C ILE A 44 1.97 -8.02 1.54
N GLN A 45 2.53 -7.06 2.27
CA GLN A 45 3.45 -7.36 3.36
C GLN A 45 2.71 -7.45 4.69
N PHE A 46 2.80 -8.63 5.32
CA PHE A 46 2.06 -8.89 6.54
C PHE A 46 2.81 -9.87 7.44
N GLY A 47 2.39 -9.95 8.70
CA GLY A 47 3.09 -10.76 9.69
C GLY A 47 2.46 -12.15 9.81
N ARG A 48 2.83 -12.88 10.85
CA ARG A 48 2.34 -14.23 11.05
C ARG A 48 0.91 -14.24 11.57
N ASN A 49 0.61 -13.29 12.45
CA ASN A 49 -0.75 -13.14 12.97
C ASN A 49 -1.68 -12.53 11.93
N TYR A 50 -1.15 -11.59 11.15
CA TYR A 50 -1.94 -10.91 10.14
C TYR A 50 -1.97 -11.70 8.83
N SER A 51 -2.50 -12.92 8.90
CA SER A 51 -2.55 -13.80 7.75
C SER A 51 -3.91 -14.46 7.61
N SER A 52 -4.76 -14.27 8.61
CA SER A 52 -6.07 -14.91 8.63
C SER A 52 -6.95 -14.39 7.51
N GLU A 53 -7.18 -13.09 7.49
CA GLU A 53 -8.09 -12.49 6.50
C GLU A 53 -7.42 -12.40 5.14
N PHE A 54 -6.10 -12.54 5.12
CA PHE A 54 -5.35 -12.49 3.86
C PHE A 54 -5.87 -13.53 2.87
N GLU A 55 -5.96 -14.78 3.32
CA GLU A 55 -6.35 -15.88 2.45
C GLU A 55 -7.87 -16.03 2.40
N HIS A 56 -8.53 -15.54 3.44
CA HIS A 56 -9.99 -15.61 3.51
C HIS A 56 -10.64 -14.88 2.35
N LEU A 57 -10.13 -13.70 2.04
CA LEU A 57 -10.67 -12.88 0.95
C LEU A 57 -10.47 -13.56 -0.40
N VAL A 58 -9.41 -14.35 -0.51
CA VAL A 58 -9.14 -15.09 -1.73
C VAL A 58 -10.10 -16.27 -1.89
N GLN A 59 -10.43 -16.91 -0.77
CA GLN A 59 -11.39 -18.00 -0.77
C GLN A 59 -12.79 -17.51 -1.13
N GLU A 60 -13.08 -16.27 -0.76
CA GLU A 60 -14.36 -15.65 -1.11
C GLU A 60 -14.51 -15.49 -2.62
N ARG A 61 -13.38 -15.28 -3.29
CA ARG A 61 -13.38 -15.03 -4.73
C ARG A 61 -13.11 -16.30 -5.52
N GLY A 62 -12.59 -17.31 -4.84
CA GLY A 62 -12.35 -18.61 -5.46
C GLY A 62 -10.99 -18.66 -6.13
N GLY A 63 -10.02 -17.96 -5.56
CA GLY A 63 -8.66 -17.95 -6.08
C GLY A 63 -7.93 -19.25 -5.75
N GLN A 64 -6.71 -19.39 -6.26
CA GLN A 64 -5.94 -20.61 -6.06
C GLN A 64 -4.53 -20.30 -5.56
N ARG A 65 -4.24 -20.72 -4.34
CA ARG A 65 -2.89 -20.62 -3.80
C ARG A 65 -1.92 -21.46 -4.64
N GLU A 66 -0.99 -20.78 -5.30
CA GLU A 66 0.04 -21.45 -6.08
C GLU A 66 1.43 -20.95 -5.69
N SER A 67 2.26 -21.86 -5.18
CA SER A 67 3.65 -21.54 -4.87
C SER A 67 4.48 -21.38 -6.14
N GLN A 68 5.23 -20.29 -6.22
CA GLN A 68 5.99 -19.97 -7.42
C GLN A 68 7.45 -19.66 -7.09
N LYS A 69 8.35 -20.18 -7.92
CA LYS A 69 9.77 -19.84 -7.79
C LYS A 69 10.15 -18.71 -8.73
N ILE A 70 9.77 -17.49 -8.35
CA ILE A 70 9.87 -16.34 -9.26
C ILE A 70 11.23 -15.68 -9.14
N PRO A 71 11.81 -15.34 -10.30
CA PRO A 71 13.10 -14.66 -10.34
C PRO A 71 12.97 -13.20 -9.89
N ILE A 72 13.96 -12.72 -9.16
CA ILE A 72 13.98 -11.33 -8.72
C ILE A 72 14.51 -10.41 -9.82
N ASP A 73 15.59 -10.82 -10.46
CA ASP A 73 16.26 -9.99 -11.45
C ASP A 73 15.36 -9.74 -12.66
N GLN A 74 14.58 -10.75 -13.02
CA GLN A 74 13.69 -10.66 -14.18
C GLN A 74 12.34 -10.09 -13.79
N PHE A 75 11.59 -10.85 -12.99
CA PHE A 75 10.23 -10.48 -12.63
C PHE A 75 10.22 -9.39 -11.57
N GLY A 76 10.89 -9.64 -10.46
CA GLY A 76 11.02 -8.65 -9.40
C GLY A 76 10.52 -9.20 -8.07
N CYS A 77 10.39 -10.51 -7.99
CA CYS A 77 9.89 -11.16 -6.78
C CYS A 77 10.71 -12.39 -6.43
N GLY A 78 10.75 -12.72 -5.15
CA GLY A 78 11.58 -13.83 -4.65
C GLY A 78 10.98 -15.17 -5.03
N ASP A 79 11.70 -16.24 -4.73
CA ASP A 79 11.29 -17.58 -5.16
C ASP A 79 10.51 -18.29 -4.06
N THR A 80 10.03 -17.52 -3.09
CA THR A 80 9.15 -18.05 -2.05
C THR A 80 7.75 -17.46 -2.15
N ALA A 81 7.28 -17.28 -3.38
CA ALA A 81 6.06 -16.51 -3.63
C ALA A 81 4.83 -17.39 -3.50
N ARG A 82 3.80 -16.85 -2.86
CA ARG A 82 2.48 -17.49 -2.87
C ARG A 82 1.49 -16.68 -3.70
N GLN A 83 1.26 -17.12 -4.93
CA GLN A 83 0.41 -16.38 -5.87
C GLN A 83 -1.05 -16.74 -5.67
N TYR A 84 -1.91 -15.73 -5.66
CA TYR A 84 -3.35 -15.94 -5.53
C TYR A 84 -4.11 -15.29 -6.69
N VAL A 85 -5.19 -15.93 -7.11
CA VAL A 85 -5.91 -15.52 -8.31
C VAL A 85 -7.17 -14.76 -7.97
N LEU A 86 -7.18 -13.46 -8.28
CA LEU A 86 -8.35 -12.63 -8.05
C LEU A 86 -8.80 -11.96 -9.35
N MET A 87 -10.05 -11.48 -9.36
CA MET A 87 -10.59 -10.78 -10.52
C MET A 87 -10.58 -11.67 -11.75
N ASN A 88 -10.72 -12.97 -11.53
CA ASN A 88 -10.76 -13.94 -12.64
C ASN A 88 -9.43 -13.97 -13.38
N GLY A 89 -8.34 -13.79 -12.64
CA GLY A 89 -7.00 -13.91 -13.21
C GLY A 89 -6.47 -12.54 -13.64
N LYS A 90 -7.29 -11.51 -13.48
CA LYS A 90 -6.91 -10.17 -13.87
C LYS A 90 -6.08 -9.49 -12.79
N LEU A 91 -6.18 -10.00 -11.56
CA LEU A 91 -5.37 -9.50 -10.46
C LEU A 91 -4.51 -10.60 -9.87
N LYS A 92 -3.20 -10.37 -9.84
CA LYS A 92 -2.25 -11.35 -9.34
C LYS A 92 -1.64 -10.90 -8.02
N VAL A 93 -2.09 -11.52 -6.92
CA VAL A 93 -1.67 -11.11 -5.59
C VAL A 93 -0.72 -12.13 -4.98
N ILE A 94 0.44 -11.67 -4.53
CA ILE A 94 1.43 -12.52 -3.89
C ILE A 94 1.60 -12.17 -2.41
N GLY A 95 1.57 -13.17 -1.56
CA GLY A 95 1.83 -12.98 -0.13
C GLY A 95 3.32 -12.80 0.13
N PHE A 96 3.66 -11.73 0.83
CA PHE A 96 5.05 -11.42 1.13
C PHE A 96 5.66 -12.49 2.04
N ASP A 97 6.73 -13.12 1.56
CA ASP A 97 7.52 -14.02 2.39
C ASP A 97 9.00 -13.96 2.02
N PHE A 98 9.50 -12.74 1.82
CA PHE A 98 10.77 -12.54 1.13
C PHE A 98 11.77 -11.82 2.03
N SER A 99 12.96 -11.59 1.51
CA SER A 99 14.03 -10.95 2.28
C SER A 99 14.06 -9.44 2.05
N THR A 100 15.11 -8.79 2.54
CA THR A 100 15.25 -7.35 2.40
C THR A 100 15.35 -6.95 0.93
N LYS A 101 15.74 -7.89 0.08
CA LYS A 101 15.83 -7.65 -1.35
C LYS A 101 14.49 -7.19 -1.92
N MET A 102 13.41 -7.66 -1.32
CA MET A 102 12.07 -7.25 -1.73
C MET A 102 11.62 -6.02 -0.95
N GLN A 103 12.16 -5.85 0.25
CA GLN A 103 11.88 -4.67 1.07
C GLN A 103 12.39 -3.41 0.39
N SER A 104 13.49 -3.54 -0.33
CA SER A 104 13.97 -2.46 -1.18
C SER A 104 13.01 -2.20 -2.33
N ILE A 105 12.52 -3.29 -2.94
CA ILE A 105 11.62 -3.17 -4.08
C ILE A 105 10.30 -2.53 -3.69
N ILE A 106 9.84 -2.82 -2.48
CA ILE A 106 8.60 -2.24 -1.97
C ILE A 106 8.66 -0.72 -2.01
N ARG A 107 9.85 -0.16 -1.84
CA ARG A 107 10.01 1.28 -1.66
C ARG A 107 10.66 1.93 -2.88
N ASP A 108 11.54 1.18 -3.53
CA ASP A 108 12.39 1.74 -4.57
C ASP A 108 11.88 1.38 -5.95
N TYR A 109 11.62 0.09 -6.17
CA TYR A 109 11.28 -0.41 -7.50
C TYR A 109 9.76 -0.50 -7.67
N SER A 110 9.03 -0.22 -6.60
CA SER A 110 7.59 -0.06 -6.69
C SER A 110 7.20 1.16 -7.52
N ASP A 111 5.94 1.22 -7.92
CA ASP A 111 5.41 2.40 -8.59
C ASP A 111 4.46 3.18 -7.67
N LEU A 112 3.67 2.43 -6.90
CA LEU A 112 2.72 3.05 -5.98
C LEU A 112 2.70 2.32 -4.63
N VAL A 113 3.10 3.02 -3.58
CA VAL A 113 3.21 2.41 -2.26
C VAL A 113 1.94 2.64 -1.45
N ILE A 114 1.48 1.59 -0.76
CA ILE A 114 0.32 1.70 0.11
C ILE A 114 0.67 1.28 1.53
N SER A 115 0.27 2.10 2.50
CA SER A 115 0.46 1.77 3.91
C SER A 115 -0.42 2.63 4.80
N HIS A 116 -0.61 2.19 6.04
CA HIS A 116 -1.37 2.97 7.02
C HIS A 116 -0.49 3.98 7.73
N ALA A 117 -1.07 5.12 8.06
CA ALA A 117 -0.35 6.17 8.80
C ALA A 117 0.25 5.60 10.08
N GLY A 118 1.53 5.92 10.32
CA GLY A 118 2.16 5.59 11.59
C GLY A 118 3.16 4.44 11.42
N THR A 119 3.51 4.15 10.17
CA THR A 119 4.54 3.16 9.87
C THR A 119 5.83 3.82 9.40
N GLY A 120 6.87 3.02 9.26
CA GLY A 120 8.14 3.50 8.70
C GLY A 120 8.13 3.44 7.18
N SER A 121 7.39 2.47 6.64
CA SER A 121 7.27 2.32 5.18
C SER A 121 6.56 3.51 4.57
N ILE A 122 5.55 4.01 5.26
CA ILE A 122 4.76 5.13 4.76
C ILE A 122 5.58 6.42 4.78
N LEU A 123 6.63 6.44 5.59
CA LEU A 123 7.50 7.60 5.71
C LEU A 123 8.67 7.52 4.74
N ASP A 124 9.04 6.31 4.36
CA ASP A 124 10.09 6.10 3.37
C ASP A 124 9.68 6.66 2.01
N SER A 125 8.40 6.51 1.67
CA SER A 125 7.89 7.01 0.40
C SER A 125 8.03 8.52 0.30
N LEU A 126 7.92 9.21 1.44
CA LEU A 126 8.06 10.65 1.49
C LEU A 126 9.47 11.08 1.10
N ARG A 127 10.47 10.45 1.72
CA ARG A 127 11.86 10.82 1.50
C ARG A 127 12.36 10.31 0.15
N LEU A 128 11.65 9.32 -0.39
CA LEU A 128 12.01 8.75 -1.69
C LEU A 128 11.24 9.43 -2.82
N ASN A 129 10.26 10.26 -2.45
CA ASN A 129 9.44 10.95 -3.42
C ASN A 129 8.64 9.98 -4.28
N LYS A 130 8.15 8.92 -3.65
CA LYS A 130 7.37 7.90 -4.34
C LYS A 130 5.88 8.09 -4.10
N PRO A 131 5.09 7.86 -5.15
CA PRO A 131 3.64 7.93 -5.03
C PRO A 131 3.13 7.10 -3.86
N LEU A 132 2.28 7.70 -3.05
CA LEU A 132 1.92 7.12 -1.75
C LEU A 132 0.44 7.30 -1.45
N ILE A 133 -0.23 6.20 -1.13
CA ILE A 133 -1.58 6.25 -0.59
C ILE A 133 -1.56 6.09 0.93
N VAL A 134 -2.00 7.13 1.64
CA VAL A 134 -1.99 7.12 3.09
C VAL A 134 -3.30 6.60 3.66
N CYS A 135 -3.32 5.33 4.04
CA CYS A 135 -4.53 4.71 4.56
C CYS A 135 -4.77 5.11 6.02
N VAL A 136 -6.02 5.39 6.36
CA VAL A 136 -6.39 5.77 7.71
C VAL A 136 -7.48 4.84 8.26
N ASN A 137 -7.54 4.72 9.58
CA ASN A 137 -8.55 3.90 10.24
C ASN A 137 -9.85 4.66 10.40
N ASP A 138 -10.80 4.04 11.09
CA ASP A 138 -12.15 4.57 11.18
C ASP A 138 -12.28 5.56 12.34
N SER A 139 -11.25 5.61 13.18
CA SER A 139 -11.27 6.46 14.36
C SER A 139 -10.90 7.90 14.02
N LEU A 140 -10.43 8.11 12.79
CA LEU A 140 -10.05 9.43 12.32
C LEU A 140 -11.28 10.30 12.09
N MET A 141 -11.28 11.49 12.66
CA MET A 141 -12.33 12.48 12.42
C MET A 141 -12.30 12.94 10.97
N ASP A 142 -13.49 13.10 10.39
CA ASP A 142 -13.62 13.55 9.00
C ASP A 142 -12.97 14.91 8.80
N ASN A 143 -13.15 15.80 9.78
CA ASN A 143 -12.55 17.12 9.72
C ASN A 143 -11.03 17.04 9.79
N HIS A 144 -10.52 16.10 10.59
CA HIS A 144 -9.09 15.89 10.71
C HIS A 144 -8.51 15.27 9.44
N GLN A 145 -9.32 14.45 8.77
CA GLN A 145 -8.93 13.86 7.49
C GLN A 145 -8.77 14.92 6.43
N GLN A 146 -9.64 15.93 6.45
CA GLN A 146 -9.53 17.06 5.53
C GLN A 146 -8.27 17.87 5.79
N GLN A 147 -7.98 18.11 7.07
CA GLN A 147 -6.78 18.83 7.46
C GLN A 147 -5.52 18.08 7.05
N ILE A 148 -5.58 16.75 7.11
CA ILE A 148 -4.50 15.92 6.60
C ILE A 148 -4.35 16.07 5.09
N ALA A 149 -5.47 16.02 4.38
CA ALA A 149 -5.46 16.17 2.93
C ALA A 149 -5.06 17.58 2.52
N ASP A 150 -5.29 18.54 3.42
CA ASP A 150 -4.95 19.93 3.16
C ASP A 150 -3.43 20.13 3.15
N LYS A 151 -2.72 19.15 3.67
CA LYS A 151 -1.26 19.18 3.66
C LYS A 151 -0.70 18.26 2.58
N PHE A 152 -1.39 17.16 2.34
CA PHE A 152 -0.97 16.18 1.33
C PHE A 152 -1.25 16.71 -0.08
N VAL A 153 -2.27 17.55 -0.19
CA VAL A 153 -2.63 18.15 -1.48
C VAL A 153 -1.46 18.94 -2.05
N GLU A 154 -0.57 19.40 -1.18
CA GLU A 154 0.61 20.13 -1.61
C GLU A 154 1.71 19.18 -2.07
N LEU A 155 1.72 17.97 -1.54
CA LEU A 155 2.75 17.00 -1.84
C LEU A 155 2.65 16.52 -3.28
N GLY A 156 1.43 16.33 -3.75
CA GLY A 156 1.18 16.06 -5.16
C GLY A 156 1.08 14.55 -5.42
N TYR A 157 2.01 13.79 -4.85
CA TYR A 157 2.06 12.35 -5.06
C TYR A 157 1.63 11.59 -3.81
N VAL A 158 1.37 12.34 -2.73
CA VAL A 158 0.82 11.75 -1.51
C VAL A 158 -0.63 12.16 -1.31
N TRP A 159 -1.50 11.17 -1.15
CA TRP A 159 -2.93 11.43 -0.97
C TRP A 159 -3.51 10.53 0.11
N SER A 160 -4.44 11.08 0.89
CA SER A 160 -4.95 10.39 2.07
C SER A 160 -6.27 9.69 1.77
N CYS A 161 -6.52 8.59 2.48
CA CYS A 161 -7.80 7.92 2.41
C CYS A 161 -8.78 8.49 3.44
N ALA A 162 -10.06 8.22 3.25
CA ALA A 162 -11.07 8.58 4.23
C ALA A 162 -11.32 7.45 5.22
N PRO A 163 -11.78 7.79 6.41
CA PRO A 163 -12.08 6.81 7.43
C PRO A 163 -13.36 6.05 7.13
N THR A 164 -13.34 5.26 6.06
CA THR A 164 -14.52 4.53 5.62
C THR A 164 -14.13 3.33 4.77
N GLU A 165 -15.14 2.60 4.28
CA GLU A 165 -14.91 1.35 3.57
C GLU A 165 -14.26 1.58 2.22
N THR A 166 -14.61 2.70 1.59
CA THR A 166 -14.06 3.04 0.28
C THR A 166 -12.96 4.09 0.40
N GLY A 167 -12.38 4.19 1.59
CA GLY A 167 -11.34 5.19 1.85
C GLY A 167 -10.12 4.94 0.98
N LEU A 168 -9.65 3.69 0.94
CA LEU A 168 -8.50 3.32 0.14
C LEU A 168 -8.78 3.50 -1.35
N ILE A 169 -10.02 3.27 -1.74
CA ILE A 169 -10.44 3.48 -3.11
C ILE A 169 -10.34 4.95 -3.50
N ALA A 170 -10.74 5.83 -2.58
CA ALA A 170 -10.63 7.27 -2.79
C ALA A 170 -9.17 7.70 -2.88
N GLY A 171 -8.33 7.10 -2.05
CA GLY A 171 -6.90 7.38 -2.07
C GLY A 171 -6.27 6.99 -3.40
N LEU A 172 -6.61 5.80 -3.88
CA LEU A 172 -6.16 5.34 -5.18
C LEU A 172 -6.61 6.28 -6.29
N ARG A 173 -7.91 6.50 -6.39
CA ARG A 173 -8.47 7.38 -7.41
C ARG A 173 -7.81 8.75 -7.39
N ALA A 174 -7.65 9.30 -6.19
CA ALA A 174 -7.08 10.63 -6.03
C ALA A 174 -5.68 10.71 -6.62
N SER A 175 -4.86 9.71 -6.32
CA SER A 175 -3.47 9.70 -6.75
C SER A 175 -3.36 9.42 -8.24
N GLN A 176 -4.36 8.75 -8.79
CA GLN A 176 -4.32 8.32 -10.18
C GLN A 176 -5.18 9.21 -11.05
N THR A 177 -5.92 10.12 -10.41
CA THR A 177 -6.70 11.12 -11.14
C THR A 177 -5.95 12.46 -11.23
N GLU A 178 -5.44 12.91 -10.09
CA GLU A 178 -4.71 14.18 -10.04
C GLU A 178 -3.28 14.00 -10.53
N LYS A 179 -2.76 15.03 -11.19
CA LYS A 179 -1.41 14.98 -11.73
C LYS A 179 -0.36 14.88 -10.64
N LEU A 180 0.54 13.91 -10.78
CA LEU A 180 1.64 13.75 -9.83
C LEU A 180 2.71 14.81 -10.04
N LYS A 181 3.14 15.43 -8.94
CA LYS A 181 4.13 16.50 -9.00
C LYS A 181 5.20 16.33 -7.93
N PRO A 182 6.45 16.62 -8.29
CA PRO A 182 7.55 16.50 -7.36
C PRO A 182 7.49 17.58 -6.28
N PHE A 183 7.55 17.16 -5.02
CA PHE A 183 7.56 18.10 -3.90
C PHE A 183 8.98 18.56 -3.58
N PRO A 184 9.13 19.86 -3.37
CA PRO A 184 10.45 20.45 -3.18
C PRO A 184 11.23 19.73 -2.08
N VAL A 185 10.54 19.40 -1.00
CA VAL A 185 11.17 18.75 0.15
C VAL A 185 11.41 17.27 -0.13
N SER A 186 12.67 16.88 -0.11
CA SER A 186 13.04 15.48 -0.32
C SER A 186 13.83 14.92 0.86
N HIS A 187 13.64 15.53 2.03
CA HIS A 187 14.45 15.23 3.19
C HIS A 187 13.60 14.71 4.35
N ASN A 188 13.94 13.54 4.86
CA ASN A 188 13.23 12.95 5.98
C ASN A 188 13.33 13.83 7.22
N PRO A 189 14.52 14.37 7.46
CA PRO A 189 14.73 15.30 8.56
C PRO A 189 13.76 16.47 8.49
N SER A 190 13.43 16.89 7.27
CA SER A 190 12.50 17.99 7.08
C SER A 190 11.05 17.53 7.27
N PHE A 191 10.79 16.27 6.91
CA PHE A 191 9.47 15.68 7.14
C PHE A 191 9.27 15.36 8.62
N GLU A 192 10.36 15.22 9.35
CA GLU A 192 10.30 14.83 10.76
C GLU A 192 9.35 15.74 11.53
N ARG A 193 9.38 17.03 11.23
CA ARG A 193 8.56 18.00 11.92
C ARG A 193 7.38 18.44 11.07
N LEU A 194 7.50 18.27 9.76
CA LEU A 194 6.46 18.68 8.83
C LEU A 194 5.26 17.76 8.91
N LEU A 195 5.47 16.48 8.64
CA LEU A 195 4.38 15.52 8.50
C LEU A 195 4.41 14.50 9.63
N VAL A 196 5.61 14.12 10.05
CA VAL A 196 5.77 13.02 10.98
C VAL A 196 5.23 13.35 12.35
N GLU A 197 5.47 14.59 12.79
CA GLU A 197 5.02 15.03 14.11
C GLU A 197 3.74 15.84 14.01
N THR A 198 3.14 15.85 12.82
CA THR A 198 1.88 16.57 12.60
C THR A 198 0.75 15.61 12.27
N ILE A 199 1.02 14.68 11.34
CA ILE A 199 -0.02 13.80 10.82
C ILE A 199 0.24 12.35 11.21
N TYR A 200 1.51 11.96 11.20
CA TYR A 200 1.89 10.59 11.53
C TYR A 200 2.31 10.47 12.98
N SER A 201 1.91 11.44 13.80
CA SER A 201 2.24 11.43 15.21
C SER A 201 1.49 10.33 15.95
N GLY A 1 18.00 -9.44 -7.92
CA GLY A 1 16.83 -9.33 -7.06
C GLY A 1 15.81 -10.41 -7.37
N ILE A 2 14.74 -10.45 -6.58
CA ILE A 2 13.68 -11.43 -6.77
C ILE A 2 12.45 -10.80 -7.43
N ILE A 3 11.96 -9.72 -6.83
CA ILE A 3 10.87 -8.96 -7.42
C ILE A 3 11.36 -8.07 -8.55
N GLU A 4 11.00 -8.44 -9.78
CA GLU A 4 11.53 -7.77 -10.96
C GLU A 4 10.45 -6.94 -11.65
N GLU A 5 9.24 -6.97 -11.10
CA GLU A 5 8.11 -6.28 -11.69
C GLU A 5 7.55 -5.22 -10.75
N LYS A 6 6.97 -4.18 -11.33
CA LYS A 6 6.31 -3.14 -10.56
C LYS A 6 4.97 -3.63 -10.01
N ALA A 7 4.50 -3.00 -8.94
CA ALA A 7 3.33 -3.47 -8.22
C ALA A 7 2.78 -2.39 -7.29
N LEU A 8 1.63 -2.69 -6.67
CA LEU A 8 1.08 -1.82 -5.64
C LEU A 8 1.47 -2.30 -4.25
N PHE A 9 2.15 -1.45 -3.50
CA PHE A 9 2.62 -1.80 -2.17
C PHE A 9 1.54 -1.59 -1.11
N VAL A 10 1.25 -2.65 -0.36
CA VAL A 10 0.30 -2.55 0.75
C VAL A 10 0.99 -2.86 2.08
N THR A 11 0.71 -2.05 3.09
CA THR A 11 1.24 -2.28 4.43
C THR A 11 0.24 -3.05 5.29
N CYS A 12 0.65 -4.24 5.73
CA CYS A 12 -0.06 -4.95 6.79
C CYS A 12 0.91 -5.45 7.85
N GLY A 13 1.63 -4.53 8.47
CA GLY A 13 2.67 -4.89 9.44
C GLY A 13 2.05 -5.33 10.76
N ALA A 14 2.88 -5.87 11.64
CA ALA A 14 2.40 -6.49 12.87
C ALA A 14 1.94 -5.44 13.87
N THR A 15 2.61 -4.29 13.87
CA THR A 15 2.40 -3.27 14.90
C THR A 15 1.07 -2.56 14.70
N VAL A 16 0.83 -2.09 13.48
CA VAL A 16 -0.34 -1.27 13.18
C VAL A 16 -1.60 -2.13 13.04
N PRO A 17 -2.65 -1.74 13.73
CA PRO A 17 -3.93 -2.44 13.63
C PRO A 17 -4.42 -2.45 12.19
N PHE A 18 -4.82 -3.63 11.72
CA PHE A 18 -5.53 -3.76 10.45
C PHE A 18 -6.74 -4.68 10.59
N PRO A 19 -7.76 -4.22 11.30
CA PRO A 19 -8.95 -5.02 11.56
C PRO A 19 -9.73 -5.25 10.28
N LYS A 20 -10.20 -4.17 9.67
CA LYS A 20 -10.95 -4.25 8.42
C LYS A 20 -10.22 -3.53 7.29
N LEU A 21 -9.03 -3.03 7.59
CA LEU A 21 -8.26 -2.25 6.63
C LEU A 21 -7.73 -3.12 5.50
N VAL A 22 -7.58 -4.41 5.77
CA VAL A 22 -7.17 -5.37 4.75
C VAL A 22 -8.30 -5.67 3.78
N SER A 23 -9.51 -5.79 4.30
CA SER A 23 -10.68 -6.09 3.48
C SER A 23 -11.02 -4.92 2.57
N CYS A 24 -10.62 -3.72 2.98
CA CYS A 24 -10.77 -2.54 2.14
C CYS A 24 -9.79 -2.57 0.98
N VAL A 25 -8.56 -3.00 1.26
CA VAL A 25 -7.56 -3.19 0.22
C VAL A 25 -7.97 -4.28 -0.76
N LEU A 26 -8.61 -5.33 -0.24
CA LEU A 26 -8.99 -6.47 -1.06
C LEU A 26 -10.50 -6.47 -1.33
N SER A 27 -11.06 -5.27 -1.48
CA SER A 27 -12.45 -5.14 -1.89
C SER A 27 -12.62 -5.41 -3.38
N ASP A 28 -13.85 -5.73 -3.78
CA ASP A 28 -14.16 -5.99 -5.18
C ASP A 28 -13.91 -4.75 -6.03
N GLU A 29 -14.29 -3.59 -5.50
CA GLU A 29 -14.20 -2.34 -6.25
C GLU A 29 -12.75 -1.89 -6.38
N PHE A 30 -11.99 -2.04 -5.30
CA PHE A 30 -10.59 -1.65 -5.29
C PHE A 30 -9.79 -2.46 -6.31
N CYS A 31 -9.90 -3.77 -6.24
CA CYS A 31 -9.17 -4.66 -7.14
C CYS A 31 -9.64 -4.49 -8.58
N GLN A 32 -10.93 -4.28 -8.76
CA GLN A 32 -11.52 -4.10 -10.07
C GLN A 32 -10.83 -2.96 -10.82
N GLU A 33 -10.64 -1.84 -10.15
CA GLU A 33 -10.05 -0.65 -10.75
C GLU A 33 -8.53 -0.67 -10.63
N LEU A 34 -8.03 -1.42 -9.66
CA LEU A 34 -6.60 -1.53 -9.44
C LEU A 34 -5.87 -1.94 -10.71
N ILE A 35 -6.42 -2.94 -11.39
CA ILE A 35 -5.83 -3.44 -12.63
C ILE A 35 -6.04 -2.47 -13.78
N GLN A 36 -6.94 -1.51 -13.57
CA GLN A 36 -7.23 -0.50 -14.59
C GLN A 36 -6.40 0.76 -14.38
N TYR A 37 -5.65 0.79 -13.28
CA TYR A 37 -4.70 1.86 -13.03
C TYR A 37 -3.27 1.40 -13.26
N GLY A 38 -3.13 0.21 -13.85
CA GLY A 38 -1.81 -0.30 -14.23
C GLY A 38 -1.16 -1.04 -13.06
N PHE A 39 -1.99 -1.59 -12.18
CA PHE A 39 -1.49 -2.41 -11.07
C PHE A 39 -2.09 -3.80 -11.10
N VAL A 40 -1.61 -4.62 -12.02
CA VAL A 40 -2.06 -6.01 -12.12
C VAL A 40 -1.30 -6.90 -11.15
N ARG A 41 -0.25 -6.36 -10.54
CA ARG A 41 0.45 -7.05 -9.46
C ARG A 41 0.26 -6.34 -8.14
N LEU A 42 -0.30 -7.05 -7.16
CA LEU A 42 -0.54 -6.49 -5.83
C LEU A 42 0.33 -7.18 -4.79
N ILE A 43 1.19 -6.39 -4.13
CA ILE A 43 2.14 -6.94 -3.17
C ILE A 43 1.83 -6.47 -1.76
N ILE A 44 1.47 -7.40 -0.89
CA ILE A 44 1.05 -7.07 0.47
C ILE A 44 2.03 -7.62 1.50
N GLN A 45 2.72 -6.72 2.20
CA GLN A 45 3.66 -7.13 3.23
C GLN A 45 2.93 -7.42 4.54
N PHE A 46 3.03 -8.66 5.00
CA PHE A 46 2.37 -9.08 6.23
C PHE A 46 3.35 -9.22 7.38
N GLY A 47 2.96 -8.75 8.55
CA GLY A 47 3.76 -8.93 9.76
C GLY A 47 3.50 -10.29 10.39
N ARG A 48 3.99 -10.48 11.61
CA ARG A 48 3.85 -11.75 12.30
C ARG A 48 2.47 -11.89 12.93
N ASN A 49 1.80 -10.76 13.12
CA ASN A 49 0.48 -10.76 13.75
C ASN A 49 -0.62 -11.02 12.72
N TYR A 50 -0.26 -10.93 11.45
CA TYR A 50 -1.24 -11.04 10.36
C TYR A 50 -0.85 -12.13 9.38
N SER A 51 -1.53 -13.27 9.47
CA SER A 51 -1.30 -14.37 8.54
C SER A 51 -1.97 -14.13 7.20
N SER A 52 -1.50 -14.83 6.17
CA SER A 52 -2.08 -14.72 4.84
C SER A 52 -3.00 -15.88 4.54
N GLU A 53 -4.28 -15.72 4.85
CA GLU A 53 -5.26 -16.79 4.66
C GLU A 53 -6.42 -16.33 3.78
N PHE A 54 -6.14 -16.15 2.50
CA PHE A 54 -7.12 -15.59 1.57
C PHE A 54 -7.45 -16.58 0.46
N GLU A 55 -7.29 -17.87 0.76
CA GLU A 55 -7.66 -18.92 -0.18
C GLU A 55 -9.17 -19.08 -0.28
N HIS A 56 -9.88 -18.47 0.66
CA HIS A 56 -11.33 -18.41 0.61
C HIS A 56 -11.81 -17.18 -0.16
N LEU A 57 -10.98 -16.15 -0.18
CA LEU A 57 -11.23 -14.99 -1.02
C LEU A 57 -11.29 -15.36 -2.49
N VAL A 58 -10.31 -16.13 -2.94
CA VAL A 58 -10.25 -16.59 -4.33
C VAL A 58 -11.27 -17.68 -4.59
N GLN A 59 -11.65 -18.40 -3.54
CA GLN A 59 -12.64 -19.46 -3.65
C GLN A 59 -13.99 -18.90 -4.08
N GLU A 60 -14.35 -17.75 -3.53
CA GLU A 60 -15.61 -17.10 -3.87
C GLU A 60 -15.55 -16.49 -5.27
N ARG A 61 -14.36 -16.14 -5.71
CA ARG A 61 -14.18 -15.38 -6.95
C ARG A 61 -13.89 -16.32 -8.12
N GLY A 62 -13.55 -17.56 -7.81
CA GLY A 62 -13.29 -18.57 -8.83
C GLY A 62 -11.82 -18.57 -9.24
N GLY A 63 -10.97 -18.05 -8.36
CA GLY A 63 -9.54 -17.99 -8.63
C GLY A 63 -8.80 -19.18 -8.04
N GLN A 64 -7.49 -19.05 -7.90
CA GLN A 64 -6.66 -20.14 -7.40
C GLN A 64 -5.74 -19.67 -6.30
N ARG A 65 -5.25 -20.61 -5.49
CA ARG A 65 -4.28 -20.30 -4.45
C ARG A 65 -2.97 -21.05 -4.67
N GLU A 66 -1.88 -20.31 -4.81
CA GLU A 66 -0.58 -20.91 -5.08
C GLU A 66 0.46 -20.44 -4.06
N SER A 67 1.50 -21.23 -3.88
CA SER A 67 2.55 -20.91 -2.93
C SER A 67 3.63 -20.06 -3.59
N GLN A 68 4.41 -19.36 -2.77
CA GLN A 68 5.56 -18.60 -3.25
C GLN A 68 6.74 -18.72 -2.29
N LYS A 69 7.58 -19.73 -2.51
CA LYS A 69 8.73 -19.97 -1.65
C LYS A 69 9.86 -18.99 -1.97
N ILE A 70 9.75 -17.79 -1.42
CA ILE A 70 10.73 -16.74 -1.70
C ILE A 70 12.09 -17.09 -1.12
N PRO A 71 13.11 -17.12 -1.98
CA PRO A 71 14.47 -17.42 -1.55
C PRO A 71 14.86 -16.61 -0.32
N ILE A 72 15.20 -17.30 0.75
CA ILE A 72 15.52 -16.64 2.01
C ILE A 72 16.91 -16.02 1.98
N ASP A 73 17.85 -16.71 1.33
CA ASP A 73 19.24 -16.31 1.35
C ASP A 73 19.44 -14.98 0.63
N GLN A 74 18.51 -14.65 -0.26
CA GLN A 74 18.65 -13.47 -1.11
C GLN A 74 18.23 -12.21 -0.38
N PHE A 75 17.03 -12.25 0.22
CA PHE A 75 16.49 -11.08 0.91
C PHE A 75 16.70 -11.19 2.42
N GLY A 76 16.53 -12.40 2.95
CA GLY A 76 16.58 -12.60 4.40
C GLY A 76 15.18 -12.72 4.98
N CYS A 77 14.17 -12.62 4.12
CA CYS A 77 12.78 -12.72 4.55
C CYS A 77 12.31 -14.17 4.55
N GLY A 78 11.04 -14.37 4.92
CA GLY A 78 10.48 -15.71 5.01
C GLY A 78 10.07 -16.23 3.63
N ASP A 79 9.88 -17.54 3.54
CA ASP A 79 9.46 -18.16 2.27
C ASP A 79 8.01 -18.62 2.34
N THR A 80 7.21 -17.92 3.13
CA THR A 80 5.83 -18.32 3.39
C THR A 80 4.84 -17.49 2.58
N ALA A 81 5.34 -16.85 1.54
CA ALA A 81 4.51 -15.99 0.70
C ALA A 81 3.45 -16.80 -0.03
N ARG A 82 2.28 -16.19 -0.23
CA ARG A 82 1.13 -16.91 -0.76
C ARG A 82 0.47 -16.12 -1.89
N GLN A 83 0.42 -16.73 -3.08
CA GLN A 83 -0.14 -16.06 -4.25
C GLN A 83 -1.64 -16.31 -4.34
N TYR A 84 -2.38 -15.26 -4.69
CA TYR A 84 -3.82 -15.36 -4.86
C TYR A 84 -4.27 -14.78 -6.19
N VAL A 85 -4.87 -15.63 -7.02
CA VAL A 85 -5.30 -15.21 -8.35
C VAL A 85 -6.72 -14.65 -8.31
N LEU A 86 -6.84 -13.37 -8.68
CA LEU A 86 -8.14 -12.71 -8.71
C LEU A 86 -8.43 -12.11 -10.08
N MET A 87 -9.67 -11.68 -10.29
CA MET A 87 -10.04 -11.00 -11.52
C MET A 87 -9.83 -11.89 -12.74
N ASN A 88 -9.96 -13.20 -12.54
CA ASN A 88 -9.85 -14.15 -13.64
C ASN A 88 -8.45 -14.16 -14.21
N GLY A 89 -7.45 -13.94 -13.35
CA GLY A 89 -6.05 -14.03 -13.75
C GLY A 89 -5.49 -12.64 -14.07
N LYS A 90 -6.34 -11.63 -14.02
CA LYS A 90 -5.95 -10.27 -14.34
C LYS A 90 -5.23 -9.62 -13.15
N LEU A 91 -5.50 -10.12 -11.95
CA LEU A 91 -4.88 -9.58 -10.74
C LEU A 91 -4.12 -10.67 -10.00
N LYS A 92 -2.85 -10.40 -9.71
CA LYS A 92 -2.02 -11.31 -8.93
C LYS A 92 -1.73 -10.73 -7.55
N VAL A 93 -2.44 -11.24 -6.54
CA VAL A 93 -2.29 -10.75 -5.17
C VAL A 93 -1.44 -11.71 -4.34
N ILE A 94 -0.22 -11.28 -4.04
CA ILE A 94 0.71 -12.11 -3.28
C ILE A 94 1.03 -11.49 -1.92
N GLY A 95 0.79 -12.26 -0.87
CA GLY A 95 1.22 -11.86 0.48
C GLY A 95 2.64 -12.32 0.75
N PHE A 96 3.46 -11.41 1.26
CA PHE A 96 4.88 -11.67 1.47
C PHE A 96 5.25 -11.68 2.95
N ASP A 97 6.28 -12.44 3.29
CA ASP A 97 6.72 -12.55 4.68
C ASP A 97 7.96 -11.70 4.92
N PHE A 98 7.79 -10.38 4.88
CA PHE A 98 8.86 -9.46 5.26
C PHE A 98 8.62 -8.87 6.65
N SER A 99 9.70 -8.42 7.28
CA SER A 99 9.60 -7.68 8.53
C SER A 99 9.18 -6.24 8.29
N THR A 100 9.02 -5.48 9.37
CA THR A 100 8.67 -4.07 9.27
C THR A 100 9.85 -3.23 8.83
N LYS A 101 11.03 -3.84 8.80
CA LYS A 101 12.25 -3.16 8.38
C LYS A 101 12.67 -3.60 6.99
N MET A 102 11.99 -4.60 6.45
CA MET A 102 12.30 -5.13 5.13
C MET A 102 11.30 -4.63 4.09
N GLN A 103 10.42 -3.74 4.51
CA GLN A 103 9.43 -3.16 3.60
C GLN A 103 10.10 -2.43 2.45
N SER A 104 11.26 -1.84 2.72
CA SER A 104 11.98 -1.06 1.72
C SER A 104 12.31 -1.92 0.50
N ILE A 105 12.54 -3.20 0.73
CA ILE A 105 12.82 -4.13 -0.36
C ILE A 105 11.74 -4.09 -1.43
N ILE A 106 10.49 -4.26 -0.99
CA ILE A 106 9.35 -4.23 -1.90
C ILE A 106 9.15 -2.85 -2.49
N ARG A 107 9.23 -1.83 -1.64
CA ARG A 107 8.93 -0.46 -2.04
C ARG A 107 9.80 -0.02 -3.20
N ASP A 108 11.05 -0.46 -3.20
CA ASP A 108 12.00 -0.10 -4.24
C ASP A 108 11.54 -0.61 -5.60
N TYR A 109 10.78 -1.69 -5.60
CA TYR A 109 10.30 -2.31 -6.82
C TYR A 109 8.91 -1.82 -7.19
N SER A 110 8.14 -1.42 -6.17
CA SER A 110 6.78 -0.97 -6.37
C SER A 110 6.74 0.36 -7.13
N ASP A 111 5.58 0.70 -7.67
CA ASP A 111 5.42 1.95 -8.39
C ASP A 111 4.50 2.91 -7.64
N LEU A 112 3.84 2.40 -6.60
CA LEU A 112 2.93 3.20 -5.80
C LEU A 112 2.83 2.67 -4.38
N VAL A 113 2.78 3.58 -3.41
CA VAL A 113 2.74 3.20 -2.00
C VAL A 113 1.41 3.55 -1.38
N ILE A 114 0.73 2.54 -0.84
CA ILE A 114 -0.48 2.75 -0.04
C ILE A 114 -0.30 2.21 1.37
N SER A 115 -0.24 3.12 2.34
CA SER A 115 -0.12 2.74 3.75
C SER A 115 -1.26 3.33 4.57
N HIS A 116 -1.40 2.83 5.80
CA HIS A 116 -2.44 3.32 6.71
C HIS A 116 -1.82 4.09 7.87
N ALA A 117 -1.54 5.37 7.65
CA ALA A 117 -0.83 6.19 8.61
C ALA A 117 0.51 5.57 8.98
N GLY A 118 1.31 5.26 7.96
CA GLY A 118 2.61 4.66 8.18
C GLY A 118 3.67 5.71 8.49
N THR A 119 4.92 5.27 8.64
CA THR A 119 6.01 6.17 8.96
C THR A 119 7.14 6.05 7.94
N GLY A 120 7.84 4.91 7.97
CA GLY A 120 8.98 4.69 7.10
C GLY A 120 8.57 4.72 5.64
N SER A 121 7.34 4.29 5.37
CA SER A 121 6.82 4.24 4.01
C SER A 121 6.63 5.64 3.44
N ILE A 122 6.43 6.61 4.32
CA ILE A 122 6.36 8.01 3.92
C ILE A 122 7.68 8.47 3.29
N LEU A 123 8.78 8.13 3.94
CA LEU A 123 10.10 8.54 3.47
C LEU A 123 10.44 7.92 2.13
N ASP A 124 10.26 6.60 2.04
CA ASP A 124 10.71 5.85 0.86
C ASP A 124 9.94 6.26 -0.38
N SER A 125 8.66 6.56 -0.20
CA SER A 125 7.81 7.00 -1.30
C SER A 125 8.30 8.33 -1.87
N LEU A 126 8.47 9.31 -0.98
CA LEU A 126 9.05 10.59 -1.37
C LEU A 126 10.51 10.43 -1.79
N ARG A 127 11.17 9.40 -1.25
CA ARG A 127 12.55 9.10 -1.62
C ARG A 127 12.64 8.60 -3.06
N LEU A 128 11.67 7.77 -3.45
CA LEU A 128 11.68 7.16 -4.77
C LEU A 128 11.00 8.06 -5.80
N ASN A 129 10.49 9.20 -5.34
CA ASN A 129 9.79 10.13 -6.21
C ASN A 129 8.47 9.53 -6.71
N LYS A 130 7.82 8.74 -5.85
CA LYS A 130 6.55 8.12 -6.20
C LYS A 130 5.42 8.65 -5.33
N PRO A 131 4.22 8.69 -5.90
CA PRO A 131 3.06 9.19 -5.17
C PRO A 131 2.86 8.42 -3.86
N LEU A 132 2.58 9.15 -2.79
CA LEU A 132 2.33 8.55 -1.49
C LEU A 132 0.86 8.63 -1.11
N ILE A 133 0.24 7.48 -0.91
CA ILE A 133 -1.14 7.42 -0.43
C ILE A 133 -1.20 7.00 1.03
N VAL A 134 -1.80 7.84 1.86
CA VAL A 134 -1.89 7.57 3.29
C VAL A 134 -3.34 7.57 3.76
N CYS A 135 -3.77 6.47 4.34
CA CYS A 135 -5.12 6.37 4.90
C CYS A 135 -5.10 6.58 6.41
N VAL A 136 -5.93 7.51 6.89
CA VAL A 136 -6.01 7.81 8.30
C VAL A 136 -6.64 6.65 9.07
N ASN A 137 -5.85 5.96 9.87
CA ASN A 137 -6.32 4.80 10.63
C ASN A 137 -6.90 5.23 11.97
N ASP A 138 -7.23 4.25 12.80
CA ASP A 138 -7.93 4.50 14.05
C ASP A 138 -6.96 4.86 15.17
N SER A 139 -5.67 4.73 14.89
CA SER A 139 -4.65 4.96 15.90
C SER A 139 -4.29 6.44 16.01
N LEU A 140 -4.72 7.22 15.02
CA LEU A 140 -4.53 8.66 15.04
C LEU A 140 -5.69 9.36 15.74
N MET A 141 -5.40 10.50 16.36
CA MET A 141 -6.43 11.33 16.98
C MET A 141 -7.09 12.24 15.96
N ASP A 142 -8.19 12.87 16.38
CA ASP A 142 -8.87 13.84 15.53
C ASP A 142 -7.95 15.00 15.17
N ASN A 143 -7.14 15.43 16.13
CA ASN A 143 -6.16 16.48 15.90
C ASN A 143 -5.07 16.02 14.94
N HIS A 144 -4.69 14.75 15.06
CA HIS A 144 -3.72 14.15 14.14
C HIS A 144 -4.25 14.15 12.71
N GLN A 145 -5.49 13.72 12.55
CA GLN A 145 -6.13 13.71 11.23
C GLN A 145 -6.12 15.09 10.60
N GLN A 146 -6.53 16.09 11.37
CA GLN A 146 -6.64 17.46 10.86
C GLN A 146 -5.28 17.98 10.41
N GLN A 147 -4.29 17.86 11.27
CA GLN A 147 -2.96 18.42 10.98
C GLN A 147 -2.26 17.65 9.87
N ILE A 148 -2.32 16.32 9.94
CA ILE A 148 -1.65 15.48 8.96
C ILE A 148 -2.26 15.65 7.58
N ALA A 149 -3.58 15.70 7.52
CA ALA A 149 -4.28 15.86 6.24
C ALA A 149 -3.98 17.22 5.64
N ASP A 150 -3.97 18.26 6.47
CA ASP A 150 -3.70 19.62 6.02
C ASP A 150 -2.28 19.74 5.49
N LYS A 151 -1.37 18.97 6.08
CA LYS A 151 0.03 19.00 5.66
C LYS A 151 0.25 18.18 4.40
N PHE A 152 -0.55 17.13 4.23
CA PHE A 152 -0.59 16.39 2.97
C PHE A 152 -1.03 17.29 1.82
N VAL A 153 -2.01 18.14 2.08
CA VAL A 153 -2.47 19.10 1.09
C VAL A 153 -1.41 20.17 0.82
N GLU A 154 -0.82 20.68 1.89
CA GLU A 154 0.22 21.71 1.77
C GLU A 154 1.38 21.22 0.92
N LEU A 155 1.79 19.98 1.15
CA LEU A 155 2.88 19.38 0.39
C LEU A 155 2.47 19.10 -1.05
N GLY A 156 1.37 18.38 -1.21
CA GLY A 156 0.77 18.17 -2.52
C GLY A 156 1.33 16.93 -3.20
N TYR A 157 2.14 16.17 -2.45
CA TYR A 157 2.71 14.93 -2.95
C TYR A 157 2.15 13.72 -2.20
N VAL A 158 1.27 13.98 -1.25
CA VAL A 158 0.69 12.92 -0.44
C VAL A 158 -0.83 13.01 -0.41
N TRP A 159 -1.50 11.88 -0.59
CA TRP A 159 -2.95 11.84 -0.62
C TRP A 159 -3.53 11.40 0.72
N SER A 160 -4.62 12.03 1.12
CA SER A 160 -5.27 11.71 2.38
C SER A 160 -6.56 10.93 2.16
N CYS A 161 -6.58 9.69 2.63
CA CYS A 161 -7.75 8.82 2.44
C CYS A 161 -8.41 8.49 3.77
N ALA A 162 -9.70 8.21 3.73
CA ALA A 162 -10.43 7.74 4.90
C ALA A 162 -10.27 6.24 5.08
N PRO A 163 -10.45 5.77 6.30
CA PRO A 163 -10.33 4.35 6.61
C PRO A 163 -11.56 3.58 6.16
N THR A 164 -11.81 3.56 4.86
CA THR A 164 -12.91 2.78 4.29
C THR A 164 -12.46 2.03 3.05
N GLU A 165 -13.38 1.25 2.48
CA GLU A 165 -13.10 0.52 1.24
C GLU A 165 -13.15 1.46 0.04
N THR A 166 -13.52 2.71 0.28
CA THR A 166 -13.71 3.67 -0.80
C THR A 166 -12.66 4.78 -0.73
N GLY A 167 -12.14 5.03 0.47
CA GLY A 167 -11.08 6.00 0.66
C GLY A 167 -9.81 5.56 -0.05
N LEU A 168 -9.52 4.27 0.01
CA LEU A 168 -8.35 3.70 -0.67
C LEU A 168 -8.49 3.80 -2.18
N ILE A 169 -9.73 3.64 -2.66
CA ILE A 169 -10.01 3.77 -4.09
C ILE A 169 -9.82 5.20 -4.57
N ALA A 170 -10.29 6.15 -3.77
CA ALA A 170 -10.16 7.56 -4.10
C ALA A 170 -8.69 7.97 -4.23
N GLY A 171 -7.89 7.55 -3.26
CA GLY A 171 -6.46 7.82 -3.28
C GLY A 171 -5.77 7.09 -4.43
N LEU A 172 -6.16 5.84 -4.64
CA LEU A 172 -5.61 5.06 -5.74
C LEU A 172 -5.81 5.75 -7.07
N ARG A 173 -7.01 6.27 -7.30
CA ARG A 173 -7.31 7.01 -8.51
C ARG A 173 -6.56 8.35 -8.53
N ALA A 174 -6.50 9.00 -7.38
CA ALA A 174 -5.91 10.33 -7.28
C ALA A 174 -4.45 10.32 -7.70
N SER A 175 -3.75 9.24 -7.36
CA SER A 175 -2.34 9.10 -7.73
C SER A 175 -2.16 9.06 -9.24
N GLN A 176 -3.21 8.66 -9.95
CA GLN A 176 -3.17 8.56 -11.40
C GLN A 176 -3.84 9.77 -12.04
N THR A 177 -4.30 10.70 -11.22
CA THR A 177 -5.00 11.88 -11.71
C THR A 177 -4.06 13.06 -11.86
N GLU A 178 -3.33 13.36 -10.79
CA GLU A 178 -2.41 14.50 -10.78
C GLU A 178 -0.97 14.06 -10.90
N LYS A 179 -0.34 14.36 -12.02
CA LYS A 179 1.08 14.10 -12.21
C LYS A 179 1.93 14.94 -11.27
N LEU A 180 2.85 14.29 -10.57
CA LEU A 180 3.69 14.98 -9.59
C LEU A 180 4.91 15.60 -10.26
N LYS A 181 5.32 16.76 -9.75
CA LYS A 181 6.46 17.48 -10.32
C LYS A 181 7.71 17.30 -9.46
N PRO A 182 8.87 17.56 -10.06
CA PRO A 182 10.14 17.43 -9.35
C PRO A 182 10.14 18.24 -8.07
N PHE A 183 10.80 17.72 -7.04
CA PHE A 183 10.85 18.38 -5.75
C PHE A 183 11.77 19.58 -5.76
N PRO A 184 11.42 20.60 -4.97
CA PRO A 184 12.25 21.79 -4.85
C PRO A 184 13.57 21.47 -4.14
N VAL A 185 13.58 20.36 -3.42
CA VAL A 185 14.78 19.94 -2.71
C VAL A 185 15.40 18.70 -3.36
N SER A 186 16.65 18.83 -3.79
CA SER A 186 17.32 17.77 -4.54
C SER A 186 17.65 16.58 -3.64
N HIS A 187 17.70 16.82 -2.34
CA HIS A 187 17.98 15.78 -1.37
C HIS A 187 16.70 15.15 -0.85
N ASN A 188 16.36 13.97 -1.36
CA ASN A 188 15.20 13.23 -0.89
C ASN A 188 15.45 12.63 0.49
N PRO A 189 16.67 12.14 0.71
CA PRO A 189 17.05 11.56 1.99
C PRO A 189 16.81 12.55 3.13
N SER A 190 16.92 13.84 2.81
CA SER A 190 16.78 14.88 3.83
C SER A 190 15.33 15.01 4.28
N PHE A 191 14.42 14.44 3.50
CA PHE A 191 13.00 14.50 3.82
C PHE A 191 12.70 13.86 5.17
N GLU A 192 13.60 12.99 5.61
CA GLU A 192 13.45 12.33 6.91
C GLU A 192 13.00 13.31 7.98
N ARG A 193 13.56 14.51 7.93
CA ARG A 193 13.24 15.54 8.93
C ARG A 193 12.59 16.75 8.27
N LEU A 194 12.78 16.89 6.96
CA LEU A 194 12.22 18.00 6.22
C LEU A 194 10.72 17.87 6.07
N LEU A 195 10.28 16.77 5.47
CA LEU A 195 8.87 16.58 5.12
C LEU A 195 8.22 15.55 6.04
N VAL A 196 8.89 14.42 6.23
CA VAL A 196 8.27 13.26 6.87
C VAL A 196 7.73 13.61 8.24
N GLU A 197 8.58 14.20 9.08
CA GLU A 197 8.18 14.58 10.44
C GLU A 197 7.14 15.69 10.41
N THR A 198 7.22 16.54 9.40
CA THR A 198 6.32 17.69 9.30
C THR A 198 4.90 17.26 8.96
N ILE A 199 4.77 16.36 7.98
CA ILE A 199 3.47 16.02 7.42
C ILE A 199 2.80 14.91 8.22
N TYR A 200 3.56 14.25 9.06
CA TYR A 200 3.02 13.24 9.97
C TYR A 200 2.91 13.79 11.39
N SER A 201 2.50 15.06 11.50
CA SER A 201 2.39 15.71 12.80
C SER A 201 1.52 14.91 13.76
N GLY A 1 -3.69 -4.24 -18.10
CA GLY A 1 -2.34 -3.74 -17.85
C GLY A 1 -1.36 -4.28 -18.88
N ILE A 2 -1.65 -4.04 -20.16
CA ILE A 2 -0.79 -4.49 -21.24
C ILE A 2 0.50 -3.70 -21.30
N ILE A 3 0.39 -2.38 -21.18
CA ILE A 3 1.56 -1.50 -21.23
C ILE A 3 1.77 -0.81 -19.90
N GLU A 4 1.00 -1.21 -18.89
CA GLU A 4 1.11 -0.62 -17.56
C GLU A 4 0.86 -1.66 -16.48
N GLU A 5 1.91 -2.03 -15.76
CA GLU A 5 1.81 -3.02 -14.70
C GLU A 5 2.34 -2.48 -13.38
N LYS A 6 1.58 -1.56 -12.77
CA LYS A 6 2.00 -0.93 -11.52
C LYS A 6 1.70 -1.83 -10.34
N ALA A 7 2.51 -1.71 -9.29
CA ALA A 7 2.38 -2.56 -8.12
C ALA A 7 2.18 -1.74 -6.85
N LEU A 8 1.38 -2.26 -5.93
CA LEU A 8 1.08 -1.56 -4.69
C LEU A 8 1.70 -2.27 -3.49
N PHE A 9 2.11 -1.50 -2.50
CA PHE A 9 2.67 -2.05 -1.27
C PHE A 9 1.85 -1.64 -0.05
N VAL A 10 0.90 -2.50 0.32
CA VAL A 10 -0.01 -2.20 1.43
C VAL A 10 0.64 -2.50 2.77
N THR A 11 0.73 -1.49 3.62
CA THR A 11 1.12 -1.69 5.01
C THR A 11 0.07 -1.10 5.96
N CYS A 12 -0.56 -1.98 6.74
CA CYS A 12 -1.63 -1.56 7.64
C CYS A 12 -1.06 -0.95 8.92
N GLY A 13 -1.83 -0.04 9.52
CA GLY A 13 -1.40 0.63 10.74
C GLY A 13 -1.96 -0.06 11.97
N ALA A 14 -1.91 0.63 13.10
CA ALA A 14 -2.29 0.03 14.38
C ALA A 14 -3.69 0.49 14.80
N THR A 15 -4.05 1.70 14.40
CA THR A 15 -5.31 2.30 14.83
C THR A 15 -6.50 1.46 14.42
N VAL A 16 -6.56 1.09 13.14
CA VAL A 16 -7.63 0.26 12.63
C VAL A 16 -7.25 -1.22 12.67
N PRO A 17 -8.18 -2.05 13.12
CA PRO A 17 -7.95 -3.48 13.21
C PRO A 17 -7.36 -4.02 11.91
N PHE A 18 -6.31 -4.83 12.04
CA PHE A 18 -5.55 -5.28 10.87
C PHE A 18 -6.43 -6.00 9.87
N PRO A 19 -7.29 -6.89 10.38
CA PRO A 19 -8.19 -7.64 9.53
C PRO A 19 -9.04 -6.72 8.66
N LYS A 20 -9.44 -5.59 9.22
CA LYS A 20 -10.34 -4.68 8.53
C LYS A 20 -9.61 -3.91 7.43
N LEU A 21 -8.38 -3.51 7.71
CA LEU A 21 -7.56 -2.79 6.73
C LEU A 21 -7.24 -3.69 5.54
N VAL A 22 -7.03 -4.98 5.81
CA VAL A 22 -6.77 -5.95 4.75
C VAL A 22 -8.03 -6.24 3.95
N SER A 23 -9.16 -6.35 4.65
CA SER A 23 -10.42 -6.67 4.00
C SER A 23 -10.80 -5.61 2.97
N CYS A 24 -10.56 -4.34 3.32
CA CYS A 24 -10.85 -3.24 2.42
C CYS A 24 -10.01 -3.33 1.16
N VAL A 25 -8.81 -3.90 1.29
CA VAL A 25 -7.91 -4.03 0.15
C VAL A 25 -8.24 -5.26 -0.68
N LEU A 26 -8.76 -6.29 -0.02
CA LEU A 26 -9.13 -7.53 -0.70
C LEU A 26 -10.55 -7.46 -1.23
N SER A 27 -11.19 -6.32 -1.06
CA SER A 27 -12.52 -6.08 -1.62
C SER A 27 -12.54 -6.31 -3.12
N ASP A 28 -13.61 -6.92 -3.61
CA ASP A 28 -13.76 -7.19 -5.03
C ASP A 28 -13.86 -5.90 -5.83
N GLU A 29 -14.57 -4.93 -5.28
CA GLU A 29 -14.74 -3.63 -5.93
C GLU A 29 -13.45 -2.82 -5.87
N PHE A 30 -12.74 -2.91 -4.74
CA PHE A 30 -11.43 -2.31 -4.61
C PHE A 30 -10.48 -2.80 -5.70
N CYS A 31 -10.43 -4.11 -5.89
CA CYS A 31 -9.57 -4.71 -6.91
C CYS A 31 -10.05 -4.35 -8.31
N GLN A 32 -11.36 -4.33 -8.49
CA GLN A 32 -11.95 -3.97 -9.78
C GLN A 32 -11.47 -2.59 -10.24
N GLU A 33 -11.39 -1.66 -9.30
CA GLU A 33 -10.93 -0.31 -9.62
C GLU A 33 -9.46 -0.32 -10.04
N LEU A 34 -8.64 -1.09 -9.33
CA LEU A 34 -7.22 -1.17 -9.62
C LEU A 34 -6.97 -1.65 -11.05
N ILE A 35 -7.82 -2.57 -11.51
CA ILE A 35 -7.71 -3.11 -12.85
C ILE A 35 -7.82 -2.00 -13.90
N GLN A 36 -8.72 -1.06 -13.66
CA GLN A 36 -8.92 0.06 -14.58
C GLN A 36 -7.80 1.08 -14.45
N TYR A 37 -7.30 1.24 -13.22
CA TYR A 37 -6.25 2.24 -12.96
C TYR A 37 -4.96 1.89 -13.68
N GLY A 38 -4.62 0.61 -13.69
CA GLY A 38 -3.38 0.16 -14.30
C GLY A 38 -2.49 -0.57 -13.30
N PHE A 39 -3.11 -1.06 -12.22
CA PHE A 39 -2.38 -1.84 -11.22
C PHE A 39 -2.62 -3.33 -11.41
N VAL A 40 -1.53 -4.10 -11.36
CA VAL A 40 -1.60 -5.52 -11.67
C VAL A 40 -1.12 -6.35 -10.48
N ARG A 41 -0.13 -5.85 -9.76
CA ARG A 41 0.45 -6.55 -8.62
C ARG A 41 0.09 -5.87 -7.31
N LEU A 42 -0.76 -6.52 -6.53
CA LEU A 42 -1.23 -5.96 -5.27
C LEU A 42 -0.68 -6.72 -4.08
N ILE A 43 0.35 -6.16 -3.45
CA ILE A 43 1.05 -6.83 -2.37
C ILE A 43 0.61 -6.31 -1.01
N ILE A 44 0.35 -7.21 -0.07
CA ILE A 44 -0.03 -6.83 1.28
C ILE A 44 0.94 -7.40 2.30
N GLN A 45 1.41 -6.54 3.20
CA GLN A 45 2.25 -6.97 4.32
C GLN A 45 1.41 -7.67 5.39
N PHE A 46 1.84 -8.88 5.77
CA PHE A 46 1.17 -9.63 6.81
C PHE A 46 2.11 -9.91 7.98
N GLY A 47 1.53 -10.18 9.15
CA GLY A 47 0.08 -10.31 9.28
C GLY A 47 -0.29 -11.67 9.87
N ARG A 48 0.68 -12.32 10.51
CA ARG A 48 0.42 -13.56 11.22
C ARG A 48 0.00 -14.67 10.27
N ASN A 49 0.85 -14.95 9.28
CA ASN A 49 0.61 -16.06 8.37
C ASN A 49 -0.78 -16.00 7.75
N TYR A 50 -1.16 -14.80 7.31
CA TYR A 50 -2.47 -14.59 6.71
C TYR A 50 -2.59 -15.33 5.39
N SER A 51 -1.45 -15.70 4.81
CA SER A 51 -1.44 -16.50 3.59
C SER A 51 -2.34 -17.72 3.71
N SER A 52 -2.40 -18.28 4.92
CA SER A 52 -3.18 -19.49 5.15
C SER A 52 -4.67 -19.21 5.08
N GLU A 53 -5.03 -17.94 5.19
CA GLU A 53 -6.43 -17.53 5.16
C GLU A 53 -6.95 -17.45 3.73
N PHE A 54 -6.02 -17.33 2.78
CA PHE A 54 -6.38 -17.30 1.37
C PHE A 54 -6.80 -18.67 0.87
N GLU A 55 -6.48 -19.70 1.64
CA GLU A 55 -6.94 -21.05 1.35
C GLU A 55 -8.45 -21.15 1.43
N HIS A 56 -9.07 -20.18 2.08
CA HIS A 56 -10.53 -20.12 2.19
C HIS A 56 -11.10 -18.99 1.35
N LEU A 57 -10.37 -17.89 1.27
CA LEU A 57 -10.82 -16.73 0.51
C LEU A 57 -10.73 -16.97 -0.99
N VAL A 58 -9.53 -17.29 -1.46
CA VAL A 58 -9.30 -17.52 -2.88
C VAL A 58 -10.06 -18.75 -3.36
N GLN A 59 -10.10 -19.78 -2.53
CA GLN A 59 -10.81 -21.01 -2.87
C GLN A 59 -12.30 -20.77 -2.99
N GLU A 60 -12.85 -19.96 -2.09
CA GLU A 60 -14.25 -19.58 -2.13
C GLU A 60 -14.55 -18.72 -3.36
N ARG A 61 -13.64 -17.81 -3.67
CA ARG A 61 -13.82 -16.91 -4.80
C ARG A 61 -13.60 -17.64 -6.12
N GLY A 62 -12.86 -18.74 -6.06
CA GLY A 62 -12.67 -19.60 -7.23
C GLY A 62 -11.51 -19.12 -8.08
N GLY A 63 -10.51 -18.53 -7.43
CA GLY A 63 -9.33 -18.02 -8.12
C GLY A 63 -8.21 -19.05 -8.14
N GLN A 64 -7.01 -18.60 -8.49
CA GLN A 64 -5.83 -19.46 -8.46
C GLN A 64 -4.74 -18.89 -7.56
N ARG A 65 -3.89 -19.76 -7.05
CA ARG A 65 -2.88 -19.37 -6.08
C ARG A 65 -1.69 -20.32 -6.09
N GLU A 66 -0.48 -19.76 -6.09
CA GLU A 66 0.74 -20.56 -6.17
C GLU A 66 1.90 -19.86 -5.47
N SER A 67 2.69 -20.64 -4.74
CA SER A 67 3.74 -20.08 -3.89
C SER A 67 4.90 -19.55 -4.72
N GLN A 68 5.74 -18.74 -4.09
CA GLN A 68 6.91 -18.18 -4.77
C GLN A 68 8.17 -18.37 -3.94
N LYS A 69 9.21 -18.90 -4.57
CA LYS A 69 10.45 -19.21 -3.87
C LYS A 69 11.46 -18.08 -4.00
N ILE A 70 11.23 -17.00 -3.25
CA ILE A 70 12.18 -15.89 -3.19
C ILE A 70 13.40 -16.26 -2.35
N PRO A 71 14.58 -16.03 -2.90
CA PRO A 71 15.82 -16.43 -2.26
C PRO A 71 15.93 -15.85 -0.85
N ILE A 72 16.21 -16.71 0.11
CA ILE A 72 16.46 -16.27 1.49
C ILE A 72 17.78 -15.54 1.60
N ASP A 73 18.78 -16.03 0.88
CA ASP A 73 20.11 -15.44 0.92
C ASP A 73 20.11 -14.02 0.38
N GLN A 74 19.31 -13.79 -0.65
CA GLN A 74 19.30 -12.50 -1.34
C GLN A 74 18.36 -11.52 -0.65
N PHE A 75 17.17 -12.00 -0.26
CA PHE A 75 16.14 -11.15 0.31
C PHE A 75 15.86 -11.53 1.75
N GLY A 76 15.75 -12.82 2.02
CA GLY A 76 15.43 -13.31 3.36
C GLY A 76 13.95 -13.59 3.50
N CYS A 77 13.25 -13.68 2.36
CA CYS A 77 11.81 -13.94 2.36
C CYS A 77 11.50 -15.32 2.91
N GLY A 78 10.44 -15.41 3.70
CA GLY A 78 10.03 -16.67 4.32
C GLY A 78 9.21 -17.50 3.34
N ASP A 79 8.53 -18.52 3.87
CA ASP A 79 7.80 -19.47 3.04
C ASP A 79 6.34 -19.09 2.92
N THR A 80 6.01 -17.87 3.34
CA THR A 80 4.65 -17.37 3.26
C THR A 80 4.40 -16.68 1.93
N ALA A 81 5.47 -16.37 1.21
CA ALA A 81 5.37 -15.75 -0.09
C ALA A 81 4.50 -16.58 -1.04
N ARG A 82 3.34 -16.04 -1.39
CA ARG A 82 2.43 -16.72 -2.30
C ARG A 82 1.62 -15.73 -3.12
N GLN A 83 1.44 -16.04 -4.40
CA GLN A 83 0.65 -15.19 -5.29
C GLN A 83 -0.79 -15.69 -5.40
N TYR A 84 -1.73 -14.77 -5.50
CA TYR A 84 -3.15 -15.10 -5.48
C TYR A 84 -3.88 -14.46 -6.66
N VAL A 85 -3.98 -15.20 -7.76
CA VAL A 85 -4.56 -14.67 -8.99
C VAL A 85 -6.08 -14.57 -8.88
N LEU A 86 -6.58 -13.34 -8.87
CA LEU A 86 -8.00 -13.10 -8.62
C LEU A 86 -8.61 -12.21 -9.70
N MET A 87 -9.92 -12.05 -9.66
CA MET A 87 -10.62 -11.19 -10.60
C MET A 87 -10.62 -11.79 -12.00
N ASN A 88 -10.67 -13.12 -12.07
CA ASN A 88 -10.66 -13.82 -13.34
C ASN A 88 -9.34 -13.60 -14.07
N GLY A 89 -8.25 -13.53 -13.31
CA GLY A 89 -6.92 -13.34 -13.88
C GLY A 89 -6.72 -11.91 -14.37
N LYS A 90 -7.23 -10.95 -13.58
CA LYS A 90 -7.13 -9.54 -13.95
C LYS A 90 -6.34 -8.76 -12.90
N LEU A 91 -6.23 -9.33 -11.71
CA LEU A 91 -5.41 -8.73 -10.65
C LEU A 91 -4.68 -9.82 -9.86
N LYS A 92 -3.38 -9.64 -9.70
CA LYS A 92 -2.56 -10.59 -8.95
C LYS A 92 -2.29 -10.11 -7.54
N VAL A 93 -3.00 -10.67 -6.57
CA VAL A 93 -2.80 -10.33 -5.17
C VAL A 93 -1.75 -11.22 -4.53
N ILE A 94 -0.74 -10.59 -3.94
CA ILE A 94 0.42 -11.33 -3.43
C ILE A 94 0.63 -11.06 -1.95
N GLY A 95 0.88 -12.13 -1.19
CA GLY A 95 0.96 -12.03 0.26
C GLY A 95 2.36 -12.34 0.76
N PHE A 96 2.85 -11.51 1.67
CA PHE A 96 4.05 -11.85 2.44
C PHE A 96 3.82 -11.63 3.93
N ASP A 97 4.42 -12.51 4.74
CA ASP A 97 4.47 -12.31 6.18
C ASP A 97 5.77 -11.64 6.59
N PHE A 98 5.82 -10.32 6.48
CA PHE A 98 7.09 -9.59 6.56
C PHE A 98 7.11 -8.66 7.76
N SER A 99 8.27 -8.59 8.42
CA SER A 99 8.49 -7.59 9.45
C SER A 99 8.77 -6.22 8.84
N THR A 100 9.02 -5.23 9.69
CA THR A 100 9.33 -3.89 9.23
C THR A 100 10.72 -3.83 8.60
N LYS A 101 11.51 -4.88 8.83
CA LYS A 101 12.84 -4.96 8.26
C LYS A 101 12.81 -5.72 6.93
N MET A 102 11.67 -6.31 6.62
CA MET A 102 11.51 -7.05 5.38
C MET A 102 10.68 -6.27 4.36
N GLN A 103 10.28 -5.07 4.74
CA GLN A 103 9.49 -4.21 3.88
C GLN A 103 10.26 -3.85 2.61
N SER A 104 11.58 -3.75 2.74
CA SER A 104 12.43 -3.38 1.61
C SER A 104 12.37 -4.43 0.51
N ILE A 105 12.06 -5.67 0.88
CA ILE A 105 11.91 -6.74 -0.07
C ILE A 105 10.77 -6.46 -1.04
N ILE A 106 9.64 -5.99 -0.52
CA ILE A 106 8.44 -5.77 -1.31
C ILE A 106 8.58 -4.54 -2.19
N ARG A 107 9.14 -3.47 -1.63
CA ARG A 107 9.25 -2.21 -2.35
C ARG A 107 10.26 -2.30 -3.47
N ASP A 108 11.01 -3.38 -3.51
CA ASP A 108 11.86 -3.69 -4.66
C ASP A 108 11.03 -4.16 -5.85
N TYR A 109 9.78 -4.55 -5.57
CA TYR A 109 8.87 -4.97 -6.62
C TYR A 109 7.71 -3.98 -6.78
N SER A 110 7.41 -3.28 -5.70
CA SER A 110 6.24 -2.40 -5.67
C SER A 110 6.59 -0.99 -6.11
N ASP A 111 5.60 -0.24 -6.56
CA ASP A 111 5.80 1.14 -6.97
C ASP A 111 5.25 2.11 -5.92
N LEU A 112 3.97 1.97 -5.60
CA LEU A 112 3.29 2.89 -4.71
C LEU A 112 3.06 2.28 -3.34
N VAL A 113 3.80 2.76 -2.35
CA VAL A 113 3.58 2.35 -0.96
C VAL A 113 2.28 2.93 -0.42
N ILE A 114 1.58 2.13 0.38
CA ILE A 114 0.35 2.57 1.02
C ILE A 114 0.47 2.49 2.54
N SER A 115 0.53 3.65 3.19
CA SER A 115 0.68 3.72 4.63
C SER A 115 -0.64 4.01 5.32
N HIS A 116 -1.18 3.01 6.01
CA HIS A 116 -2.47 3.16 6.69
C HIS A 116 -2.29 3.83 8.05
N ALA A 117 -3.26 4.65 8.42
CA ALA A 117 -3.31 5.23 9.76
C ALA A 117 -2.01 5.95 10.09
N GLY A 118 -1.63 6.89 9.24
CA GLY A 118 -0.48 7.74 9.50
C GLY A 118 0.57 7.61 8.41
N THR A 119 1.74 8.21 8.63
CA THR A 119 2.77 8.29 7.60
C THR A 119 3.93 7.35 7.90
N GLY A 120 3.60 6.18 8.43
CA GLY A 120 4.61 5.23 8.87
C GLY A 120 5.53 4.83 7.71
N SER A 121 4.92 4.50 6.58
CA SER A 121 5.65 4.00 5.42
C SER A 121 5.78 5.07 4.35
N ILE A 122 5.70 6.33 4.75
CA ILE A 122 5.79 7.45 3.81
C ILE A 122 7.17 7.51 3.16
N LEU A 123 8.15 6.89 3.80
CA LEU A 123 9.54 6.99 3.38
C LEU A 123 9.94 5.83 2.49
N ASP A 124 9.07 4.83 2.40
CA ASP A 124 9.41 3.58 1.73
C ASP A 124 9.56 3.78 0.23
N SER A 125 8.61 4.49 -0.36
CA SER A 125 8.65 4.75 -1.80
C SER A 125 9.22 6.14 -2.10
N LEU A 126 9.63 6.84 -1.05
CA LEU A 126 10.24 8.15 -1.20
C LEU A 126 11.54 8.05 -2.00
N ARG A 127 12.44 7.17 -1.56
CA ARG A 127 13.71 6.97 -2.25
C ARG A 127 13.50 6.36 -3.63
N LEU A 128 12.38 5.67 -3.80
CA LEU A 128 12.05 5.05 -5.08
C LEU A 128 11.55 6.07 -6.09
N ASN A 129 11.26 7.28 -5.59
CA ASN A 129 10.76 8.35 -6.45
C ASN A 129 9.38 8.03 -6.99
N LYS A 130 8.57 7.34 -6.18
CA LYS A 130 7.22 6.94 -6.58
C LYS A 130 6.17 7.69 -5.77
N PRO A 131 4.97 7.81 -6.34
CA PRO A 131 3.86 8.46 -5.66
C PRO A 131 3.60 7.82 -4.29
N LEU A 132 3.35 8.65 -3.30
CA LEU A 132 3.12 8.17 -1.94
C LEU A 132 1.63 8.18 -1.59
N ILE A 133 1.15 7.06 -1.06
CA ILE A 133 -0.23 6.96 -0.61
C ILE A 133 -0.31 6.90 0.92
N VAL A 134 -0.97 7.89 1.50
CA VAL A 134 -1.13 7.95 2.95
C VAL A 134 -2.59 8.05 3.35
N CYS A 135 -3.04 7.13 4.19
CA CYS A 135 -4.40 7.17 4.72
C CYS A 135 -4.42 7.66 6.16
N VAL A 136 -5.28 8.63 6.44
CA VAL A 136 -5.44 9.15 7.79
C VAL A 136 -6.42 8.30 8.59
N ASN A 137 -6.22 8.27 9.91
CA ASN A 137 -7.07 7.49 10.80
C ASN A 137 -8.16 8.35 11.41
N ASP A 138 -8.85 7.80 12.41
CA ASP A 138 -9.98 8.49 13.04
C ASP A 138 -9.58 9.07 14.39
N SER A 139 -8.28 9.09 14.66
CA SER A 139 -7.77 9.69 15.89
C SER A 139 -7.23 11.09 15.64
N LEU A 140 -6.74 11.33 14.43
CA LEU A 140 -6.29 12.65 14.03
C LEU A 140 -7.42 13.67 14.13
N MET A 141 -7.14 14.79 14.78
CA MET A 141 -8.13 15.85 14.93
C MET A 141 -8.60 16.37 13.58
N ASP A 142 -9.88 16.72 13.49
CA ASP A 142 -10.48 17.15 12.24
C ASP A 142 -9.63 18.23 11.56
N ASN A 143 -9.14 19.16 12.36
CA ASN A 143 -8.30 20.25 11.85
C ASN A 143 -6.89 19.75 11.53
N HIS A 144 -6.45 18.74 12.26
CA HIS A 144 -5.12 18.18 12.07
C HIS A 144 -5.02 17.41 10.76
N GLN A 145 -5.92 16.45 10.58
CA GLN A 145 -5.95 15.65 9.36
C GLN A 145 -6.32 16.49 8.15
N GLN A 146 -6.96 17.63 8.41
CA GLN A 146 -7.22 18.60 7.35
C GLN A 146 -5.94 19.29 6.90
N GLN A 147 -5.13 19.69 7.88
CA GLN A 147 -3.80 20.22 7.58
C GLN A 147 -2.95 19.21 6.83
N ILE A 148 -3.00 17.96 7.26
CA ILE A 148 -2.23 16.89 6.64
C ILE A 148 -2.61 16.72 5.17
N ALA A 149 -3.91 16.71 4.90
CA ALA A 149 -4.41 16.61 3.54
C ALA A 149 -4.10 17.88 2.75
N ASP A 150 -4.24 19.02 3.39
CA ASP A 150 -3.95 20.30 2.77
C ASP A 150 -2.48 20.41 2.38
N LYS A 151 -1.62 19.79 3.18
CA LYS A 151 -0.18 19.84 2.93
C LYS A 151 0.22 18.81 1.86
N PHE A 152 -0.53 17.71 1.79
CA PHE A 152 -0.37 16.75 0.71
C PHE A 152 -0.63 17.40 -0.65
N VAL A 153 -1.63 18.29 -0.69
CA VAL A 153 -1.93 19.03 -1.90
C VAL A 153 -0.83 20.02 -2.24
N GLU A 154 -0.29 20.67 -1.22
CA GLU A 154 0.83 21.59 -1.39
C GLU A 154 2.13 20.84 -1.59
N LEU A 155 2.16 19.58 -1.19
CA LEU A 155 3.37 18.76 -1.27
C LEU A 155 3.57 18.23 -2.68
N GLY A 156 2.56 17.55 -3.21
CA GLY A 156 2.58 17.08 -4.59
C GLY A 156 3.29 15.74 -4.70
N TYR A 157 3.61 15.14 -3.56
CA TYR A 157 4.25 13.83 -3.54
C TYR A 157 3.36 12.80 -2.86
N VAL A 158 2.46 13.27 -2.00
CA VAL A 158 1.60 12.38 -1.23
C VAL A 158 0.12 12.66 -1.52
N TRP A 159 -0.66 11.59 -1.62
CA TRP A 159 -2.10 11.71 -1.81
C TRP A 159 -2.85 11.16 -0.60
N SER A 160 -3.93 11.84 -0.22
CA SER A 160 -4.64 11.52 1.01
C SER A 160 -5.71 10.46 0.76
N CYS A 161 -5.82 9.51 1.69
CA CYS A 161 -6.92 8.57 1.69
C CYS A 161 -7.69 8.63 3.00
N ALA A 162 -8.98 8.30 2.94
CA ALA A 162 -9.82 8.26 4.13
C ALA A 162 -9.78 6.89 4.79
N PRO A 163 -10.06 6.85 6.09
CA PRO A 163 -10.04 5.59 6.84
C PRO A 163 -11.29 4.77 6.56
N THR A 164 -11.44 4.32 5.32
CA THR A 164 -12.55 3.47 4.94
C THR A 164 -12.25 2.70 3.66
N GLU A 165 -13.21 1.90 3.21
CA GLU A 165 -12.99 1.01 2.08
C GLU A 165 -12.69 1.79 0.81
N THR A 166 -13.47 2.82 0.56
CA THR A 166 -13.38 3.58 -0.69
C THR A 166 -12.39 4.73 -0.56
N GLY A 167 -11.95 4.99 0.68
CA GLY A 167 -11.03 6.08 0.95
C GLY A 167 -9.67 5.82 0.30
N LEU A 168 -9.18 4.59 0.43
CA LEU A 168 -7.90 4.20 -0.13
C LEU A 168 -7.93 4.26 -1.65
N ILE A 169 -8.94 3.62 -2.24
CA ILE A 169 -9.04 3.51 -3.69
C ILE A 169 -9.30 4.87 -4.33
N ALA A 170 -9.86 5.79 -3.54
CA ALA A 170 -10.05 7.16 -3.99
C ALA A 170 -8.72 7.89 -4.10
N GLY A 171 -7.85 7.69 -3.11
CA GLY A 171 -6.52 8.28 -3.13
C GLY A 171 -5.63 7.61 -4.15
N LEU A 172 -5.87 6.32 -4.39
CA LEU A 172 -5.18 5.59 -5.44
C LEU A 172 -5.59 6.07 -6.82
N ARG A 173 -6.86 6.44 -6.95
CA ARG A 173 -7.34 7.14 -8.14
C ARG A 173 -6.72 8.53 -8.24
N ALA A 174 -6.61 9.20 -7.10
CA ALA A 174 -6.10 10.57 -7.07
C ALA A 174 -4.64 10.63 -7.51
N SER A 175 -3.89 9.58 -7.19
CA SER A 175 -2.49 9.49 -7.58
C SER A 175 -2.35 9.42 -9.09
N GLN A 176 -3.44 9.07 -9.77
CA GLN A 176 -3.41 8.87 -11.21
C GLN A 176 -4.12 10.02 -11.93
N THR A 177 -5.07 10.65 -11.24
CA THR A 177 -5.94 11.63 -11.87
C THR A 177 -5.72 13.02 -11.28
N GLU A 178 -5.58 13.09 -9.96
CA GLU A 178 -5.53 14.36 -9.26
C GLU A 178 -4.11 14.92 -9.24
N LYS A 179 -3.89 15.98 -10.03
CA LYS A 179 -2.61 16.68 -10.03
C LYS A 179 -2.50 17.63 -8.85
N LEU A 180 -1.52 17.40 -7.99
CA LEU A 180 -1.28 18.26 -6.83
C LEU A 180 -0.11 19.20 -7.08
N LYS A 181 0.05 20.18 -6.20
CA LYS A 181 1.07 21.21 -6.37
C LYS A 181 2.44 20.70 -5.93
N PRO A 182 3.38 20.66 -6.87
CA PRO A 182 4.74 20.23 -6.58
C PRO A 182 5.37 21.09 -5.49
N PHE A 183 5.91 20.45 -4.47
CA PHE A 183 6.70 21.15 -3.45
C PHE A 183 8.04 21.61 -4.00
N PRO A 184 8.46 22.81 -3.62
CA PRO A 184 9.69 23.40 -4.12
C PRO A 184 10.86 22.44 -3.97
N VAL A 185 10.87 21.70 -2.87
CA VAL A 185 11.95 20.75 -2.60
C VAL A 185 11.80 19.49 -3.44
N SER A 186 12.88 19.10 -4.09
CA SER A 186 12.89 17.89 -4.90
C SER A 186 13.86 16.86 -4.36
N HIS A 187 14.46 17.16 -3.21
CA HIS A 187 15.45 16.28 -2.60
C HIS A 187 14.79 15.28 -1.66
N ASN A 188 14.97 14.00 -1.95
CA ASN A 188 14.42 12.93 -1.13
C ASN A 188 15.05 12.93 0.27
N PRO A 189 16.37 13.08 0.32
CA PRO A 189 17.09 13.11 1.58
C PRO A 189 16.51 14.16 2.52
N SER A 190 16.06 15.27 1.95
CA SER A 190 15.45 16.34 2.72
C SER A 190 14.08 15.92 3.25
N PHE A 191 13.33 15.20 2.42
CA PHE A 191 11.96 14.82 2.76
C PHE A 191 11.94 13.75 3.86
N GLU A 192 13.09 13.12 4.09
CA GLU A 192 13.20 12.08 5.10
C GLU A 192 12.85 12.62 6.48
N ARG A 193 13.03 13.93 6.67
CA ARG A 193 12.66 14.58 7.91
C ARG A 193 11.69 15.74 7.66
N LEU A 194 11.78 16.33 6.48
CA LEU A 194 10.96 17.49 6.15
C LEU A 194 9.49 17.12 6.08
N LEU A 195 9.20 15.93 5.58
CA LEU A 195 7.82 15.47 5.44
C LEU A 195 7.07 15.61 6.75
N VAL A 196 7.62 15.04 7.82
CA VAL A 196 6.99 15.10 9.13
C VAL A 196 6.90 16.53 9.64
N GLU A 197 7.95 17.31 9.38
CA GLU A 197 8.01 18.69 9.84
C GLU A 197 6.83 19.51 9.30
N THR A 198 6.54 19.32 8.01
CA THR A 198 5.56 20.16 7.32
C THR A 198 4.16 19.56 7.42
N ILE A 199 4.10 18.24 7.48
CA ILE A 199 2.82 17.54 7.62
C ILE A 199 2.23 17.73 9.00
N TYR A 200 3.02 17.48 10.03
CA TYR A 200 2.55 17.55 11.41
C TYR A 200 2.96 18.87 12.06
N SER A 201 3.17 19.89 11.23
CA SER A 201 3.51 21.21 11.73
C SER A 201 2.53 21.67 12.80
#